data_7JVH
#
_entry.id   7JVH
#
_cell.length_a   107.223
_cell.length_b   107.383
_cell.length_c   132.533
_cell.angle_alpha   99.030
_cell.angle_beta   113.380
_cell.angle_gamma   108.450
#
_symmetry.space_group_name_H-M   'P 1'
#
loop_
_entity.id
_entity.type
_entity.pdbx_description
1 polymer 'Glycoside Hydrolase Family 43_12'
2 non-polymer GLYCEROL
3 water water
#
_entity_poly.entity_id   1
_entity_poly.type   'polypeptide(L)'
_entity_poly.pdbx_seq_one_letter_code
;(MSE)GSSHHHHHHSSGLVPRGSH(MSE)QKKVPAATFTNFTYTGEDDIYAKNPLKPNEFYSPILQGCYPDPSICRKGDD
YYLVNSSFA(MSE)FPGVPIFHSTDLINWVQIGNVLDRTSQLDPTTCGISAGIYAPAIHYNKYNDTFY(MSE)ITTEFCA
PCGGN(MSE)VVKTKDPRQGWSDPFNLHFGGIDPSLFFDDNGKAYLVHNDAPEKPLYGPNHRCIKIWEYDLEKDQIIPGT
DKVIVNGGTDIEKKPVWIEGPHIYKKNGTYYL(MSE)CAEGGTGDWHSEVIFKADNIYGPYEPWNNNPILTQRHFLHNAD
KLADWAGHADLVEGKDGKYYGVFLGIRPNSKGNVNTGRETF(MSE)LPVDWSGTWPVFENGLVPLSIKQK(MSE)PKGVE
NKTGKDGFFPNGNFTYSEDFKSENIDYRWVA(MSE)RGPKENFIKIAKEGGLQ(MSE)TALDANITEVQPISALFHRQQH
IKYTAQTTLSYNTKAAQKAGLICYQNEACNYVLTVQTEGKEQVLVLEKTVRPQRQKDFKTEIVAKEPIGKLKTPITLGVT
TDGLNYQFSYTLNGEKKNIGGPLDAAVLSTNFAGGFTGALVG(MSE)GVFK
;
_entity_poly.pdbx_strand_id   A,B,C,D,E,F
#
loop_
_chem_comp.id
_chem_comp.type
_chem_comp.name
_chem_comp.formula
GOL non-polymer GLYCEROL 'C3 H8 O3'
#
# COMPACT_ATOMS: atom_id res chain seq x y z
N LYS A 24 47.77 30.99 -45.85
CA LYS A 24 49.05 30.21 -45.94
C LYS A 24 50.00 30.55 -44.79
N VAL A 25 51.03 29.71 -44.66
CA VAL A 25 52.03 29.74 -43.57
C VAL A 25 51.39 29.87 -42.19
N PRO A 26 51.49 28.85 -41.32
CA PRO A 26 50.88 28.92 -39.98
C PRO A 26 51.48 30.01 -39.08
N ALA A 27 50.71 30.43 -38.08
CA ALA A 27 51.11 31.47 -37.14
C ALA A 27 52.02 30.93 -36.04
N ALA A 28 51.83 29.66 -35.69
CA ALA A 28 52.61 28.98 -34.68
C ALA A 28 52.42 27.47 -34.71
N THR A 29 53.36 26.77 -34.06
CA THR A 29 53.27 25.34 -33.79
C THR A 29 53.34 25.13 -32.27
N PHE A 30 52.23 24.66 -31.70
CA PHE A 30 52.13 24.36 -30.27
C PHE A 30 52.60 22.94 -30.06
N THR A 31 53.75 22.80 -29.38
CA THR A 31 54.45 21.53 -29.21
C THR A 31 53.96 20.77 -27.97
N ASN A 32 53.31 21.48 -27.05
CA ASN A 32 52.75 20.91 -25.82
C ASN A 32 51.53 21.66 -25.31
N PHE A 33 50.60 20.92 -24.71
CA PHE A 33 49.63 21.48 -23.78
C PHE A 33 49.57 20.58 -22.55
N THR A 34 49.61 21.19 -21.37
CA THR A 34 49.49 20.49 -20.09
C THR A 34 48.37 21.11 -19.30
N TYR A 35 47.47 20.26 -18.79
CA TYR A 35 46.37 20.66 -17.93
C TYR A 35 46.41 19.85 -16.64
N THR A 36 46.44 20.54 -15.50
CA THR A 36 46.51 19.94 -14.17
C THR A 36 45.38 20.44 -13.29
N GLY A 37 44.50 19.52 -12.88
CA GLY A 37 43.41 19.80 -11.95
C GLY A 37 43.95 19.70 -10.53
N GLU A 38 43.48 20.61 -9.66
CA GLU A 38 44.02 20.79 -8.31
C GLU A 38 42.89 21.21 -7.35
N ASP A 39 41.77 20.48 -7.40
CA ASP A 39 40.64 20.78 -6.53
C ASP A 39 40.82 20.22 -5.11
N ASP A 40 40.41 21.04 -4.13
CA ASP A 40 40.47 20.74 -2.72
C ASP A 40 39.74 19.44 -2.36
N ILE A 41 38.53 19.27 -2.92
CA ILE A 41 37.61 18.20 -2.56
C ILE A 41 38.22 16.80 -2.73
N TYR A 42 39.01 16.61 -3.79
CA TYR A 42 39.61 15.34 -4.12
C TYR A 42 40.83 15.08 -3.24
N ALA A 43 41.61 16.14 -2.99
CA ALA A 43 42.78 16.09 -2.12
C ALA A 43 42.43 15.75 -0.67
N LYS A 44 41.28 16.28 -0.20
CA LYS A 44 40.76 16.07 1.14
C LYS A 44 39.97 14.77 1.32
N ASN A 45 39.62 14.10 0.23
CA ASN A 45 38.84 12.86 0.27
C ASN A 45 39.49 11.83 -0.64
N PRO A 46 40.65 11.26 -0.26
CA PRO A 46 41.26 10.17 -1.03
C PRO A 46 40.34 8.95 -1.12
N LEU A 47 40.44 8.22 -2.23
CA LEU A 47 39.61 7.05 -2.50
C LEU A 47 40.07 5.82 -1.73
N LYS A 48 39.10 5.08 -1.17
CA LYS A 48 39.31 3.70 -0.74
C LYS A 48 39.26 2.81 -1.98
N PRO A 49 39.80 1.57 -1.92
CA PRO A 49 39.88 0.71 -3.11
C PRO A 49 38.57 0.49 -3.87
N ASN A 50 37.44 0.59 -3.18
CA ASN A 50 36.13 0.31 -3.80
C ASN A 50 35.33 1.59 -4.01
N GLU A 51 35.99 2.73 -4.12
CA GLU A 51 35.24 3.99 -4.25
C GLU A 51 35.58 4.66 -5.59
N PHE A 52 34.77 5.65 -5.98
CA PHE A 52 34.99 6.45 -7.20
C PHE A 52 34.42 7.84 -6.95
N TYR A 53 34.93 8.81 -7.70
CA TYR A 53 34.45 10.19 -7.64
C TYR A 53 33.28 10.39 -8.60
N SER A 54 32.34 11.15 -8.03
CA SER A 54 31.10 11.68 -8.64
C SER A 54 31.07 13.20 -8.40
N PRO A 55 31.05 13.98 -9.67
CA PRO A 55 30.75 13.62 -11.07
C PRO A 55 31.76 12.76 -11.82
N ILE A 56 31.24 11.83 -12.61
CA ILE A 56 32.08 10.89 -13.40
C ILE A 56 32.66 11.62 -14.61
N LEU A 57 32.00 12.67 -15.07
CA LEU A 57 32.52 13.53 -16.12
C LEU A 57 32.59 14.94 -15.55
N GLN A 58 33.82 15.41 -15.33
CA GLN A 58 34.11 16.72 -14.80
C GLN A 58 34.10 17.70 -15.95
N GLY A 59 33.73 18.94 -15.66
CA GLY A 59 33.62 20.00 -16.66
C GLY A 59 32.30 19.92 -17.42
N CYS A 60 32.15 20.79 -18.42
CA CYS A 60 30.90 20.92 -19.17
C CYS A 60 30.53 19.64 -19.90
N TYR A 61 29.65 18.86 -19.25
CA TYR A 61 29.05 17.66 -19.82
C TYR A 61 27.63 17.59 -19.30
N PRO A 62 26.73 18.49 -19.77
CA PRO A 62 25.37 18.59 -19.25
C PRO A 62 24.40 17.61 -19.89
N ASP A 63 23.18 17.58 -19.35
CA ASP A 63 22.06 16.83 -19.90
C ASP A 63 22.49 15.42 -20.29
N PRO A 64 22.95 14.58 -19.33
CA PRO A 64 23.49 13.26 -19.66
C PRO A 64 22.37 12.29 -20.02
N SER A 65 22.59 11.53 -21.09
CA SER A 65 21.69 10.48 -21.53
C SER A 65 22.49 9.21 -21.71
N ILE A 66 21.87 8.08 -21.38
CA ILE A 66 22.54 6.79 -21.35
C ILE A 66 21.63 5.67 -21.83
N CYS A 67 22.22 4.73 -22.58
CA CYS A 67 21.55 3.55 -23.06
C CYS A 67 22.47 2.33 -22.93
N ARG A 68 21.88 1.13 -23.05
CA ARG A 68 22.61 -0.12 -22.98
C ARG A 68 22.25 -1.06 -24.14
N LYS A 69 23.29 -1.67 -24.71
CA LYS A 69 23.16 -2.83 -25.60
C LYS A 69 24.09 -3.92 -25.08
N GLY A 70 23.51 -5.03 -24.63
CA GLY A 70 24.25 -6.16 -24.08
C GLY A 70 25.12 -5.75 -22.90
N ASP A 71 26.43 -6.03 -23.01
CA ASP A 71 27.41 -5.64 -21.99
C ASP A 71 27.88 -4.20 -22.08
N ASP A 72 27.46 -3.48 -23.14
CA ASP A 72 27.98 -2.15 -23.48
C ASP A 72 27.04 -1.01 -23.14
N TYR A 73 27.59 0.01 -22.46
CA TYR A 73 26.88 1.23 -22.11
C TYR A 73 27.41 2.37 -22.98
N TYR A 74 26.52 3.29 -23.36
CA TYR A 74 26.89 4.49 -24.11
C TYR A 74 26.24 5.70 -23.46
N LEU A 75 27.02 6.77 -23.32
CA LEU A 75 26.61 7.97 -22.59
C LEU A 75 26.99 9.18 -23.40
N VAL A 76 26.04 10.13 -23.50
CA VAL A 76 26.22 11.34 -24.31
C VAL A 76 25.73 12.59 -23.58
N ASN A 77 26.18 13.75 -24.06
CA ASN A 77 25.98 15.06 -23.44
C ASN A 77 25.69 16.16 -24.47
N SER A 78 25.03 17.23 -24.02
CA SER A 78 24.84 18.43 -24.81
C SER A 78 26.17 19.17 -24.93
N SER A 79 26.29 20.02 -25.96
CA SER A 79 27.55 20.69 -26.29
C SER A 79 27.43 22.09 -26.89
N PHE A 80 26.21 22.50 -27.24
CA PHE A 80 25.92 23.87 -27.66
C PHE A 80 26.72 24.25 -28.93
N ALA A 81 27.56 25.27 -28.89
CA ALA A 81 28.29 25.72 -30.09
C ALA A 81 29.65 25.08 -30.36
N MSE A 82 30.04 24.10 -29.55
CA MSE A 82 31.34 23.45 -29.69
C MSE A 82 31.25 22.45 -30.84
O MSE A 82 30.18 21.91 -31.12
CB MSE A 82 31.73 22.75 -28.37
CG MSE A 82 31.86 23.69 -27.18
SE MSE A 82 32.23 22.65 -25.55
CE MSE A 82 32.21 23.78 -23.93
N PHE A 83 32.38 22.25 -31.53
CA PHE A 83 32.45 21.28 -32.62
C PHE A 83 33.73 20.46 -32.52
N PRO A 84 33.67 19.10 -32.63
CA PRO A 84 32.43 18.37 -32.82
C PRO A 84 31.53 18.41 -31.60
N GLY A 85 30.25 18.07 -31.79
CA GLY A 85 29.24 18.14 -30.75
C GLY A 85 28.82 16.77 -30.27
N VAL A 86 28.23 16.73 -29.07
CA VAL A 86 27.72 15.52 -28.42
C VAL A 86 28.81 14.47 -28.26
N PRO A 87 29.65 14.56 -27.22
CA PRO A 87 30.69 13.55 -26.99
C PRO A 87 30.01 12.27 -26.55
N ILE A 88 30.57 11.12 -26.96
CA ILE A 88 29.98 9.83 -26.64
C ILE A 88 31.02 8.93 -25.94
N PHE A 89 30.65 8.43 -24.75
CA PHE A 89 31.51 7.61 -23.91
C PHE A 89 30.98 6.17 -23.86
N HIS A 90 31.91 5.20 -23.86
CA HIS A 90 31.59 3.77 -23.76
C HIS A 90 32.19 3.17 -22.49
N SER A 91 31.43 2.26 -21.86
CA SER A 91 31.84 1.58 -20.63
C SER A 91 31.10 0.24 -20.45
N THR A 92 31.78 -0.75 -19.89
CA THR A 92 31.16 -2.04 -19.56
C THR A 92 30.79 -2.15 -18.09
N ASP A 93 31.18 -1.16 -17.28
CA ASP A 93 31.01 -1.19 -15.82
C ASP A 93 30.45 0.07 -15.16
N LEU A 94 30.18 1.12 -15.96
CA LEU A 94 29.61 2.45 -15.58
C LEU A 94 30.56 3.32 -14.77
N ILE A 95 31.79 2.89 -14.53
CA ILE A 95 32.79 3.70 -13.78
C ILE A 95 33.96 4.05 -14.69
N ASN A 96 34.42 3.10 -15.48
CA ASN A 96 35.56 3.34 -16.37
C ASN A 96 35.04 3.62 -17.77
N TRP A 97 35.20 4.87 -18.20
CA TRP A 97 34.68 5.28 -19.51
C TRP A 97 35.79 5.66 -20.49
N VAL A 98 35.58 5.28 -21.75
CA VAL A 98 36.42 5.66 -22.88
C VAL A 98 35.54 6.51 -23.82
N GLN A 99 36.04 7.71 -24.17
CA GLN A 99 35.40 8.53 -25.21
C GLN A 99 35.71 7.87 -26.55
N ILE A 100 34.65 7.43 -27.24
CA ILE A 100 34.78 6.76 -28.55
C ILE A 100 34.62 7.72 -29.72
N GLY A 101 34.22 8.96 -29.40
CA GLY A 101 34.16 10.03 -30.36
C GLY A 101 33.15 11.09 -29.97
N ASN A 102 32.60 11.76 -31.00
CA ASN A 102 31.54 12.75 -30.84
C ASN A 102 30.51 12.44 -31.93
N VAL A 103 29.24 12.30 -31.54
CA VAL A 103 28.20 11.79 -32.44
C VAL A 103 28.00 12.69 -33.65
N LEU A 104 27.98 14.01 -33.42
CA LEU A 104 27.85 15.01 -34.49
C LEU A 104 29.23 15.56 -34.81
N ASP A 105 29.94 14.89 -35.72
CA ASP A 105 31.31 15.24 -36.10
C ASP A 105 31.54 15.62 -37.56
N ARG A 106 30.46 15.63 -38.36
CA ARG A 106 30.51 16.15 -39.73
C ARG A 106 29.73 17.45 -39.80
N THR A 107 30.17 18.34 -40.70
CA THR A 107 29.51 19.62 -40.95
C THR A 107 28.09 19.42 -41.49
N SER A 108 27.85 18.31 -42.16
CA SER A 108 26.50 17.92 -42.64
C SER A 108 25.52 17.58 -41.51
N GLN A 109 26.04 17.32 -40.31
CA GLN A 109 25.23 17.05 -39.13
C GLN A 109 25.07 18.30 -38.27
N LEU A 110 26.08 19.17 -38.32
CA LEU A 110 26.20 20.33 -37.41
C LEU A 110 27.19 21.33 -37.98
N ASP A 111 26.71 22.56 -38.22
CA ASP A 111 27.48 23.63 -38.84
C ASP A 111 27.26 24.90 -38.03
N PRO A 112 28.01 25.08 -36.91
CA PRO A 112 27.73 26.16 -35.97
C PRO A 112 28.45 27.49 -36.25
N THR A 113 28.83 27.72 -37.51
CA THR A 113 29.50 28.94 -37.95
C THR A 113 29.08 30.19 -37.18
N THR A 114 27.77 30.47 -37.13
CA THR A 114 27.21 31.66 -36.50
C THR A 114 26.26 31.36 -35.32
N CYS A 115 26.45 30.19 -34.70
CA CYS A 115 25.66 29.72 -33.58
C CYS A 115 25.89 30.58 -32.34
N GLY A 116 24.82 30.94 -31.65
CA GLY A 116 24.89 31.59 -30.36
C GLY A 116 25.47 30.65 -29.30
N ILE A 117 26.25 31.23 -28.39
CA ILE A 117 26.99 30.51 -27.37
C ILE A 117 26.08 29.61 -26.53
N SER A 118 24.83 30.03 -26.31
CA SER A 118 23.83 29.27 -25.57
C SER A 118 22.71 28.74 -26.46
N ALA A 119 23.07 28.44 -27.71
CA ALA A 119 22.17 27.80 -28.67
C ALA A 119 22.81 26.45 -29.06
N GLY A 120 22.71 26.07 -30.35
CA GLY A 120 23.34 24.87 -30.85
C GLY A 120 22.65 23.62 -30.30
N ILE A 121 23.47 22.66 -29.85
CA ILE A 121 23.00 21.34 -29.44
C ILE A 121 22.53 21.32 -27.99
N TYR A 122 21.21 21.21 -27.80
CA TYR A 122 20.59 21.12 -26.48
C TYR A 122 20.60 19.63 -25.98
N ALA A 123 19.85 19.36 -24.91
CA ALA A 123 19.82 18.04 -24.27
C ALA A 123 19.75 16.90 -25.27
N PRO A 124 20.74 15.99 -25.28
CA PRO A 124 20.67 14.77 -26.08
C PRO A 124 19.91 13.65 -25.39
N ALA A 125 19.30 12.75 -26.17
CA ALA A 125 18.77 11.48 -25.69
C ALA A 125 19.21 10.35 -26.63
N ILE A 126 20.08 9.47 -26.13
CA ILE A 126 20.55 8.30 -26.87
C ILE A 126 19.70 7.08 -26.49
N HIS A 127 19.54 6.13 -27.41
CA HIS A 127 18.66 4.98 -27.24
C HIS A 127 19.16 3.83 -28.07
N TYR A 128 18.88 2.61 -27.61
CA TYR A 128 19.08 1.41 -28.40
C TYR A 128 17.75 0.69 -28.57
N ASN A 129 17.34 0.52 -29.83
CA ASN A 129 16.16 -0.22 -30.18
C ASN A 129 16.54 -1.67 -30.46
N LYS A 130 16.21 -2.55 -29.51
CA LYS A 130 16.54 -3.97 -29.61
C LYS A 130 15.71 -4.69 -30.65
N TYR A 131 14.58 -4.10 -31.03
CA TYR A 131 13.65 -4.69 -32.01
C TYR A 131 14.16 -4.57 -33.45
N ASN A 132 14.90 -3.49 -33.74
CA ASN A 132 15.56 -3.32 -35.04
C ASN A 132 17.08 -3.12 -34.91
N ASP A 133 17.65 -3.52 -33.76
CA ASP A 133 19.09 -3.50 -33.51
C ASP A 133 19.75 -2.21 -34.02
N THR A 134 19.17 -1.06 -33.65
CA THR A 134 19.57 0.24 -34.16
C THR A 134 19.68 1.25 -33.06
N PHE A 135 20.72 2.09 -33.15
CA PHE A 135 20.94 3.20 -32.22
C PHE A 135 20.33 4.50 -32.77
N TYR A 136 19.97 5.40 -31.84
CA TYR A 136 19.30 6.67 -32.11
C TYR A 136 19.89 7.75 -31.20
N MSE A 137 20.34 8.85 -31.79
CA MSE A 137 20.70 10.04 -31.04
C MSE A 137 19.76 11.17 -31.47
O MSE A 137 19.83 11.65 -32.59
CB MSE A 137 22.17 10.41 -31.29
CG MSE A 137 22.78 11.28 -30.22
SE MSE A 137 22.05 13.09 -30.25
CE MSE A 137 21.00 13.07 -28.65
N ILE A 138 18.86 11.56 -30.56
CA ILE A 138 17.86 12.57 -30.85
C ILE A 138 18.03 13.81 -29.95
N THR A 139 17.97 14.99 -30.58
CA THR A 139 18.21 16.27 -29.91
C THR A 139 17.56 17.46 -30.64
N THR A 140 17.72 18.65 -30.06
CA THR A 140 17.34 19.92 -30.70
C THR A 140 18.62 20.67 -31.09
N GLU A 141 18.71 21.02 -32.37
CA GLU A 141 19.87 21.70 -32.92
C GLU A 141 19.46 23.12 -33.35
N PHE A 142 19.64 24.08 -32.44
CA PHE A 142 19.33 25.50 -32.64
C PHE A 142 20.47 26.18 -33.35
N CYS A 143 20.76 25.71 -34.56
CA CYS A 143 21.71 26.29 -35.51
C CYS A 143 21.61 25.43 -36.77
N ALA A 144 22.35 25.80 -37.82
CA ALA A 144 22.37 25.04 -39.07
C ALA A 144 23.02 23.67 -38.88
N PRO A 145 22.70 22.64 -39.70
CA PRO A 145 21.71 22.74 -40.78
C PRO A 145 20.22 22.63 -40.40
N CYS A 146 19.91 22.14 -39.20
CA CYS A 146 18.55 21.70 -38.85
C CYS A 146 17.65 22.78 -38.24
N GLY A 147 18.21 23.62 -37.37
CA GLY A 147 17.44 24.66 -36.71
C GLY A 147 16.20 24.07 -36.07
N GLY A 148 16.36 23.00 -35.29
CA GLY A 148 15.29 22.37 -34.56
C GLY A 148 15.52 20.90 -34.28
N ASN A 149 14.45 20.22 -33.87
CA ASN A 149 14.45 18.84 -33.44
C ASN A 149 14.84 17.89 -34.56
N MSE A 150 15.74 16.95 -34.23
CA MSE A 150 16.35 16.09 -35.24
C MSE A 150 16.89 14.83 -34.59
O MSE A 150 17.20 14.83 -33.40
CB MSE A 150 17.47 16.84 -35.97
CG MSE A 150 18.65 17.21 -35.09
SE MSE A 150 20.00 15.79 -35.08
CE MSE A 150 21.71 16.63 -35.56
N VAL A 151 17.03 13.77 -35.39
CA VAL A 151 17.56 12.50 -34.94
C VAL A 151 18.60 11.96 -35.93
N VAL A 152 19.65 11.33 -35.40
CA VAL A 152 20.64 10.59 -36.19
C VAL A 152 20.72 9.13 -35.72
N LYS A 153 21.12 8.25 -36.63
CA LYS A 153 21.08 6.80 -36.42
C LYS A 153 22.37 6.11 -36.78
N THR A 154 22.56 4.91 -36.21
CA THR A 154 23.70 4.05 -36.52
C THR A 154 23.47 2.62 -36.06
N LYS A 155 24.12 1.67 -36.73
CA LYS A 155 24.19 0.28 -36.27
C LYS A 155 25.32 0.01 -35.27
N ASP A 156 26.30 0.93 -35.21
CA ASP A 156 27.54 0.75 -34.47
C ASP A 156 28.19 2.13 -34.27
N PRO A 157 28.11 2.71 -33.05
CA PRO A 157 28.71 4.01 -32.76
C PRO A 157 30.18 4.20 -33.18
N ARG A 158 30.95 3.12 -33.23
CA ARG A 158 32.35 3.18 -33.65
C ARG A 158 32.53 3.56 -35.14
N GLN A 159 31.49 3.36 -35.94
CA GLN A 159 31.49 3.69 -37.37
C GLN A 159 30.93 5.10 -37.68
N GLY A 160 30.44 5.79 -36.65
CA GLY A 160 29.79 7.09 -36.80
C GLY A 160 28.30 6.98 -37.05
N TRP A 161 27.65 8.13 -37.24
CA TRP A 161 26.19 8.24 -37.35
C TRP A 161 25.75 8.88 -38.67
N SER A 162 24.49 8.66 -39.03
CA SER A 162 23.89 9.20 -40.24
C SER A 162 23.79 10.71 -40.19
N ASP A 163 23.41 11.30 -41.34
CA ASP A 163 23.01 12.70 -41.39
C ASP A 163 21.66 12.86 -40.71
N PRO A 164 21.28 14.08 -40.28
CA PRO A 164 20.06 14.26 -39.48
C PRO A 164 18.77 13.95 -40.25
N PHE A 165 17.75 13.49 -39.51
CA PHE A 165 16.38 13.43 -39.97
C PHE A 165 15.68 14.57 -39.24
N ASN A 166 15.16 15.54 -39.99
CA ASN A 166 14.47 16.70 -39.40
C ASN A 166 13.09 16.24 -38.91
N LEU A 167 12.78 16.53 -37.63
CA LEU A 167 11.52 16.15 -37.02
C LEU A 167 10.60 17.36 -36.84
N HIS A 168 9.30 17.15 -37.10
CA HIS A 168 8.32 18.23 -37.26
C HIS A 168 7.51 18.50 -35.99
N PHE A 169 8.20 18.95 -34.94
CA PHE A 169 7.56 19.42 -33.72
C PHE A 169 8.49 20.43 -33.06
N GLY A 170 7.90 21.32 -32.25
CA GLY A 170 8.65 22.35 -31.55
C GLY A 170 9.08 21.91 -30.16
N GLY A 171 9.61 22.85 -29.38
CA GLY A 171 10.08 22.62 -28.03
C GLY A 171 11.42 21.91 -28.04
N ILE A 172 11.82 21.43 -26.85
CA ILE A 172 13.13 20.78 -26.65
C ILE A 172 13.02 19.45 -25.92
N ASP A 173 14.18 18.81 -25.75
CA ASP A 173 14.34 17.57 -24.98
C ASP A 173 13.55 16.42 -25.58
N PRO A 174 13.70 16.15 -26.89
CA PRO A 174 13.10 14.96 -27.49
C PRO A 174 13.68 13.66 -26.91
N SER A 175 12.87 12.60 -26.93
CA SER A 175 13.29 11.30 -26.43
C SER A 175 12.33 10.24 -26.95
N LEU A 176 12.89 9.19 -27.56
CA LEU A 176 12.13 8.09 -28.14
C LEU A 176 11.98 6.94 -27.15
N PHE A 177 10.90 6.16 -27.33
CA PHE A 177 10.65 4.96 -26.58
C PHE A 177 10.03 3.91 -27.52
N PHE A 178 10.53 2.68 -27.45
CA PHE A 178 10.11 1.59 -28.31
C PHE A 178 9.36 0.52 -27.53
N ASP A 179 8.05 0.48 -27.70
CA ASP A 179 7.16 -0.45 -26.98
C ASP A 179 7.30 -1.89 -27.48
N ASP A 180 6.52 -2.81 -26.90
CA ASP A 180 6.62 -4.26 -27.16
C ASP A 180 5.67 -4.78 -28.24
N ASN A 181 4.94 -3.86 -28.90
CA ASN A 181 4.02 -4.21 -29.98
C ASN A 181 4.44 -3.57 -31.29
N GLY A 182 5.73 -3.27 -31.46
CA GLY A 182 6.20 -2.68 -32.70
C GLY A 182 5.91 -1.19 -32.86
N LYS A 183 5.16 -0.61 -31.91
CA LYS A 183 4.89 0.81 -31.91
C LYS A 183 6.01 1.59 -31.23
N ALA A 184 6.36 2.73 -31.82
CA ALA A 184 7.36 3.64 -31.29
C ALA A 184 6.72 4.98 -30.96
N TYR A 185 7.29 5.64 -29.94
CA TYR A 185 6.76 6.91 -29.47
C TYR A 185 7.88 7.91 -29.27
N LEU A 186 7.50 9.17 -29.16
CA LEU A 186 8.44 10.26 -28.98
C LEU A 186 7.81 11.24 -28.02
N VAL A 187 8.55 11.57 -26.95
CA VAL A 187 8.10 12.51 -25.96
C VAL A 187 9.03 13.71 -25.97
N HIS A 188 8.47 14.89 -25.69
CA HIS A 188 9.27 16.11 -25.65
C HIS A 188 8.58 17.17 -24.82
N ASN A 189 9.36 18.20 -24.47
CA ASN A 189 8.88 19.41 -23.82
C ASN A 189 8.28 20.31 -24.91
N ASP A 190 7.25 21.07 -24.57
CA ASP A 190 6.63 22.02 -25.48
C ASP A 190 6.05 23.19 -24.69
N ALA A 191 5.61 24.22 -25.41
CA ALA A 191 4.92 25.36 -24.81
C ALA A 191 3.42 25.07 -24.84
N PRO A 192 2.65 25.50 -23.82
CA PRO A 192 1.20 25.25 -23.81
C PRO A 192 0.48 26.22 -24.70
N GLU A 193 -0.67 25.82 -25.23
CA GLU A 193 -1.56 26.70 -26.02
C GLU A 193 -1.95 27.92 -25.18
N LYS A 194 -2.36 27.65 -23.94
CA LYS A 194 -2.84 28.66 -22.98
C LYS A 194 -1.95 28.77 -21.75
N PRO A 195 -0.82 29.52 -21.81
CA PRO A 195 0.00 29.77 -20.62
C PRO A 195 -0.76 30.31 -19.40
N LEU A 196 -0.61 29.61 -18.26
CA LEU A 196 -1.34 29.92 -17.02
C LEU A 196 -0.52 30.75 -16.02
N TYR A 197 0.80 30.80 -16.21
CA TYR A 197 1.70 31.55 -15.33
C TYR A 197 3.03 31.95 -15.99
N GLY A 198 2.96 32.38 -17.24
CA GLY A 198 4.08 32.95 -17.94
C GLY A 198 4.87 31.90 -18.71
N PRO A 199 6.05 32.28 -19.26
CA PRO A 199 6.89 31.34 -20.00
C PRO A 199 7.38 30.09 -19.24
N ASN A 200 7.38 30.10 -17.90
CA ASN A 200 7.84 28.92 -17.13
C ASN A 200 6.86 27.76 -17.23
N HIS A 201 5.60 28.07 -17.53
CA HIS A 201 4.60 27.03 -17.78
C HIS A 201 4.97 26.28 -19.08
N ARG A 202 5.25 24.98 -18.93
CA ARG A 202 5.60 24.12 -20.03
C ARG A 202 4.85 22.80 -19.93
N CYS A 203 5.00 21.97 -20.96
CA CYS A 203 4.22 20.75 -21.13
C CYS A 203 5.09 19.61 -21.60
N ILE A 204 4.67 18.39 -21.26
CA ILE A 204 5.22 17.19 -21.85
C ILE A 204 4.19 16.66 -22.84
N LYS A 205 4.66 16.42 -24.07
CA LYS A 205 3.86 16.00 -25.19
C LYS A 205 4.42 14.71 -25.72
N ILE A 206 3.53 13.79 -26.10
CA ILE A 206 3.91 12.51 -26.69
C ILE A 206 3.34 12.38 -28.10
N TRP A 207 4.09 11.69 -28.98
CA TRP A 207 3.71 11.41 -30.36
C TRP A 207 4.01 9.96 -30.63
N GLU A 208 3.18 9.32 -31.46
CA GLU A 208 3.52 8.06 -32.09
C GLU A 208 4.59 8.37 -33.14
N TYR A 209 5.53 7.43 -33.33
CA TYR A 209 6.68 7.64 -34.20
C TYR A 209 6.68 6.56 -35.27
N ASP A 210 6.98 6.98 -36.50
CA ASP A 210 7.03 6.11 -37.66
C ASP A 210 8.49 5.71 -37.90
N LEU A 211 8.78 4.42 -37.69
CA LEU A 211 10.13 3.90 -37.76
C LEU A 211 10.66 3.91 -39.19
N GLU A 212 9.79 3.61 -40.16
CA GLU A 212 10.16 3.62 -41.57
C GLU A 212 10.58 5.01 -42.02
N LYS A 213 9.74 6.01 -41.72
CA LYS A 213 9.94 7.39 -42.17
C LYS A 213 10.80 8.26 -41.23
N ASP A 214 11.01 7.80 -39.99
CA ASP A 214 11.72 8.56 -38.97
C ASP A 214 11.10 9.96 -38.85
N GLN A 215 9.80 9.98 -38.51
CA GLN A 215 9.00 11.18 -38.38
C GLN A 215 7.79 10.85 -37.51
N ILE A 216 7.33 11.83 -36.73
CA ILE A 216 6.11 11.70 -35.93
C ILE A 216 4.91 11.53 -36.86
N ILE A 217 3.87 10.83 -36.38
CA ILE A 217 2.63 10.67 -37.11
C ILE A 217 1.70 11.82 -36.75
N PRO A 218 1.33 12.69 -37.72
CA PRO A 218 0.37 13.77 -37.45
C PRO A 218 -0.96 13.29 -36.89
N GLY A 219 -1.49 14.03 -35.91
CA GLY A 219 -2.73 13.69 -35.21
C GLY A 219 -2.60 12.77 -34.02
N THR A 220 -1.38 12.31 -33.72
CA THR A 220 -1.15 11.38 -32.61
C THR A 220 -0.61 12.08 -31.35
N ASP A 221 -0.45 13.41 -31.44
CA ASP A 221 0.07 14.20 -30.34
C ASP A 221 -0.94 14.33 -29.22
N LYS A 222 -0.45 14.27 -27.98
CA LYS A 222 -1.25 14.46 -26.77
C LYS A 222 -0.38 15.01 -25.66
N VAL A 223 -0.91 15.99 -24.93
CA VAL A 223 -0.26 16.50 -23.73
C VAL A 223 -0.51 15.50 -22.60
N ILE A 224 0.58 14.92 -22.07
CA ILE A 224 0.52 13.92 -20.99
C ILE A 224 0.88 14.47 -19.60
N VAL A 225 1.64 15.57 -19.58
CA VAL A 225 1.83 16.36 -18.36
C VAL A 225 1.70 17.83 -18.69
N ASN A 226 0.90 18.54 -17.90
CA ASN A 226 0.75 19.98 -18.01
C ASN A 226 1.34 20.72 -16.80
N GLY A 227 2.48 21.40 -17.02
CA GLY A 227 3.13 22.18 -15.98
C GLY A 227 4.17 21.41 -15.18
N GLY A 228 3.72 20.35 -14.51
CA GLY A 228 4.56 19.52 -13.65
C GLY A 228 3.76 18.56 -12.77
N THR A 229 4.35 18.13 -11.66
CA THR A 229 3.70 17.22 -10.71
C THR A 229 2.46 17.81 -10.03
N ASP A 230 2.46 19.12 -9.84
CA ASP A 230 1.33 19.86 -9.27
C ASP A 230 1.26 21.28 -9.83
N ILE A 231 0.32 21.50 -10.76
CA ILE A 231 0.22 22.74 -11.53
C ILE A 231 -0.07 23.97 -10.66
N GLU A 232 -0.84 23.77 -9.57
CA GLU A 232 -1.12 24.82 -8.59
C GLU A 232 0.16 25.50 -8.06
N LYS A 233 1.26 24.75 -7.99
CA LYS A 233 2.57 25.24 -7.51
C LYS A 233 3.38 26.00 -8.57
N LYS A 234 2.83 26.13 -9.79
CA LYS A 234 3.48 26.81 -10.91
C LYS A 234 4.84 26.20 -11.22
N PRO A 235 4.93 24.87 -11.43
CA PRO A 235 6.20 24.21 -11.73
C PRO A 235 6.93 24.81 -12.93
N VAL A 236 8.21 25.14 -12.74
CA VAL A 236 9.03 25.77 -13.76
C VAL A 236 9.62 24.74 -14.72
N TRP A 237 9.44 24.98 -16.02
CA TRP A 237 10.13 24.28 -17.11
C TRP A 237 10.28 22.76 -16.98
N ILE A 238 9.17 22.05 -16.77
CA ILE A 238 9.17 20.61 -16.85
C ILE A 238 9.73 20.21 -18.21
N GLU A 239 10.73 19.32 -18.19
CA GLU A 239 11.49 18.96 -19.38
C GLU A 239 12.24 17.64 -19.16
N GLY A 240 13.24 17.38 -20.02
CA GLY A 240 13.97 16.13 -20.05
C GLY A 240 13.12 14.87 -19.91
N PRO A 241 11.96 14.75 -20.60
CA PRO A 241 11.09 13.58 -20.41
C PRO A 241 11.72 12.29 -20.94
N HIS A 242 11.66 11.21 -20.15
CA HIS A 242 12.02 9.87 -20.60
C HIS A 242 10.93 8.85 -20.23
N ILE A 243 10.60 7.98 -21.18
CA ILE A 243 9.68 6.87 -20.93
C ILE A 243 10.48 5.60 -20.70
N TYR A 244 10.09 4.84 -19.66
CA TYR A 244 10.57 3.50 -19.40
C TYR A 244 9.35 2.64 -19.14
N LYS A 245 9.45 1.35 -19.45
CA LYS A 245 8.36 0.42 -19.16
C LYS A 245 8.92 -0.70 -18.31
N LYS A 246 8.24 -0.99 -17.19
CA LYS A 246 8.68 -2.00 -16.24
C LYS A 246 7.49 -2.68 -15.57
N ASN A 247 7.45 -4.02 -15.64
CA ASN A 247 6.33 -4.84 -15.13
C ASN A 247 4.98 -4.41 -15.69
N GLY A 248 4.96 -4.11 -16.98
CA GLY A 248 3.74 -3.73 -17.69
C GLY A 248 3.28 -2.29 -17.49
N THR A 249 3.96 -1.52 -16.63
CA THR A 249 3.62 -0.14 -16.32
C THR A 249 4.55 0.83 -17.06
N TYR A 250 4.00 1.95 -17.52
CA TYR A 250 4.77 3.01 -18.18
C TYR A 250 5.19 4.05 -17.16
N TYR A 251 6.40 4.58 -17.34
CA TYR A 251 7.00 5.55 -16.44
C TYR A 251 7.50 6.72 -17.22
N LEU A 252 7.15 7.93 -16.77
CA LEU A 252 7.64 9.17 -17.34
C LEU A 252 8.46 9.86 -16.26
N MSE A 253 9.75 10.06 -16.55
CA MSE A 253 10.63 10.79 -15.66
C MSE A 253 11.04 12.11 -16.32
O MSE A 253 11.46 12.11 -17.48
CB MSE A 253 11.87 9.95 -15.32
CG MSE A 253 12.67 10.49 -14.14
SE MSE A 253 14.22 9.40 -13.70
CE MSE A 253 13.47 7.99 -12.65
N CYS A 254 10.90 13.21 -15.58
CA CYS A 254 11.18 14.53 -16.10
C CYS A 254 12.00 15.35 -15.13
N ALA A 255 12.77 16.29 -15.66
CA ALA A 255 13.35 17.37 -14.88
C ALA A 255 12.27 18.42 -14.65
N GLU A 256 12.30 19.07 -13.48
CA GLU A 256 11.34 20.12 -13.11
C GLU A 256 12.02 21.17 -12.21
N GLY A 257 11.66 22.43 -12.43
CA GLY A 257 12.21 23.56 -11.69
C GLY A 257 13.28 24.41 -12.37
N GLY A 258 13.72 24.03 -13.57
CA GLY A 258 14.75 24.79 -14.28
C GLY A 258 16.13 24.25 -14.01
N THR A 259 17.08 24.48 -14.92
CA THR A 259 18.41 23.90 -14.79
C THR A 259 19.32 24.72 -13.86
N GLY A 260 18.72 25.64 -13.08
CA GLY A 260 19.42 26.35 -12.03
C GLY A 260 19.03 25.90 -10.61
N ASP A 261 18.87 26.88 -9.72
CA ASP A 261 18.64 26.68 -8.29
C ASP A 261 17.54 25.73 -7.86
N TRP A 262 16.50 25.61 -8.67
CA TRP A 262 15.33 24.82 -8.30
C TRP A 262 15.25 23.48 -9.06
N HIS A 263 16.39 23.05 -9.63
CA HIS A 263 16.45 21.83 -10.42
C HIS A 263 16.06 20.63 -9.57
N SER A 264 15.45 19.64 -10.22
CA SER A 264 15.00 18.41 -9.56
C SER A 264 14.60 17.42 -10.62
N GLU A 265 14.30 16.19 -10.21
CA GLU A 265 13.74 15.18 -11.10
C GLU A 265 12.52 14.58 -10.41
N VAL A 266 11.46 14.39 -11.20
CA VAL A 266 10.18 13.93 -10.74
C VAL A 266 9.80 12.71 -11.57
N ILE A 267 8.80 11.95 -11.10
CA ILE A 267 8.44 10.67 -11.70
C ILE A 267 6.93 10.46 -11.70
N PHE A 268 6.42 9.97 -12.84
CA PHE A 268 5.01 9.72 -13.10
C PHE A 268 4.89 8.29 -13.58
N LYS A 269 3.72 7.68 -13.39
CA LYS A 269 3.41 6.37 -13.99
C LYS A 269 2.01 6.31 -14.61
N ALA A 270 1.83 5.38 -15.57
CA ALA A 270 0.55 5.15 -16.24
C ALA A 270 0.41 3.70 -16.68
N ASP A 271 -0.85 3.28 -16.87
CA ASP A 271 -1.18 1.93 -17.31
C ASP A 271 -1.17 1.77 -18.83
N ASN A 272 -0.99 2.89 -19.54
CA ASN A 272 -1.05 2.98 -21.00
C ASN A 272 -0.12 4.09 -21.50
N ILE A 273 0.46 3.91 -22.69
CA ILE A 273 1.46 4.84 -23.22
C ILE A 273 0.96 6.29 -23.26
N TYR A 274 -0.31 6.46 -23.64
CA TYR A 274 -1.00 7.75 -23.65
C TYR A 274 -1.72 8.00 -22.34
N GLY A 275 -1.82 6.93 -21.51
CA GLY A 275 -2.80 6.80 -20.44
C GLY A 275 -2.50 7.94 -19.48
N PRO A 276 -3.41 8.27 -18.55
CA PRO A 276 -3.16 9.37 -17.62
C PRO A 276 -1.91 9.05 -16.81
N TYR A 277 -0.96 9.99 -16.77
CA TYR A 277 0.28 9.86 -16.01
C TYR A 277 0.08 10.58 -14.70
N GLU A 278 0.15 9.84 -13.59
CA GLU A 278 0.01 10.39 -12.24
C GLU A 278 1.37 10.46 -11.55
N PRO A 279 1.66 11.56 -10.82
CA PRO A 279 2.91 11.68 -10.07
C PRO A 279 2.89 10.83 -8.80
N TRP A 280 4.02 10.17 -8.50
CA TRP A 280 4.23 9.55 -7.21
C TRP A 280 4.05 10.65 -6.16
N ASN A 281 3.22 10.37 -5.14
CA ASN A 281 3.07 11.30 -4.03
C ASN A 281 4.45 11.77 -3.53
N ASN A 282 5.43 10.85 -3.52
CA ASN A 282 6.82 11.16 -3.20
C ASN A 282 7.47 11.80 -4.41
N ASN A 283 7.58 13.13 -4.38
CA ASN A 283 8.26 13.86 -5.43
C ASN A 283 8.77 15.17 -4.85
N PRO A 284 9.95 15.69 -5.27
CA PRO A 284 10.80 15.01 -6.26
C PRO A 284 11.60 13.80 -5.71
N ILE A 285 12.28 13.07 -6.61
CA ILE A 285 13.11 11.93 -6.26
C ILE A 285 14.62 12.21 -6.36
N LEU A 286 14.96 13.44 -6.79
CA LEU A 286 16.37 13.87 -6.94
C LEU A 286 16.50 15.39 -6.93
N THR A 287 17.06 15.97 -5.88
CA THR A 287 17.30 17.43 -5.85
C THR A 287 18.32 17.78 -4.77
N GLN A 288 18.92 18.97 -4.92
CA GLN A 288 19.73 19.60 -3.90
C GLN A 288 19.20 20.98 -3.48
N ARG A 289 18.02 21.35 -4.00
CA ARG A 289 17.56 22.73 -3.98
C ARG A 289 17.25 23.31 -2.60
N HIS A 290 16.93 22.44 -1.64
CA HIS A 290 16.64 22.87 -0.27
C HIS A 290 17.87 23.05 0.65
N PHE A 291 19.07 23.14 0.06
CA PHE A 291 20.33 23.38 0.78
C PHE A 291 20.95 24.73 0.37
N LEU A 292 21.36 25.53 1.34
CA LEU A 292 22.15 26.78 1.15
C LEU A 292 23.16 26.82 2.29
N HIS A 293 24.34 26.24 2.06
CA HIS A 293 25.27 25.87 3.11
C HIS A 293 26.67 26.52 3.01
N LEU A 298 28.71 21.62 -1.59
CA LEU A 298 29.48 20.87 -2.59
C LEU A 298 28.95 20.93 -4.03
N ALA A 299 27.69 20.49 -4.20
CA ALA A 299 27.03 20.34 -5.49
C ALA A 299 25.63 20.96 -5.46
N ASP A 300 25.15 21.37 -6.63
CA ASP A 300 23.90 22.10 -6.79
C ASP A 300 23.26 21.79 -8.16
N TRP A 301 22.05 22.34 -8.37
CA TRP A 301 21.33 22.29 -9.64
C TRP A 301 21.13 20.86 -10.16
N ALA A 302 20.78 19.95 -9.26
CA ALA A 302 20.69 18.53 -9.60
C ALA A 302 19.36 18.20 -10.28
N GLY A 303 19.45 17.67 -11.51
CA GLY A 303 18.32 17.18 -12.25
C GLY A 303 18.72 16.74 -13.65
N HIS A 304 17.72 16.58 -14.51
CA HIS A 304 17.87 16.12 -15.90
C HIS A 304 18.57 14.76 -15.94
N ALA A 305 17.90 13.76 -15.36
CA ALA A 305 18.45 12.44 -15.19
C ALA A 305 18.01 11.51 -16.31
N ASP A 306 18.68 10.37 -16.39
CA ASP A 306 18.28 9.27 -17.26
C ASP A 306 18.74 7.97 -16.60
N LEU A 307 17.87 6.94 -16.63
CA LEU A 307 18.13 5.66 -15.98
C LEU A 307 18.61 4.58 -16.95
N VAL A 308 19.41 3.65 -16.43
CA VAL A 308 19.82 2.46 -17.16
C VAL A 308 19.93 1.27 -16.21
N GLU A 309 19.48 0.10 -16.68
CA GLU A 309 19.70 -1.19 -16.02
C GLU A 309 20.82 -1.89 -16.72
N TYR A 315 19.87 -0.77 -11.07
CA TYR A 315 19.74 0.46 -11.87
C TYR A 315 20.66 1.59 -11.40
N TYR A 316 21.10 2.41 -12.37
CA TYR A 316 21.97 3.59 -12.11
C TYR A 316 21.41 4.81 -12.83
N GLY A 317 21.43 5.96 -12.18
CA GLY A 317 20.93 7.20 -12.79
C GLY A 317 21.99 8.27 -12.97
N VAL A 318 22.18 8.74 -14.19
CA VAL A 318 23.17 9.82 -14.43
C VAL A 318 22.40 11.13 -14.50
N PHE A 319 22.97 12.22 -13.98
CA PHE A 319 22.27 13.52 -14.02
C PHE A 319 23.28 14.67 -14.10
N LEU A 320 22.78 15.90 -14.10
CA LEU A 320 23.65 17.04 -14.18
C LEU A 320 23.63 17.79 -12.88
N GLY A 321 24.74 18.47 -12.60
CA GLY A 321 24.88 19.31 -11.43
C GLY A 321 26.04 20.25 -11.67
N ILE A 322 26.18 21.24 -10.78
CA ILE A 322 27.31 22.12 -10.72
C ILE A 322 28.04 22.00 -9.37
N ARG A 323 29.38 22.15 -9.39
CA ARG A 323 30.14 22.32 -8.16
C ARG A 323 30.57 23.79 -8.10
N PRO A 324 29.83 24.68 -7.40
CA PRO A 324 30.19 26.10 -7.34
C PRO A 324 31.41 26.39 -6.45
N ASN A 325 32.04 27.56 -6.66
CA ASN A 325 33.17 28.00 -5.84
C ASN A 325 32.64 28.68 -4.59
N SER A 326 33.54 29.24 -3.77
CA SER A 326 33.18 29.86 -2.49
C SER A 326 32.20 31.04 -2.60
N LYS A 327 32.16 31.68 -3.78
CA LYS A 327 31.25 32.80 -4.06
C LYS A 327 29.97 32.39 -4.82
N GLY A 328 29.78 31.08 -5.02
CA GLY A 328 28.63 30.53 -5.72
C GLY A 328 28.73 30.50 -7.24
N ASN A 329 29.85 30.94 -7.79
CA ASN A 329 30.07 30.95 -9.24
C ASN A 329 30.49 29.59 -9.77
N VAL A 330 30.19 29.36 -11.06
CA VAL A 330 30.50 28.12 -11.76
C VAL A 330 31.21 28.41 -13.07
N ASN A 331 32.51 28.06 -13.12
CA ASN A 331 33.31 28.13 -14.33
C ASN A 331 33.47 26.76 -14.96
N THR A 332 32.94 25.74 -14.29
CA THR A 332 33.11 24.35 -14.70
C THR A 332 31.92 23.78 -15.45
N GLY A 333 30.89 24.60 -15.66
CA GLY A 333 29.70 24.19 -16.37
C GLY A 333 28.91 23.17 -15.55
N ARG A 334 27.93 22.54 -16.20
CA ARG A 334 27.14 21.49 -15.60
C ARG A 334 27.76 20.14 -15.94
N GLU A 335 27.94 19.30 -14.92
CA GLU A 335 28.72 18.07 -15.04
C GLU A 335 27.80 16.84 -14.90
N THR A 336 28.27 15.72 -15.45
CA THR A 336 27.51 14.46 -15.41
C THR A 336 27.80 13.72 -14.11
N PHE A 337 26.84 13.68 -13.21
CA PHE A 337 26.98 12.98 -11.92
C PHE A 337 26.30 11.64 -12.03
N MSE A 338 26.60 10.72 -11.11
CA MSE A 338 25.91 9.41 -11.13
C MSE A 338 25.51 9.03 -9.71
O MSE A 338 26.07 9.60 -8.79
CB MSE A 338 26.74 8.31 -11.79
CG MSE A 338 25.88 7.25 -12.40
SE MSE A 338 26.88 5.72 -12.95
CE MSE A 338 26.95 5.40 -14.84
N LEU A 339 24.53 8.14 -9.59
CA LEU A 339 24.01 7.66 -8.29
C LEU A 339 23.38 6.28 -8.53
N PRO A 340 23.36 5.36 -7.54
CA PRO A 340 22.74 4.07 -7.71
C PRO A 340 21.22 4.27 -7.61
N VAL A 341 20.45 3.45 -8.30
CA VAL A 341 18.97 3.64 -8.25
C VAL A 341 18.29 2.33 -7.82
N ASP A 342 17.55 2.35 -6.72
CA ASP A 342 16.79 1.18 -6.31
C ASP A 342 15.42 1.22 -7.01
N TRP A 343 15.13 0.18 -7.81
CA TRP A 343 13.84 0.04 -8.47
C TRP A 343 13.25 -1.34 -8.23
N SER A 344 13.36 -1.81 -6.99
CA SER A 344 12.83 -3.09 -6.56
C SER A 344 11.32 -3.03 -6.29
N GLY A 345 10.78 -1.80 -6.19
CA GLY A 345 9.37 -1.54 -5.97
C GLY A 345 8.74 -0.81 -7.15
N THR A 346 7.52 -0.29 -6.92
CA THR A 346 6.77 0.46 -7.94
C THR A 346 7.58 1.60 -8.56
N TRP A 347 8.28 2.38 -7.72
CA TRP A 347 8.96 3.61 -8.14
C TRP A 347 10.47 3.61 -7.97
N PRO A 348 11.22 4.33 -8.86
CA PRO A 348 12.67 4.45 -8.72
C PRO A 348 13.07 5.44 -7.64
N VAL A 349 14.02 5.02 -6.79
CA VAL A 349 14.60 5.85 -5.74
C VAL A 349 16.05 6.04 -6.11
N PHE A 350 16.48 7.31 -6.09
CA PHE A 350 17.89 7.71 -6.30
C PHE A 350 18.55 7.56 -4.93
N GLU A 351 19.45 6.59 -4.76
CA GLU A 351 20.07 6.37 -3.43
C GLU A 351 20.79 7.65 -2.96
N ASN A 352 20.26 8.26 -1.91
CA ASN A 352 20.75 9.53 -1.31
C ASN A 352 20.59 10.69 -2.30
N GLY A 353 19.58 10.65 -3.16
CA GLY A 353 19.38 11.72 -4.15
C GLY A 353 18.68 12.91 -3.53
N LEU A 354 18.32 12.80 -2.26
CA LEU A 354 17.65 13.89 -1.54
C LEU A 354 18.40 14.37 -0.27
N VAL A 355 19.61 13.87 -0.04
CA VAL A 355 20.51 14.41 0.98
C VAL A 355 21.72 15.04 0.29
N PRO A 356 22.48 15.93 0.95
CA PRO A 356 23.64 16.57 0.30
C PRO A 356 24.61 15.56 -0.31
N LEU A 357 24.93 15.73 -1.58
CA LEU A 357 25.80 14.77 -2.27
C LEU A 357 27.23 14.82 -1.73
N SER A 358 27.90 13.69 -1.74
CA SER A 358 29.32 13.67 -1.46
C SER A 358 30.03 13.22 -2.70
N ILE A 359 31.30 13.63 -2.78
CA ILE A 359 32.20 13.35 -3.89
C ILE A 359 32.48 11.86 -4.11
N LYS A 360 32.34 11.06 -3.04
CA LYS A 360 32.62 9.62 -3.07
C LYS A 360 31.37 8.79 -3.05
N GLN A 361 31.38 7.77 -3.88
CA GLN A 361 30.28 6.78 -4.01
C GLN A 361 30.94 5.41 -4.04
N LYS A 362 30.29 4.40 -3.48
CA LYS A 362 30.89 3.05 -3.57
C LYS A 362 30.70 2.59 -5.01
N MSE A 363 31.67 1.89 -5.58
CA MSE A 363 31.55 1.36 -6.97
C MSE A 363 30.72 0.08 -6.95
O MSE A 363 30.47 -0.46 -5.88
CB MSE A 363 32.92 0.98 -7.53
CG MSE A 363 33.94 2.08 -7.65
SE MSE A 363 35.53 1.52 -8.58
CE MSE A 363 35.00 0.83 -10.25
N PRO A 364 30.26 -0.43 -8.10
CA PRO A 364 29.56 -1.71 -8.12
C PRO A 364 30.51 -2.86 -7.75
N LYS A 365 29.99 -3.91 -7.12
CA LYS A 365 30.79 -5.08 -6.67
C LYS A 365 31.67 -5.63 -7.80
N GLY A 366 32.92 -5.92 -7.48
CA GLY A 366 33.91 -6.45 -8.40
C GLY A 366 34.65 -5.42 -9.25
N VAL A 367 34.08 -4.23 -9.46
CA VAL A 367 34.71 -3.23 -10.37
C VAL A 367 35.83 -2.46 -9.69
N GLU A 368 36.96 -2.30 -10.38
CA GLU A 368 38.11 -1.53 -9.84
C GLU A 368 38.22 -0.20 -10.60
N ASN A 369 38.68 0.82 -9.90
CA ASN A 369 38.82 2.20 -10.42
C ASN A 369 40.04 2.34 -11.32
N LYS A 370 39.82 2.41 -12.63
CA LYS A 370 40.87 2.59 -13.62
C LYS A 370 40.79 3.98 -14.28
N THR A 371 40.07 4.91 -13.64
CA THR A 371 39.91 6.26 -14.17
C THR A 371 41.30 6.89 -14.34
N GLY A 372 41.55 7.47 -15.50
CA GLY A 372 42.85 8.11 -15.77
C GLY A 372 43.90 7.09 -16.14
N LYS A 373 43.61 5.81 -15.95
CA LYS A 373 44.61 4.77 -16.29
C LYS A 373 44.26 4.22 -17.67
N ASP A 374 45.28 3.80 -18.41
CA ASP A 374 45.11 3.26 -19.78
C ASP A 374 44.44 4.32 -20.65
N GLY A 375 43.45 3.91 -21.44
CA GLY A 375 42.77 4.89 -22.30
C GLY A 375 41.48 5.37 -21.69
N PHE A 376 41.34 5.20 -20.38
CA PHE A 376 40.10 5.61 -19.68
C PHE A 376 40.11 7.09 -19.38
N PHE A 377 38.92 7.66 -19.38
CA PHE A 377 38.69 9.05 -19.11
C PHE A 377 39.11 9.35 -17.67
N PRO A 378 39.78 10.49 -17.39
CA PRO A 378 40.27 10.78 -16.04
C PRO A 378 39.17 11.21 -15.09
N ASN A 379 39.51 11.29 -13.80
CA ASN A 379 38.69 11.92 -12.77
C ASN A 379 39.58 12.32 -11.60
N GLY A 380 39.00 12.86 -10.54
CA GLY A 380 39.78 13.40 -9.43
C GLY A 380 40.71 14.51 -9.92
N ASN A 381 41.88 14.60 -9.28
CA ASN A 381 42.96 15.50 -9.67
C ASN A 381 43.98 14.72 -10.46
N PHE A 382 44.40 15.29 -11.60
CA PHE A 382 45.22 14.62 -12.57
C PHE A 382 45.90 15.65 -13.47
N THR A 383 46.81 15.17 -14.31
CA THR A 383 47.52 15.97 -15.28
C THR A 383 47.39 15.31 -16.63
N TYR A 384 46.97 16.12 -17.63
CA TYR A 384 46.91 15.71 -19.01
C TYR A 384 47.93 16.54 -19.79
N SER A 385 48.99 15.88 -20.25
CA SER A 385 50.02 16.46 -21.09
C SER A 385 49.87 15.85 -22.47
N GLU A 386 49.66 16.72 -23.46
CA GLU A 386 49.41 16.31 -24.83
C GLU A 386 50.50 16.98 -25.66
N ASP A 387 51.16 16.17 -26.49
CA ASP A 387 52.22 16.63 -27.39
C ASP A 387 51.80 16.70 -28.85
N PHE A 388 50.57 16.27 -29.16
CA PHE A 388 50.00 16.28 -30.51
C PHE A 388 50.93 15.67 -31.57
N LYS A 389 51.55 14.54 -31.23
CA LYS A 389 52.40 13.77 -32.12
C LYS A 389 51.64 12.75 -32.99
N SER A 390 50.32 12.93 -33.12
CA SER A 390 49.44 11.99 -33.81
C SER A 390 48.26 12.70 -34.43
N GLU A 391 48.00 12.37 -35.71
CA GLU A 391 46.95 12.99 -36.50
C GLU A 391 45.56 12.73 -35.95
N ASN A 392 45.42 11.64 -35.20
CA ASN A 392 44.21 11.32 -34.44
C ASN A 392 44.25 12.06 -33.10
N ILE A 393 43.79 13.32 -33.12
CA ILE A 393 43.79 14.15 -31.95
C ILE A 393 42.75 13.66 -30.96
N ASP A 394 43.09 13.71 -29.67
CA ASP A 394 42.24 13.21 -28.60
C ASP A 394 40.88 13.89 -28.68
N TYR A 395 39.81 13.10 -28.48
CA TYR A 395 38.41 13.56 -28.62
C TYR A 395 37.92 14.58 -27.58
N ARG A 396 38.79 14.97 -26.64
CA ARG A 396 38.49 16.02 -25.66
C ARG A 396 38.66 17.43 -26.20
N TRP A 397 39.39 17.54 -27.31
CA TRP A 397 39.70 18.82 -27.93
C TRP A 397 38.58 19.25 -28.86
N VAL A 398 38.06 20.45 -28.62
CA VAL A 398 36.98 21.03 -29.40
C VAL A 398 37.38 22.39 -29.95
N ALA A 399 36.69 22.81 -31.02
CA ALA A 399 36.81 24.14 -31.59
C ALA A 399 35.45 24.82 -31.40
N MSE A 400 35.44 26.16 -31.44
CA MSE A 400 34.22 26.94 -31.35
C MSE A 400 33.71 27.21 -32.76
O MSE A 400 34.44 27.76 -33.58
CB MSE A 400 34.47 28.25 -30.60
CG MSE A 400 34.77 28.06 -29.12
SE MSE A 400 33.25 27.29 -28.16
CE MSE A 400 31.68 28.30 -28.77
N ARG A 401 32.45 26.82 -33.03
CA ARG A 401 31.72 27.26 -34.21
C ARG A 401 32.25 26.78 -35.56
N GLY A 402 33.00 25.66 -35.57
CA GLY A 402 33.53 25.10 -36.79
C GLY A 402 34.54 23.97 -36.55
N PRO A 403 34.96 23.24 -37.60
CA PRO A 403 35.92 22.16 -37.44
C PRO A 403 37.36 22.65 -37.33
N LYS A 404 38.15 21.95 -36.51
CA LYS A 404 39.58 22.21 -36.32
C LYS A 404 40.38 21.93 -37.59
N GLU A 405 39.83 21.04 -38.43
CA GLU A 405 40.43 20.66 -39.72
C GLU A 405 40.62 21.85 -40.65
N ASN A 406 39.82 22.91 -40.48
CA ASN A 406 39.97 24.14 -41.25
C ASN A 406 41.17 25.02 -40.89
N PHE A 407 41.86 24.69 -39.78
CA PHE A 407 43.01 25.48 -39.32
C PHE A 407 44.12 24.76 -38.55
N ILE A 408 44.04 23.42 -38.47
CA ILE A 408 45.05 22.61 -37.79
C ILE A 408 45.63 21.55 -38.72
N LYS A 409 46.94 21.35 -38.64
CA LYS A 409 47.64 20.22 -39.25
C LYS A 409 48.71 19.75 -38.28
N ILE A 410 48.99 18.45 -38.31
CA ILE A 410 50.01 17.86 -37.44
C ILE A 410 51.34 17.92 -38.18
N ALA A 411 52.36 18.45 -37.51
CA ALA A 411 53.69 18.61 -38.09
C ALA A 411 54.34 17.24 -38.27
N LYS A 412 55.32 17.18 -39.19
CA LYS A 412 56.05 15.95 -39.47
C LYS A 412 56.72 15.42 -38.18
N GLU A 413 57.23 16.35 -37.36
CA GLU A 413 57.87 16.05 -36.08
C GLU A 413 56.89 16.17 -34.90
N GLY A 414 55.63 16.48 -35.18
CA GLY A 414 54.57 16.59 -34.19
C GLY A 414 54.35 18.03 -33.73
N GLY A 415 53.15 18.29 -33.20
CA GLY A 415 52.76 19.61 -32.72
C GLY A 415 51.60 20.16 -33.53
N LEU A 416 50.80 21.02 -32.88
CA LEU A 416 49.67 21.69 -33.51
C LEU A 416 50.11 22.90 -34.33
N GLN A 417 50.31 22.67 -35.64
CA GLN A 417 50.49 23.72 -36.63
C GLN A 417 49.12 24.30 -36.93
N MSE A 418 48.86 25.56 -36.49
CA MSE A 418 47.55 26.13 -36.76
C MSE A 418 47.68 27.50 -37.42
O MSE A 418 48.52 28.32 -37.05
CB MSE A 418 46.67 26.07 -35.51
CG MSE A 418 46.92 27.07 -34.41
SE MSE A 418 45.53 26.84 -32.98
CE MSE A 418 46.13 25.30 -31.92
N THR A 419 46.85 27.68 -38.46
CA THR A 419 46.84 28.84 -39.32
C THR A 419 45.66 29.71 -38.91
N ALA A 420 45.84 31.04 -38.94
CA ALA A 420 44.83 31.98 -38.46
C ALA A 420 43.69 32.12 -39.46
N LEU A 421 42.47 31.88 -39.00
CA LEU A 421 41.26 32.24 -39.72
C LEU A 421 41.06 33.76 -39.61
N ASP A 422 40.10 34.29 -40.38
CA ASP A 422 39.85 35.73 -40.45
C ASP A 422 39.32 36.33 -39.17
N ALA A 423 38.53 35.55 -38.42
CA ALA A 423 37.80 36.05 -37.28
C ALA A 423 38.70 36.30 -36.08
N ASN A 424 38.50 37.44 -35.40
CA ASN A 424 39.11 37.67 -34.11
C ASN A 424 38.26 37.00 -33.02
N ILE A 425 38.77 37.00 -31.79
CA ILE A 425 38.16 36.23 -30.71
C ILE A 425 36.75 36.65 -30.26
N THR A 426 36.37 37.91 -30.51
CA THR A 426 35.14 38.50 -30.02
C THR A 426 33.93 38.27 -30.94
N GLU A 427 34.15 37.57 -32.05
CA GLU A 427 33.18 37.41 -33.11
C GLU A 427 32.40 36.14 -33.00
N VAL A 428 31.12 36.19 -33.40
CA VAL A 428 30.26 35.02 -33.49
C VAL A 428 30.55 34.39 -34.86
N GLN A 429 31.72 33.73 -34.93
CA GLN A 429 32.29 33.18 -36.15
C GLN A 429 33.19 32.03 -35.72
N PRO A 430 33.61 31.12 -36.63
CA PRO A 430 34.63 30.14 -36.28
C PRO A 430 35.98 30.83 -36.04
N ILE A 431 36.67 30.46 -34.95
CA ILE A 431 38.00 30.99 -34.63
C ILE A 431 39.04 29.87 -34.57
N SER A 432 40.28 30.18 -34.93
CA SER A 432 41.37 29.22 -35.01
C SER A 432 41.96 29.03 -33.62
N ALA A 433 41.29 28.22 -32.81
CA ALA A 433 41.67 27.88 -31.46
C ALA A 433 41.16 26.48 -31.10
N LEU A 434 41.98 25.72 -30.35
CA LEU A 434 41.63 24.39 -29.88
C LEU A 434 41.52 24.44 -28.37
N PHE A 435 40.42 23.86 -27.83
CA PHE A 435 40.00 24.09 -26.47
C PHE A 435 39.80 22.78 -25.70
N HIS A 436 40.06 22.89 -24.40
CA HIS A 436 39.91 21.83 -23.42
C HIS A 436 38.99 22.42 -22.37
N ARG A 437 37.97 21.65 -21.96
CA ARG A 437 37.03 22.08 -20.95
C ARG A 437 37.74 22.31 -19.63
N GLN A 438 37.32 23.36 -18.91
CA GLN A 438 37.75 23.58 -17.54
C GLN A 438 37.03 22.54 -16.68
N GLN A 439 37.78 21.54 -16.20
CA GLN A 439 37.22 20.41 -15.46
C GLN A 439 37.27 20.59 -13.95
N HIS A 440 37.88 21.69 -13.51
CA HIS A 440 38.13 21.97 -12.09
C HIS A 440 37.98 23.44 -11.80
N ILE A 441 37.66 23.75 -10.54
CA ILE A 441 37.61 25.14 -10.08
C ILE A 441 39.03 25.67 -9.96
N LYS A 442 39.92 24.84 -9.41
CA LYS A 442 41.34 25.16 -9.28
C LYS A 442 42.15 24.36 -10.29
N TYR A 443 42.81 25.06 -11.21
CA TYR A 443 43.65 24.40 -12.20
C TYR A 443 44.85 25.27 -12.59
N THR A 444 45.80 24.61 -13.25
CA THR A 444 47.03 25.18 -13.72
C THR A 444 47.25 24.52 -15.05
N ALA A 445 47.56 25.34 -16.07
CA ALA A 445 47.78 24.86 -17.42
C ALA A 445 48.91 25.64 -18.04
N GLN A 446 49.59 25.02 -18.99
CA GLN A 446 50.57 25.70 -19.80
C GLN A 446 50.66 25.13 -21.21
N THR A 447 51.14 25.95 -22.14
CA THR A 447 51.36 25.54 -23.52
C THR A 447 52.71 26.06 -23.96
N THR A 448 53.35 25.31 -24.88
CA THR A 448 54.66 25.61 -25.41
C THR A 448 54.53 25.71 -26.91
N LEU A 449 55.06 26.80 -27.47
CA LEU A 449 54.85 27.12 -28.88
C LEU A 449 56.10 27.68 -29.52
N SER A 450 56.27 27.33 -30.79
CA SER A 450 57.29 27.87 -31.67
C SER A 450 56.59 28.84 -32.59
N TYR A 451 56.91 30.13 -32.43
CA TYR A 451 56.17 31.23 -33.00
C TYR A 451 56.83 31.61 -34.30
N ASN A 452 56.24 31.17 -35.40
CA ASN A 452 56.56 31.68 -36.75
C ASN A 452 56.75 33.22 -36.87
N THR A 453 58.01 33.66 -36.92
CA THR A 453 58.37 35.09 -37.02
C THR A 453 58.08 35.67 -38.39
N LYS A 454 57.99 34.80 -39.39
CA LYS A 454 57.70 35.21 -40.76
C LYS A 454 56.22 35.62 -40.93
N ALA A 455 55.30 34.80 -40.43
CA ALA A 455 53.88 35.11 -40.47
C ALA A 455 53.50 36.32 -39.62
N ALA A 456 54.30 36.60 -38.57
CA ALA A 456 54.13 37.77 -37.70
C ALA A 456 52.77 37.91 -37.01
N GLN A 457 51.95 36.86 -37.08
CA GLN A 457 50.58 36.87 -36.54
C GLN A 457 50.56 36.78 -35.00
N LYS A 458 49.40 36.51 -34.41
CA LYS A 458 49.25 36.35 -32.97
C LYS A 458 49.04 34.88 -32.61
N ALA A 459 49.72 34.42 -31.58
CA ALA A 459 49.65 33.03 -31.13
C ALA A 459 49.79 32.99 -29.62
N GLY A 460 48.87 32.26 -28.96
CA GLY A 460 48.85 32.23 -27.52
C GLY A 460 47.87 31.32 -26.82
N LEU A 461 47.51 31.70 -25.60
CA LEU A 461 46.80 30.88 -24.65
C LEU A 461 45.53 31.60 -24.26
N ILE A 462 44.42 30.86 -24.19
CA ILE A 462 43.08 31.42 -24.04
C ILE A 462 42.29 30.74 -22.92
N CYS A 463 41.64 31.55 -22.08
CA CYS A 463 40.58 31.14 -21.18
C CYS A 463 39.26 31.80 -21.69
N TYR A 464 38.28 30.96 -22.04
CA TYR A 464 37.12 31.35 -22.84
C TYR A 464 35.82 30.85 -22.21
N GLN A 465 34.91 31.78 -21.90
CA GLN A 465 33.53 31.48 -21.54
C GLN A 465 32.65 31.72 -22.78
N ASN A 466 32.68 32.94 -23.29
CA ASN A 466 32.12 33.27 -24.60
C ASN A 466 32.95 34.35 -25.32
N GLU A 467 32.56 34.65 -26.55
CA GLU A 467 33.29 35.58 -27.42
C GLU A 467 33.57 36.95 -26.77
N ALA A 468 32.79 37.32 -25.76
CA ALA A 468 32.92 38.60 -25.05
C ALA A 468 33.23 38.42 -23.57
N CYS A 469 33.59 37.19 -23.19
CA CYS A 469 33.95 36.83 -21.83
C CYS A 469 35.13 35.88 -21.91
N ASN A 470 36.33 36.47 -22.09
CA ASN A 470 37.54 35.70 -22.26
C ASN A 470 38.80 36.46 -21.85
N TYR A 471 39.85 35.69 -21.54
CA TYR A 471 41.19 36.18 -21.27
C TYR A 471 42.15 35.55 -22.28
N VAL A 472 43.00 36.38 -22.89
CA VAL A 472 43.91 35.95 -23.94
C VAL A 472 45.30 36.53 -23.71
N LEU A 473 46.32 35.67 -23.80
CA LEU A 473 47.73 36.03 -23.75
C LEU A 473 48.37 35.54 -25.03
N THR A 474 48.90 36.48 -25.81
CA THR A 474 49.45 36.19 -27.14
C THR A 474 50.84 36.83 -27.31
N VAL A 475 51.73 36.09 -27.98
CA VAL A 475 52.94 36.64 -28.56
C VAL A 475 52.51 37.31 -29.84
N GLN A 476 53.02 38.52 -30.06
CA GLN A 476 52.77 39.30 -31.28
C GLN A 476 54.10 39.90 -31.74
N THR A 477 54.07 40.58 -32.89
CA THR A 477 55.26 41.22 -33.46
C THR A 477 55.02 42.72 -33.62
N GLU A 478 56.07 43.51 -33.33
CA GLU A 478 56.08 44.95 -33.47
C GLU A 478 57.53 45.34 -33.82
N GLY A 479 57.74 45.77 -35.07
CA GLY A 479 59.06 45.92 -35.64
C GLY A 479 59.57 44.53 -36.03
N LYS A 480 60.84 44.27 -35.74
CA LYS A 480 61.43 42.95 -35.89
C LYS A 480 61.68 42.44 -34.48
N GLU A 481 60.62 42.53 -33.67
CA GLU A 481 60.62 42.15 -32.28
C GLU A 481 59.26 41.59 -31.88
N GLN A 482 59.29 40.59 -31.00
CA GLN A 482 58.09 40.01 -30.43
C GLN A 482 57.74 40.64 -29.09
N VAL A 483 56.44 40.67 -28.78
CA VAL A 483 55.90 41.22 -27.55
C VAL A 483 54.86 40.23 -27.02
N LEU A 484 54.57 40.32 -25.72
CA LEU A 484 53.49 39.56 -25.13
C LEU A 484 52.40 40.51 -24.71
N VAL A 485 51.16 40.16 -25.09
CA VAL A 485 49.99 40.98 -24.82
C VAL A 485 48.94 40.14 -24.09
N LEU A 486 48.47 40.67 -22.96
CA LEU A 486 47.39 40.10 -22.18
C LEU A 486 46.16 40.99 -22.38
N GLU A 487 45.06 40.39 -22.87
CA GLU A 487 43.82 41.10 -23.12
C GLU A 487 42.67 40.42 -22.42
N LYS A 488 41.72 41.23 -21.95
CA LYS A 488 40.42 40.76 -21.48
C LYS A 488 39.31 41.38 -22.32
N THR A 489 38.20 40.63 -22.43
CA THR A 489 36.93 41.14 -22.92
C THR A 489 35.88 40.66 -21.94
N VAL A 490 35.10 41.61 -21.39
CA VAL A 490 34.13 41.36 -20.34
C VAL A 490 32.74 41.84 -20.77
N ARG A 491 31.75 40.94 -20.81
CA ARG A 491 30.35 41.29 -21.09
C ARG A 491 29.37 40.51 -20.20
N PRO A 492 28.80 41.13 -19.14
CA PRO A 492 27.75 40.49 -18.36
C PRO A 492 26.47 40.22 -19.17
N GLN A 493 25.71 39.20 -18.75
CA GLN A 493 24.47 38.76 -19.37
C GLN A 493 23.67 39.80 -20.15
N ARG A 494 23.24 40.85 -19.44
CA ARG A 494 22.21 41.77 -19.91
C ARG A 494 22.74 42.96 -20.72
N GLN A 495 24.07 43.05 -20.87
CA GLN A 495 24.73 44.19 -21.50
C GLN A 495 25.06 43.86 -22.95
N LYS A 496 24.86 44.84 -23.83
CA LYS A 496 25.04 44.68 -25.28
C LYS A 496 26.47 45.01 -25.67
N ASP A 497 26.97 46.12 -25.14
CA ASP A 497 28.28 46.65 -25.46
C ASP A 497 29.41 45.92 -24.74
N PHE A 498 30.54 45.79 -25.42
CA PHE A 498 31.77 45.28 -24.83
C PHE A 498 32.96 45.88 -25.55
N LYS A 499 34.12 45.84 -24.88
CA LYS A 499 35.36 46.38 -25.44
C LYS A 499 36.58 45.62 -24.91
N THR A 500 37.38 45.10 -25.83
CA THR A 500 38.62 44.42 -25.49
C THR A 500 39.59 45.44 -24.93
N GLU A 501 40.17 45.12 -23.77
CA GLU A 501 41.16 45.95 -23.09
C GLU A 501 42.47 45.20 -22.95
N ILE A 502 43.59 45.92 -23.09
CA ILE A 502 44.91 45.39 -22.80
C ILE A 502 45.13 45.49 -21.30
N VAL A 503 45.23 44.33 -20.64
CA VAL A 503 45.48 44.26 -19.21
C VAL A 503 46.96 44.53 -18.92
N ALA A 504 47.84 43.90 -19.72
CA ALA A 504 49.28 43.98 -19.56
C ALA A 504 49.98 43.76 -20.91
N LYS A 505 51.25 44.18 -20.98
CA LYS A 505 52.08 44.07 -22.18
C LYS A 505 53.55 44.18 -21.79
N GLU A 506 54.38 43.26 -22.31
CA GLU A 506 55.83 43.24 -22.07
C GLU A 506 56.57 42.80 -23.33
N PRO A 507 57.69 43.47 -23.70
CA PRO A 507 58.53 42.98 -24.79
C PRO A 507 59.34 41.77 -24.36
N ILE A 508 59.73 40.92 -25.33
CA ILE A 508 60.53 39.72 -25.05
C ILE A 508 61.70 39.56 -26.04
N GLY A 509 62.09 40.66 -26.69
CA GLY A 509 63.11 40.69 -27.70
C GLY A 509 62.71 39.87 -28.92
N LYS A 510 63.74 39.40 -29.61
CA LYS A 510 63.61 38.62 -30.84
C LYS A 510 63.54 37.13 -30.55
N LEU A 511 62.32 36.61 -30.48
CA LEU A 511 62.07 35.22 -30.15
C LEU A 511 62.82 34.26 -31.08
N LYS A 512 63.94 33.71 -30.60
CA LYS A 512 64.76 32.74 -31.33
C LYS A 512 64.68 31.34 -30.71
N THR A 513 63.76 31.14 -29.76
CA THR A 513 63.53 29.83 -29.15
C THR A 513 62.04 29.64 -28.89
N PRO A 514 61.57 28.40 -28.62
CA PRO A 514 60.18 28.20 -28.20
C PRO A 514 59.89 28.98 -26.91
N ILE A 515 58.62 29.27 -26.67
CA ILE A 515 58.18 29.97 -25.47
C ILE A 515 57.03 29.19 -24.83
N THR A 516 56.96 29.22 -23.50
CA THR A 516 55.87 28.58 -22.78
C THR A 516 54.99 29.66 -22.16
N LEU A 517 53.67 29.53 -22.35
CA LEU A 517 52.70 30.39 -21.68
C LEU A 517 51.92 29.56 -20.69
N GLY A 518 51.55 30.18 -19.57
CA GLY A 518 50.89 29.50 -18.48
C GLY A 518 49.80 30.34 -17.85
N VAL A 519 48.76 29.67 -17.31
CA VAL A 519 47.74 30.31 -16.52
C VAL A 519 47.40 29.38 -15.38
N THR A 520 47.11 29.98 -14.22
CA THR A 520 46.69 29.24 -13.03
C THR A 520 45.54 30.00 -12.37
N THR A 521 44.56 29.24 -11.87
CA THR A 521 43.43 29.79 -11.16
C THR A 521 43.26 29.09 -9.81
N ASP A 522 43.10 29.90 -8.77
CA ASP A 522 42.84 29.44 -7.42
C ASP A 522 41.35 29.39 -7.09
N GLY A 523 40.50 29.46 -8.13
CA GLY A 523 39.06 29.48 -7.98
C GLY A 523 38.47 30.87 -7.88
N LEU A 524 39.29 31.86 -7.47
CA LEU A 524 38.87 33.25 -7.32
C LEU A 524 39.40 34.16 -8.42
N ASN A 525 40.65 33.94 -8.85
CA ASN A 525 41.30 34.72 -9.92
C ASN A 525 42.17 33.86 -10.83
N TYR A 526 42.43 34.36 -12.04
CA TYR A 526 43.31 33.74 -13.01
C TYR A 526 44.56 34.60 -13.07
N GLN A 527 45.72 33.96 -13.07
CA GLN A 527 47.02 34.63 -13.12
C GLN A 527 47.79 34.01 -14.28
N PHE A 528 48.15 34.86 -15.25
CA PHE A 528 48.90 34.46 -16.42
C PHE A 528 50.41 34.64 -16.18
N SER A 529 51.20 33.91 -16.96
CA SER A 529 52.64 33.95 -16.90
C SER A 529 53.22 33.45 -18.19
N TYR A 530 54.51 33.76 -18.38
CA TYR A 530 55.30 33.27 -19.50
C TYR A 530 56.65 32.82 -18.97
N THR A 531 57.25 31.83 -19.65
CA THR A 531 58.52 31.25 -19.25
C THR A 531 59.41 31.19 -20.47
N LEU A 532 60.43 32.05 -20.49
CA LEU A 532 61.35 32.15 -21.59
C LEU A 532 62.68 31.60 -21.09
N ASN A 533 63.79 32.03 -21.69
CA ASN A 533 65.13 31.47 -21.45
C ASN A 533 65.42 31.15 -19.97
N GLY A 534 64.74 30.11 -19.49
CA GLY A 534 64.89 29.58 -18.15
C GLY A 534 63.73 29.93 -17.22
N GLU A 535 63.53 31.25 -17.05
CA GLU A 535 62.82 31.84 -15.92
C GLU A 535 61.33 32.14 -16.20
N LYS A 536 60.52 32.00 -15.15
CA LYS A 536 59.06 32.18 -15.21
C LYS A 536 58.65 33.48 -14.52
N LYS A 537 57.90 34.33 -15.24
CA LYS A 537 57.44 35.61 -14.75
C LYS A 537 55.94 35.76 -14.96
N ASN A 538 55.27 36.29 -13.94
CA ASN A 538 53.88 36.71 -14.03
C ASN A 538 53.75 37.88 -14.98
N ILE A 539 52.70 37.86 -15.80
CA ILE A 539 52.29 38.99 -16.64
C ILE A 539 50.84 39.31 -16.33
N GLY A 540 50.57 40.57 -15.98
CA GLY A 540 49.28 40.98 -15.46
C GLY A 540 49.12 40.49 -14.04
N GLY A 541 48.10 41.02 -13.35
CA GLY A 541 47.79 40.65 -11.99
C GLY A 541 46.70 39.59 -11.95
N PRO A 542 46.06 39.36 -10.79
CA PRO A 542 44.90 38.46 -10.72
C PRO A 542 43.68 39.01 -11.50
N LEU A 543 43.14 38.19 -12.40
CA LEU A 543 41.95 38.50 -13.19
C LEU A 543 40.73 37.76 -12.68
N ASP A 544 39.71 38.52 -12.27
CA ASP A 544 38.48 37.99 -11.65
C ASP A 544 37.98 36.76 -12.39
N ALA A 545 37.82 35.67 -11.66
CA ALA A 545 37.35 34.39 -12.20
C ALA A 545 35.86 34.42 -12.54
N ALA A 546 35.12 35.31 -11.87
CA ALA A 546 33.66 35.43 -12.05
C ALA A 546 33.29 35.74 -13.51
N VAL A 547 34.16 36.51 -14.20
CA VAL A 547 33.99 36.88 -15.60
C VAL A 547 33.72 35.68 -16.54
N LEU A 548 34.29 34.51 -16.22
CA LEU A 548 34.14 33.29 -17.03
C LEU A 548 33.08 32.31 -16.49
N SER A 549 32.29 32.78 -15.52
CA SER A 549 31.20 32.01 -14.97
C SER A 549 29.92 32.16 -15.79
N THR A 550 29.15 31.07 -15.83
CA THR A 550 27.75 31.06 -16.22
C THR A 550 26.98 32.16 -15.50
N ASN A 551 27.23 32.30 -14.20
CA ASN A 551 26.55 33.28 -13.35
C ASN A 551 26.64 34.69 -13.89
N PHE A 552 27.82 35.05 -14.41
CA PHE A 552 28.12 36.40 -14.87
C PHE A 552 27.71 36.64 -16.34
N ALA A 553 28.03 35.67 -17.23
CA ALA A 553 27.86 35.79 -18.66
C ALA A 553 26.58 35.15 -19.18
N GLY A 554 25.87 34.43 -18.32
CA GLY A 554 24.70 33.66 -18.73
C GLY A 554 25.13 32.51 -19.59
N GLY A 555 24.16 31.75 -20.09
CA GLY A 555 24.42 30.65 -20.99
C GLY A 555 24.21 29.30 -20.35
N PHE A 556 24.66 28.28 -21.07
CA PHE A 556 24.55 26.88 -20.70
C PHE A 556 25.88 26.13 -20.74
N THR A 557 26.99 26.88 -20.71
CA THR A 557 28.32 26.28 -20.90
C THR A 557 29.37 26.63 -19.84
N GLY A 558 30.35 25.73 -19.70
CA GLY A 558 31.49 25.95 -18.83
C GLY A 558 32.65 26.62 -19.58
N ALA A 559 33.57 27.21 -18.81
CA ALA A 559 34.78 27.81 -19.36
C ALA A 559 35.65 26.78 -20.05
N LEU A 560 36.52 27.28 -20.93
CA LEU A 560 37.43 26.48 -21.73
C LEU A 560 38.82 27.07 -21.58
N VAL A 561 39.85 26.23 -21.79
CA VAL A 561 41.22 26.68 -21.84
C VAL A 561 41.83 26.02 -23.08
N GLY A 562 42.64 26.79 -23.81
CA GLY A 562 43.22 26.28 -25.02
C GLY A 562 44.24 27.22 -25.65
N MSE A 563 44.70 26.85 -26.85
CA MSE A 563 45.63 27.64 -27.61
C MSE A 563 44.94 28.11 -28.89
O MSE A 563 44.06 27.46 -29.41
CB MSE A 563 46.93 26.84 -27.85
CG MSE A 563 46.78 25.53 -28.56
SE MSE A 563 47.74 23.99 -27.74
CE MSE A 563 46.28 22.74 -27.41
N GLY A 564 45.33 29.30 -29.37
CA GLY A 564 44.75 29.86 -30.58
C GLY A 564 45.65 30.83 -31.30
N VAL A 565 45.23 31.20 -32.51
CA VAL A 565 45.96 32.11 -33.38
C VAL A 565 44.98 33.09 -34.04
N PHE A 566 45.44 34.34 -34.21
CA PHE A 566 44.61 35.45 -34.65
C PHE A 566 45.41 36.40 -35.54
N LYS A 567 44.69 37.39 -36.10
CA LYS A 567 45.15 38.39 -37.07
C LYS A 567 45.17 37.69 -38.41
N VAL B 25 12.36 -11.39 53.40
CA VAL B 25 12.80 -12.61 54.16
C VAL B 25 14.05 -13.21 53.53
N PRO B 26 15.20 -13.24 54.24
CA PRO B 26 16.44 -13.80 53.66
C PRO B 26 16.37 -15.29 53.35
N ALA B 27 17.18 -15.73 52.39
CA ALA B 27 17.18 -17.12 51.93
C ALA B 27 18.01 -18.01 52.85
N ALA B 28 19.03 -17.42 53.49
CA ALA B 28 19.92 -18.13 54.40
C ALA B 28 20.78 -17.18 55.21
N THR B 29 21.35 -17.71 56.29
CA THR B 29 22.37 -17.05 57.09
C THR B 29 23.63 -17.91 57.11
N PHE B 30 24.70 -17.41 56.48
CA PHE B 30 26.00 -18.09 56.43
C PHE B 30 26.78 -17.70 57.66
N THR B 31 26.99 -18.68 58.55
CA THR B 31 27.59 -18.48 59.87
C THR B 31 29.12 -18.56 59.83
N ASN B 32 29.66 -19.18 58.78
CA ASN B 32 31.09 -19.35 58.56
C ASN B 32 31.48 -19.41 57.09
N PHE B 33 32.66 -18.86 56.77
CA PHE B 33 33.39 -19.21 55.57
C PHE B 33 34.86 -19.46 55.94
N THR B 34 35.41 -20.57 55.44
CA THR B 34 36.81 -20.92 55.65
C THR B 34 37.46 -21.15 54.30
N TYR B 35 38.61 -20.51 54.10
CA TYR B 35 39.42 -20.69 52.90
C TYR B 35 40.84 -21.09 53.31
N THR B 36 41.32 -22.21 52.76
CA THR B 36 42.65 -22.75 53.04
C THR B 36 43.43 -22.96 51.75
N GLY B 37 44.54 -22.22 51.60
CA GLY B 37 45.47 -22.38 50.51
C GLY B 37 46.43 -23.50 50.80
N GLU B 38 46.76 -24.30 49.77
CA GLU B 38 47.52 -25.56 49.92
C GLU B 38 48.40 -25.78 48.68
N ASP B 39 49.14 -24.74 48.28
CA ASP B 39 50.03 -24.83 47.12
C ASP B 39 51.35 -25.53 47.46
N ASP B 40 51.80 -26.36 46.51
CA ASP B 40 53.03 -27.09 46.56
C ASP B 40 54.26 -26.20 46.77
N ILE B 41 54.31 -25.09 46.03
CA ILE B 41 55.49 -24.24 45.95
C ILE B 41 55.92 -23.69 47.34
N TYR B 42 54.93 -23.35 48.17
CA TYR B 42 55.19 -22.77 49.48
C TYR B 42 55.61 -23.87 50.48
N ALA B 43 54.96 -25.04 50.36
CA ALA B 43 55.25 -26.20 51.18
C ALA B 43 56.68 -26.74 50.95
N LYS B 44 57.12 -26.69 49.69
CA LYS B 44 58.44 -27.13 49.27
C LYS B 44 59.56 -26.10 49.48
N ASN B 45 59.21 -24.85 49.76
CA ASN B 45 60.17 -23.78 49.94
C ASN B 45 59.81 -23.00 51.20
N PRO B 46 60.02 -23.56 52.41
CA PRO B 46 59.83 -22.80 53.65
C PRO B 46 60.76 -21.58 53.73
N LEU B 47 60.26 -20.53 54.40
CA LEU B 47 60.97 -19.26 54.53
C LEU B 47 62.10 -19.33 55.57
N LYS B 48 63.25 -18.73 55.22
CA LYS B 48 64.27 -18.36 56.20
C LYS B 48 63.83 -17.06 56.87
N PRO B 49 64.37 -16.72 58.06
CA PRO B 49 63.91 -15.54 58.81
C PRO B 49 63.90 -14.22 58.04
N ASN B 50 64.72 -14.10 57.00
CA ASN B 50 64.87 -12.82 56.27
C ASN B 50 64.28 -12.91 54.87
N GLU B 51 63.38 -13.86 54.65
CA GLU B 51 62.81 -14.03 53.30
C GLU B 51 61.31 -13.70 53.33
N PHE B 52 60.70 -13.69 52.15
CA PHE B 52 59.25 -13.45 51.95
C PHE B 52 58.87 -14.00 50.59
N TYR B 53 57.61 -14.38 50.44
CA TYR B 53 57.06 -14.90 49.21
C TYR B 53 56.59 -13.77 48.29
N SER B 54 56.91 -14.01 47.03
CA SER B 54 56.55 -13.23 45.84
C SER B 54 55.97 -14.19 44.79
N PRO B 55 54.56 -13.84 44.45
CA PRO B 55 53.78 -12.61 44.59
C PRO B 55 53.33 -12.20 45.99
N ILE B 56 53.40 -10.90 46.26
CA ILE B 56 53.03 -10.32 47.59
C ILE B 56 51.53 -10.28 47.74
N LEU B 57 50.82 -10.23 46.62
CA LEU B 57 49.35 -10.34 46.61
C LEU B 57 49.00 -11.51 45.72
N GLN B 58 48.50 -12.58 46.34
CA GLN B 58 48.11 -13.81 45.66
C GLN B 58 46.68 -13.62 45.17
N GLY B 59 46.36 -14.27 44.05
CA GLY B 59 45.05 -14.16 43.42
C GLY B 59 44.94 -12.91 42.55
N CYS B 60 43.74 -12.68 42.01
CA CYS B 60 43.52 -11.60 41.05
C CYS B 60 43.78 -10.22 41.66
N TYR B 61 45.01 -9.72 41.41
CA TYR B 61 45.41 -8.37 41.77
C TYR B 61 46.33 -7.88 40.65
N PRO B 62 45.77 -7.60 39.45
CA PRO B 62 46.58 -7.23 38.28
C PRO B 62 46.95 -5.75 38.24
N ASP B 63 47.78 -5.41 37.25
CA ASP B 63 48.15 -4.03 36.93
C ASP B 63 48.49 -3.24 38.20
N PRO B 64 49.52 -3.65 38.97
CA PRO B 64 49.81 -3.01 40.25
C PRO B 64 50.44 -1.64 40.06
N SER B 65 49.98 -0.68 40.85
CA SER B 65 50.51 0.67 40.87
C SER B 65 50.80 1.05 42.31
N ILE B 66 51.89 1.78 42.50
CA ILE B 66 52.32 2.13 43.87
C ILE B 66 52.88 3.56 43.91
N CYS B 67 52.69 4.20 45.04
CA CYS B 67 53.19 5.53 45.32
C CYS B 67 53.65 5.61 46.79
N ARG B 68 54.40 6.66 47.10
CA ARG B 68 54.92 6.90 48.45
C ARG B 68 54.66 8.35 48.89
N LYS B 69 54.21 8.48 50.14
CA LYS B 69 54.19 9.74 50.88
C LYS B 69 54.87 9.51 52.23
N GLY B 70 56.03 10.14 52.43
CA GLY B 70 56.82 10.00 53.64
C GLY B 70 57.21 8.56 53.92
N ASP B 71 56.84 8.07 55.10
CA ASP B 71 57.09 6.67 55.51
C ASP B 71 56.05 5.68 54.96
N ASP B 72 54.99 6.20 54.32
CA ASP B 72 53.83 5.39 53.91
C ASP B 72 53.78 5.07 52.42
N TYR B 73 53.56 3.78 52.11
CA TYR B 73 53.39 3.28 50.76
C TYR B 73 51.92 2.91 50.56
N TYR B 74 51.43 3.12 49.33
CA TYR B 74 50.09 2.74 48.93
C TYR B 74 50.14 2.01 47.60
N LEU B 75 49.38 0.92 47.49
CA LEU B 75 49.43 0.03 46.35
C LEU B 75 48.01 -0.32 45.95
N VAL B 76 47.73 -0.28 44.64
CA VAL B 76 46.39 -0.53 44.11
C VAL B 76 46.42 -1.40 42.86
N ASN B 77 45.26 -1.98 42.53
CA ASN B 77 45.10 -2.98 41.48
C ASN B 77 43.79 -2.75 40.67
N SER B 78 43.77 -3.26 39.44
CA SER B 78 42.58 -3.33 38.63
C SER B 78 41.63 -4.39 39.20
N SER B 79 40.34 -4.27 38.87
CA SER B 79 39.29 -5.12 39.44
C SER B 79 38.12 -5.44 38.55
N PHE B 80 38.04 -4.77 37.38
CA PHE B 80 37.06 -5.11 36.34
C PHE B 80 35.62 -4.95 36.88
N ALA B 81 34.80 -6.00 36.87
CA ALA B 81 33.38 -5.90 37.28
C ALA B 81 33.07 -6.11 38.76
N MSE B 82 34.11 -6.29 39.58
CA MSE B 82 33.92 -6.56 41.00
C MSE B 82 33.60 -5.24 41.70
O MSE B 82 34.05 -4.18 41.26
CB MSE B 82 35.18 -7.21 41.59
CG MSE B 82 35.54 -8.56 40.96
SE MSE B 82 37.26 -9.27 41.71
CE MSE B 82 37.89 -10.88 40.81
N PHE B 83 32.81 -5.31 42.77
CA PHE B 83 32.48 -4.13 43.57
C PHE B 83 32.58 -4.46 45.07
N PRO B 84 33.25 -3.62 45.89
CA PRO B 84 33.93 -2.41 45.42
C PRO B 84 35.14 -2.71 44.56
N GLY B 85 35.62 -1.70 43.84
CA GLY B 85 36.71 -1.85 42.89
C GLY B 85 37.97 -1.16 43.38
N VAL B 86 39.10 -1.55 42.80
CA VAL B 86 40.44 -1.02 43.10
C VAL B 86 40.76 -1.15 44.58
N PRO B 87 41.23 -2.34 45.05
CA PRO B 87 41.62 -2.49 46.45
C PRO B 87 42.89 -1.70 46.69
N ILE B 88 43.02 -1.10 47.88
CA ILE B 88 44.18 -0.29 48.21
C ILE B 88 44.86 -0.79 49.50
N PHE B 89 46.16 -1.06 49.39
CA PHE B 89 46.98 -1.60 50.48
C PHE B 89 47.97 -0.57 50.98
N HIS B 90 48.19 -0.55 52.29
CA HIS B 90 49.16 0.34 52.94
C HIS B 90 50.27 -0.46 53.63
N SER B 91 51.50 0.05 53.57
CA SER B 91 52.69 -0.57 54.16
C SER B 91 53.79 0.46 54.41
N THR B 92 54.54 0.27 55.50
CA THR B 92 55.69 1.11 55.81
C THR B 92 57.02 0.45 55.42
N ASP B 93 56.96 -0.82 54.99
CA ASP B 93 58.15 -1.62 54.72
C ASP B 93 58.16 -2.43 53.40
N LEU B 94 57.06 -2.36 52.65
CA LEU B 94 56.81 -3.01 51.32
C LEU B 94 56.66 -4.53 51.38
N ILE B 95 56.72 -5.12 52.57
CA ILE B 95 56.52 -6.59 52.74
C ILE B 95 55.22 -6.83 53.49
N ASN B 96 54.98 -6.06 54.54
CA ASN B 96 53.77 -6.24 55.37
C ASN B 96 52.70 -5.24 54.94
N TRP B 97 51.61 -5.73 54.36
CA TRP B 97 50.54 -4.86 53.85
C TRP B 97 49.22 -5.06 54.58
N VAL B 98 48.54 -3.96 54.81
CA VAL B 98 47.18 -3.91 55.34
C VAL B 98 46.29 -3.30 54.24
N GLN B 99 45.20 -4.00 53.90
CA GLN B 99 44.17 -3.45 53.03
C GLN B 99 43.39 -2.42 53.82
N ILE B 100 43.47 -1.14 53.39
CA ILE B 100 42.80 -0.02 54.06
C ILE B 100 41.43 0.29 53.45
N GLY B 101 41.12 -0.38 52.33
CA GLY B 101 39.81 -0.32 51.72
C GLY B 101 39.87 -0.60 50.24
N ASN B 102 38.90 -0.02 49.52
CA ASN B 102 38.84 -0.08 48.07
C ASN B 102 38.51 1.34 47.60
N VAL B 103 39.30 1.87 46.68
CA VAL B 103 39.23 3.28 46.30
C VAL B 103 37.87 3.66 45.71
N LEU B 104 37.33 2.79 44.85
CA LEU B 104 36.02 3.00 44.24
C LEU B 104 35.01 2.13 44.99
N ASP B 105 34.44 2.70 46.06
CA ASP B 105 33.51 1.99 46.94
C ASP B 105 32.10 2.58 47.06
N ARG B 106 31.83 3.66 46.31
CA ARG B 106 30.49 4.22 46.18
C ARG B 106 29.99 3.97 44.76
N THR B 107 28.66 3.79 44.64
CA THR B 107 28.00 3.62 43.36
C THR B 107 28.16 4.84 42.45
N SER B 108 28.34 6.02 43.07
CA SER B 108 28.63 7.26 42.33
C SER B 108 30.00 7.28 41.65
N GLN B 109 30.90 6.39 42.08
CA GLN B 109 32.22 6.24 41.48
C GLN B 109 32.25 5.10 40.47
N LEU B 110 31.40 4.09 40.70
CA LEU B 110 31.42 2.82 39.95
C LEU B 110 30.10 2.08 40.15
N ASP B 111 29.42 1.83 39.03
CA ASP B 111 28.09 1.20 39.02
C ASP B 111 28.08 0.12 37.95
N PRO B 112 28.58 -1.10 38.28
CA PRO B 112 28.81 -2.12 37.27
C PRO B 112 27.64 -3.07 37.01
N THR B 113 26.41 -2.61 37.29
CA THR B 113 25.17 -3.35 37.09
C THR B 113 25.22 -4.29 35.88
N THR B 114 25.54 -3.74 34.70
CA THR B 114 25.56 -4.50 33.43
C THR B 114 26.95 -4.55 32.76
N CYS B 115 28.00 -4.41 33.58
CA CYS B 115 29.39 -4.44 33.14
C CYS B 115 29.78 -5.83 32.64
N GLY B 116 30.48 -5.87 31.49
CA GLY B 116 31.08 -7.08 30.99
C GLY B 116 32.22 -7.55 31.90
N ILE B 117 32.34 -8.88 32.03
CA ILE B 117 33.28 -9.52 32.94
C ILE B 117 34.72 -9.07 32.73
N SER B 118 35.09 -8.75 31.47
CA SER B 118 36.40 -8.26 31.12
C SER B 118 36.36 -6.79 30.67
N ALA B 119 35.45 -6.02 31.28
CA ALA B 119 35.37 -4.58 31.11
C ALA B 119 35.60 -3.94 32.49
N GLY B 120 34.85 -2.89 32.83
CA GLY B 120 34.92 -2.24 34.11
C GLY B 120 36.26 -1.52 34.31
N ILE B 121 36.85 -1.71 35.50
CA ILE B 121 38.05 -0.98 35.91
C ILE B 121 39.34 -1.64 35.41
N TYR B 122 39.97 -0.97 34.44
CA TYR B 122 41.26 -1.42 33.87
C TYR B 122 42.45 -0.94 34.76
N ALA B 123 43.66 -1.05 34.22
CA ALA B 123 44.89 -0.71 34.96
C ALA B 123 44.77 0.58 35.75
N PRO B 124 44.96 0.55 37.09
CA PRO B 124 45.02 1.76 37.90
C PRO B 124 46.43 2.36 37.93
N ALA B 125 46.51 3.68 38.12
CA ALA B 125 47.75 4.36 38.47
C ALA B 125 47.51 5.32 39.64
N ILE B 126 48.09 5.01 40.81
CA ILE B 126 48.00 5.87 41.99
C ILE B 126 49.25 6.76 42.07
N HIS B 127 49.11 7.96 42.65
CA HIS B 127 50.17 8.96 42.69
C HIS B 127 49.99 9.84 43.88
N TYR B 128 51.11 10.36 44.40
CA TYR B 128 51.09 11.41 45.40
C TYR B 128 51.80 12.64 44.85
N ASN B 129 51.07 13.76 44.81
CA ASN B 129 51.59 15.04 44.40
C ASN B 129 52.05 15.79 45.65
N LYS B 130 53.37 15.86 45.84
CA LYS B 130 53.97 16.51 46.99
C LYS B 130 53.84 18.02 46.94
N TYR B 131 53.60 18.57 45.74
CA TYR B 131 53.49 20.00 45.52
C TYR B 131 52.15 20.57 46.00
N ASN B 132 51.08 19.76 45.93
CA ASN B 132 49.77 20.12 46.48
C ASN B 132 49.26 19.09 47.52
N ASP B 133 50.17 18.28 48.05
CA ASP B 133 49.89 17.32 49.11
C ASP B 133 48.56 16.57 48.88
N THR B 134 48.40 16.02 47.67
CA THR B 134 47.15 15.42 47.22
C THR B 134 47.41 14.10 46.52
N PHE B 135 46.54 13.13 46.78
CA PHE B 135 46.56 11.81 46.14
C PHE B 135 45.64 11.78 44.92
N TYR B 136 45.97 10.90 43.96
CA TYR B 136 45.29 10.75 42.68
C TYR B 136 45.20 9.26 42.34
N MSE B 137 43.99 8.78 42.06
CA MSE B 137 43.79 7.46 41.49
C MSE B 137 43.17 7.62 40.11
O MSE B 137 42.02 8.02 39.99
CB MSE B 137 42.91 6.61 42.41
CG MSE B 137 43.04 5.12 42.20
SE MSE B 137 42.29 4.53 40.50
CE MSE B 137 43.87 4.14 39.52
N ILE B 138 43.95 7.32 39.06
CA ILE B 138 43.51 7.51 37.68
C ILE B 138 43.45 6.17 36.92
N THR B 139 42.34 5.94 36.20
CA THR B 139 42.07 4.69 35.51
C THR B 139 41.07 4.85 34.34
N THR B 140 40.80 3.75 33.65
CA THR B 140 39.76 3.66 32.65
C THR B 140 38.62 2.80 33.18
N GLU B 141 37.41 3.35 33.17
CA GLU B 141 36.22 2.69 33.70
C GLU B 141 35.26 2.41 32.53
N PHE B 142 35.36 1.21 31.96
CA PHE B 142 34.54 0.73 30.85
C PHE B 142 33.24 0.17 31.39
N CYS B 143 32.48 1.04 32.05
CA CYS B 143 31.12 0.81 32.52
C CYS B 143 30.66 2.13 33.13
N ALA B 144 29.41 2.17 33.61
CA ALA B 144 28.86 3.37 34.24
C ALA B 144 29.55 3.65 35.58
N PRO B 145 29.59 4.92 36.08
CA PRO B 145 29.03 6.08 35.39
C PRO B 145 29.88 6.72 34.27
N CYS B 146 31.17 6.40 34.20
CA CYS B 146 32.13 7.15 33.40
C CYS B 146 32.30 6.68 31.95
N GLY B 147 32.31 5.36 31.73
CA GLY B 147 32.51 4.81 30.41
C GLY B 147 33.74 5.40 29.75
N GLY B 148 34.87 5.40 30.47
CA GLY B 148 36.14 5.88 29.96
C GLY B 148 37.07 6.38 31.03
N ASN B 149 38.12 7.08 30.58
CA ASN B 149 39.21 7.57 31.41
C ASN B 149 38.73 8.57 32.45
N MSE B 150 39.20 8.40 33.69
CA MSE B 150 38.70 9.17 34.82
C MSE B 150 39.71 9.15 35.96
O MSE B 150 40.52 8.23 36.05
CB MSE B 150 37.36 8.59 35.31
CG MSE B 150 37.44 7.18 35.86
SE MSE B 150 37.78 7.22 37.81
CE MSE B 150 36.37 6.16 38.65
N VAL B 151 39.64 10.16 36.83
CA VAL B 151 40.51 10.28 37.98
C VAL B 151 39.71 10.64 39.23
N VAL B 152 40.13 10.09 40.38
CA VAL B 152 39.57 10.44 41.69
C VAL B 152 40.70 10.89 42.62
N LYS B 153 40.35 11.73 43.61
CA LYS B 153 41.32 12.41 44.46
C LYS B 153 40.99 12.32 45.93
N THR B 154 42.01 12.52 46.76
CA THR B 154 41.87 12.55 48.22
C THR B 154 43.10 13.16 48.88
N LYS B 155 42.88 13.74 50.08
CA LYS B 155 43.97 14.18 50.95
C LYS B 155 44.49 13.07 51.87
N ASP B 156 43.73 11.98 52.02
CA ASP B 156 43.99 10.92 52.98
C ASP B 156 43.17 9.68 52.58
N PRO B 157 43.81 8.65 51.98
CA PRO B 157 43.10 7.43 51.58
C PRO B 157 42.18 6.78 52.63
N ARG B 158 42.49 6.96 53.90
CA ARG B 158 41.68 6.41 54.99
C ARG B 158 40.30 7.06 55.10
N GLN B 159 40.13 8.25 54.54
CA GLN B 159 38.84 8.96 54.51
C GLN B 159 38.01 8.71 53.24
N GLY B 160 38.57 7.96 52.29
CA GLY B 160 37.95 7.71 51.00
C GLY B 160 38.31 8.76 49.95
N TRP B 161 37.75 8.60 48.75
CA TRP B 161 38.10 9.41 47.59
C TRP B 161 36.89 10.13 46.99
N SER B 162 37.15 11.18 46.21
CA SER B 162 36.12 11.98 45.55
C SER B 162 35.37 11.16 44.51
N ASP B 163 34.31 11.77 43.97
CA ASP B 163 33.63 11.25 42.80
C ASP B 163 34.53 11.47 41.58
N PRO B 164 34.31 10.74 40.46
CA PRO B 164 35.22 10.80 39.32
C PRO B 164 35.24 12.17 38.61
N PHE B 165 36.39 12.52 38.03
CA PHE B 165 36.53 13.60 37.07
C PHE B 165 36.69 12.88 35.74
N ASN B 166 35.75 13.10 34.81
CA ASN B 166 35.81 12.48 33.49
C ASN B 166 36.89 13.17 32.65
N LEU B 167 37.81 12.37 32.09
CA LEU B 167 38.91 12.89 31.29
C LEU B 167 38.69 12.62 29.79
N HIS B 168 39.04 13.61 28.97
CA HIS B 168 38.65 13.66 27.56
C HIS B 168 39.74 13.15 26.60
N PHE B 169 40.07 11.87 26.73
CA PHE B 169 40.97 11.18 25.80
C PHE B 169 40.62 9.71 25.80
N GLY B 170 40.94 9.03 24.69
CA GLY B 170 40.67 7.62 24.54
C GLY B 170 41.83 6.73 24.98
N GLY B 171 41.74 5.44 24.68
CA GLY B 171 42.74 4.46 25.05
C GLY B 171 42.68 4.13 26.53
N ILE B 172 43.72 3.43 27.01
CA ILE B 172 43.79 2.94 28.40
C ILE B 172 45.12 3.28 29.07
N ASP B 173 45.21 2.89 30.33
CA ASP B 173 46.43 2.99 31.16
C ASP B 173 46.87 4.44 31.33
N PRO B 174 45.96 5.33 31.77
CA PRO B 174 46.35 6.69 32.14
C PRO B 174 47.31 6.71 33.33
N SER B 175 48.16 7.75 33.39
CA SER B 175 49.12 7.92 34.48
C SER B 175 49.62 9.36 34.47
N LEU B 176 49.55 10.01 35.63
CA LEU B 176 49.94 11.40 35.80
C LEU B 176 51.38 11.48 36.30
N PHE B 177 52.03 12.62 36.00
CA PHE B 177 53.35 12.95 36.48
C PHE B 177 53.41 14.44 36.77
N PHE B 178 53.97 14.80 37.93
CA PHE B 178 54.04 16.17 38.39
C PHE B 178 55.48 16.68 38.42
N ASP B 179 55.82 17.53 37.45
CA ASP B 179 57.18 18.05 37.27
C ASP B 179 57.54 19.09 38.35
N ASP B 180 58.75 19.66 38.26
CA ASP B 180 59.30 20.56 39.29
C ASP B 180 59.08 22.06 39.01
N ASN B 181 58.31 22.37 37.95
CA ASN B 181 57.99 23.74 37.58
C ASN B 181 56.49 23.98 37.65
N GLY B 182 55.76 23.23 38.47
CA GLY B 182 54.33 23.43 38.59
C GLY B 182 53.49 22.88 37.44
N LYS B 183 54.15 22.37 36.40
CA LYS B 183 53.47 21.74 35.30
C LYS B 183 53.19 20.27 35.59
N ALA B 184 52.00 19.82 35.20
CA ALA B 184 51.57 18.44 35.34
C ALA B 184 51.29 17.84 33.97
N TYR B 185 51.52 16.54 33.86
CA TYR B 185 51.37 15.82 32.61
C TYR B 185 50.60 14.53 32.81
N LEU B 186 50.12 13.98 31.69
CA LEU B 186 49.34 12.76 31.69
C LEU B 186 49.76 11.96 30.49
N VAL B 187 50.13 10.70 30.72
CA VAL B 187 50.53 9.80 29.66
C VAL B 187 49.55 8.64 29.62
N HIS B 188 49.30 8.13 28.42
CA HIS B 188 48.41 7.00 28.25
C HIS B 188 48.68 6.27 26.96
N ASN B 189 48.13 5.04 26.87
CA ASN B 189 48.13 4.25 25.65
C ASN B 189 46.98 4.75 24.77
N ASP B 190 47.16 4.68 23.45
CA ASP B 190 46.15 5.07 22.49
C ASP B 190 46.32 4.25 21.21
N ALA B 191 45.35 4.38 20.30
CA ALA B 191 45.44 3.76 18.99
C ALA B 191 46.07 4.76 18.03
N PRO B 192 46.88 4.30 17.05
CA PRO B 192 47.50 5.22 16.08
C PRO B 192 46.49 5.61 15.02
N GLU B 193 46.67 6.81 14.44
CA GLU B 193 45.83 7.26 13.30
C GLU B 193 45.95 6.27 12.15
N LYS B 194 47.21 5.88 11.85
CA LYS B 194 47.56 5.00 10.74
C LYS B 194 48.17 3.67 11.22
N PRO B 195 47.36 2.67 11.63
CA PRO B 195 47.86 1.34 11.96
C PRO B 195 48.76 0.71 10.89
N LEU B 196 49.96 0.29 11.29
CA LEU B 196 50.99 -0.26 10.40
C LEU B 196 51.00 -1.80 10.38
N TYR B 197 50.39 -2.43 11.39
CA TYR B 197 50.36 -3.90 11.51
C TYR B 197 49.20 -4.42 12.36
N GLY B 198 48.02 -3.82 12.19
CA GLY B 198 46.79 -4.31 12.78
C GLY B 198 46.52 -3.69 14.14
N PRO B 199 45.50 -4.19 14.86
CA PRO B 199 45.18 -3.66 16.19
C PRO B 199 46.28 -3.71 17.27
N ASN B 200 47.29 -4.57 17.11
CA ASN B 200 48.38 -4.64 18.10
C ASN B 200 49.27 -3.41 18.09
N HIS B 201 49.30 -2.71 16.96
CA HIS B 201 50.00 -1.43 16.88
C HIS B 201 49.29 -0.41 17.78
N ARG B 202 50.02 0.06 18.80
CA ARG B 202 49.55 1.05 19.74
C ARG B 202 50.59 2.14 19.95
N CYS B 203 50.20 3.18 20.71
CA CYS B 203 51.00 4.38 20.91
C CYS B 203 50.97 4.80 22.35
N ILE B 204 52.05 5.48 22.78
CA ILE B 204 52.07 6.22 24.02
C ILE B 204 51.94 7.71 23.69
N LYS B 205 50.96 8.34 24.31
CA LYS B 205 50.64 9.75 24.05
C LYS B 205 50.72 10.50 25.38
N ILE B 206 51.24 11.72 25.37
CA ILE B 206 51.36 12.52 26.60
C ILE B 206 50.57 13.80 26.40
N TRP B 207 50.07 14.36 27.49
CA TRP B 207 49.27 15.59 27.51
C TRP B 207 49.70 16.41 28.72
N GLU B 208 49.72 17.73 28.57
CA GLU B 208 49.82 18.62 29.70
C GLU B 208 48.48 18.53 30.44
N TYR B 209 48.53 18.64 31.77
CA TYR B 209 47.37 18.45 32.64
C TYR B 209 47.13 19.72 33.44
N ASP B 210 45.85 20.09 33.55
CA ASP B 210 45.43 21.28 34.26
C ASP B 210 44.99 20.85 35.66
N LEU B 211 45.75 21.28 36.68
CA LEU B 211 45.52 20.87 38.05
C LEU B 211 44.24 21.49 38.61
N GLU B 212 43.96 22.73 38.23
CA GLU B 212 42.74 23.43 38.66
C GLU B 212 41.50 22.70 38.16
N LYS B 213 41.46 22.41 36.86
CA LYS B 213 40.30 21.82 36.19
C LYS B 213 40.26 20.30 36.20
N ASP B 214 41.38 19.65 36.52
CA ASP B 214 41.53 18.19 36.46
C ASP B 214 41.06 17.68 35.09
N GLN B 215 41.74 18.17 34.06
CA GLN B 215 41.44 17.85 32.66
C GLN B 215 42.70 18.15 31.84
N ILE B 216 42.91 17.37 30.77
CA ILE B 216 44.00 17.62 29.83
C ILE B 216 43.78 18.96 29.13
N ILE B 217 44.89 19.62 28.73
CA ILE B 217 44.83 20.85 27.95
C ILE B 217 44.78 20.48 26.47
N PRO B 218 43.68 20.82 25.76
CA PRO B 218 43.60 20.60 24.30
C PRO B 218 44.74 21.23 23.52
N GLY B 219 45.24 20.51 22.52
CA GLY B 219 46.35 20.98 21.67
C GLY B 219 47.70 20.57 22.21
N THR B 220 47.76 20.17 23.47
CA THR B 220 49.05 19.78 24.10
C THR B 220 49.24 18.27 24.09
N ASP B 221 48.81 17.62 23.01
CA ASP B 221 48.95 16.14 22.92
C ASP B 221 50.10 15.82 21.95
N LYS B 222 50.85 14.76 22.27
CA LYS B 222 51.97 14.35 21.41
C LYS B 222 52.27 12.87 21.56
N VAL B 223 52.43 12.18 20.43
CA VAL B 223 52.86 10.78 20.48
C VAL B 223 54.35 10.75 20.79
N ILE B 224 54.70 10.14 21.92
CA ILE B 224 56.10 10.03 22.37
C ILE B 224 56.73 8.66 22.16
N VAL B 225 55.89 7.61 22.05
CA VAL B 225 56.33 6.32 21.54
C VAL B 225 55.31 5.79 20.55
N ASN B 226 55.80 5.34 19.39
CA ASN B 226 54.97 4.70 18.38
C ASN B 226 55.30 3.21 18.22
N GLY B 227 54.39 2.34 18.69
CA GLY B 227 54.54 0.91 18.59
C GLY B 227 55.22 0.26 19.78
N GLY B 228 56.48 0.66 20.03
CA GLY B 228 57.31 0.12 21.09
C GLY B 228 58.78 0.54 20.97
N THR B 229 59.67 -0.25 21.58
CA THR B 229 61.12 0.01 21.56
C THR B 229 61.74 -0.07 20.16
N ASP B 230 61.15 -0.92 19.30
CA ASP B 230 61.56 -1.06 17.90
C ASP B 230 60.37 -1.47 17.02
N ILE B 231 59.85 -0.49 16.27
CA ILE B 231 58.62 -0.64 15.49
C ILE B 231 58.71 -1.71 14.40
N GLU B 232 59.92 -1.87 13.82
CA GLU B 232 60.19 -2.93 12.83
C GLU B 232 59.80 -4.33 13.33
N LYS B 233 59.89 -4.55 14.65
CA LYS B 233 59.55 -5.83 15.27
C LYS B 233 58.04 -6.02 15.54
N LYS B 234 57.23 -5.02 15.15
CA LYS B 234 55.78 -5.04 15.35
C LYS B 234 55.41 -5.25 16.82
N PRO B 235 55.95 -4.43 17.76
CA PRO B 235 55.66 -4.56 19.18
C PRO B 235 54.17 -4.55 19.49
N VAL B 236 53.70 -5.55 20.25
CA VAL B 236 52.30 -5.70 20.59
C VAL B 236 51.94 -4.84 21.81
N TRP B 237 50.85 -4.06 21.68
CA TRP B 237 50.19 -3.37 22.77
C TRP B 237 51.07 -2.69 23.82
N ILE B 238 51.98 -1.82 23.38
CA ILE B 238 52.72 -0.98 24.32
C ILE B 238 51.71 -0.22 25.16
N GLU B 239 51.89 -0.27 26.48
CA GLU B 239 50.92 0.25 27.43
C GLU B 239 51.57 0.44 28.81
N GLY B 240 50.72 0.57 29.84
CA GLY B 240 51.13 0.88 31.19
C GLY B 240 52.22 1.94 31.32
N PRO B 241 52.14 3.08 30.58
CA PRO B 241 53.21 4.08 30.63
C PRO B 241 53.31 4.78 32.00
N HIS B 242 54.53 4.88 32.55
CA HIS B 242 54.79 5.71 33.72
C HIS B 242 55.99 6.63 33.49
N ILE B 243 55.85 7.89 33.91
CA ILE B 243 56.95 8.86 33.87
C ILE B 243 57.56 8.97 35.25
N TYR B 244 58.89 8.95 35.29
CA TYR B 244 59.67 9.26 36.48
C TYR B 244 60.75 10.25 36.06
N LYS B 245 61.20 11.09 36.99
CA LYS B 245 62.29 12.01 36.71
C LYS B 245 63.37 11.79 37.75
N LYS B 246 64.60 11.60 37.29
CA LYS B 246 65.74 11.31 38.15
C LYS B 246 67.04 11.89 37.58
N ASN B 247 67.75 12.68 38.41
CA ASN B 247 68.96 13.41 38.02
C ASN B 247 68.74 14.28 36.78
N GLY B 248 67.58 14.95 36.73
CA GLY B 248 67.25 15.84 35.64
C GLY B 248 66.76 15.20 34.35
N THR B 249 66.78 13.86 34.28
CA THR B 249 66.37 13.10 33.10
C THR B 249 64.96 12.53 33.29
N TYR B 250 64.18 12.53 32.21
CA TYR B 250 62.84 11.94 32.19
C TYR B 250 62.90 10.49 31.75
N TYR B 251 62.07 9.65 32.37
CA TYR B 251 62.03 8.22 32.10
C TYR B 251 60.60 7.81 31.85
N LEU B 252 60.42 7.05 30.76
CA LEU B 252 59.14 6.45 30.41
C LEU B 252 59.32 4.94 30.49
N MSE B 253 58.55 4.31 31.39
CA MSE B 253 58.54 2.86 31.51
C MSE B 253 57.18 2.33 31.06
O MSE B 253 56.15 2.82 31.51
CB MSE B 253 58.86 2.43 32.95
CG MSE B 253 59.19 0.95 33.08
SE MSE B 253 59.63 0.46 34.92
CE MSE B 253 61.46 0.98 35.11
N CYS B 254 57.20 1.33 30.18
CA CYS B 254 55.98 0.79 29.60
C CYS B 254 56.00 -0.73 29.61
N ALA B 255 54.81 -1.34 29.68
CA ALA B 255 54.62 -2.73 29.35
C ALA B 255 54.58 -2.86 27.81
N GLU B 256 55.10 -3.97 27.29
CA GLU B 256 55.13 -4.27 25.85
C GLU B 256 55.00 -5.77 25.63
N GLY B 257 54.28 -6.14 24.57
CA GLY B 257 54.03 -7.52 24.19
C GLY B 257 52.69 -8.15 24.54
N GLY B 258 51.82 -7.43 25.26
CA GLY B 258 50.52 -7.94 25.65
C GLY B 258 50.56 -8.58 27.02
N THR B 259 49.41 -8.64 27.73
CA THR B 259 49.40 -9.14 29.10
C THR B 259 49.36 -10.66 29.17
N GLY B 260 49.65 -11.34 28.05
CA GLY B 260 49.84 -12.78 28.00
C GLY B 260 51.30 -13.21 27.82
N ASP B 261 51.51 -14.22 26.97
CA ASP B 261 52.79 -14.90 26.76
C ASP B 261 54.01 -14.04 26.47
N TRP B 262 53.80 -12.88 25.84
CA TRP B 262 54.91 -12.06 25.40
C TRP B 262 55.08 -10.80 26.27
N HIS B 263 54.50 -10.82 27.48
CA HIS B 263 54.54 -9.68 28.38
C HIS B 263 56.00 -9.34 28.74
N SER B 264 56.24 -8.06 28.97
CA SER B 264 57.58 -7.55 29.32
C SER B 264 57.43 -6.12 29.76
N GLU B 265 58.52 -5.53 30.26
CA GLU B 265 58.59 -4.12 30.57
C GLU B 265 59.85 -3.57 29.94
N VAL B 266 59.71 -2.38 29.34
CA VAL B 266 60.74 -1.72 28.60
C VAL B 266 60.90 -0.31 29.18
N ILE B 267 62.03 0.35 28.85
CA ILE B 267 62.38 1.62 29.44
C ILE B 267 63.00 2.57 28.40
N PHE B 268 62.55 3.84 28.46
CA PHE B 268 62.96 4.91 27.56
C PHE B 268 63.43 6.07 28.43
N LYS B 269 64.31 6.92 27.89
CA LYS B 269 64.66 8.18 28.55
C LYS B 269 64.66 9.39 27.59
N ALA B 270 64.52 10.59 28.15
CA ALA B 270 64.56 11.84 27.40
C ALA B 270 65.06 12.99 28.25
N ASP B 271 65.55 14.04 27.58
CA ASP B 271 66.06 15.24 28.22
C ASP B 271 64.98 16.28 28.52
N ASN B 272 63.76 16.01 28.03
CA ASN B 272 62.61 16.91 28.11
C ASN B 272 61.31 16.11 28.19
N ILE B 273 60.31 16.64 28.90
CA ILE B 273 59.07 15.90 29.14
C ILE B 273 58.40 15.42 27.84
N TYR B 274 58.44 16.26 26.80
CA TYR B 274 57.95 15.93 25.46
C TYR B 274 59.07 15.37 24.59
N GLY B 275 60.31 15.49 25.09
CA GLY B 275 61.53 15.42 24.29
C GLY B 275 61.55 14.03 23.69
N PRO B 276 62.38 13.77 22.66
CA PRO B 276 62.41 12.44 22.06
C PRO B 276 62.79 11.41 23.12
N TYR B 277 61.99 10.36 23.25
CA TYR B 277 62.24 9.28 24.19
C TYR B 277 62.92 8.15 23.42
N GLU B 278 64.16 7.82 23.82
CA GLU B 278 64.93 6.74 23.21
C GLU B 278 64.98 5.52 24.12
N PRO B 279 64.83 4.30 23.57
CA PRO B 279 64.93 3.07 24.37
C PRO B 279 66.38 2.74 24.75
N TRP B 280 66.58 2.32 25.99
CA TRP B 280 67.84 1.71 26.39
C TRP B 280 68.11 0.55 25.44
N ASN B 281 69.31 0.51 24.86
CA ASN B 281 69.70 -0.61 24.02
C ASN B 281 69.37 -1.94 24.73
N ASN B 282 69.57 -1.98 26.06
CA ASN B 282 69.18 -3.12 26.89
C ASN B 282 67.70 -3.06 27.13
N ASN B 283 66.95 -3.86 26.37
CA ASN B 283 65.51 -3.98 26.56
C ASN B 283 65.07 -5.34 26.05
N PRO B 284 64.07 -6.00 26.68
CA PRO B 284 63.39 -5.47 27.88
C PRO B 284 64.21 -5.56 29.18
N ILE B 285 63.68 -4.97 30.26
CA ILE B 285 64.29 -5.02 31.60
C ILE B 285 63.55 -5.93 32.59
N LEU B 286 62.43 -6.53 32.15
CA LEU B 286 61.64 -7.48 32.92
C LEU B 286 60.83 -8.34 31.97
N THR B 287 61.05 -9.65 32.01
CA THR B 287 60.20 -10.60 31.28
C THR B 287 60.49 -12.03 31.71
N GLN B 288 59.54 -12.92 31.44
CA GLN B 288 59.72 -14.36 31.55
C GLN B 288 59.46 -15.08 30.23
N ARG B 289 59.25 -14.32 29.15
CA ARG B 289 58.65 -14.84 27.93
C ARG B 289 59.48 -15.87 27.16
N HIS B 290 60.79 -15.83 27.33
CA HIS B 290 61.71 -16.77 26.69
C HIS B 290 61.90 -18.13 27.41
N PHE B 291 61.01 -18.45 28.36
CA PHE B 291 61.01 -19.72 29.09
C PHE B 291 59.73 -20.52 28.77
N LEU B 292 59.90 -21.80 28.42
CA LEU B 292 58.79 -22.79 28.27
C LEU B 292 59.26 -24.10 28.87
N HIS B 293 59.04 -24.26 30.18
CA HIS B 293 59.72 -25.24 31.02
C HIS B 293 58.74 -26.22 31.75
N ASN B 294 58.56 -26.04 33.06
CA ASN B 294 57.92 -27.05 33.94
C ASN B 294 56.40 -27.23 33.76
N LEU B 298 57.41 -21.83 37.00
CA LEU B 298 56.74 -21.19 38.16
C LEU B 298 55.79 -20.03 37.82
N ALA B 299 56.32 -19.01 37.14
CA ALA B 299 55.64 -17.75 36.87
C ALA B 299 55.79 -17.33 35.40
N ASP B 300 54.80 -16.58 34.91
CA ASP B 300 54.71 -16.19 33.51
C ASP B 300 54.04 -14.80 33.37
N TRP B 301 53.97 -14.32 32.13
CA TRP B 301 53.27 -13.09 31.74
C TRP B 301 53.72 -11.88 32.56
N ALA B 302 55.04 -11.74 32.75
CA ALA B 302 55.58 -10.70 33.61
C ALA B 302 55.68 -9.37 32.88
N GLY B 303 54.99 -8.35 33.43
CA GLY B 303 55.08 -6.99 32.96
C GLY B 303 54.11 -6.09 33.72
N HIS B 304 53.87 -4.91 33.15
CA HIS B 304 53.03 -3.87 33.73
C HIS B 304 53.50 -3.48 35.12
N ALA B 305 54.70 -2.92 35.16
CA ALA B 305 55.38 -2.60 36.41
C ALA B 305 55.18 -1.15 36.79
N ASP B 306 55.51 -0.83 38.03
CA ASP B 306 55.58 0.52 38.52
C ASP B 306 56.65 0.58 39.62
N LEU B 307 57.47 1.64 39.62
CA LEU B 307 58.59 1.79 40.54
C LEU B 307 58.27 2.72 41.72
N VAL B 308 58.93 2.47 42.84
CA VAL B 308 58.88 3.35 44.01
C VAL B 308 60.23 3.35 44.74
N GLU B 309 60.66 4.53 45.19
CA GLU B 309 61.79 4.70 46.08
C GLU B 309 61.25 4.92 47.48
N TYR B 315 65.31 1.26 45.36
CA TYR B 315 64.07 1.16 44.59
C TYR B 315 63.49 -0.26 44.52
N TYR B 316 62.16 -0.36 44.41
CA TYR B 316 61.48 -1.67 44.25
C TYR B 316 60.42 -1.55 43.18
N GLY B 317 60.23 -2.61 42.39
CA GLY B 317 59.23 -2.60 41.32
C GLY B 317 58.16 -3.65 41.50
N VAL B 318 56.89 -3.25 41.48
CA VAL B 318 55.76 -4.20 41.55
C VAL B 318 55.32 -4.48 40.12
N PHE B 319 54.86 -5.69 39.86
CA PHE B 319 54.40 -6.03 38.48
C PHE B 319 53.39 -7.17 38.55
N LEU B 320 52.87 -7.58 37.40
CA LEU B 320 51.89 -8.62 37.36
C LEU B 320 52.48 -9.84 36.72
N GLY B 321 51.95 -11.01 37.10
CA GLY B 321 52.34 -12.29 36.56
C GLY B 321 51.26 -13.28 36.89
N ILE B 322 51.36 -14.46 36.27
CA ILE B 322 50.54 -15.61 36.57
C ILE B 322 51.39 -16.79 37.04
N ARG B 323 50.85 -17.59 37.96
CA ARG B 323 51.44 -18.89 38.31
C ARG B 323 50.56 -19.97 37.71
N PRO B 324 50.85 -20.48 36.49
CA PRO B 324 49.99 -21.51 35.86
C PRO B 324 50.10 -22.88 36.49
N ASN B 325 49.09 -23.74 36.26
CA ASN B 325 49.07 -25.13 36.75
C ASN B 325 49.83 -26.01 35.75
N SER B 326 49.83 -27.32 35.99
CA SER B 326 50.60 -28.27 35.16
C SER B 326 50.18 -28.31 33.69
N LYS B 327 48.94 -27.88 33.39
CA LYS B 327 48.42 -27.80 32.02
C LYS B 327 48.50 -26.40 31.40
N GLY B 328 49.13 -25.46 32.11
CA GLY B 328 49.29 -24.09 31.67
C GLY B 328 48.13 -23.15 31.94
N ASN B 329 47.07 -23.65 32.59
CA ASN B 329 45.89 -22.87 32.90
C ASN B 329 46.09 -22.02 34.14
N VAL B 330 45.33 -20.92 34.22
CA VAL B 330 45.37 -19.96 35.32
C VAL B 330 43.96 -19.68 35.83
N ASN B 331 43.68 -20.17 37.05
CA ASN B 331 42.44 -19.90 37.77
C ASN B 331 42.67 -18.84 38.84
N THR B 332 43.93 -18.42 39.00
CA THR B 332 44.32 -17.50 40.06
C THR B 332 44.45 -16.04 39.60
N GLY B 333 44.17 -15.80 38.31
CA GLY B 333 44.27 -14.48 37.74
C GLY B 333 45.72 -14.01 37.69
N ARG B 334 45.91 -12.72 37.39
CA ARG B 334 47.21 -12.09 37.38
C ARG B 334 47.47 -11.47 38.76
N GLU B 335 48.66 -11.75 39.31
CA GLU B 335 48.98 -11.42 40.69
C GLU B 335 50.04 -10.33 40.75
N THR B 336 50.15 -9.69 41.91
CA THR B 336 51.12 -8.59 42.12
C THR B 336 52.44 -9.14 42.64
N PHE B 337 53.47 -9.13 41.80
CA PHE B 337 54.81 -9.63 42.18
C PHE B 337 55.70 -8.45 42.56
N MSE B 338 56.76 -8.75 43.30
CA MSE B 338 57.74 -7.71 43.66
C MSE B 338 59.14 -8.30 43.52
O MSE B 338 59.33 -9.47 43.74
CB MSE B 338 57.49 -7.10 45.03
CG MSE B 338 57.75 -5.63 45.05
SE MSE B 338 57.95 -4.88 46.79
CE MSE B 338 56.55 -3.70 47.31
N LEU B 339 60.03 -7.44 43.08
CA LEU B 339 61.46 -7.71 42.87
C LEU B 339 62.15 -6.41 43.19
N PRO B 340 63.50 -6.24 43.82
CA PRO B 340 64.35 -5.07 44.02
C PRO B 340 64.74 -4.49 42.66
N VAL B 341 64.95 -3.18 42.62
CA VAL B 341 65.39 -2.48 41.43
C VAL B 341 66.61 -1.65 41.79
N ASP B 342 67.72 -1.92 41.10
CA ASP B 342 68.92 -1.11 41.22
C ASP B 342 68.82 0.05 40.23
N TRP B 343 68.88 1.29 40.76
CA TRP B 343 68.87 2.49 39.94
C TRP B 343 70.00 3.42 40.33
N SER B 344 71.18 2.85 40.56
CA SER B 344 72.40 3.56 40.91
C SER B 344 73.07 4.17 39.68
N GLY B 345 72.65 3.73 38.48
CA GLY B 345 73.16 4.24 37.21
C GLY B 345 72.06 4.90 36.40
N THR B 346 72.35 5.15 35.11
CA THR B 346 71.43 5.79 34.17
C THR B 346 70.05 5.11 34.15
N TRP B 347 70.02 3.77 34.09
CA TRP B 347 68.80 2.99 33.88
C TRP B 347 68.43 2.05 35.03
N PRO B 348 67.11 1.81 35.24
CA PRO B 348 66.66 0.87 36.27
C PRO B 348 66.82 -0.58 35.83
N VAL B 349 67.38 -1.40 36.73
CA VAL B 349 67.55 -2.83 36.52
C VAL B 349 66.67 -3.50 37.55
N PHE B 350 65.77 -4.37 37.07
CA PHE B 350 64.98 -5.27 37.93
C PHE B 350 65.88 -6.45 38.28
N GLU B 351 66.26 -6.54 39.56
CA GLU B 351 67.21 -7.56 40.00
C GLU B 351 66.63 -8.96 39.81
N ASN B 352 67.31 -9.76 38.98
CA ASN B 352 66.85 -11.05 38.48
C ASN B 352 65.52 -10.98 37.73
N GLY B 353 65.24 -9.83 37.11
CA GLY B 353 64.02 -9.63 36.34
C GLY B 353 63.99 -10.35 34.99
N LEU B 354 65.14 -10.85 34.56
CA LEU B 354 65.32 -11.54 33.27
C LEU B 354 65.77 -13.03 33.39
N VAL B 355 65.82 -13.56 34.63
CA VAL B 355 66.02 -15.00 34.85
C VAL B 355 64.74 -15.57 35.47
N PRO B 356 64.50 -16.91 35.43
CA PRO B 356 63.28 -17.48 35.99
C PRO B 356 63.04 -17.06 37.45
N LEU B 357 61.86 -16.49 37.74
CA LEU B 357 61.52 -16.01 39.06
C LEU B 357 61.45 -17.20 40.02
N SER B 358 61.80 -16.93 41.28
CA SER B 358 61.58 -17.88 42.34
C SER B 358 60.65 -17.25 43.33
N ILE B 359 59.93 -18.13 44.05
CA ILE B 359 58.95 -17.77 45.05
C ILE B 359 59.50 -16.98 46.23
N LYS B 360 60.81 -17.13 46.50
CA LYS B 360 61.48 -16.48 47.63
C LYS B 360 62.36 -15.36 47.17
N GLN B 361 62.26 -14.25 47.90
CA GLN B 361 63.07 -13.02 47.72
C GLN B 361 63.55 -12.62 49.11
N LYS B 362 64.68 -11.94 49.19
CA LYS B 362 65.13 -11.51 50.53
C LYS B 362 64.39 -10.22 50.82
N MSE B 363 63.98 -10.01 52.07
CA MSE B 363 63.28 -8.75 52.42
C MSE B 363 64.29 -7.64 52.63
O MSE B 363 65.48 -7.88 52.73
CB MSE B 363 62.53 -8.91 53.76
CG MSE B 363 61.56 -10.07 53.87
SE MSE B 363 60.70 -10.07 55.60
CE MSE B 363 59.99 -8.34 55.94
N PRO B 364 63.86 -6.37 52.73
CA PRO B 364 64.78 -5.29 53.06
C PRO B 364 65.41 -5.51 54.45
N LYS B 365 66.65 -5.06 54.61
CA LYS B 365 67.37 -5.23 55.91
C LYS B 365 66.56 -4.66 57.07
N GLY B 366 66.51 -5.41 58.17
CA GLY B 366 65.79 -5.05 59.37
C GLY B 366 64.30 -5.40 59.38
N VAL B 367 63.69 -5.60 58.22
CA VAL B 367 62.21 -5.86 58.21
C VAL B 367 61.91 -7.32 58.55
N GLU B 368 61.00 -7.54 59.50
CA GLU B 368 60.60 -8.91 59.88
C GLU B 368 59.32 -9.27 59.14
N ASN B 369 59.13 -10.54 58.80
CA ASN B 369 57.95 -11.02 58.03
C ASN B 369 56.76 -11.24 58.96
N LYS B 370 55.71 -10.42 58.83
CA LYS B 370 54.50 -10.48 59.63
C LYS B 370 53.27 -10.78 58.77
N THR B 371 53.49 -11.28 57.56
CA THR B 371 52.38 -11.62 56.65
C THR B 371 51.45 -12.61 57.35
N GLY B 372 50.14 -12.37 57.25
CA GLY B 372 49.14 -13.22 57.85
C GLY B 372 48.98 -13.07 59.37
N LYS B 373 49.80 -12.21 59.99
CA LYS B 373 49.72 -11.92 61.41
C LYS B 373 49.26 -10.47 61.63
N ASP B 374 48.49 -10.25 62.70
CA ASP B 374 48.20 -8.92 63.24
C ASP B 374 47.57 -7.94 62.23
N GLY B 375 46.46 -8.34 61.60
CA GLY B 375 45.81 -7.48 60.64
C GLY B 375 46.49 -7.33 59.29
N PHE B 376 47.69 -7.90 59.13
CA PHE B 376 48.41 -7.87 57.86
C PHE B 376 47.86 -8.90 56.89
N PHE B 377 47.93 -8.56 55.60
CA PHE B 377 47.47 -9.39 54.51
C PHE B 377 48.27 -10.68 54.48
N PRO B 378 47.65 -11.86 54.26
CA PRO B 378 48.36 -13.14 54.30
C PRO B 378 49.23 -13.37 53.08
N ASN B 379 50.06 -14.41 53.13
CA ASN B 379 50.78 -14.95 51.97
C ASN B 379 51.14 -16.41 52.26
N GLY B 380 51.85 -17.06 51.34
CA GLY B 380 52.14 -18.48 51.46
C GLY B 380 50.85 -19.29 51.54
N ASN B 381 50.89 -20.39 52.30
CA ASN B 381 49.74 -21.22 52.60
C ASN B 381 49.22 -20.86 53.97
N PHE B 382 47.89 -20.66 54.07
CA PHE B 382 47.23 -20.14 55.25
C PHE B 382 45.75 -20.51 55.20
N THR B 383 45.06 -20.21 56.31
CA THR B 383 43.65 -20.43 56.46
C THR B 383 43.01 -19.13 56.93
N TYR B 384 41.94 -18.73 56.21
CA TYR B 384 41.13 -17.59 56.59
C TYR B 384 39.72 -18.12 56.93
N SER B 385 39.38 -18.04 58.21
CA SER B 385 38.08 -18.38 58.73
C SER B 385 37.40 -17.10 59.16
N GLU B 386 36.24 -16.82 58.57
CA GLU B 386 35.50 -15.61 58.80
C GLU B 386 34.13 -16.04 59.30
N ASP B 387 33.71 -15.45 60.42
CA ASP B 387 32.42 -15.72 61.05
C ASP B 387 31.39 -14.59 60.88
N PHE B 388 31.81 -13.49 60.24
CA PHE B 388 30.97 -12.34 59.95
C PHE B 388 30.18 -11.83 61.17
N LYS B 389 30.87 -11.76 62.31
CA LYS B 389 30.34 -11.24 63.57
C LYS B 389 30.46 -9.71 63.72
N SER B 390 30.68 -9.00 62.61
CA SER B 390 31.02 -7.58 62.64
C SER B 390 30.56 -6.88 61.36
N GLU B 391 29.89 -5.74 61.54
CA GLU B 391 29.30 -4.98 60.44
C GLU B 391 30.32 -4.45 59.47
N ASN B 392 31.56 -4.28 59.96
CA ASN B 392 32.73 -3.97 59.14
C ASN B 392 33.29 -5.25 58.53
N ILE B 393 32.73 -5.66 57.39
CA ILE B 393 33.13 -6.88 56.71
C ILE B 393 34.51 -6.65 56.11
N ASP B 394 35.35 -7.70 56.17
CA ASP B 394 36.73 -7.62 55.72
C ASP B 394 36.76 -7.18 54.25
N TYR B 395 37.69 -6.29 53.90
CA TYR B 395 37.80 -5.69 52.56
C TYR B 395 38.20 -6.63 51.43
N ARG B 396 38.40 -7.92 51.73
CA ARG B 396 38.69 -8.95 50.72
C ARG B 396 37.43 -9.46 50.02
N TRP B 397 36.27 -9.22 50.65
CA TRP B 397 35.00 -9.71 50.16
C TRP B 397 34.41 -8.76 49.14
N VAL B 398 34.11 -9.29 47.95
CA VAL B 398 33.57 -8.51 46.84
C VAL B 398 32.26 -9.14 46.34
N ALA B 399 31.46 -8.32 45.67
CA ALA B 399 30.25 -8.75 44.98
C ALA B 399 30.47 -8.50 43.49
N MSE B 400 29.71 -9.20 42.64
CA MSE B 400 29.77 -9.01 41.20
C MSE B 400 28.70 -8.00 40.79
O MSE B 400 27.53 -8.18 41.10
CB MSE B 400 29.55 -10.34 40.47
CG MSE B 400 30.68 -11.33 40.65
SE MSE B 400 32.36 -10.68 39.87
CE MSE B 400 31.85 -10.00 38.09
N ARG B 401 29.13 -6.92 40.11
CA ARG B 401 28.23 -6.02 39.41
C ARG B 401 27.28 -5.19 40.29
N GLY B 402 27.64 -4.99 41.56
CA GLY B 402 26.85 -4.18 42.48
C GLY B 402 27.30 -4.30 43.93
N PRO B 403 26.79 -3.44 44.84
CA PRO B 403 27.19 -3.49 46.24
C PRO B 403 26.51 -4.62 47.03
N LYS B 404 27.25 -5.21 47.97
CA LYS B 404 26.77 -6.24 48.88
C LYS B 404 25.69 -5.72 49.82
N GLU B 405 25.72 -4.41 50.06
CA GLU B 405 24.74 -3.70 50.91
C GLU B 405 23.31 -3.87 50.42
N ASN B 406 23.13 -4.12 49.12
CA ASN B 406 21.80 -4.37 48.54
C ASN B 406 21.20 -5.74 48.87
N PHE B 407 22.00 -6.64 49.47
CA PHE B 407 21.52 -8.00 49.79
C PHE B 407 22.13 -8.69 51.00
N ILE B 408 22.96 -7.98 51.78
CA ILE B 408 23.58 -8.53 53.00
C ILE B 408 23.25 -7.66 54.20
N LYS B 409 22.97 -8.32 55.32
CA LYS B 409 22.91 -7.70 56.64
C LYS B 409 23.55 -8.64 57.64
N ILE B 410 24.19 -8.06 58.66
CA ILE B 410 24.81 -8.83 59.72
C ILE B 410 23.78 -9.10 60.80
N ALA B 411 23.64 -10.37 61.17
CA ALA B 411 22.66 -10.80 62.16
C ALA B 411 23.06 -10.27 63.54
N LYS B 412 22.06 -10.18 64.43
CA LYS B 412 22.28 -9.72 65.80
C LYS B 412 23.32 -10.61 66.50
N GLU B 413 23.26 -11.92 66.23
CA GLU B 413 24.19 -12.91 66.77
C GLU B 413 25.35 -13.22 65.81
N GLY B 414 25.40 -12.52 64.67
CA GLY B 414 26.45 -12.67 63.68
C GLY B 414 26.08 -13.63 62.55
N GLY B 415 26.75 -13.46 61.40
CA GLY B 415 26.51 -14.27 60.22
C GLY B 415 25.98 -13.44 59.06
N LEU B 416 26.26 -13.88 57.83
CA LEU B 416 25.80 -13.23 56.61
C LEU B 416 24.37 -13.62 56.28
N GLN B 417 23.42 -12.79 56.74
CA GLN B 417 22.02 -12.85 56.35
C GLN B 417 21.92 -12.22 54.96
N MSE B 418 21.64 -13.03 53.92
CA MSE B 418 21.57 -12.46 52.59
C MSE B 418 20.28 -12.87 51.88
O MSE B 418 19.83 -14.01 51.97
CB MSE B 418 22.87 -12.75 51.80
CG MSE B 418 23.08 -14.12 51.23
SE MSE B 418 24.77 -14.12 50.16
CE MSE B 418 26.23 -14.28 51.45
N THR B 419 19.67 -11.85 51.25
CA THR B 419 18.38 -11.94 50.59
C THR B 419 18.63 -12.05 49.09
N ALA B 420 17.82 -12.85 48.41
CA ALA B 420 18.00 -13.12 46.97
C ALA B 420 17.54 -11.94 46.15
N LEU B 421 18.43 -11.42 45.29
CA LEU B 421 18.08 -10.50 44.22
C LEU B 421 17.39 -11.28 43.11
N ASP B 422 16.82 -10.56 42.13
CA ASP B 422 16.07 -11.15 41.03
C ASP B 422 16.91 -12.01 40.09
N ALA B 423 18.17 -11.62 39.89
CA ALA B 423 19.02 -12.22 38.86
C ALA B 423 19.49 -13.61 39.26
N ASN B 424 19.44 -14.55 38.31
CA ASN B 424 20.09 -15.84 38.48
C ASN B 424 21.58 -15.71 38.13
N ILE B 425 22.36 -16.76 38.37
CA ILE B 425 23.81 -16.67 38.27
C ILE B 425 24.41 -16.43 36.87
N THR B 426 23.64 -16.75 35.82
CA THR B 426 24.12 -16.70 34.44
C THR B 426 23.94 -15.33 33.77
N GLU B 427 23.40 -14.36 34.53
CA GLU B 427 22.99 -13.07 33.98
C GLU B 427 24.06 -12.02 34.16
N VAL B 428 24.14 -11.09 33.20
CA VAL B 428 25.00 -9.90 33.30
C VAL B 428 24.19 -8.86 34.08
N GLN B 429 24.11 -9.10 35.39
CA GLN B 429 23.29 -8.32 36.32
C GLN B 429 23.95 -8.48 37.69
N PRO B 430 23.62 -7.64 38.70
CA PRO B 430 24.08 -7.88 40.07
C PRO B 430 23.44 -9.15 40.63
N ILE B 431 24.25 -10.02 41.27
CA ILE B 431 23.77 -11.24 41.92
C ILE B 431 24.07 -11.23 43.41
N SER B 432 23.21 -11.87 44.20
CA SER B 432 23.31 -11.88 45.66
C SER B 432 24.28 -12.98 46.08
N ALA B 433 25.58 -12.66 45.99
CA ALA B 433 26.66 -13.54 46.34
C ALA B 433 27.88 -12.73 46.80
N LEU B 434 28.59 -13.23 47.82
CA LEU B 434 29.81 -12.60 48.33
C LEU B 434 30.97 -13.53 48.04
N PHE B 435 32.06 -12.94 47.50
CA PHE B 435 33.12 -13.70 46.88
C PHE B 435 34.49 -13.37 47.45
N HIS B 436 35.35 -14.40 47.45
CA HIS B 436 36.72 -14.35 47.88
C HIS B 436 37.52 -14.83 46.68
N ARG B 437 38.57 -14.10 46.32
CA ARG B 437 39.43 -14.45 45.21
C ARG B 437 40.09 -15.80 45.45
N GLN B 438 40.22 -16.59 44.39
CA GLN B 438 41.01 -17.82 44.43
C GLN B 438 42.48 -17.39 44.43
N GLN B 439 43.14 -17.56 45.58
CA GLN B 439 44.51 -17.11 45.79
C GLN B 439 45.55 -18.19 45.53
N HIS B 440 45.08 -19.41 45.26
CA HIS B 440 45.93 -20.59 45.11
C HIS B 440 45.38 -21.50 44.03
N ILE B 441 46.29 -22.28 43.42
CA ILE B 441 45.93 -23.30 42.45
C ILE B 441 45.24 -24.46 43.19
N LYS B 442 45.82 -24.83 44.34
CA LYS B 442 45.27 -25.86 45.21
C LYS B 442 44.67 -25.22 46.45
N TYR B 443 43.34 -25.38 46.61
CA TYR B 443 42.67 -24.86 47.79
C TYR B 443 41.49 -25.75 48.21
N THR B 444 41.03 -25.49 49.42
CA THR B 444 39.95 -26.19 50.06
C THR B 444 39.20 -25.11 50.80
N ALA B 445 37.88 -25.09 50.66
CA ALA B 445 37.04 -24.08 51.27
C ALA B 445 35.75 -24.73 51.71
N GLN B 446 35.13 -24.15 52.73
CA GLN B 446 33.81 -24.57 53.17
C GLN B 446 33.01 -23.40 53.74
N THR B 447 31.68 -23.54 53.68
CA THR B 447 30.77 -22.57 54.28
C THR B 447 29.70 -23.32 55.06
N THR B 448 29.20 -22.68 56.12
CA THR B 448 28.18 -23.23 57.00
C THR B 448 27.02 -22.26 57.00
N LEU B 449 25.81 -22.80 56.79
CA LEU B 449 24.64 -21.96 56.60
C LEU B 449 23.43 -22.56 57.29
N SER B 450 22.58 -21.66 57.79
CA SER B 450 21.28 -21.97 58.34
C SER B 450 20.26 -21.54 57.28
N TYR B 451 19.57 -22.53 56.72
CA TYR B 451 18.78 -22.40 55.53
C TYR B 451 17.35 -22.12 55.93
N ASN B 452 16.94 -20.84 55.86
CA ASN B 452 15.52 -20.45 55.94
C ASN B 452 14.53 -21.31 55.14
N THR B 453 13.82 -22.21 55.84
CA THR B 453 12.84 -23.13 55.24
C THR B 453 11.58 -22.43 54.80
N LYS B 454 11.31 -21.25 55.37
CA LYS B 454 10.13 -20.46 55.04
C LYS B 454 10.28 -19.79 53.67
N ALA B 455 11.42 -19.14 53.42
CA ALA B 455 11.69 -18.51 52.15
C ALA B 455 11.82 -19.51 51.00
N ALA B 456 12.20 -20.75 51.31
CA ALA B 456 12.29 -21.84 50.34
C ALA B 456 13.20 -21.62 49.13
N GLN B 457 13.99 -20.55 49.17
CA GLN B 457 14.86 -20.14 48.05
C GLN B 457 16.10 -21.06 47.93
N LYS B 458 17.08 -20.65 47.14
CA LYS B 458 18.32 -21.40 46.96
C LYS B 458 19.48 -20.69 47.67
N ALA B 459 20.29 -21.47 48.39
CA ALA B 459 21.42 -20.97 49.16
C ALA B 459 22.56 -21.98 49.11
N GLY B 460 23.77 -21.50 48.81
CA GLY B 460 24.89 -22.38 48.64
C GLY B 460 26.25 -21.76 48.37
N LEU B 461 27.09 -22.56 47.72
CA LEU B 461 28.51 -22.30 47.56
C LEU B 461 28.83 -22.24 46.09
N ILE B 462 29.66 -21.26 45.70
CA ILE B 462 29.93 -20.95 44.31
C ILE B 462 31.42 -20.84 44.01
N CYS B 463 31.84 -21.46 42.90
CA CYS B 463 33.11 -21.22 42.24
C CYS B 463 32.79 -20.54 40.87
N TYR B 464 33.29 -19.31 40.69
CA TYR B 464 32.88 -18.38 39.65
C TYR B 464 34.07 -17.79 38.89
N GLN B 465 34.09 -18.01 37.57
CA GLN B 465 35.01 -17.32 36.66
C GLN B 465 34.22 -16.18 35.98
N ASN B 466 33.15 -16.55 35.28
CA ASN B 466 32.16 -15.60 34.79
C ASN B 466 30.74 -16.18 34.83
N GLU B 467 29.76 -15.35 34.48
CA GLU B 467 28.34 -15.71 34.57
C GLU B 467 27.98 -17.03 33.85
N ALA B 468 28.81 -17.44 32.88
CA ALA B 468 28.61 -18.66 32.10
C ALA B 468 29.75 -19.67 32.27
N CYS B 469 30.59 -19.43 33.29
CA CYS B 469 31.71 -20.30 33.63
C CYS B 469 31.76 -20.37 35.14
N ASN B 470 30.91 -21.23 35.70
CA ASN B 470 30.78 -21.37 37.14
C ASN B 470 30.28 -22.73 37.58
N TYR B 471 30.59 -23.09 38.83
CA TYR B 471 30.07 -24.26 39.52
C TYR B 471 29.32 -23.80 40.76
N VAL B 472 28.12 -24.34 40.96
CA VAL B 472 27.24 -23.94 42.06
C VAL B 472 26.62 -25.16 42.73
N LEU B 473 26.69 -25.19 44.07
CA LEU B 473 26.07 -26.22 44.92
C LEU B 473 25.14 -25.50 45.88
N THR B 474 23.85 -25.79 45.78
CA THR B 474 22.81 -25.11 46.54
C THR B 474 21.86 -26.11 47.22
N VAL B 475 21.46 -25.77 48.45
CA VAL B 475 20.30 -26.36 49.10
C VAL B 475 19.10 -25.68 48.49
N GLN B 476 18.09 -26.48 48.13
CA GLN B 476 16.82 -26.01 47.60
C GLN B 476 15.69 -26.76 48.28
N THR B 477 14.45 -26.40 47.96
CA THR B 477 13.25 -27.04 48.52
C THR B 477 12.39 -27.63 47.40
N GLU B 478 11.83 -28.81 47.66
CA GLU B 478 10.92 -29.52 46.78
C GLU B 478 9.97 -30.31 47.66
N GLY B 479 8.69 -29.89 47.69
CA GLY B 479 7.72 -30.35 48.67
C GLY B 479 8.01 -29.62 49.98
N LYS B 480 7.94 -30.36 51.08
CA LYS B 480 8.32 -29.86 52.41
C LYS B 480 9.64 -30.55 52.76
N GLU B 481 10.56 -30.54 51.80
CA GLU B 481 11.83 -31.23 51.88
C GLU B 481 12.91 -30.45 51.15
N GLN B 482 14.12 -30.47 51.71
CA GLN B 482 15.29 -29.84 51.09
C GLN B 482 16.09 -30.85 50.28
N VAL B 483 16.74 -30.34 49.23
CA VAL B 483 17.56 -31.11 48.32
C VAL B 483 18.87 -30.35 48.10
N LEU B 484 19.90 -31.07 47.67
CA LEU B 484 21.14 -30.43 47.25
C LEU B 484 21.30 -30.61 45.76
N VAL B 485 21.61 -29.50 45.07
CA VAL B 485 21.77 -29.47 43.63
C VAL B 485 23.15 -28.90 43.28
N LEU B 486 23.87 -29.64 42.44
CA LEU B 486 25.15 -29.22 41.89
C LEU B 486 24.92 -28.92 40.41
N GLU B 487 25.24 -27.69 40.01
CA GLU B 487 25.07 -27.21 38.65
C GLU B 487 26.37 -26.66 38.10
N LYS B 488 26.60 -26.89 36.81
CA LYS B 488 27.66 -26.21 36.06
C LYS B 488 27.04 -25.41 34.91
N THR B 489 27.74 -24.32 34.54
CA THR B 489 27.52 -23.59 33.31
C THR B 489 28.89 -23.38 32.69
N VAL B 490 29.05 -23.82 31.45
CA VAL B 490 30.31 -23.81 30.73
C VAL B 490 30.19 -23.05 29.41
N ARG B 491 30.98 -21.99 29.23
CA ARG B 491 31.05 -21.23 27.97
C ARG B 491 32.48 -20.83 27.61
N PRO B 492 33.14 -21.52 26.65
CA PRO B 492 34.46 -21.08 26.18
C PRO B 492 34.41 -19.72 25.46
N GLN B 493 35.54 -19.01 25.48
CA GLN B 493 35.72 -17.69 24.88
C GLN B 493 34.82 -17.33 23.70
N ARG B 494 34.94 -18.11 22.63
CA ARG B 494 34.42 -17.75 21.31
C ARG B 494 32.98 -18.19 21.05
N GLN B 495 32.38 -18.89 22.02
CA GLN B 495 31.05 -19.49 21.87
C GLN B 495 30.00 -18.57 22.51
N LYS B 496 28.86 -18.44 21.83
CA LYS B 496 27.78 -17.56 22.24
C LYS B 496 26.81 -18.28 23.18
N ASP B 497 26.45 -19.51 22.80
CA ASP B 497 25.47 -20.31 23.51
C ASP B 497 26.04 -20.99 24.74
N PHE B 498 25.20 -21.10 25.78
CA PHE B 498 25.50 -21.86 26.98
C PHE B 498 24.21 -22.36 27.58
N LYS B 499 24.33 -23.42 28.41
CA LYS B 499 23.18 -23.97 29.11
C LYS B 499 23.60 -24.59 30.45
N THR B 500 22.94 -24.15 31.53
CA THR B 500 23.16 -24.67 32.86
C THR B 500 22.70 -26.12 32.89
N GLU B 501 23.58 -27.00 33.39
CA GLU B 501 23.32 -28.43 33.54
C GLU B 501 23.41 -28.82 35.00
N ILE B 502 22.54 -29.75 35.40
CA ILE B 502 22.60 -30.37 36.72
C ILE B 502 23.63 -31.49 36.63
N VAL B 503 24.74 -31.33 37.37
CA VAL B 503 25.79 -32.34 37.44
C VAL B 503 25.37 -33.48 38.36
N ALA B 504 24.81 -33.12 39.53
CA ALA B 504 24.39 -34.05 40.56
C ALA B 504 23.25 -33.45 41.39
N LYS B 505 22.54 -34.34 42.10
CA LYS B 505 21.39 -33.96 42.95
C LYS B 505 21.14 -35.08 43.97
N GLU B 506 20.97 -34.71 45.24
CA GLU B 506 20.67 -35.64 46.33
C GLU B 506 19.69 -35.02 47.32
N PRO B 507 18.67 -35.77 47.80
CA PRO B 507 17.81 -35.28 48.89
C PRO B 507 18.53 -35.33 50.23
N ILE B 508 18.13 -34.48 51.17
CA ILE B 508 18.73 -34.45 52.51
C ILE B 508 17.67 -34.37 53.63
N GLY B 509 16.43 -34.78 53.29
CA GLY B 509 15.29 -34.70 54.16
C GLY B 509 14.95 -33.27 54.52
N LYS B 510 14.33 -33.11 55.70
CA LYS B 510 13.90 -31.84 56.23
C LYS B 510 14.98 -31.20 57.09
N LEU B 511 15.76 -30.32 56.47
CA LEU B 511 16.87 -29.66 57.15
C LEU B 511 16.40 -28.92 58.42
N LYS B 512 16.68 -29.52 59.58
CA LYS B 512 16.37 -28.96 60.89
C LYS B 512 17.62 -28.53 61.66
N THR B 513 18.77 -28.50 60.98
CA THR B 513 20.04 -28.04 61.57
C THR B 513 20.83 -27.27 60.52
N PRO B 514 21.88 -26.51 60.91
CA PRO B 514 22.80 -25.92 59.93
C PRO B 514 23.44 -27.00 59.06
N ILE B 515 23.89 -26.61 57.87
CA ILE B 515 24.58 -27.51 56.95
C ILE B 515 25.88 -26.85 56.49
N THR B 516 26.91 -27.67 56.26
CA THR B 516 28.17 -27.17 55.74
C THR B 516 28.34 -27.67 54.32
N LEU B 517 28.74 -26.78 53.41
CA LEU B 517 29.07 -27.13 52.04
C LEU B 517 30.56 -26.89 51.86
N GLY B 518 31.20 -27.72 51.05
CA GLY B 518 32.64 -27.68 50.86
C GLY B 518 33.02 -27.94 49.42
N VAL B 519 34.15 -27.34 48.99
CA VAL B 519 34.74 -27.61 47.70
C VAL B 519 36.25 -27.65 47.89
N THR B 520 36.91 -28.54 47.15
CA THR B 520 38.35 -28.65 47.14
C THR B 520 38.82 -28.82 45.70
N THR B 521 39.95 -28.18 45.37
CA THR B 521 40.58 -28.31 44.07
C THR B 521 42.05 -28.70 44.23
N ASP B 522 42.47 -29.73 43.49
CA ASP B 522 43.84 -30.20 43.44
C ASP B 522 44.63 -29.57 42.30
N GLY B 523 44.09 -28.48 41.71
CA GLY B 523 44.68 -27.80 40.57
C GLY B 523 44.18 -28.31 39.23
N LEU B 524 43.68 -29.55 39.19
CA LEU B 524 43.15 -30.18 37.99
C LEU B 524 41.64 -30.28 37.93
N ASN B 525 41.02 -30.58 39.08
CA ASN B 525 39.55 -30.68 39.21
C ASN B 525 39.03 -30.11 40.52
N TYR B 526 37.75 -29.76 40.53
CA TYR B 526 37.04 -29.29 41.71
C TYR B 526 36.11 -30.43 42.12
N GLN B 527 36.05 -30.69 43.43
CA GLN B 527 35.21 -31.71 44.02
C GLN B 527 34.40 -31.07 45.12
N PHE B 528 33.07 -31.14 44.99
CA PHE B 528 32.14 -30.59 45.94
C PHE B 528 31.74 -31.67 46.96
N SER B 529 31.26 -31.21 48.12
CA SER B 529 30.81 -32.07 49.19
C SER B 529 29.91 -31.29 50.10
N TYR B 530 29.16 -32.04 50.92
CA TYR B 530 28.31 -31.49 51.96
C TYR B 530 28.48 -32.32 53.21
N THR B 531 28.31 -31.68 54.37
CA THR B 531 28.52 -32.31 55.67
C THR B 531 27.31 -32.00 56.53
N LEU B 532 26.48 -33.02 56.78
CA LEU B 532 25.28 -32.91 57.57
C LEU B 532 25.56 -33.61 58.89
N ASN B 533 24.49 -34.08 59.56
CA ASN B 533 24.55 -34.67 60.90
C ASN B 533 25.77 -35.56 61.16
N GLY B 534 26.94 -34.91 61.22
CA GLY B 534 28.22 -35.54 61.49
C GLY B 534 29.10 -35.71 60.26
N GLU B 535 28.56 -36.43 59.27
CA GLU B 535 29.30 -37.10 58.21
C GLU B 535 29.43 -36.27 56.91
N LYS B 536 30.57 -36.41 56.24
CA LYS B 536 30.90 -35.69 55.02
C LYS B 536 30.85 -36.61 53.81
N LYS B 537 30.08 -36.21 52.79
CA LYS B 537 29.91 -36.98 51.56
C LYS B 537 30.18 -36.10 50.35
N ASN B 538 30.90 -36.66 49.38
CA ASN B 538 31.07 -36.07 48.06
C ASN B 538 29.74 -36.04 47.32
N ILE B 539 29.48 -34.93 46.63
CA ILE B 539 28.36 -34.80 45.69
C ILE B 539 28.92 -34.37 44.35
N GLY B 540 28.60 -35.15 43.31
CA GLY B 540 29.20 -34.99 42.00
C GLY B 540 30.62 -35.52 42.02
N GLY B 541 31.20 -35.70 40.84
CA GLY B 541 32.54 -36.20 40.67
C GLY B 541 33.51 -35.03 40.47
N PRO B 542 34.75 -35.28 39.99
CA PRO B 542 35.67 -34.21 39.66
C PRO B 542 35.17 -33.34 38.47
N LEU B 543 35.13 -32.02 38.69
CA LEU B 543 34.74 -31.04 37.69
C LEU B 543 35.96 -30.29 37.16
N ASP B 544 36.21 -30.41 35.84
CA ASP B 544 37.38 -29.84 35.18
C ASP B 544 37.66 -28.42 35.65
N ALA B 545 38.88 -28.19 36.14
CA ALA B 545 39.32 -26.90 36.66
C ALA B 545 39.54 -25.89 35.53
N ALA B 546 39.81 -26.40 34.32
CA ALA B 546 40.09 -25.56 33.15
C ALA B 546 38.92 -24.59 32.85
N VAL B 547 37.69 -25.05 33.11
CA VAL B 547 36.45 -24.27 32.91
C VAL B 547 36.48 -22.88 33.58
N LEU B 548 37.18 -22.76 34.72
CA LEU B 548 37.27 -21.51 35.46
C LEU B 548 38.57 -20.72 35.20
N SER B 549 39.33 -21.16 34.19
CA SER B 549 40.54 -20.47 33.77
C SER B 549 40.25 -19.33 32.79
N THR B 550 41.07 -18.28 32.90
CA THR B 550 41.24 -17.27 31.87
C THR B 550 41.48 -17.89 30.50
N ASN B 551 42.30 -18.94 30.46
CA ASN B 551 42.65 -19.63 29.22
C ASN B 551 41.43 -20.14 28.47
N PHE B 552 40.43 -20.64 29.22
CA PHE B 552 39.25 -21.25 28.65
C PHE B 552 38.12 -20.22 28.36
N ALA B 553 37.87 -19.32 29.31
CA ALA B 553 36.76 -18.38 29.27
C ALA B 553 37.13 -17.00 28.76
N GLY B 554 38.43 -16.75 28.57
CA GLY B 554 38.92 -15.44 28.21
C GLY B 554 38.76 -14.48 29.35
N GLY B 555 39.12 -13.23 29.13
CA GLY B 555 38.97 -12.19 30.13
C GLY B 555 40.27 -11.76 30.74
N PHE B 556 40.13 -11.02 31.84
CA PHE B 556 41.21 -10.40 32.58
C PHE B 556 41.13 -10.71 34.08
N THR B 557 40.39 -11.75 34.47
CA THR B 557 40.13 -12.02 35.89
C THR B 557 40.39 -13.46 36.34
N GLY B 558 40.65 -13.60 37.64
CA GLY B 558 40.79 -14.88 38.28
C GLY B 558 39.46 -15.40 38.83
N ALA B 559 39.42 -16.71 39.08
CA ALA B 559 38.27 -17.36 39.68
C ALA B 559 38.01 -16.83 41.09
N LEU B 560 36.77 -17.03 41.53
CA LEU B 560 36.28 -16.59 42.83
C LEU B 560 35.60 -17.78 43.50
N VAL B 561 35.56 -17.74 44.84
CA VAL B 561 34.82 -18.70 45.63
C VAL B 561 34.04 -17.90 46.64
N GLY B 562 32.78 -18.30 46.87
CA GLY B 562 31.94 -17.59 47.79
C GLY B 562 30.59 -18.26 48.04
N MSE B 563 29.73 -17.54 48.76
CA MSE B 563 28.41 -18.01 49.08
C MSE B 563 27.40 -17.08 48.42
O MSE B 563 27.66 -15.91 48.22
CB MSE B 563 28.24 -18.14 50.59
CG MSE B 563 28.47 -16.87 51.41
SE MSE B 563 29.62 -17.08 52.99
CE MSE B 563 31.05 -15.78 52.64
N GLY B 564 26.25 -17.64 48.02
CA GLY B 564 25.22 -16.87 47.36
C GLY B 564 23.84 -17.46 47.49
N VAL B 565 22.84 -16.67 47.08
CA VAL B 565 21.43 -17.01 47.17
C VAL B 565 20.72 -16.60 45.88
N PHE B 566 19.76 -17.43 45.45
CA PHE B 566 19.08 -17.30 44.16
C PHE B 566 17.62 -17.71 44.28
N LYS B 567 16.88 -17.54 43.16
CA LYS B 567 15.45 -17.73 43.00
C LYS B 567 14.80 -16.50 43.59
N LYS C 24 -7.08 19.41 55.40
CA LYS C 24 -8.44 19.40 54.76
C LYS C 24 -8.81 20.84 54.30
N VAL C 25 -10.13 20.96 54.02
CA VAL C 25 -10.96 22.11 53.52
C VAL C 25 -10.20 22.81 52.41
N PRO C 26 -10.45 22.59 50.92
CA PRO C 26 -9.73 22.95 49.70
C PRO C 26 -9.35 24.43 49.62
N ALA C 27 -8.36 24.72 48.79
CA ALA C 27 -7.84 26.09 48.62
C ALA C 27 -8.71 26.88 47.66
N ALA C 28 -9.30 26.17 46.68
CA ALA C 28 -10.15 26.77 45.66
C ALA C 28 -10.92 25.71 44.87
N THR C 29 -11.95 26.16 44.15
CA THR C 29 -12.72 25.36 43.20
C THR C 29 -12.66 26.04 41.83
N PHE C 30 -12.00 25.38 40.88
CA PHE C 30 -11.87 25.87 39.51
C PHE C 30 -13.07 25.39 38.72
N THR C 31 -13.91 26.34 38.32
CA THR C 31 -15.20 26.05 37.67
C THR C 31 -15.08 25.94 36.15
N ASN C 32 -13.98 26.46 35.60
CA ASN C 32 -13.69 26.41 34.15
C ASN C 32 -12.19 26.39 33.85
N PHE C 33 -11.83 25.69 32.77
CA PHE C 33 -10.59 25.94 32.05
C PHE C 33 -10.88 25.99 30.56
N THR C 34 -10.37 27.02 29.88
CA THR C 34 -10.52 27.19 28.44
C THR C 34 -9.14 27.33 27.82
N TYR C 35 -8.88 26.53 26.78
CA TYR C 35 -7.64 26.59 26.01
C TYR C 35 -7.98 26.79 24.54
N THR C 36 -7.38 27.83 23.93
CA THR C 36 -7.57 28.17 22.52
C THR C 36 -6.22 28.26 21.82
N GLY C 37 -6.01 27.36 20.84
CA GLY C 37 -4.85 27.40 19.96
C GLY C 37 -5.07 28.39 18.84
N GLU C 38 -4.02 29.13 18.47
CA GLU C 38 -4.10 30.26 17.53
C GLU C 38 -2.81 30.36 16.70
N ASP C 39 -2.38 29.23 16.13
CA ASP C 39 -1.17 29.19 15.31
C ASP C 39 -1.41 29.72 13.89
N ASP C 40 -0.42 30.49 13.45
CA ASP C 40 -0.34 31.13 12.12
C ASP C 40 -0.38 30.07 11.03
N ILE C 41 0.24 28.91 11.26
CA ILE C 41 0.33 27.85 10.21
C ILE C 41 -1.02 27.22 9.90
N TYR C 42 -1.98 27.30 10.82
CA TYR C 42 -3.32 26.72 10.60
C TYR C 42 -4.25 27.83 10.09
N ALA C 43 -3.99 29.07 10.51
CA ALA C 43 -4.78 30.23 10.05
C ALA C 43 -4.58 30.32 8.54
N LYS C 44 -3.34 30.22 8.10
CA LYS C 44 -3.03 30.14 6.65
C LYS C 44 -3.16 28.66 6.23
N ASN C 45 -3.13 28.33 4.95
CA ASN C 45 -3.27 26.89 4.54
C ASN C 45 -4.47 26.18 5.21
N PRO C 46 -5.74 26.57 4.98
CA PRO C 46 -6.87 25.83 5.53
C PRO C 46 -7.07 24.51 4.78
N LEU C 47 -7.82 23.59 5.37
CA LEU C 47 -7.93 22.24 4.82
C LEU C 47 -8.90 22.15 3.63
N LYS C 48 -8.48 21.41 2.59
CA LYS C 48 -9.38 20.93 1.57
C LYS C 48 -10.12 19.71 2.12
N PRO C 49 -11.27 19.32 1.55
CA PRO C 49 -12.08 18.23 2.10
C PRO C 49 -11.35 16.90 2.36
N ASN C 50 -10.25 16.64 1.63
CA ASN C 50 -9.54 15.36 1.70
C ASN C 50 -8.20 15.42 2.46
N GLU C 51 -7.97 16.53 3.16
CA GLU C 51 -6.69 16.79 3.81
C GLU C 51 -6.81 16.73 5.33
N PHE C 52 -5.66 16.60 6.00
CA PHE C 52 -5.54 16.69 7.44
C PHE C 52 -4.21 17.33 7.81
N TYR C 53 -4.13 17.83 9.04
CA TYR C 53 -2.92 18.42 9.58
C TYR C 53 -2.06 17.33 10.25
N SER C 54 -0.76 17.53 9.99
CA SER C 54 0.42 16.81 10.50
C SER C 54 1.40 17.84 11.07
N PRO C 55 1.62 17.66 12.53
CA PRO C 55 1.42 16.53 13.44
C PRO C 55 -0.03 16.19 13.84
N ILE C 56 -0.35 14.91 13.89
CA ILE C 56 -1.71 14.45 14.27
C ILE C 56 -1.92 14.62 15.78
N LEU C 57 -0.85 14.60 16.55
CA LEU C 57 -0.93 14.90 17.99
C LEU C 57 -0.05 16.10 18.25
N GLN C 58 -0.68 17.22 18.57
CA GLN C 58 -0.01 18.48 18.84
C GLN C 58 0.38 18.49 20.30
N GLY C 59 1.48 19.19 20.61
CA GLY C 59 2.02 19.25 21.95
C GLY C 59 2.88 18.03 22.28
N CYS C 60 3.36 17.96 23.53
CA CYS C 60 4.27 16.90 23.96
C CYS C 60 3.66 15.51 23.84
N TYR C 61 3.97 14.84 22.73
CA TYR C 61 3.61 13.46 22.47
C TYR C 61 4.78 12.84 21.72
N PRO C 62 5.94 12.62 22.39
CA PRO C 62 7.15 12.14 21.74
C PRO C 62 7.19 10.62 21.57
N ASP C 63 8.21 10.17 20.86
CA ASP C 63 8.53 8.76 20.71
C ASP C 63 7.27 7.95 20.39
N PRO C 64 6.60 8.22 19.26
CA PRO C 64 5.33 7.55 18.96
C PRO C 64 5.56 6.11 18.53
N SER C 65 4.74 5.21 19.09
CA SER C 65 4.75 3.80 18.75
C SER C 65 3.31 3.41 18.40
N ILE C 66 3.18 2.51 17.42
CA ILE C 66 1.89 2.15 16.86
C ILE C 66 1.83 0.65 16.50
N CYS C 67 0.66 0.05 16.75
CA CYS C 67 0.40 -1.32 16.39
C CYS C 67 -1.03 -1.45 15.86
N ARG C 68 -1.33 -2.60 15.25
CA ARG C 68 -2.64 -2.90 14.69
C ARG C 68 -3.12 -4.29 15.09
N LYS C 69 -4.40 -4.36 15.48
CA LYS C 69 -5.15 -5.59 15.61
C LYS C 69 -6.46 -5.44 14.80
N GLY C 70 -6.58 -6.22 13.72
CA GLY C 70 -7.72 -6.19 12.83
C GLY C 70 -7.97 -4.79 12.25
N ASP C 71 -9.17 -4.26 12.49
CA ASP C 71 -9.57 -2.92 12.06
C ASP C 71 -9.07 -1.80 12.98
N ASP C 72 -8.48 -2.17 14.12
CA ASP C 72 -8.14 -1.23 15.20
C ASP C 72 -6.64 -0.91 15.30
N TYR C 73 -6.33 0.39 15.36
CA TYR C 73 -4.99 0.91 15.55
C TYR C 73 -4.87 1.46 16.96
N TYR C 74 -3.68 1.31 17.57
CA TYR C 74 -3.38 1.87 18.88
C TYR C 74 -2.03 2.58 18.81
N LEU C 75 -1.96 3.76 19.43
CA LEU C 75 -0.81 4.64 19.33
C LEU C 75 -0.49 5.18 20.72
N VAL C 76 0.79 5.15 21.09
CA VAL C 76 1.23 5.57 22.41
C VAL C 76 2.50 6.42 22.34
N ASN C 77 2.76 7.15 23.44
CA ASN C 77 3.82 8.15 23.56
C ASN C 77 4.51 8.12 24.93
N SER C 78 5.76 8.61 24.97
CA SER C 78 6.49 8.82 26.21
C SER C 78 5.89 9.99 26.96
N SER C 79 6.13 10.05 28.27
CA SER C 79 5.52 11.05 29.15
C SER C 79 6.35 11.52 30.33
N PHE C 80 7.50 10.86 30.58
CA PHE C 80 8.47 11.31 31.55
C PHE C 80 7.86 11.36 32.97
N ALA C 81 7.85 12.52 33.62
CA ALA C 81 7.36 12.60 35.01
C ALA C 81 5.86 12.95 35.11
N MSE C 82 5.10 12.83 34.03
CA MSE C 82 3.66 13.18 34.10
C MSE C 82 2.89 11.94 34.54
O MSE C 82 3.33 10.85 34.19
CB MSE C 82 3.17 13.64 32.72
CG MSE C 82 3.41 15.11 32.42
SE MSE C 82 3.30 15.59 30.55
CE MSE C 82 3.15 14.02 29.46
N PHE C 83 1.81 12.13 35.31
CA PHE C 83 0.97 11.02 35.73
C PHE C 83 -0.51 11.34 35.50
N PRO C 84 -1.31 10.43 34.89
CA PRO C 84 -0.82 9.14 34.42
C PRO C 84 0.12 9.26 33.23
N GLY C 85 0.85 8.19 32.94
CA GLY C 85 1.85 8.17 31.91
C GLY C 85 1.45 7.33 30.71
N VAL C 86 2.10 7.58 29.58
CA VAL C 86 1.89 6.87 28.32
C VAL C 86 0.42 6.95 27.86
N PRO C 87 0.01 8.06 27.21
CA PRO C 87 -1.37 8.18 26.72
C PRO C 87 -1.53 7.25 25.55
N ILE C 88 -2.73 6.65 25.42
CA ILE C 88 -3.00 5.68 24.37
C ILE C 88 -4.23 6.10 23.55
N PHE C 89 -4.04 6.19 22.21
CA PHE C 89 -5.06 6.62 21.28
C PHE C 89 -5.50 5.45 20.40
N HIS C 90 -6.81 5.41 20.09
CA HIS C 90 -7.40 4.39 19.23
C HIS C 90 -8.03 5.03 17.98
N SER C 91 -7.88 4.35 16.83
CA SER C 91 -8.39 4.82 15.54
C SER C 91 -8.57 3.67 14.55
N THR C 92 -9.62 3.77 13.73
CA THR C 92 -9.87 2.79 12.67
C THR C 92 -9.37 3.24 11.30
N ASP C 93 -8.90 4.49 11.23
CA ASP C 93 -8.53 5.05 9.91
C ASP C 93 -7.26 5.90 9.92
N LEU C 94 -6.52 5.97 11.04
CA LEU C 94 -5.21 6.67 11.23
C LEU C 94 -5.28 8.20 11.25
N ILE C 95 -6.45 8.80 11.08
CA ILE C 95 -6.57 10.29 11.09
C ILE C 95 -7.43 10.66 12.29
N ASN C 96 -8.50 9.90 12.51
CA ASN C 96 -9.44 10.23 13.61
C ASN C 96 -9.02 9.42 14.84
N TRP C 97 -8.69 10.14 15.91
CA TRP C 97 -8.15 9.48 17.11
C TRP C 97 -8.98 9.79 18.34
N VAL C 98 -9.22 8.76 19.14
CA VAL C 98 -9.86 8.88 20.45
C VAL C 98 -8.85 8.39 21.48
N GLN C 99 -8.56 9.25 22.49
CA GLN C 99 -7.75 8.84 23.64
C GLN C 99 -8.63 7.92 24.50
N ILE C 100 -8.21 6.66 24.63
CA ILE C 100 -8.93 5.64 25.39
C ILE C 100 -8.41 5.53 26.84
N GLY C 101 -7.30 6.22 27.12
CA GLY C 101 -6.76 6.33 28.45
C GLY C 101 -5.28 6.59 28.46
N ASN C 102 -4.64 6.15 29.53
CA ASN C 102 -3.19 6.20 29.70
C ASN C 102 -2.78 4.82 30.23
N VAL C 103 -1.81 4.18 29.57
CA VAL C 103 -1.48 2.78 29.85
C VAL C 103 -0.98 2.58 31.29
N LEU C 104 -0.14 3.50 31.77
CA LEU C 104 0.36 3.47 33.14
C LEU C 104 -0.43 4.48 33.97
N ASP C 105 -1.55 4.02 34.53
CA ASP C 105 -2.47 4.86 35.31
C ASP C 105 -2.67 4.46 36.77
N ARG C 106 -1.97 3.42 37.23
CA ARG C 106 -1.95 3.04 38.64
C ARG C 106 -0.56 3.34 39.22
N THR C 107 -0.53 3.67 40.51
CA THR C 107 0.71 3.93 41.25
C THR C 107 1.60 2.68 41.30
N SER C 108 0.99 1.49 41.23
CA SER C 108 1.71 0.22 41.16
C SER C 108 2.47 0.00 39.84
N GLN C 109 2.12 0.78 38.81
CA GLN C 109 2.80 0.76 37.53
C GLN C 109 3.83 1.88 37.42
N LEU C 110 3.58 2.99 38.10
CA LEU C 110 4.34 4.23 37.97
C LEU C 110 4.08 5.15 39.17
N ASP C 111 5.15 5.48 39.89
CA ASP C 111 5.10 6.28 41.10
C ASP C 111 6.19 7.34 41.01
N PRO C 112 5.95 8.49 40.33
CA PRO C 112 7.00 9.45 40.03
C PRO C 112 7.21 10.55 41.07
N THR C 113 6.83 10.28 42.33
CA THR C 113 7.00 11.19 43.47
C THR C 113 8.23 12.09 43.36
N THR C 114 9.41 11.48 43.17
CA THR C 114 10.69 12.21 43.13
C THR C 114 11.44 12.07 41.80
N CYS C 115 10.69 11.81 40.73
CA CYS C 115 11.20 11.63 39.39
C CYS C 115 11.76 12.96 38.83
N GLY C 116 12.94 12.89 38.22
CA GLY C 116 13.51 14.00 37.49
C GLY C 116 12.68 14.33 36.25
N ILE C 117 12.62 15.63 35.95
CA ILE C 117 11.80 16.19 34.83
C ILE C 117 12.07 15.47 33.52
N SER C 118 13.31 15.10 33.28
CA SER C 118 13.73 14.41 32.05
C SER C 118 14.15 12.96 32.36
N ALA C 119 13.49 12.35 33.34
CA ALA C 119 13.61 10.93 33.65
C ALA C 119 12.22 10.29 33.42
N GLY C 120 11.84 9.33 34.28
CA GLY C 120 10.54 8.70 34.22
C GLY C 120 10.39 7.83 33.00
N ILE C 121 9.25 7.96 32.30
CA ILE C 121 8.88 7.10 31.19
C ILE C 121 9.49 7.55 29.87
N TYR C 122 10.48 6.79 29.38
CA TYR C 122 11.13 7.04 28.10
C TYR C 122 10.30 6.43 26.93
N ALA C 123 10.91 6.38 25.74
CA ALA C 123 10.25 5.88 24.53
C ALA C 123 9.43 4.61 24.77
N PRO C 124 8.11 4.64 24.51
CA PRO C 124 7.28 3.43 24.55
C PRO C 124 7.33 2.66 23.23
N ALA C 125 7.13 1.34 23.32
CA ALA C 125 6.86 0.51 22.15
C ALA C 125 5.68 -0.42 22.42
N ILE C 126 4.56 -0.18 21.72
CA ILE C 126 3.35 -1.00 21.82
C ILE C 126 3.35 -2.05 20.70
N HIS C 127 2.74 -3.21 20.96
CA HIS C 127 2.80 -4.33 20.03
C HIS C 127 1.56 -5.19 20.23
N TYR C 128 1.14 -5.86 19.15
CA TYR C 128 0.11 -6.88 19.24
C TYR C 128 0.67 -8.20 18.73
N ASN C 129 0.66 -9.20 19.62
CA ASN C 129 1.08 -10.55 19.29
C ASN C 129 -0.14 -11.34 18.87
N LYS C 130 -0.25 -11.58 17.55
CA LYS C 130 -1.37 -12.30 16.96
C LYS C 130 -1.33 -13.79 17.27
N TYR C 131 -0.15 -14.28 17.66
CA TYR C 131 0.04 -15.70 17.97
C TYR C 131 -0.53 -16.10 19.33
N ASN C 132 -0.53 -15.16 20.29
CA ASN C 132 -1.16 -15.35 21.59
C ASN C 132 -2.20 -14.26 21.92
N ASP C 133 -2.68 -13.57 20.88
CA ASP C 133 -3.75 -12.58 20.98
C ASP C 133 -3.59 -11.66 22.21
N THR C 134 -2.38 -11.10 22.38
CA THR C 134 -2.01 -10.34 23.56
C THR C 134 -1.29 -9.07 23.18
N PHE C 135 -1.60 -7.99 23.91
CA PHE C 135 -0.96 -6.69 23.75
C PHE C 135 0.20 -6.54 24.74
N TYR C 136 1.18 -5.71 24.35
CA TYR C 136 2.41 -5.49 25.10
C TYR C 136 2.76 -3.99 25.01
N MSE C 137 2.97 -3.37 26.18
CA MSE C 137 3.54 -2.05 26.23
C MSE C 137 4.88 -2.14 26.97
O MSE C 137 4.90 -2.38 28.17
CB MSE C 137 2.58 -1.07 26.92
CG MSE C 137 2.83 0.39 26.58
SE MSE C 137 4.53 1.02 27.33
CE MSE C 137 4.82 2.92 27.34
N ILE C 138 5.98 -1.97 26.23
CA ILE C 138 7.32 -2.08 26.80
C ILE C 138 8.10 -0.76 26.73
N THR C 139 8.72 -0.37 27.85
CA THR C 139 9.42 0.90 28.00
C THR C 139 10.51 0.87 29.09
N THR C 140 11.20 1.99 29.28
CA THR C 140 12.12 2.20 30.38
C THR C 140 11.52 3.21 31.35
N GLU C 141 11.46 2.82 32.62
CA GLU C 141 10.91 3.65 33.68
C GLU C 141 12.00 4.04 34.66
N PHE C 142 12.62 5.20 34.42
CA PHE C 142 13.68 5.75 35.26
C PHE C 142 13.09 6.50 36.44
N CYS C 143 12.38 5.74 37.28
CA CYS C 143 11.81 6.18 38.54
C CYS C 143 11.11 4.93 39.13
N ALA C 144 10.56 5.06 40.33
CA ALA C 144 9.86 3.96 40.99
C ALA C 144 8.57 3.61 40.25
N PRO C 145 8.03 2.37 40.36
CA PRO C 145 8.65 1.27 41.12
C PRO C 145 9.81 0.51 40.45
N CYS C 146 9.98 0.64 39.14
CA CYS C 146 10.82 -0.27 38.36
C CYS C 146 12.28 0.17 38.22
N GLY C 147 12.53 1.47 38.04
CA GLY C 147 13.87 1.98 37.86
C GLY C 147 14.59 1.21 36.78
N GLY C 148 13.96 1.07 35.62
CA GLY C 148 14.55 0.43 34.46
C GLY C 148 13.53 -0.16 33.50
N ASN C 149 14.04 -0.98 32.59
CA ASN C 149 13.26 -1.58 31.51
C ASN C 149 12.18 -2.51 32.04
N MSE C 150 10.97 -2.38 31.47
CA MSE C 150 9.81 -3.08 31.99
C MSE C 150 8.74 -3.19 30.90
O MSE C 150 8.72 -2.40 29.97
CB MSE C 150 9.23 -2.33 33.21
CG MSE C 150 8.72 -0.95 32.91
SE MSE C 150 6.81 -0.99 32.39
CE MSE C 150 5.93 0.28 33.60
N VAL C 151 7.85 -4.18 31.05
CA VAL C 151 6.76 -4.40 30.13
C VAL C 151 5.45 -4.65 30.88
N VAL C 152 4.35 -4.13 30.31
CA VAL C 152 2.99 -4.41 30.80
C VAL C 152 2.15 -5.02 29.67
N LYS C 153 1.14 -5.79 30.07
CA LYS C 153 0.33 -6.59 29.14
C LYS C 153 -1.15 -6.43 29.35
N THR C 154 -1.91 -6.77 28.30
CA THR C 154 -3.38 -6.78 28.34
C THR C 154 -3.96 -7.56 27.15
N LYS C 155 -5.16 -8.08 27.34
CA LYS C 155 -5.97 -8.63 26.24
C LYS C 155 -6.78 -7.57 25.46
N ASP C 156 -6.98 -6.40 26.09
CA ASP C 156 -7.89 -5.38 25.64
C ASP C 156 -7.55 -4.06 26.34
N PRO C 157 -6.90 -3.11 25.64
CA PRO C 157 -6.54 -1.81 26.23
C PRO C 157 -7.66 -1.06 26.95
N ARG C 158 -8.92 -1.28 26.56
CA ARG C 158 -10.06 -0.64 27.21
C ARG C 158 -10.27 -1.10 28.66
N GLN C 159 -9.72 -2.26 29.02
CA GLN C 159 -9.81 -2.80 30.38
C GLN C 159 -8.59 -2.46 31.27
N GLY C 160 -7.59 -1.78 30.69
CA GLY C 160 -6.35 -1.45 31.38
C GLY C 160 -5.29 -2.52 31.22
N TRP C 161 -4.13 -2.28 31.84
CA TRP C 161 -2.95 -3.14 31.69
C TRP C 161 -2.45 -3.69 33.03
N SER C 162 -1.67 -4.77 32.96
CA SER C 162 -1.10 -5.42 34.13
C SER C 162 -0.11 -4.53 34.85
N ASP C 163 0.35 -5.00 36.02
CA ASP C 163 1.49 -4.41 36.71
C ASP C 163 2.75 -4.75 35.94
N PRO C 164 3.86 -4.01 36.12
CA PRO C 164 5.06 -4.21 35.31
C PRO C 164 5.75 -5.56 35.54
N PHE C 165 6.40 -6.08 34.50
CA PHE C 165 7.34 -7.18 34.57
C PHE C 165 8.69 -6.51 34.39
N ASN C 166 9.56 -6.61 35.41
CA ASN C 166 10.89 -6.00 35.37
C ASN C 166 11.79 -6.82 34.46
N LEU C 167 12.42 -6.15 33.47
CA LEU C 167 13.30 -6.81 32.50
C LEU C 167 14.77 -6.52 32.79
N HIS C 168 15.61 -7.55 32.60
CA HIS C 168 16.99 -7.56 33.08
C HIS C 168 18.04 -7.17 32.04
N PHE C 169 17.96 -5.91 31.58
CA PHE C 169 18.96 -5.32 30.70
C PHE C 169 18.92 -3.82 30.87
N GLY C 170 20.05 -3.16 30.59
CA GLY C 170 20.18 -1.73 30.67
C GLY C 170 19.86 -1.03 29.36
N GLY C 171 20.14 0.28 29.30
CA GLY C 171 19.85 1.08 28.13
C GLY C 171 18.38 1.41 27.99
N ILE C 172 17.98 1.94 26.84
CA ILE C 172 16.63 2.43 26.58
C ILE C 172 16.04 1.94 25.27
N ASP C 173 14.78 2.31 25.03
CA ASP C 173 14.05 2.04 23.79
C ASP C 173 13.89 0.55 23.54
N PRO C 174 13.39 -0.22 24.52
CA PRO C 174 13.04 -1.62 24.28
C PRO C 174 11.91 -1.77 23.25
N SER C 175 11.89 -2.90 22.54
CA SER C 175 10.90 -3.19 21.54
C SER C 175 10.91 -4.68 21.24
N LEU C 176 9.73 -5.30 21.30
CA LEU C 176 9.57 -6.73 21.07
C LEU C 176 9.19 -7.01 19.62
N PHE C 177 9.55 -8.20 19.15
CA PHE C 177 9.15 -8.71 17.84
C PHE C 177 8.84 -10.20 17.97
N PHE C 178 7.72 -10.62 17.38
CA PHE C 178 7.25 -11.99 17.45
C PHE C 178 7.33 -12.67 16.08
N ASP C 179 8.30 -13.57 15.92
CA ASP C 179 8.58 -14.27 14.67
C ASP C 179 7.51 -15.32 14.34
N ASP C 180 7.69 -16.03 13.23
CA ASP C 180 6.70 -16.99 12.71
C ASP C 180 6.89 -18.44 13.17
N ASN C 181 7.87 -18.67 14.07
CA ASN C 181 8.17 -19.99 14.60
C ASN C 181 8.00 -20.03 16.10
N GLY C 182 7.17 -19.16 16.67
CA GLY C 182 6.94 -19.18 18.11
C GLY C 182 8.06 -18.57 18.95
N LYS C 183 9.14 -18.16 18.29
CA LYS C 183 10.22 -17.44 18.96
C LYS C 183 9.93 -15.95 19.03
N ALA C 184 10.24 -15.35 20.18
CA ALA C 184 10.08 -13.93 20.43
C ALA C 184 11.43 -13.31 20.72
N TYR C 185 11.58 -12.04 20.33
CA TYR C 185 12.84 -11.32 20.47
C TYR C 185 12.60 -9.93 21.04
N LEU C 186 13.68 -9.32 21.53
CA LEU C 186 13.62 -8.02 22.14
C LEU C 186 14.86 -7.28 21.71
N VAL C 187 14.67 -6.07 21.17
CA VAL C 187 15.76 -5.23 20.75
C VAL C 187 15.75 -3.97 21.60
N HIS C 188 16.94 -3.43 21.87
CA HIS C 188 17.06 -2.19 22.60
C HIS C 188 18.37 -1.51 22.32
N ASN C 189 18.43 -0.22 22.70
CA ASN C 189 19.66 0.58 22.70
C ASN C 189 20.45 0.21 23.96
N ASP C 190 21.78 0.25 23.87
CA ASP C 190 22.64 0.00 25.02
C ASP C 190 23.94 0.79 24.85
N ALA C 191 24.77 0.79 25.89
CA ALA C 191 26.10 1.39 25.80
C ALA C 191 27.06 0.29 25.35
N PRO C 192 28.12 0.63 24.57
CA PRO C 192 29.14 -0.35 24.20
C PRO C 192 30.08 -0.56 25.37
N GLU C 193 30.69 -1.74 25.47
CA GLU C 193 31.74 -2.01 26.49
C GLU C 193 32.88 -0.99 26.32
N LYS C 194 33.32 -0.80 25.06
CA LYS C 194 34.44 0.05 24.70
C LYS C 194 34.04 1.25 23.84
N PRO C 195 33.54 2.36 24.45
CA PRO C 195 33.26 3.59 23.73
C PRO C 195 34.43 4.09 22.86
N LEU C 196 34.15 4.32 21.57
CA LEU C 196 35.14 4.72 20.59
C LEU C 196 35.17 6.24 20.34
N TYR C 197 34.11 6.95 20.74
CA TYR C 197 34.01 8.40 20.55
C TYR C 197 33.07 9.10 21.56
N GLY C 198 33.13 8.66 22.82
CA GLY C 198 32.44 9.32 23.90
C GLY C 198 31.06 8.74 24.13
N PRO C 199 30.25 9.36 25.02
CA PRO C 199 28.91 8.87 25.34
C PRO C 199 27.92 8.72 24.16
N ASN C 200 28.15 9.41 23.05
CA ASN C 200 27.26 9.35 21.88
C ASN C 200 27.34 8.00 21.18
N HIS C 201 28.47 7.31 21.34
CA HIS C 201 28.61 5.95 20.83
C HIS C 201 27.65 5.03 21.57
N ARG C 202 26.69 4.46 20.83
CA ARG C 202 25.69 3.56 21.35
C ARG C 202 25.56 2.33 20.44
N CYS C 203 24.76 1.35 20.90
CA CYS C 203 24.62 0.06 20.27
C CYS C 203 23.15 -0.35 20.21
N ILE C 204 22.83 -1.17 19.22
CA ILE C 204 21.58 -1.91 19.20
C ILE C 204 21.88 -3.36 19.55
N LYS C 205 21.14 -3.87 20.54
CA LYS C 205 21.31 -5.20 21.07
C LYS C 205 19.99 -5.93 20.92
N ILE C 206 20.07 -7.22 20.58
CA ILE C 206 18.90 -8.09 20.50
C ILE C 206 19.02 -9.26 21.51
N TRP C 207 17.86 -9.69 22.02
CA TRP C 207 17.73 -10.81 22.95
C TRP C 207 16.58 -11.69 22.49
N GLU C 208 16.70 -13.00 22.70
CA GLU C 208 15.57 -13.90 22.63
C GLU C 208 14.72 -13.63 23.87
N TYR C 209 13.40 -13.76 23.73
CA TYR C 209 12.45 -13.40 24.78
C TYR C 209 11.62 -14.63 25.12
N ASP C 210 11.41 -14.82 26.42
CA ASP C 210 10.65 -15.94 26.96
C ASP C 210 9.23 -15.45 27.24
N LEU C 211 8.27 -15.98 26.47
CA LEU C 211 6.88 -15.54 26.54
C LEU C 211 6.22 -15.96 27.84
N GLU C 212 6.56 -17.16 28.32
CA GLU C 212 6.05 -17.69 29.60
C GLU C 212 6.46 -16.77 30.76
N LYS C 213 7.77 -16.48 30.85
CA LYS C 213 8.34 -15.74 31.97
C LYS C 213 8.34 -14.21 31.79
N ASP C 214 8.12 -13.74 30.56
CA ASP C 214 8.20 -12.32 30.23
C ASP C 214 9.54 -11.78 30.72
N GLN C 215 10.62 -12.35 30.20
CA GLN C 215 11.98 -12.03 30.56
C GLN C 215 12.88 -12.50 29.42
N ILE C 216 13.97 -11.76 29.18
CA ILE C 216 14.99 -12.15 28.22
C ILE C 216 15.65 -13.47 28.66
N ILE C 217 16.14 -14.25 27.69
CA ILE C 217 16.89 -15.46 27.97
C ILE C 217 18.37 -15.09 28.09
N PRO C 218 19.00 -15.28 29.27
CA PRO C 218 20.43 -15.01 29.44
C PRO C 218 21.32 -15.79 28.48
N GLY C 219 22.34 -15.11 27.93
CA GLY C 219 23.24 -15.67 26.95
C GLY C 219 22.82 -15.56 25.50
N THR C 220 21.64 -14.97 25.24
CA THR C 220 21.12 -14.86 23.88
C THR C 220 21.35 -13.46 23.30
N ASP C 221 21.98 -12.58 24.09
CA ASP C 221 22.24 -11.22 23.69
C ASP C 221 23.33 -11.14 22.65
N LYS C 222 23.14 -10.24 21.67
CA LYS C 222 24.10 -9.99 20.61
C LYS C 222 23.94 -8.55 20.14
N VAL C 223 25.08 -7.87 19.94
CA VAL C 223 25.10 -6.55 19.34
C VAL C 223 24.91 -6.73 17.83
N ILE C 224 23.83 -6.15 17.29
CA ILE C 224 23.50 -6.23 15.87
C ILE C 224 23.79 -4.95 15.09
N VAL C 225 23.86 -3.81 15.78
CA VAL C 225 24.40 -2.58 15.21
C VAL C 225 25.32 -1.92 16.22
N ASN C 226 26.51 -1.51 15.76
CA ASN C 226 27.45 -0.77 16.57
C ASN C 226 27.66 0.66 16.08
N GLY C 227 27.13 1.63 16.84
CA GLY C 227 27.25 3.04 16.51
C GLY C 227 26.12 3.59 15.65
N GLY C 228 25.97 3.03 14.45
CA GLY C 228 24.97 3.45 13.48
C GLY C 228 25.19 2.83 12.09
N THR C 229 24.64 3.48 11.06
CA THR C 229 24.78 3.04 9.67
C THR C 229 26.24 3.07 9.17
N ASP C 230 27.05 3.99 9.71
CA ASP C 230 28.49 4.05 9.40
C ASP C 230 29.29 4.58 10.59
N ILE C 231 29.98 3.69 11.29
CA ILE C 231 30.69 4.01 12.54
C ILE C 231 31.80 5.06 12.37
N GLU C 232 32.47 5.05 11.22
CA GLU C 232 33.45 6.07 10.87
C GLU C 232 32.94 7.51 11.01
N LYS C 233 31.63 7.71 10.81
CA LYS C 233 30.99 9.02 10.94
C LYS C 233 30.63 9.42 12.38
N LYS C 234 30.94 8.54 13.35
CA LYS C 234 30.62 8.75 14.76
C LYS C 234 29.14 9.02 14.98
N PRO C 235 28.25 8.12 14.49
CA PRO C 235 26.81 8.31 14.63
C PRO C 235 26.36 8.48 16.07
N VAL C 236 25.58 9.53 16.33
CA VAL C 236 25.11 9.87 17.66
C VAL C 236 23.87 9.05 18.05
N TRP C 237 23.92 8.43 19.23
CA TRP C 237 22.77 7.83 19.90
C TRP C 237 21.77 7.04 19.03
N ILE C 238 22.28 6.06 18.28
CA ILE C 238 21.40 5.14 17.58
C ILE C 238 20.48 4.50 18.61
N GLU C 239 19.17 4.54 18.33
CA GLU C 239 18.15 4.15 19.28
C GLU C 239 16.81 3.88 18.57
N GLY C 240 15.72 3.87 19.34
CA GLY C 240 14.41 3.51 18.87
C GLY C 240 14.35 2.31 17.93
N PRO C 241 15.06 1.20 18.21
CA PRO C 241 15.07 0.06 17.29
C PRO C 241 13.70 -0.63 17.18
N HIS C 242 13.25 -0.92 15.95
CA HIS C 242 12.08 -1.76 15.71
C HIS C 242 12.38 -2.83 14.65
N ILE C 243 11.96 -4.06 14.92
CA ILE C 243 12.07 -5.16 13.96
C ILE C 243 10.73 -5.35 13.27
N TYR C 244 10.80 -5.50 11.94
CA TYR C 244 9.67 -5.94 11.13
C TYR C 244 10.18 -7.05 10.21
N LYS C 245 9.30 -7.95 9.80
CA LYS C 245 9.64 -9.01 8.88
C LYS C 245 8.70 -8.92 7.69
N LYS C 246 9.26 -8.94 6.49
CA LYS C 246 8.50 -8.82 5.25
C LYS C 246 9.16 -9.62 4.13
N ASN C 247 8.37 -10.52 3.50
CA ASN C 247 8.84 -11.45 2.46
C ASN C 247 10.06 -12.27 2.92
N GLY C 248 10.01 -12.73 4.17
CA GLY C 248 11.07 -13.55 4.74
C GLY C 248 12.35 -12.83 5.17
N THR C 249 12.42 -11.52 4.95
CA THR C 249 13.56 -10.69 5.33
C THR C 249 13.27 -9.91 6.62
N TYR C 250 14.29 -9.78 7.48
CA TYR C 250 14.18 -9.03 8.74
C TYR C 250 14.65 -7.60 8.50
N TYR C 251 13.98 -6.65 9.16
CA TYR C 251 14.25 -5.23 9.02
C TYR C 251 14.39 -4.61 10.39
N LEU C 252 15.47 -3.84 10.57
CA LEU C 252 15.72 -3.07 11.77
C LEU C 252 15.66 -1.60 11.39
N MSE C 253 14.73 -0.87 11.99
CA MSE C 253 14.62 0.56 11.80
C MSE C 253 14.98 1.26 13.11
O MSE C 253 14.44 0.92 14.16
CB MSE C 253 13.21 0.94 11.33
CG MSE C 253 13.12 2.36 10.79
SE MSE C 253 11.29 2.81 10.20
CE MSE C 253 11.28 2.05 8.41
N CYS C 254 15.87 2.25 13.03
CA CYS C 254 16.35 2.96 14.19
C CYS C 254 16.36 4.46 13.97
N ALA C 255 16.20 5.22 15.06
CA ALA C 255 16.52 6.63 15.07
C ALA C 255 18.05 6.75 15.23
N GLU C 256 18.63 7.79 14.60
CA GLU C 256 20.07 8.07 14.65
C GLU C 256 20.32 9.58 14.59
N GLY C 257 21.31 10.03 15.36
CA GLY C 257 21.70 11.42 15.42
C GLY C 257 21.28 12.23 16.62
N GLY C 258 20.48 11.65 17.53
CA GLY C 258 19.99 12.35 18.70
C GLY C 258 18.62 12.97 18.43
N THR C 259 17.84 13.19 19.48
CA THR C 259 16.49 13.70 19.33
C THR C 259 16.42 15.22 19.15
N GLY C 260 17.58 15.84 18.85
CA GLY C 260 17.66 17.24 18.46
C GLY C 260 17.94 17.47 16.99
N ASP C 261 18.82 18.44 16.73
CA ASP C 261 19.16 18.94 15.38
C ASP C 261 19.55 17.91 14.33
N TRP C 262 20.14 16.79 14.76
CA TRP C 262 20.66 15.81 13.82
C TRP C 262 19.77 14.55 13.74
N HIS C 263 18.51 14.67 14.20
CA HIS C 263 17.58 13.54 14.24
C HIS C 263 17.34 13.00 12.84
N SER C 264 17.11 11.69 12.74
CA SER C 264 16.85 11.00 11.49
C SER C 264 16.39 9.60 11.80
N GLU C 265 15.96 8.87 10.77
CA GLU C 265 15.62 7.47 10.86
C GLU C 265 16.35 6.73 9.75
N VAL C 266 16.92 5.59 10.10
CA VAL C 266 17.74 4.78 9.22
C VAL C 266 17.17 3.38 9.22
N ILE C 267 17.59 2.57 8.24
CA ILE C 267 17.01 1.25 8.01
C ILE C 267 18.08 0.24 7.60
N PHE C 268 17.97 -0.96 8.21
CA PHE C 268 18.90 -2.07 8.04
C PHE C 268 18.05 -3.28 7.67
N LYS C 269 18.67 -4.25 6.96
CA LYS C 269 18.02 -5.54 6.73
C LYS C 269 18.98 -6.73 6.98
N ALA C 270 18.38 -7.91 7.24
CA ALA C 270 19.12 -9.15 7.41
C ALA C 270 18.31 -10.36 6.97
N ASP C 271 19.00 -11.46 6.65
CA ASP C 271 18.38 -12.71 6.26
C ASP C 271 17.99 -13.60 7.45
N ASN C 272 18.41 -13.17 8.65
CA ASN C 272 18.24 -13.90 9.90
C ASN C 272 18.06 -12.96 11.08
N ILE C 273 17.28 -13.36 12.08
CA ILE C 273 16.94 -12.48 13.21
C ILE C 273 18.19 -11.90 13.91
N TYR C 274 19.21 -12.74 14.06
CA TYR C 274 20.51 -12.36 14.62
C TYR C 274 21.47 -11.93 13.51
N GLY C 275 21.08 -12.21 12.27
CA GLY C 275 21.96 -12.27 11.12
C GLY C 275 22.59 -10.89 10.99
N PRO C 276 23.69 -10.73 10.23
CA PRO C 276 24.31 -9.40 10.11
C PRO C 276 23.27 -8.46 9.49
N TYR C 277 23.06 -7.30 10.14
CA TYR C 277 22.15 -6.29 9.65
C TYR C 277 22.97 -5.25 8.90
N GLU C 278 22.70 -5.11 7.59
CA GLU C 278 23.40 -4.16 6.74
C GLU C 278 22.50 -2.96 6.43
N PRO C 279 23.04 -1.72 6.46
CA PRO C 279 22.25 -0.53 6.12
C PRO C 279 21.99 -0.41 4.62
N TRP C 280 20.76 -0.03 4.24
CA TRP C 280 20.47 0.38 2.87
C TRP C 280 21.47 1.50 2.54
N ASN C 281 22.14 1.37 1.38
CA ASN C 281 22.99 2.43 0.91
C ASN C 281 22.29 3.79 1.00
N ASN C 282 20.97 3.80 0.71
CA ASN C 282 20.13 4.97 0.87
C ASN C 282 19.78 5.13 2.33
N ASN C 283 20.48 6.05 3.01
CA ASN C 283 20.18 6.37 4.39
C ASN C 283 20.66 7.79 4.67
N PRO C 284 19.97 8.56 5.54
CA PRO C 284 18.72 8.14 6.17
C PRO C 284 17.47 8.15 5.26
N ILE C 285 16.35 7.64 5.75
CA ILE C 285 15.06 7.62 5.02
C ILE C 285 14.03 8.62 5.55
N LEU C 286 14.39 9.35 6.62
CA LEU C 286 13.57 10.40 7.21
C LEU C 286 14.46 11.37 7.97
N THR C 287 14.45 12.64 7.58
CA THR C 287 15.15 13.68 8.33
C THR C 287 14.77 15.06 7.82
N GLN C 288 14.97 16.07 8.67
CA GLN C 288 14.90 17.48 8.27
C GLN C 288 16.24 18.22 8.54
N ARG C 289 17.27 17.47 8.93
CA ARG C 289 18.46 18.06 9.55
C ARG C 289 19.32 18.95 8.64
N HIS C 290 19.26 18.71 7.34
CA HIS C 290 20.00 19.49 6.36
C HIS C 290 19.30 20.80 5.89
N PHE C 291 18.31 21.27 6.65
CA PHE C 291 17.61 22.54 6.40
C PHE C 291 17.87 23.52 7.56
N LEU C 292 18.23 24.78 7.25
CA LEU C 292 18.29 25.88 8.22
C LEU C 292 17.71 27.14 7.55
N HIS C 293 16.38 27.30 7.63
CA HIS C 293 15.60 28.16 6.76
C HIS C 293 14.80 29.25 7.50
N ASN C 294 13.46 29.10 7.56
CA ASN C 294 12.54 30.15 8.02
C ASN C 294 12.61 30.45 9.55
N LEU C 298 9.15 25.13 9.04
CA LEU C 298 8.00 24.62 9.77
C LEU C 298 8.35 23.63 10.91
N ALA C 299 9.06 22.55 10.56
CA ALA C 299 9.27 21.41 11.44
C ALA C 299 10.73 20.97 11.46
N ASP C 300 11.15 20.35 12.56
CA ASP C 300 12.55 19.97 12.80
C ASP C 300 12.63 18.69 13.65
N TRP C 301 13.87 18.22 13.88
CA TRP C 301 14.19 17.10 14.78
C TRP C 301 13.40 15.82 14.44
N ALA C 302 13.30 15.51 13.16
CA ALA C 302 12.46 14.41 12.69
C ALA C 302 13.19 13.07 12.84
N GLY C 303 12.58 12.17 13.61
CA GLY C 303 13.02 10.79 13.74
C GLY C 303 12.20 10.03 14.76
N HIS C 304 12.72 8.89 15.21
CA HIS C 304 12.08 7.97 16.14
C HIS C 304 10.72 7.52 15.63
N ALA C 305 10.74 6.81 14.51
CA ALA C 305 9.56 6.39 13.81
C ALA C 305 9.16 4.99 14.17
N ASP C 306 7.93 4.62 13.78
CA ASP C 306 7.42 3.27 13.85
C ASP C 306 6.41 3.09 12.72
N LEU C 307 6.47 1.93 12.05
CA LEU C 307 5.63 1.63 10.89
C LEU C 307 4.43 0.75 11.26
N VAL C 308 3.34 0.92 10.49
CA VAL C 308 2.17 0.07 10.59
C VAL C 308 1.53 -0.12 9.21
N GLU C 309 1.11 -1.36 8.93
CA GLU C 309 0.30 -1.68 7.77
C GLU C 309 -1.15 -1.82 8.22
N LYS C 314 -0.70 -1.39 2.57
CA LYS C 314 -0.06 -0.10 2.38
C LYS C 314 0.23 0.54 3.75
N TYR C 315 1.36 1.25 3.85
CA TYR C 315 2.02 1.53 5.13
C TYR C 315 2.05 3.01 5.49
N TYR C 316 1.98 3.26 6.80
CA TYR C 316 2.03 4.63 7.35
C TYR C 316 3.06 4.64 8.47
N GLY C 317 3.77 5.75 8.65
CA GLY C 317 4.79 5.81 9.69
C GLY C 317 4.61 6.99 10.60
N VAL C 318 4.69 6.77 11.90
CA VAL C 318 4.60 7.88 12.86
C VAL C 318 6.02 8.22 13.29
N PHE C 319 6.24 9.46 13.70
CA PHE C 319 7.56 9.92 14.15
C PHE C 319 7.38 11.20 14.93
N LEU C 320 8.46 11.65 15.52
CA LEU C 320 8.44 12.83 16.35
C LEU C 320 9.14 13.96 15.64
N GLY C 321 8.74 15.18 15.97
CA GLY C 321 9.33 16.40 15.46
C GLY C 321 8.93 17.53 16.37
N ILE C 322 9.57 18.68 16.16
CA ILE C 322 9.21 19.93 16.80
C ILE C 322 8.80 20.99 15.76
N ARG C 323 7.87 21.88 16.12
CA ARG C 323 7.59 23.08 15.34
C ARG C 323 8.17 24.26 16.11
N PRO C 324 9.41 24.71 15.80
CA PRO C 324 9.99 25.87 16.48
C PRO C 324 9.37 27.21 16.14
N ASN C 325 9.57 28.21 17.01
CA ASN C 325 9.10 29.57 16.80
C ASN C 325 10.15 30.34 15.99
N SER C 326 9.95 31.65 15.83
CA SER C 326 10.85 32.49 15.02
C SER C 326 12.30 32.55 15.51
N LYS C 327 12.52 32.25 16.79
CA LYS C 327 13.85 32.21 17.41
C LYS C 327 14.44 30.80 17.52
N GLY C 328 13.74 29.80 16.96
CA GLY C 328 14.16 28.41 17.01
C GLY C 328 13.80 27.63 18.27
N ASN C 329 13.12 28.30 19.21
CA ASN C 329 12.72 27.69 20.47
C ASN C 329 11.45 26.86 20.32
N VAL C 330 11.30 25.86 21.20
CA VAL C 330 10.17 24.94 21.23
C VAL C 330 9.61 24.84 22.63
N ASN C 331 8.39 25.37 22.79
CA ASN C 331 7.61 25.27 24.01
C ASN C 331 6.53 24.20 23.90
N THR C 332 6.42 23.60 22.71
CA THR C 332 5.37 22.64 22.40
C THR C 332 5.82 21.19 22.50
N GLY C 333 7.09 20.97 22.88
CA GLY C 333 7.65 19.64 23.02
C GLY C 333 7.77 18.97 21.68
N ARG C 334 8.04 17.67 21.70
CA ARG C 334 8.14 16.86 20.49
C ARG C 334 6.79 16.21 20.23
N GLU C 335 6.32 16.32 18.98
CA GLU C 335 4.95 15.98 18.60
C GLU C 335 4.95 14.77 17.69
N THR C 336 3.80 14.12 17.60
CA THR C 336 3.67 12.91 16.77
C THR C 336 3.22 13.30 15.37
N PHE C 337 4.07 13.05 14.40
CA PHE C 337 3.78 13.37 12.98
C PHE C 337 3.50 12.08 12.24
N MSE C 338 2.91 12.20 11.06
CA MSE C 338 2.66 11.01 10.22
C MSE C 338 2.83 11.42 8.76
O MSE C 338 2.52 12.55 8.42
CB MSE C 338 1.27 10.44 10.47
CG MSE C 338 0.98 9.21 9.66
SE MSE C 338 -0.65 8.31 10.09
CE MSE C 338 -0.83 8.01 11.97
N LEU C 339 3.43 10.53 8.00
CA LEU C 339 3.64 10.62 6.54
C LEU C 339 3.33 9.22 6.02
N PRO C 340 2.87 8.90 4.62
CA PRO C 340 2.65 7.64 3.96
C PRO C 340 4.02 7.02 3.71
N VAL C 341 4.09 5.69 3.80
CA VAL C 341 5.30 4.94 3.56
C VAL C 341 5.04 3.95 2.45
N ASP C 342 5.80 4.05 1.37
CA ASP C 342 5.79 3.08 0.27
C ASP C 342 6.74 1.93 0.63
N TRP C 343 6.20 0.71 0.69
CA TRP C 343 7.00 -0.48 0.91
C TRP C 343 6.71 -1.55 -0.13
N SER C 344 6.57 -1.13 -1.38
CA SER C 344 6.34 -2.00 -2.54
C SER C 344 7.63 -2.67 -3.01
N GLY C 345 8.79 -2.19 -2.54
CA GLY C 345 10.09 -2.74 -2.87
C GLY C 345 10.80 -3.30 -1.65
N THR C 346 12.09 -3.61 -1.78
CA THR C 346 12.93 -4.10 -0.68
C THR C 346 12.85 -3.25 0.58
N TRP C 347 12.93 -1.92 0.43
CA TRP C 347 13.05 -0.98 1.55
C TRP C 347 11.88 0.00 1.68
N PRO C 348 11.54 0.42 2.93
CA PRO C 348 10.52 1.42 3.16
C PRO C 348 10.99 2.84 2.83
N VAL C 349 10.14 3.58 2.11
CA VAL C 349 10.37 4.98 1.75
C VAL C 349 9.29 5.77 2.47
N PHE C 350 9.71 6.74 3.29
CA PHE C 350 8.81 7.75 3.87
C PHE C 350 8.54 8.80 2.81
N GLU C 351 7.31 8.84 2.29
CA GLU C 351 6.95 9.72 1.18
C GLU C 351 7.11 11.19 1.57
N ASN C 352 8.01 11.87 0.86
CA ASN C 352 8.47 13.21 1.17
C ASN C 352 9.10 13.34 2.56
N GLY C 353 9.68 12.25 3.07
CA GLY C 353 10.36 12.23 4.35
C GLY C 353 11.73 12.91 4.33
N LEU C 354 12.24 13.26 3.14
CA LEU C 354 13.53 13.92 2.97
C LEU C 354 13.46 15.33 2.30
N VAL C 355 12.25 15.85 2.10
CA VAL C 355 12.04 17.25 1.70
C VAL C 355 11.35 17.99 2.84
N PRO C 356 11.39 19.33 2.91
CA PRO C 356 10.74 20.06 4.01
C PRO C 356 9.27 19.66 4.19
N LEU C 357 8.89 19.28 5.41
CA LEU C 357 7.53 18.84 5.68
C LEU C 357 6.58 20.02 5.53
N SER C 358 5.34 19.73 5.11
CA SER C 358 4.29 20.70 5.12
C SER C 358 3.21 20.21 6.05
N ILE C 359 2.45 21.17 6.58
CA ILE C 359 1.42 20.95 7.59
C ILE C 359 0.25 20.09 7.08
N LYS C 360 0.05 20.07 5.76
CA LYS C 360 -1.04 19.35 5.12
C LYS C 360 -0.56 18.11 4.41
N GLN C 361 -1.33 17.06 4.62
CA GLN C 361 -1.16 15.74 3.99
C GLN C 361 -2.55 15.30 3.52
N LYS C 362 -2.56 14.38 2.58
CA LYS C 362 -3.82 13.83 2.10
C LYS C 362 -4.21 12.62 2.94
N MSE C 363 -5.49 12.53 3.30
CA MSE C 363 -6.00 11.39 4.10
C MSE C 363 -6.15 10.18 3.19
O MSE C 363 -6.24 10.34 1.98
CB MSE C 363 -7.34 11.71 4.74
CG MSE C 363 -7.37 13.05 5.42
SE MSE C 363 -9.03 13.37 6.36
CE MSE C 363 -9.57 11.63 6.89
N PRO C 364 -6.19 8.94 3.72
CA PRO C 364 -6.39 7.77 2.88
C PRO C 364 -7.77 7.78 2.22
N LYS C 365 -7.87 7.15 1.05
CA LYS C 365 -9.14 7.14 0.27
C LYS C 365 -10.34 6.72 1.11
N GLY C 366 -11.37 7.58 1.13
CA GLY C 366 -12.64 7.27 1.81
C GLY C 366 -12.72 7.81 3.22
N VAL C 367 -11.63 8.29 3.78
CA VAL C 367 -11.73 8.76 5.18
C VAL C 367 -12.15 10.23 5.19
N GLU C 368 -12.83 10.66 6.26
CA GLU C 368 -13.35 12.04 6.40
C GLU C 368 -12.76 12.66 7.67
N ASN C 369 -12.37 13.94 7.63
CA ASN C 369 -11.68 14.59 8.77
C ASN C 369 -12.66 15.00 9.87
N LYS C 370 -12.69 14.20 10.94
CA LYS C 370 -13.56 14.44 12.08
C LYS C 370 -12.78 14.91 13.32
N THR C 371 -11.55 15.36 13.11
CA THR C 371 -10.69 15.82 14.21
C THR C 371 -11.40 16.94 14.95
N GLY C 372 -11.39 16.89 16.29
CA GLY C 372 -12.02 17.88 17.12
C GLY C 372 -13.52 17.77 17.23
N LYS C 373 -14.12 16.81 16.51
CA LYS C 373 -15.57 16.60 16.49
C LYS C 373 -15.91 15.26 17.13
N ASP C 374 -17.03 15.23 17.86
CA ASP C 374 -17.49 14.09 18.63
C ASP C 374 -16.43 13.74 19.66
N GLY C 375 -16.18 12.44 19.88
CA GLY C 375 -15.17 12.04 20.84
C GLY C 375 -13.72 12.25 20.41
N PHE C 376 -13.51 12.79 19.20
CA PHE C 376 -12.21 12.69 18.55
C PHE C 376 -11.25 13.76 19.02
N PHE C 377 -9.97 13.40 19.05
CA PHE C 377 -8.89 14.26 19.50
C PHE C 377 -8.80 15.44 18.52
N PRO C 378 -8.58 16.69 19.01
CA PRO C 378 -8.55 17.86 18.14
C PRO C 378 -7.28 17.96 17.33
N ASN C 379 -7.27 18.89 16.37
CA ASN C 379 -6.08 19.33 15.64
C ASN C 379 -6.34 20.71 15.07
N GLY C 380 -5.37 21.25 14.32
CA GLY C 380 -5.44 22.62 13.84
C GLY C 380 -5.59 23.60 14.98
N ASN C 381 -6.34 24.68 14.74
CA ASN C 381 -6.70 25.66 15.76
C ASN C 381 -8.11 25.36 16.25
N PHE C 382 -8.26 25.37 17.58
CA PHE C 382 -9.50 24.96 18.23
C PHE C 382 -9.56 25.52 19.64
N THR C 383 -10.69 25.32 20.30
CA THR C 383 -10.93 25.74 21.67
C THR C 383 -11.45 24.55 22.45
N TYR C 384 -10.82 24.29 23.61
CA TYR C 384 -11.26 23.29 24.57
C TYR C 384 -11.67 24.01 25.85
N SER C 385 -12.97 23.99 26.13
CA SER C 385 -13.54 24.51 27.36
C SER C 385 -14.02 23.33 28.18
N GLU C 386 -13.48 23.21 29.41
CA GLU C 386 -13.76 22.10 30.30
C GLU C 386 -14.34 22.72 31.57
N ASP C 387 -15.49 22.18 32.01
CA ASP C 387 -16.16 22.63 33.22
C ASP C 387 -16.05 21.67 34.39
N PHE C 388 -15.40 20.52 34.17
CA PHE C 388 -15.17 19.49 35.20
C PHE C 388 -16.44 19.10 35.98
N LYS C 389 -17.53 18.93 35.23
CA LYS C 389 -18.83 18.51 35.74
C LYS C 389 -19.00 16.97 35.84
N SER C 390 -17.88 16.23 35.79
CA SER C 390 -17.92 14.77 35.65
C SER C 390 -16.69 14.12 36.26
N GLU C 391 -16.92 13.07 37.05
CA GLU C 391 -15.86 12.37 37.78
C GLU C 391 -14.85 11.71 36.87
N ASN C 392 -15.28 11.39 35.64
CA ASN C 392 -14.40 10.94 34.56
C ASN C 392 -13.76 12.13 33.89
N ILE C 393 -12.64 12.60 34.46
CA ILE C 393 -11.94 13.76 33.93
C ILE C 393 -11.27 13.36 32.62
N ASP C 394 -11.28 14.27 31.65
CA ASP C 394 -10.76 14.01 30.32
C ASP C 394 -9.29 13.57 30.42
N TYR C 395 -8.91 12.56 29.64
CA TYR C 395 -7.58 11.92 29.69
C TYR C 395 -6.40 12.80 29.24
N ARG C 396 -6.67 14.05 28.86
CA ARG C 396 -5.62 15.02 28.49
C ARG C 396 -4.99 15.69 29.70
N TRP C 397 -5.69 15.62 30.85
CA TRP C 397 -5.27 16.26 32.08
C TRP C 397 -4.31 15.39 32.84
N VAL C 398 -3.11 15.91 33.09
CA VAL C 398 -2.07 15.11 33.77
C VAL C 398 -1.62 15.85 35.01
N ALA C 399 -1.01 15.10 35.93
CA ALA C 399 -0.44 15.67 37.16
C ALA C 399 1.07 15.45 37.13
N MSE C 400 1.83 16.24 37.89
CA MSE C 400 3.31 16.09 37.91
C MSE C 400 3.76 15.30 39.14
O MSE C 400 3.46 15.75 40.25
CB MSE C 400 3.98 17.46 37.97
CG MSE C 400 3.98 18.25 36.68
SE MSE C 400 4.86 17.42 35.21
CE MSE C 400 6.57 16.77 35.86
N ARG C 401 4.43 14.17 38.93
CA ARG C 401 5.05 13.30 39.97
C ARG C 401 4.05 12.78 41.00
N GLY C 402 3.02 12.05 40.59
CA GLY C 402 2.02 11.58 41.56
C GLY C 402 0.64 11.88 41.04
N PRO C 403 -0.60 11.13 41.45
CA PRO C 403 -1.99 11.12 40.99
C PRO C 403 -2.77 12.34 41.46
N LYS C 404 -3.68 12.83 40.60
CA LYS C 404 -4.58 13.93 40.90
C LYS C 404 -5.57 13.58 42.00
N GLU C 405 -5.84 12.28 42.16
CA GLU C 405 -6.73 11.75 43.19
C GLU C 405 -6.31 12.13 44.60
N ASN C 406 -5.01 12.38 44.81
CA ASN C 406 -4.47 12.83 46.10
C ASN C 406 -4.79 14.28 46.47
N PHE C 407 -5.34 15.06 45.52
CA PHE C 407 -5.66 16.46 45.77
C PHE C 407 -6.84 17.08 45.00
N ILE C 408 -7.59 16.26 44.25
CA ILE C 408 -8.77 16.71 43.50
C ILE C 408 -10.01 15.92 43.89
N LYS C 409 -11.13 16.64 44.02
CA LYS C 409 -12.46 16.06 44.14
C LYS C 409 -13.40 16.90 43.30
N ILE C 410 -14.45 16.27 42.77
CA ILE C 410 -15.46 16.98 42.00
C ILE C 410 -16.53 17.50 42.96
N ALA C 411 -16.84 18.80 42.82
CA ALA C 411 -17.86 19.45 43.64
C ALA C 411 -19.23 18.89 43.29
N LYS C 412 -20.18 19.04 44.23
CA LYS C 412 -21.55 18.58 44.04
C LYS C 412 -22.17 19.24 42.79
N GLU C 413 -21.85 20.52 42.60
CA GLU C 413 -22.31 21.30 41.44
C GLU C 413 -21.29 21.32 40.29
N GLY C 414 -20.17 20.62 40.47
CA GLY C 414 -19.11 20.51 39.47
C GLY C 414 -18.00 21.51 39.69
N GLY C 415 -16.82 21.21 39.12
CA GLY C 415 -15.64 22.03 39.31
C GLY C 415 -14.54 21.28 40.02
N LEU C 416 -13.29 21.68 39.75
CA LEU C 416 -12.10 21.10 40.37
C LEU C 416 -11.84 21.67 41.76
N GLN C 417 -12.36 21.00 42.78
CA GLN C 417 -12.06 21.26 44.18
C GLN C 417 -10.69 20.64 44.46
N MSE C 418 -9.66 21.47 44.68
CA MSE C 418 -8.34 20.90 44.89
C MSE C 418 -7.71 21.48 46.16
O MSE C 418 -7.79 22.67 46.44
CB MSE C 418 -7.49 20.99 43.62
CG MSE C 418 -6.91 22.35 43.25
SE MSE C 418 -5.75 22.13 41.67
CE MSE C 418 -6.91 22.01 40.09
N THR C 419 -7.11 20.57 46.94
CA THR C 419 -6.54 20.86 48.24
C THR C 419 -5.02 20.87 48.09
N ALA C 420 -4.40 21.80 48.80
CA ALA C 420 -2.94 21.96 48.66
C ALA C 420 -2.20 20.81 49.31
N LEU C 421 -1.24 20.26 48.55
CA LEU C 421 -0.21 19.38 49.08
C LEU C 421 0.89 20.23 49.72
N ASP C 422 1.82 19.56 50.42
CA ASP C 422 2.88 20.24 51.17
C ASP C 422 3.88 20.96 50.28
N ALA C 423 4.15 20.37 49.12
CA ALA C 423 5.20 20.78 48.17
C ALA C 423 4.95 22.14 47.50
N ASN C 424 6.01 22.94 47.40
CA ASN C 424 5.94 24.21 46.65
C ASN C 424 6.23 23.89 45.18
N ILE C 425 6.02 24.82 44.26
CA ILE C 425 6.17 24.48 42.81
C ILE C 425 7.61 24.17 42.41
N THR C 426 8.60 24.62 43.17
CA THR C 426 9.99 24.50 42.77
C THR C 426 10.64 23.17 43.17
N GLU C 427 9.86 22.29 43.81
CA GLU C 427 10.36 21.06 44.40
C GLU C 427 10.17 19.87 43.48
N VAL C 428 11.11 18.93 43.56
CA VAL C 428 11.02 17.62 42.91
C VAL C 428 10.14 16.72 43.79
N GLN C 429 8.86 17.05 43.84
CA GLN C 429 7.85 16.28 44.62
C GLN C 429 6.49 16.41 43.92
N PRO C 430 5.44 15.68 44.34
CA PRO C 430 4.12 15.83 43.77
C PRO C 430 3.58 17.21 44.15
N ILE C 431 2.96 17.90 43.21
CA ILE C 431 2.36 19.23 43.52
C ILE C 431 0.87 19.19 43.14
N SER C 432 0.05 19.98 43.83
CA SER C 432 -1.39 19.99 43.63
C SER C 432 -1.73 20.94 42.49
N ALA C 433 -1.58 20.44 41.26
CA ALA C 433 -1.87 21.18 40.04
C ALA C 433 -2.28 20.20 38.93
N LEU C 434 -3.26 20.61 38.11
CA LEU C 434 -3.71 19.82 36.97
C LEU C 434 -3.34 20.57 35.69
N PHE C 435 -2.68 19.86 34.77
CA PHE C 435 -2.10 20.53 33.59
C PHE C 435 -2.58 19.96 32.27
N HIS C 436 -2.50 20.82 31.26
CA HIS C 436 -2.83 20.58 29.88
C HIS C 436 -1.58 20.94 29.11
N ARG C 437 -1.19 20.07 28.17
CA ARG C 437 -0.03 20.31 27.33
C ARG C 437 -0.23 21.57 26.48
N GLN C 438 0.85 22.35 26.31
CA GLN C 438 0.87 23.44 25.35
C GLN C 438 0.94 22.83 23.95
N GLN C 439 -0.19 22.92 23.22
CA GLN C 439 -0.30 22.29 21.90
C GLN C 439 0.04 23.21 20.75
N HIS C 440 0.29 24.49 21.06
CA HIS C 440 0.51 25.53 20.06
C HIS C 440 1.58 26.50 20.52
N ILE C 441 2.24 27.14 19.56
CA ILE C 441 3.23 28.20 19.81
C ILE C 441 2.48 29.44 20.28
N LYS C 442 1.36 29.74 19.60
CA LYS C 442 0.47 30.84 19.96
C LYS C 442 -0.79 30.30 20.58
N TYR C 443 -1.04 30.65 21.84
CA TYR C 443 -2.25 30.24 22.52
C TYR C 443 -2.74 31.27 23.53
N THR C 444 -3.98 31.08 23.96
CA THR C 444 -4.66 31.94 24.91
C THR C 444 -5.46 30.97 25.75
N ALA C 445 -5.37 31.12 27.07
CA ALA C 445 -6.04 30.25 28.01
C ALA C 445 -6.52 31.06 29.18
N GLN C 446 -7.58 30.57 29.83
CA GLN C 446 -8.08 31.17 31.04
C GLN C 446 -8.74 30.14 31.96
N THR C 447 -8.74 30.44 33.26
CA THR C 447 -9.39 29.62 34.25
C THR C 447 -10.21 30.51 35.17
N THR C 448 -11.32 29.96 35.69
CA THR C 448 -12.23 30.66 36.57
C THR C 448 -12.31 29.88 37.86
N LEU C 449 -12.09 30.56 38.99
CA LEU C 449 -12.03 29.90 40.27
C LEU C 449 -12.77 30.67 41.35
N SER C 450 -13.38 29.91 42.28
CA SER C 450 -13.86 30.39 43.54
C SER C 450 -12.89 30.13 44.63
N TYR C 451 -12.27 31.21 45.10
CA TYR C 451 -11.15 31.17 46.06
C TYR C 451 -11.58 31.10 47.52
N ASN C 452 -11.68 29.88 48.05
CA ASN C 452 -12.06 29.59 49.45
C ASN C 452 -11.34 30.57 50.38
N THR C 453 -12.10 31.46 51.03
CA THR C 453 -11.52 32.51 51.89
C THR C 453 -11.00 31.91 53.19
N LYS C 454 -11.54 30.76 53.61
CA LYS C 454 -10.92 30.06 54.76
C LYS C 454 -9.64 29.44 54.21
N ALA C 455 -8.54 29.48 54.97
CA ALA C 455 -7.18 29.01 54.61
C ALA C 455 -6.49 29.99 53.65
N ALA C 456 -5.30 30.42 54.04
CA ALA C 456 -4.59 31.46 53.26
C ALA C 456 -4.05 30.89 51.96
N GLN C 457 -4.33 29.60 51.70
CA GLN C 457 -3.81 28.82 50.55
C GLN C 457 -3.77 29.62 49.24
N LYS C 458 -2.66 29.52 48.51
CA LYS C 458 -2.46 30.22 47.23
C LYS C 458 -3.17 29.42 46.13
N ALA C 459 -3.89 30.08 45.22
CA ALA C 459 -4.61 29.38 44.13
C ALA C 459 -4.48 30.17 42.82
N GLY C 460 -4.33 29.48 41.68
CA GLY C 460 -4.08 30.21 40.45
C GLY C 460 -3.76 29.40 39.21
N LEU C 461 -3.05 30.06 38.29
CA LEU C 461 -2.83 29.61 36.92
C LEU C 461 -1.34 29.49 36.70
N ILE C 462 -0.95 28.39 36.07
CA ILE C 462 0.50 28.10 35.88
C ILE C 462 0.86 27.73 34.45
N CYS C 463 1.98 28.29 34.01
CA CYS C 463 2.71 27.87 32.83
C CYS C 463 4.04 27.22 33.30
N TYR C 464 4.23 25.95 32.97
CA TYR C 464 5.33 25.15 33.56
C TYR C 464 6.14 24.36 32.56
N GLN C 465 7.46 24.54 32.56
CA GLN C 465 8.39 23.72 31.76
C GLN C 465 8.93 22.69 32.76
N ASN C 466 9.58 23.18 33.80
CA ASN C 466 9.98 22.35 34.95
C ASN C 466 9.89 23.14 36.26
N GLU C 467 10.18 22.43 37.38
CA GLU C 467 10.03 22.98 38.72
C GLU C 467 10.73 24.34 38.93
N ALA C 468 11.76 24.63 38.11
CA ALA C 468 12.54 25.86 38.18
C ALA C 468 12.45 26.70 36.92
N CYS C 469 11.48 26.36 36.05
CA CYS C 469 11.21 27.06 34.81
C CYS C 469 9.71 27.15 34.65
N ASN C 470 9.13 28.12 35.35
CA ASN C 470 7.68 28.29 35.37
C ASN C 470 7.24 29.72 35.67
N TYR C 471 6.01 30.03 35.25
CA TYR C 471 5.32 31.27 35.55
C TYR C 471 4.03 30.94 36.28
N VAL C 472 3.79 31.67 37.37
CA VAL C 472 2.65 31.40 38.27
C VAL C 472 1.94 32.69 38.66
N LEU C 473 0.62 32.70 38.51
CA LEU C 473 -0.25 33.80 38.94
C LEU C 473 -1.26 33.22 39.91
N THR C 474 -1.23 33.73 41.14
CA THR C 474 -2.04 33.21 42.25
C THR C 474 -2.77 34.34 42.99
N VAL C 475 -3.95 33.98 43.49
CA VAL C 475 -4.71 34.89 44.39
C VAL C 475 -4.23 34.48 45.78
N GLN C 476 -3.79 35.43 46.60
CA GLN C 476 -3.30 35.10 47.96
C GLN C 476 -4.03 35.98 48.98
N THR C 477 -3.83 35.71 50.28
CA THR C 477 -4.50 36.46 51.39
C THR C 477 -3.48 37.22 52.24
N GLU C 478 -3.70 38.52 52.48
CA GLU C 478 -2.86 39.36 53.33
C GLU C 478 -3.79 40.27 54.12
N GLY C 479 -3.88 40.03 55.44
CA GLY C 479 -4.88 40.62 56.30
C GLY C 479 -6.19 39.86 56.08
N LYS C 480 -7.25 40.59 55.75
CA LYS C 480 -8.54 39.95 55.41
C LYS C 480 -8.78 40.14 53.91
N GLU C 481 -7.99 41.00 53.26
CA GLU C 481 -8.10 41.32 51.81
C GLU C 481 -7.27 40.35 50.97
N GLN C 482 -7.71 40.09 49.73
CA GLN C 482 -7.00 39.16 48.80
C GLN C 482 -6.09 39.95 47.86
N VAL C 483 -4.99 39.33 47.43
CA VAL C 483 -3.98 39.96 46.53
C VAL C 483 -3.68 39.00 45.37
N LEU C 484 -3.25 39.53 44.23
CA LEU C 484 -2.79 38.73 43.11
C LEU C 484 -1.29 38.87 42.97
N VAL C 485 -0.62 37.72 42.84
CA VAL C 485 0.83 37.65 42.78
C VAL C 485 1.25 36.90 41.52
N LEU C 486 2.14 37.53 40.74
CA LEU C 486 2.76 36.93 39.57
C LEU C 486 4.22 36.64 39.93
N GLU C 487 4.62 35.37 39.81
CA GLU C 487 5.95 34.92 40.11
C GLU C 487 6.56 34.17 38.94
N LYS C 488 7.88 34.34 38.78
CA LYS C 488 8.67 33.52 37.87
C LYS C 488 9.77 32.79 38.65
N THR C 489 10.16 31.62 38.14
CA THR C 489 11.37 30.92 38.53
C THR C 489 12.05 30.51 37.23
N VAL C 490 13.31 30.93 37.09
CA VAL C 490 14.09 30.73 35.88
C VAL C 490 15.39 29.98 36.20
N ARG C 491 15.58 28.81 35.56
CA ARG C 491 16.83 28.04 35.65
C ARG C 491 17.24 27.45 34.30
N PRO C 492 18.25 28.04 33.60
CA PRO C 492 18.78 27.41 32.40
C PRO C 492 19.47 26.07 32.68
N GLN C 493 19.50 25.21 31.66
CA GLN C 493 20.10 23.87 31.70
C GLN C 493 21.23 23.64 32.72
N ARG C 494 22.32 24.39 32.54
CA ARG C 494 23.60 24.11 33.17
C ARG C 494 23.79 24.75 34.54
N GLN C 495 22.79 25.52 34.99
CA GLN C 495 22.87 26.29 36.23
C GLN C 495 22.18 25.51 37.36
N LYS C 496 22.80 25.53 38.55
CA LYS C 496 22.32 24.80 39.72
C LYS C 496 21.35 25.64 40.52
N ASP C 497 21.73 26.89 40.76
CA ASP C 497 20.98 27.81 41.62
C ASP C 497 19.79 28.43 40.89
N PHE C 498 18.71 28.66 41.65
CA PHE C 498 17.53 29.37 41.17
C PHE C 498 16.84 30.03 42.35
N LYS C 499 16.01 31.05 42.05
CA LYS C 499 15.23 31.74 43.07
C LYS C 499 13.93 32.30 42.47
N THR C 500 12.79 31.95 43.09
CA THR C 500 11.51 32.50 42.71
C THR C 500 11.49 34.00 43.00
N GLU C 501 11.08 34.77 41.99
CA GLU C 501 10.97 36.23 42.08
C GLU C 501 9.53 36.64 41.82
N ILE C 502 9.09 37.69 42.52
CA ILE C 502 7.79 38.30 42.29
C ILE C 502 7.97 39.28 41.13
N VAL C 503 7.30 38.99 40.01
CA VAL C 503 7.32 39.85 38.83
C VAL C 503 6.40 41.05 39.04
N ALA C 504 5.19 40.78 39.56
CA ALA C 504 4.15 41.78 39.78
C ALA C 504 3.24 41.37 40.94
N LYS C 505 2.52 42.35 41.49
CA LYS C 505 1.61 42.14 42.63
C LYS C 505 0.63 43.31 42.72
N GLU C 506 -0.67 42.99 42.85
CA GLU C 506 -1.73 43.98 42.98
C GLU C 506 -2.80 43.49 43.97
N PRO C 507 -3.35 44.39 44.96
CA PRO C 507 -4.54 44.37 46.16
C PRO C 507 -5.79 44.28 45.28
N ILE C 508 -6.73 43.39 45.61
CA ILE C 508 -7.95 43.34 44.75
C ILE C 508 -9.21 43.40 45.63
N GLY C 509 -9.11 44.03 46.79
CA GLY C 509 -10.27 44.14 47.69
C GLY C 509 -10.52 42.85 48.44
N LYS C 510 -11.74 42.68 48.92
CA LYS C 510 -12.15 41.51 49.74
C LYS C 510 -12.68 40.38 48.87
N LEU C 511 -12.55 40.51 47.54
CA LEU C 511 -12.97 39.47 46.58
C LEU C 511 -14.39 39.03 46.89
N LYS C 512 -14.51 37.80 47.40
CA LYS C 512 -15.79 37.11 47.74
C LYS C 512 -16.59 36.93 46.44
N THR C 513 -15.93 36.59 45.31
CA THR C 513 -16.73 36.44 44.08
C THR C 513 -15.85 35.63 43.12
N PRO C 514 -16.32 34.75 42.22
CA PRO C 514 -15.35 34.05 41.39
C PRO C 514 -14.47 35.05 40.64
N ILE C 515 -13.27 34.61 40.26
CA ILE C 515 -12.31 35.43 39.52
C ILE C 515 -11.77 34.58 38.37
N THR C 516 -11.48 35.22 37.24
CA THR C 516 -10.90 34.55 36.08
C THR C 516 -9.46 35.02 35.93
N LEU C 517 -8.56 34.06 35.72
CA LEU C 517 -7.17 34.35 35.42
C LEU C 517 -6.90 33.89 34.00
N GLY C 518 -6.06 34.64 33.28
CA GLY C 518 -5.78 34.39 31.89
C GLY C 518 -4.32 34.60 31.56
N VAL C 519 -3.85 33.85 30.55
CA VAL C 519 -2.52 34.02 29.99
C VAL C 519 -2.65 33.86 28.47
N THR C 520 -1.87 34.65 27.74
CA THR C 520 -1.79 34.57 26.30
C THR C 520 -0.33 34.68 25.89
N THR C 521 0.05 33.88 24.87
CA THR C 521 1.40 33.91 24.32
C THR C 521 1.32 34.10 22.80
N ASP C 522 2.10 35.05 22.30
CA ASP C 522 2.24 35.34 20.88
C ASP C 522 3.42 34.58 20.27
N GLY C 523 3.95 33.58 20.98
CA GLY C 523 5.11 32.81 20.54
C GLY C 523 6.43 33.35 21.05
N LEU C 524 6.48 34.66 21.36
CA LEU C 524 7.68 35.34 21.85
C LEU C 524 7.65 35.63 23.36
N ASN C 525 6.49 36.02 23.87
CA ASN C 525 6.28 36.32 25.30
C ASN C 525 4.93 35.83 25.81
N TYR C 526 4.83 35.67 27.14
CA TYR C 526 3.59 35.31 27.82
C TYR C 526 3.16 36.57 28.55
N GLN C 527 1.85 36.86 28.47
CA GLN C 527 1.25 38.01 29.15
C GLN C 527 0.09 37.48 29.98
N PHE C 528 0.17 37.72 31.29
CA PHE C 528 -0.84 37.31 32.24
C PHE C 528 -1.86 38.43 32.45
N SER C 529 -3.05 38.05 32.92
CA SER C 529 -4.13 38.98 33.18
C SER C 529 -5.12 38.35 34.12
N TYR C 530 -5.96 39.19 34.72
CA TYR C 530 -7.05 38.79 35.59
C TYR C 530 -8.29 39.61 35.25
N THR C 531 -9.45 39.00 35.43
CA THR C 531 -10.73 39.59 35.03
C THR C 531 -11.68 39.44 36.20
N LEU C 532 -12.02 40.57 36.84
CA LEU C 532 -12.94 40.60 37.97
C LEU C 532 -14.27 41.16 37.46
N ASN C 533 -15.07 41.73 38.36
CA ASN C 533 -16.44 42.18 38.08
C ASN C 533 -16.57 42.94 36.73
N GLY C 534 -16.44 42.17 35.65
CA GLY C 534 -16.57 42.66 34.29
C GLY C 534 -15.25 42.80 33.56
N GLU C 535 -14.33 43.59 34.13
CA GLU C 535 -13.19 44.18 33.41
C GLU C 535 -11.89 43.37 33.52
N LYS C 536 -11.11 43.38 32.42
CA LYS C 536 -9.88 42.61 32.27
C LYS C 536 -8.67 43.54 32.30
N LYS C 537 -7.70 43.23 33.18
CA LYS C 537 -6.46 44.00 33.31
C LYS C 537 -5.25 43.08 33.21
N ASN C 538 -4.23 43.53 32.48
CA ASN C 538 -2.92 42.91 32.46
C ASN C 538 -2.27 43.04 33.83
N ILE C 539 -1.60 41.96 34.25
CA ILE C 539 -0.73 41.97 35.44
C ILE C 539 0.64 41.49 35.01
N GLY C 540 1.67 42.29 35.30
CA GLY C 540 3.00 42.07 34.81
C GLY C 540 3.08 42.39 33.32
N GLY C 541 4.31 42.46 32.81
CA GLY C 541 4.56 42.76 31.42
C GLY C 541 4.76 41.47 30.63
N PRO C 542 5.31 41.55 29.39
CA PRO C 542 5.66 40.34 28.63
C PRO C 542 6.80 39.54 29.30
N LEU C 543 6.55 38.24 29.52
CA LEU C 543 7.52 37.32 30.11
C LEU C 543 8.10 36.40 29.02
N ASP C 544 9.42 36.47 28.85
CA ASP C 544 10.13 35.76 27.77
C ASP C 544 9.66 34.31 27.67
N ALA C 545 9.23 33.92 26.47
CA ALA C 545 8.72 32.59 26.19
C ALA C 545 9.83 31.54 26.17
N ALA C 546 11.07 31.99 25.91
CA ALA C 546 12.24 31.12 25.84
C ALA C 546 12.44 30.31 27.13
N VAL C 547 12.12 30.93 28.27
CA VAL C 547 12.23 30.32 29.61
C VAL C 547 11.55 28.95 29.73
N LEU C 548 10.44 28.76 28.99
CA LEU C 548 9.67 27.51 29.02
C LEU C 548 9.96 26.56 27.85
N SER C 549 11.03 26.88 27.10
CA SER C 549 11.49 26.04 26.02
C SER C 549 12.43 24.92 26.53
N THR C 550 12.35 23.77 25.85
CA THR C 550 13.33 22.72 25.90
C THR C 550 14.74 23.29 25.67
N ASN C 551 14.86 24.20 24.70
CA ASN C 551 16.13 24.81 24.32
C ASN C 551 16.83 25.47 25.50
N PHE C 552 16.05 26.14 26.36
CA PHE C 552 16.58 26.90 27.48
C PHE C 552 16.79 26.06 28.76
N ALA C 553 15.81 25.22 29.08
CA ALA C 553 15.78 24.46 30.32
C ALA C 553 16.29 23.02 30.18
N GLY C 554 16.55 22.59 28.94
CA GLY C 554 16.91 21.22 28.66
C GLY C 554 15.72 20.32 28.92
N GLY C 555 15.93 19.03 28.76
CA GLY C 555 14.94 18.03 29.04
C GLY C 555 14.36 17.41 27.79
N PHE C 556 13.23 16.70 27.98
CA PHE C 556 12.56 15.94 26.96
C PHE C 556 11.06 16.26 26.88
N THR C 557 10.64 17.40 27.45
CA THR C 557 9.21 17.72 27.57
C THR C 557 8.80 19.11 27.07
N GLY C 558 7.53 19.24 26.71
CA GLY C 558 6.93 20.50 26.33
C GLY C 558 6.32 21.23 27.53
N ALA C 559 6.10 22.53 27.37
CA ALA C 559 5.45 23.33 28.40
C ALA C 559 4.03 22.86 28.65
N LEU C 560 3.54 23.22 29.83
CA LEU C 560 2.18 22.86 30.25
C LEU C 560 1.49 24.10 30.80
N VAL C 561 0.17 24.10 30.72
CA VAL C 561 -0.64 25.17 31.27
C VAL C 561 -1.72 24.49 32.09
N GLY C 562 -2.00 25.06 33.27
CA GLY C 562 -2.96 24.46 34.16
C GLY C 562 -3.27 25.32 35.39
N MSE C 563 -4.04 24.74 36.30
CA MSE C 563 -4.40 25.40 37.53
C MSE C 563 -3.81 24.62 38.70
O MSE C 563 -3.62 23.40 38.61
CB MSE C 563 -5.94 25.56 37.60
CG MSE C 563 -6.75 24.27 37.52
SE MSE C 563 -8.27 24.36 36.21
CE MSE C 563 -7.88 22.88 35.01
N GLY C 564 -3.43 25.32 39.75
CA GLY C 564 -2.82 24.62 40.88
C GLY C 564 -3.02 25.36 42.20
N VAL C 565 -2.89 24.64 43.31
CA VAL C 565 -3.09 25.26 44.64
C VAL C 565 -1.83 25.04 45.49
N PHE C 566 -1.46 26.04 46.29
CA PHE C 566 -0.24 25.95 47.14
C PHE C 566 -0.52 26.54 48.53
N VAL D 25 10.29 -57.85 -19.82
CA VAL D 25 9.49 -57.70 -21.07
C VAL D 25 7.99 -57.63 -20.76
N PRO D 26 7.33 -56.48 -21.02
CA PRO D 26 5.94 -56.28 -20.60
C PRO D 26 4.94 -57.22 -21.26
N ALA D 27 3.81 -57.45 -20.59
CA ALA D 27 2.76 -58.35 -21.06
C ALA D 27 1.86 -57.68 -22.08
N ALA D 28 1.72 -56.35 -21.97
CA ALA D 28 0.89 -55.56 -22.86
C ALA D 28 1.13 -54.06 -22.69
N THR D 29 0.69 -53.29 -23.69
CA THR D 29 0.65 -51.83 -23.65
C THR D 29 -0.79 -51.38 -23.87
N PHE D 30 -1.39 -50.79 -22.83
CA PHE D 30 -2.75 -50.27 -22.88
C PHE D 30 -2.69 -48.84 -23.40
N THR D 31 -3.24 -48.65 -24.60
CA THR D 31 -3.15 -47.37 -25.33
C THR D 31 -4.28 -46.42 -24.97
N ASN D 32 -5.37 -46.96 -24.41
CA ASN D 32 -6.55 -46.19 -24.00
C ASN D 32 -7.29 -46.80 -22.83
N PHE D 33 -7.87 -45.93 -21.99
CA PHE D 33 -8.97 -46.30 -21.11
C PHE D 33 -10.04 -45.22 -21.19
N THR D 34 -11.29 -45.65 -21.36
CA THR D 34 -12.44 -44.76 -21.40
C THR D 34 -13.45 -45.20 -20.36
N TYR D 35 -13.90 -44.24 -19.54
CA TYR D 35 -14.93 -44.47 -18.53
C TYR D 35 -16.06 -43.46 -18.74
N THR D 36 -17.29 -43.98 -18.86
CA THR D 36 -18.50 -43.18 -19.06
C THR D 36 -19.55 -43.51 -18.00
N GLY D 37 -19.87 -42.52 -17.17
CA GLY D 37 -20.95 -42.61 -16.20
C GLY D 37 -22.29 -42.33 -16.87
N GLU D 38 -23.33 -43.08 -16.48
CA GLU D 38 -24.63 -43.07 -17.14
C GLU D 38 -25.76 -43.30 -16.13
N ASP D 39 -25.72 -42.56 -15.02
CA ASP D 39 -26.72 -42.69 -13.97
C ASP D 39 -28.02 -41.95 -14.31
N ASP D 40 -29.13 -42.60 -13.97
CA ASP D 40 -30.49 -42.10 -14.12
C ASP D 40 -30.69 -40.75 -13.44
N ILE D 41 -30.22 -40.63 -12.20
CA ILE D 41 -30.50 -39.50 -11.33
C ILE D 41 -30.06 -38.16 -11.94
N TYR D 42 -28.92 -38.17 -12.63
CA TYR D 42 -28.36 -36.96 -13.23
C TYR D 42 -29.08 -36.61 -14.52
N ALA D 43 -29.41 -37.64 -15.30
CA ALA D 43 -30.14 -37.49 -16.56
C ALA D 43 -31.56 -36.95 -16.35
N LYS D 44 -32.19 -37.37 -15.25
CA LYS D 44 -33.53 -36.94 -14.86
C LYS D 44 -33.60 -35.61 -14.12
N ASN D 45 -32.45 -35.09 -13.67
CA ASN D 45 -32.40 -33.84 -12.94
C ASN D 45 -31.28 -32.97 -13.50
N PRO D 46 -31.45 -32.39 -14.72
CA PRO D 46 -30.46 -31.46 -15.26
C PRO D 46 -30.29 -30.21 -14.38
N LEU D 47 -29.07 -29.67 -14.38
CA LEU D 47 -28.70 -28.53 -13.56
C LEU D 47 -29.24 -27.19 -14.09
N LYS D 48 -29.76 -26.38 -13.17
CA LYS D 48 -29.98 -24.95 -13.43
C LYS D 48 -28.64 -24.24 -13.28
N PRO D 49 -28.48 -23.02 -13.86
CA PRO D 49 -27.19 -22.34 -13.85
C PRO D 49 -26.52 -22.17 -12.48
N ASN D 50 -27.31 -22.20 -11.40
CA ASN D 50 -26.77 -21.95 -10.04
C ASN D 50 -26.77 -23.24 -9.22
N GLU D 51 -26.86 -24.40 -9.86
CA GLU D 51 -26.95 -25.64 -9.05
C GLU D 51 -25.75 -26.56 -9.30
N PHE D 52 -25.52 -27.46 -8.36
CA PHE D 52 -24.43 -28.47 -8.48
C PHE D 52 -24.92 -29.78 -7.90
N TYR D 53 -24.30 -30.87 -8.34
CA TYR D 53 -24.61 -32.20 -7.84
C TYR D 53 -23.79 -32.51 -6.58
N SER D 54 -24.53 -33.16 -5.69
CA SER D 54 -24.14 -33.73 -4.38
C SER D 54 -24.60 -35.19 -4.33
N PRO D 55 -23.46 -36.13 -4.20
CA PRO D 55 -22.06 -35.97 -3.78
C PRO D 55 -21.09 -35.25 -4.72
N ILE D 56 -20.24 -34.40 -4.13
CA ILE D 56 -19.23 -33.62 -4.92
C ILE D 56 -18.10 -34.55 -5.38
N LEU D 57 -17.85 -35.62 -4.66
CA LEU D 57 -16.90 -36.64 -5.08
C LEU D 57 -17.65 -37.95 -5.19
N GLN D 58 -17.83 -38.41 -6.42
CA GLN D 58 -18.53 -39.65 -6.72
C GLN D 58 -17.54 -40.79 -6.61
N GLY D 59 -18.05 -41.97 -6.24
CA GLY D 59 -17.22 -43.16 -6.03
C GLY D 59 -16.60 -43.15 -4.63
N CYS D 60 -15.77 -44.17 -4.36
CA CYS D 60 -15.17 -44.37 -3.05
C CYS D 60 -14.28 -43.18 -2.62
N TYR D 61 -14.88 -42.29 -1.83
CA TYR D 61 -14.19 -41.18 -1.20
C TYR D 61 -14.82 -41.00 0.18
N PRO D 62 -14.57 -41.94 1.12
CA PRO D 62 -15.20 -41.92 2.43
C PRO D 62 -14.50 -41.01 3.43
N ASP D 63 -15.15 -40.87 4.60
CA ASP D 63 -14.60 -40.17 5.75
C ASP D 63 -13.97 -38.85 5.32
N PRO D 64 -14.76 -37.90 4.77
CA PRO D 64 -14.20 -36.66 4.26
C PRO D 64 -13.81 -35.71 5.38
N SER D 65 -12.62 -35.12 5.27
CA SER D 65 -12.12 -34.14 6.20
C SER D 65 -11.68 -32.91 5.40
N ILE D 66 -11.88 -31.73 5.99
CA ILE D 66 -11.69 -30.48 5.29
C ILE D 66 -11.13 -29.40 6.22
N CYS D 67 -10.21 -28.59 5.68
CA CYS D 67 -9.63 -27.47 6.39
C CYS D 67 -9.49 -26.27 5.43
N ARG D 68 -9.24 -25.10 6.01
CA ARG D 68 -9.08 -23.86 5.26
C ARG D 68 -7.84 -23.09 5.71
N LYS D 69 -7.08 -22.61 4.72
CA LYS D 69 -6.06 -21.58 4.90
C LYS D 69 -6.33 -20.45 3.90
N GLY D 70 -6.70 -19.28 4.44
CA GLY D 70 -7.03 -18.11 3.64
C GLY D 70 -8.14 -18.36 2.64
N ASP D 71 -7.84 -18.15 1.34
CA ASP D 71 -8.79 -18.41 0.25
C ASP D 71 -8.85 -19.88 -0.17
N ASP D 72 -7.97 -20.72 0.37
CA ASP D 72 -7.78 -22.10 -0.09
C ASP D 72 -8.38 -23.16 0.85
N TYR D 73 -9.15 -24.08 0.26
CA TYR D 73 -9.72 -25.22 0.94
C TYR D 73 -8.98 -26.48 0.51
N TYR D 74 -8.82 -27.42 1.46
CA TYR D 74 -8.23 -28.72 1.18
C TYR D 74 -9.11 -29.81 1.79
N LEU D 75 -9.31 -30.88 1.01
CA LEU D 75 -10.26 -31.93 1.36
C LEU D 75 -9.61 -33.27 1.09
N VAL D 76 -9.73 -34.19 2.05
CA VAL D 76 -9.10 -35.51 1.96
C VAL D 76 -10.05 -36.63 2.40
N ASN D 77 -9.70 -37.86 2.01
CA ASN D 77 -10.51 -39.05 2.16
C ASN D 77 -9.67 -40.28 2.57
N SER D 78 -10.33 -41.25 3.21
CA SER D 78 -9.74 -42.56 3.49
C SER D 78 -9.60 -43.35 2.19
N SER D 79 -8.70 -44.33 2.20
CA SER D 79 -8.38 -45.10 0.99
C SER D 79 -8.00 -46.56 1.21
N PHE D 80 -7.83 -46.98 2.47
CA PHE D 80 -7.66 -48.38 2.83
C PHE D 80 -6.39 -48.97 2.15
N ALA D 81 -6.53 -50.01 1.34
CA ALA D 81 -5.34 -50.65 0.73
C ALA D 81 -4.96 -50.09 -0.64
N MSE D 82 -5.51 -48.95 -1.05
CA MSE D 82 -5.16 -48.39 -2.38
C MSE D 82 -3.89 -47.55 -2.23
O MSE D 82 -3.74 -46.93 -1.17
CB MSE D 82 -6.32 -47.53 -2.90
CG MSE D 82 -7.46 -48.31 -3.53
SE MSE D 82 -9.07 -47.29 -3.87
CE MSE D 82 -9.06 -45.74 -2.75
N PHE D 83 -3.02 -47.55 -3.25
CA PHE D 83 -1.80 -46.76 -3.24
C PHE D 83 -1.65 -45.98 -4.55
N PRO D 84 -1.34 -44.66 -4.51
CA PRO D 84 -1.15 -43.91 -3.27
C PRO D 84 -2.45 -43.74 -2.49
N GLY D 85 -2.34 -43.36 -1.22
CA GLY D 85 -3.46 -43.26 -0.32
C GLY D 85 -3.76 -41.82 0.04
N VAL D 86 -4.99 -41.60 0.53
CA VAL D 86 -5.51 -40.30 0.95
C VAL D 86 -5.40 -39.26 -0.17
N PRO D 87 -6.37 -39.23 -1.12
CA PRO D 87 -6.36 -38.24 -2.18
C PRO D 87 -6.69 -36.89 -1.57
N ILE D 88 -6.06 -35.83 -2.10
CA ILE D 88 -6.25 -34.48 -1.58
C ILE D 88 -6.70 -33.52 -2.70
N PHE D 89 -7.83 -32.84 -2.44
CA PHE D 89 -8.46 -31.93 -3.40
C PHE D 89 -8.34 -30.50 -2.90
N HIS D 90 -8.17 -29.56 -3.83
CA HIS D 90 -8.04 -28.11 -3.50
C HIS D 90 -9.14 -27.32 -4.23
N SER D 91 -9.71 -26.32 -3.55
CA SER D 91 -10.80 -25.51 -4.13
C SER D 91 -10.89 -24.17 -3.43
N THR D 92 -11.17 -23.11 -4.18
CA THR D 92 -11.35 -21.77 -3.64
C THR D 92 -12.82 -21.42 -3.40
N ASP D 93 -13.71 -22.30 -3.83
CA ASP D 93 -15.16 -21.99 -3.74
C ASP D 93 -16.03 -23.16 -3.25
N LEU D 94 -15.42 -24.30 -2.93
CA LEU D 94 -16.06 -25.56 -2.41
C LEU D 94 -16.86 -26.30 -3.47
N ILE D 95 -16.82 -25.93 -4.74
CA ILE D 95 -17.63 -26.69 -5.72
C ILE D 95 -16.72 -27.22 -6.82
N ASN D 96 -15.79 -26.39 -7.25
CA ASN D 96 -14.87 -26.80 -8.34
C ASN D 96 -13.61 -27.36 -7.67
N TRP D 97 -13.37 -28.65 -7.78
CA TRP D 97 -12.23 -29.22 -7.03
C TRP D 97 -11.11 -29.67 -7.96
N VAL D 98 -9.88 -29.50 -7.50
CA VAL D 98 -8.70 -30.00 -8.26
C VAL D 98 -7.94 -31.00 -7.40
N GLN D 99 -7.81 -32.23 -7.88
CA GLN D 99 -6.97 -33.17 -7.13
C GLN D 99 -5.51 -32.73 -7.33
N ILE D 100 -4.86 -32.34 -6.23
CA ILE D 100 -3.47 -31.87 -6.24
C ILE D 100 -2.48 -33.00 -5.92
N GLY D 101 -3.00 -34.16 -5.54
CA GLY D 101 -2.22 -35.36 -5.35
C GLY D 101 -2.85 -36.32 -4.38
N ASN D 102 -1.99 -37.11 -3.73
CA ASN D 102 -2.38 -38.03 -2.68
C ASN D 102 -1.35 -37.83 -1.57
N VAL D 103 -1.83 -37.59 -0.33
CA VAL D 103 -0.96 -37.18 0.78
C VAL D 103 0.09 -38.25 1.12
N LEU D 104 -0.33 -39.51 1.14
CA LEU D 104 0.57 -40.64 1.37
C LEU D 104 0.92 -41.29 0.03
N ASP D 105 1.99 -40.77 -0.61
CA ASP D 105 2.42 -41.22 -1.93
C ASP D 105 3.84 -41.81 -2.00
N ARG D 106 4.51 -41.91 -0.87
CA ARG D 106 5.79 -42.61 -0.77
C ARG D 106 5.61 -43.90 0.03
N THR D 107 6.40 -44.92 -0.30
CA THR D 107 6.43 -46.19 0.40
C THR D 107 6.85 -46.03 1.86
N SER D 108 7.65 -45.00 2.15
CA SER D 108 8.05 -44.65 3.52
C SER D 108 6.89 -44.12 4.39
N GLN D 109 5.80 -43.70 3.74
CA GLN D 109 4.59 -43.25 4.44
C GLN D 109 3.56 -44.36 4.53
N LEU D 110 3.56 -45.27 3.55
CA LEU D 110 2.53 -46.29 3.37
C LEU D 110 3.04 -47.40 2.45
N ASP D 111 3.05 -48.63 2.98
CA ASP D 111 3.55 -49.81 2.29
C ASP D 111 2.54 -50.93 2.47
N PRO D 112 1.47 -50.99 1.64
CA PRO D 112 0.35 -51.91 1.87
C PRO D 112 0.49 -53.29 1.21
N THR D 113 1.72 -53.73 0.96
CA THR D 113 2.03 -55.03 0.38
C THR D 113 1.04 -56.14 0.76
N THR D 114 0.83 -56.34 2.07
CA THR D 114 -0.04 -57.41 2.60
C THR D 114 -1.24 -56.90 3.41
N CYS D 115 -1.66 -55.67 3.10
CA CYS D 115 -2.76 -55.00 3.78
C CYS D 115 -4.10 -55.68 3.44
N GLY D 116 -4.93 -55.90 4.45
CA GLY D 116 -6.29 -56.36 4.26
C GLY D 116 -7.14 -55.30 3.58
N ILE D 117 -8.05 -55.78 2.71
CA ILE D 117 -8.94 -54.93 1.87
C ILE D 117 -9.64 -53.86 2.71
N SER D 118 -10.04 -54.19 3.92
CA SER D 118 -10.73 -53.27 4.83
C SER D 118 -9.84 -52.91 6.03
N ALA D 119 -8.53 -52.82 5.78
CA ALA D 119 -7.55 -52.31 6.74
C ALA D 119 -6.91 -51.06 6.12
N GLY D 120 -5.59 -50.87 6.32
CA GLY D 120 -4.87 -49.77 5.73
C GLY D 120 -5.29 -48.43 6.31
N ILE D 121 -5.51 -47.44 5.44
CA ILE D 121 -5.75 -46.06 5.83
C ILE D 121 -7.22 -45.81 6.17
N TYR D 122 -7.51 -45.63 7.45
CA TYR D 122 -8.85 -45.31 7.95
C TYR D 122 -9.15 -43.79 7.84
N ALA D 123 -10.24 -43.34 8.47
CA ALA D 123 -10.66 -41.94 8.42
C ALA D 123 -9.50 -40.96 8.57
N PRO D 124 -9.28 -40.07 7.57
CA PRO D 124 -8.31 -39.00 7.69
C PRO D 124 -8.90 -37.77 8.38
N ALA D 125 -8.05 -36.98 9.04
CA ALA D 125 -8.40 -35.64 9.52
C ALA D 125 -7.29 -34.65 9.17
N ILE D 126 -7.59 -33.73 8.23
CA ILE D 126 -6.65 -32.69 7.82
C ILE D 126 -6.93 -31.40 8.61
N HIS D 127 -5.89 -30.60 8.85
CA HIS D 127 -6.00 -29.42 9.72
C HIS D 127 -4.97 -28.40 9.29
N TYR D 128 -5.30 -27.12 9.49
CA TYR D 128 -4.33 -26.05 9.34
C TYR D 128 -4.18 -25.32 10.67
N ASN D 129 -2.94 -25.32 11.18
CA ASN D 129 -2.61 -24.61 12.40
C ASN D 129 -2.08 -23.23 12.01
N LYS D 130 -2.91 -22.21 12.23
CA LYS D 130 -2.59 -20.83 11.90
C LYS D 130 -1.54 -20.24 12.83
N TYR D 131 -1.37 -20.86 14.01
CA TYR D 131 -0.42 -20.40 15.02
C TYR D 131 1.04 -20.73 14.67
N ASN D 132 1.25 -21.85 13.97
CA ASN D 132 2.56 -22.23 13.44
C ASN D 132 2.56 -22.46 11.92
N ASP D 133 1.54 -21.92 11.24
CA ASP D 133 1.42 -21.93 9.78
C ASP D 133 1.81 -23.30 9.19
N THR D 134 1.23 -24.37 9.73
CA THR D 134 1.59 -25.74 9.40
C THR D 134 0.35 -26.59 9.19
N PHE D 135 0.42 -27.45 8.18
CA PHE D 135 -0.63 -28.42 7.87
C PHE D 135 -0.33 -29.77 8.55
N TYR D 136 -1.41 -30.52 8.83
CA TYR D 136 -1.38 -31.79 9.53
C TYR D 136 -2.37 -32.73 8.87
N MSE D 137 -1.89 -33.93 8.50
CA MSE D 137 -2.77 -35.01 8.10
C MSE D 137 -2.60 -36.15 9.10
O MSE D 137 -1.55 -36.80 9.11
CB MSE D 137 -2.45 -35.44 6.66
CG MSE D 137 -3.61 -36.16 5.98
SE MSE D 137 -3.94 -37.93 6.79
CE MSE D 137 -5.06 -39.12 5.80
N ILE D 138 -3.62 -36.39 9.92
CA ILE D 138 -3.58 -37.41 10.95
C ILE D 138 -4.61 -38.53 10.72
N THR D 139 -4.17 -39.79 10.82
CA THR D 139 -4.99 -40.95 10.54
C THR D 139 -4.49 -42.22 11.26
N THR D 140 -5.20 -43.33 11.05
CA THR D 140 -4.79 -44.65 11.50
C THR D 140 -4.40 -45.48 10.29
N GLU D 141 -3.19 -46.05 10.34
CA GLU D 141 -2.64 -46.86 9.27
C GLU D 141 -2.47 -48.29 9.76
N PHE D 142 -3.50 -49.11 9.52
CA PHE D 142 -3.52 -50.53 9.88
C PHE D 142 -2.82 -51.35 8.81
N CYS D 143 -1.53 -51.07 8.66
CA CYS D 143 -0.61 -51.80 7.80
C CYS D 143 0.76 -51.12 7.98
N ALA D 144 1.81 -51.64 7.34
CA ALA D 144 3.15 -51.07 7.42
C ALA D 144 3.21 -49.70 6.74
N PRO D 145 4.15 -48.79 7.11
CA PRO D 145 5.12 -49.02 8.18
C PRO D 145 4.65 -48.82 9.63
N CYS D 146 3.51 -48.14 9.83
CA CYS D 146 3.13 -47.62 11.15
C CYS D 146 2.30 -48.57 12.00
N GLY D 147 1.35 -49.30 11.39
CA GLY D 147 0.50 -50.20 12.12
C GLY D 147 -0.15 -49.49 13.29
N GLY D 148 -0.75 -48.32 13.01
CA GLY D 148 -1.48 -47.57 14.00
C GLY D 148 -1.56 -46.08 13.70
N ASN D 149 -1.98 -45.34 14.71
CA ASN D 149 -2.21 -43.90 14.64
C ASN D 149 -0.93 -43.12 14.33
N MSE D 150 -1.03 -42.18 13.38
CA MSE D 150 0.14 -41.49 12.87
C MSE D 150 -0.29 -40.16 12.25
O MSE D 150 -1.43 -40.00 11.84
CB MSE D 150 0.85 -42.36 11.83
CG MSE D 150 0.05 -42.65 10.59
SE MSE D 150 0.28 -41.25 9.21
CE MSE D 150 0.80 -42.22 7.59
N VAL D 151 0.67 -39.23 12.17
CA VAL D 151 0.44 -37.92 11.59
C VAL D 151 1.58 -37.55 10.65
N VAL D 152 1.24 -36.86 9.55
CA VAL D 152 2.21 -36.29 8.63
C VAL D 152 1.96 -34.78 8.49
N LYS D 153 3.02 -34.04 8.15
CA LYS D 153 3.02 -32.59 8.15
C LYS D 153 3.60 -31.98 6.89
N THR D 154 3.23 -30.72 6.65
CA THR D 154 3.75 -29.93 5.52
C THR D 154 3.45 -28.44 5.70
N LYS D 155 4.28 -27.60 5.08
CA LYS D 155 4.00 -26.18 4.93
C LYS D 155 3.10 -25.83 3.72
N ASP D 156 3.01 -26.76 2.76
CA ASP D 156 2.41 -26.55 1.46
C ASP D 156 2.11 -27.91 0.82
N PRO D 157 0.83 -28.34 0.81
CA PRO D 157 0.45 -29.62 0.21
C PRO D 157 0.97 -29.90 -1.20
N ARG D 158 1.19 -28.85 -1.99
CA ARG D 158 1.72 -29.02 -3.35
C ARG D 158 3.16 -29.56 -3.39
N GLN D 159 3.89 -29.43 -2.28
CA GLN D 159 5.26 -29.94 -2.17
C GLN D 159 5.36 -31.33 -1.54
N GLY D 160 4.22 -31.90 -1.13
CA GLY D 160 4.16 -33.20 -0.47
C GLY D 160 4.27 -33.06 1.05
N TRP D 161 4.22 -34.23 1.72
CA TRP D 161 4.18 -34.30 3.18
C TRP D 161 5.35 -35.11 3.75
N SER D 162 5.63 -34.89 5.03
CA SER D 162 6.70 -35.58 5.75
C SER D 162 6.43 -37.08 5.87
N ASP D 163 7.43 -37.81 6.37
CA ASP D 163 7.26 -39.18 6.79
C ASP D 163 6.43 -39.20 8.07
N PRO D 164 5.80 -40.34 8.43
CA PRO D 164 4.88 -40.38 9.57
C PRO D 164 5.57 -40.15 10.93
N PHE D 165 4.83 -39.56 11.87
CA PHE D 165 5.18 -39.52 13.27
C PHE D 165 4.23 -40.52 13.91
N ASN D 166 4.78 -41.58 14.52
CA ASN D 166 3.97 -42.61 15.18
C ASN D 166 3.41 -42.07 16.48
N LEU D 167 2.08 -42.16 16.66
CA LEU D 167 1.40 -41.67 17.85
C LEU D 167 0.97 -42.82 18.76
N HIS D 168 1.12 -42.60 20.08
CA HIS D 168 1.03 -43.66 21.08
C HIS D 168 -0.34 -43.79 21.76
N PHE D 169 -1.35 -44.14 20.96
CA PHE D 169 -2.69 -44.46 21.46
C PHE D 169 -3.37 -45.37 20.46
N GLY D 170 -4.33 -46.17 20.94
CA GLY D 170 -5.09 -47.08 20.10
C GLY D 170 -6.38 -46.44 19.57
N GLY D 171 -7.23 -47.28 18.99
CA GLY D 171 -8.49 -46.83 18.38
C GLY D 171 -8.27 -46.12 17.06
N ILE D 172 -9.31 -45.48 16.56
CA ILE D 172 -9.34 -44.84 15.23
C ILE D 172 -9.88 -43.42 15.25
N ASP D 173 -9.84 -42.78 14.08
CA ASP D 173 -10.40 -41.45 13.83
C ASP D 173 -9.73 -40.39 14.70
N PRO D 174 -8.38 -40.31 14.68
CA PRO D 174 -7.67 -39.21 15.34
C PRO D 174 -8.01 -37.85 14.68
N SER D 175 -7.92 -36.78 15.47
CA SER D 175 -8.18 -35.44 15.02
C SER D 175 -7.61 -34.44 16.00
N LEU D 176 -6.81 -33.49 15.47
CA LEU D 176 -6.16 -32.48 16.29
C LEU D 176 -6.98 -31.20 16.34
N PHE D 177 -6.81 -30.44 17.43
CA PHE D 177 -7.39 -29.13 17.61
C PHE D 177 -6.38 -28.22 18.30
N PHE D 178 -6.23 -26.99 17.78
CA PHE D 178 -5.26 -26.04 18.27
C PHE D 178 -5.96 -24.84 18.92
N ASP D 179 -5.91 -24.78 20.26
CA ASP D 179 -6.59 -23.76 21.06
C ASP D 179 -5.93 -22.37 20.93
N ASP D 180 -6.48 -21.38 21.64
CA ASP D 180 -6.05 -19.96 21.53
C ASP D 180 -4.99 -19.50 22.53
N ASN D 181 -4.46 -20.45 23.29
CA ASN D 181 -3.25 -20.34 24.10
C ASN D 181 -2.32 -21.28 23.36
N GLY D 182 -1.18 -21.67 23.92
CA GLY D 182 -0.25 -22.48 23.15
C GLY D 182 -0.63 -23.96 23.03
N LYS D 183 -1.80 -24.32 23.56
CA LYS D 183 -2.14 -25.69 23.84
C LYS D 183 -2.81 -26.34 22.64
N ALA D 184 -2.37 -27.57 22.35
CA ALA D 184 -2.89 -28.41 21.29
C ALA D 184 -3.46 -29.67 21.91
N TYR D 185 -4.49 -30.21 21.26
CA TYR D 185 -5.19 -31.39 21.75
C TYR D 185 -5.43 -32.37 20.63
N LEU D 186 -5.77 -33.59 21.01
CA LEU D 186 -6.00 -34.66 20.07
C LEU D 186 -7.14 -35.48 20.61
N VAL D 187 -8.16 -35.69 19.77
CA VAL D 187 -9.31 -36.49 20.13
C VAL D 187 -9.35 -37.70 19.21
N HIS D 188 -9.82 -38.83 19.75
CA HIS D 188 -9.97 -40.04 18.97
C HIS D 188 -11.01 -40.95 19.58
N ASN D 189 -11.44 -41.92 18.76
CA ASN D 189 -12.30 -43.02 19.21
C ASN D 189 -11.40 -44.06 19.88
N ASP D 190 -11.94 -44.75 20.89
CA ASP D 190 -11.21 -45.81 21.58
C ASP D 190 -12.20 -46.85 22.09
N ALA D 191 -11.69 -47.97 22.60
CA ALA D 191 -12.52 -48.96 23.25
C ALA D 191 -12.58 -48.62 24.74
N PRO D 192 -13.71 -48.90 25.42
CA PRO D 192 -13.81 -48.68 26.86
C PRO D 192 -13.11 -49.82 27.59
N GLU D 193 -12.60 -49.56 28.80
CA GLU D 193 -12.01 -50.62 29.64
C GLU D 193 -13.06 -51.71 29.91
N LYS D 194 -14.28 -51.26 30.26
CA LYS D 194 -15.40 -52.13 30.64
C LYS D 194 -16.58 -52.00 29.66
N PRO D 195 -16.54 -52.72 28.50
CA PRO D 195 -17.69 -52.80 27.60
C PRO D 195 -19.02 -53.16 28.28
N LEU D 196 -20.04 -52.33 28.07
CA LEU D 196 -21.35 -52.47 28.69
C LEU D 196 -22.39 -53.16 27.79
N TYR D 197 -22.12 -53.24 26.49
CA TYR D 197 -23.02 -53.85 25.52
C TYR D 197 -22.32 -54.35 24.24
N GLY D 198 -21.13 -54.94 24.42
CA GLY D 198 -20.41 -55.60 23.37
C GLY D 198 -19.46 -54.67 22.63
N PRO D 199 -18.89 -55.14 21.48
CA PRO D 199 -17.95 -54.33 20.72
C PRO D 199 -18.42 -52.95 20.22
N ASN D 200 -19.75 -52.75 20.09
CA ASN D 200 -20.30 -51.49 19.58
C ASN D 200 -20.13 -50.36 20.59
N HIS D 201 -19.98 -50.69 21.87
CA HIS D 201 -19.69 -49.71 22.88
C HIS D 201 -18.27 -49.16 22.64
N ARG D 202 -18.20 -47.85 22.37
CA ARG D 202 -16.98 -47.12 22.11
C ARG D 202 -16.95 -45.82 22.89
N CYS D 203 -15.81 -45.13 22.84
CA CYS D 203 -15.54 -43.93 23.60
C CYS D 203 -14.88 -42.88 22.75
N ILE D 204 -15.07 -41.61 23.13
CA ILE D 204 -14.25 -40.51 22.65
C ILE D 204 -13.29 -40.11 23.76
N LYS D 205 -12.01 -40.06 23.40
CA LYS D 205 -10.93 -39.75 24.32
C LYS D 205 -10.20 -38.54 23.79
N ILE D 206 -9.78 -37.65 24.71
CA ILE D 206 -8.96 -36.50 24.37
C ILE D 206 -7.59 -36.56 25.07
N TRP D 207 -6.57 -36.00 24.40
CA TRP D 207 -5.20 -35.90 24.89
C TRP D 207 -4.70 -34.50 24.61
N GLU D 208 -3.87 -33.97 25.51
CA GLU D 208 -3.04 -32.81 25.22
C GLU D 208 -1.94 -33.27 24.27
N TYR D 209 -1.55 -32.41 23.34
CA TYR D 209 -0.62 -32.74 22.27
C TYR D 209 0.59 -31.82 22.37
N ASP D 210 1.78 -32.41 22.19
CA ASP D 210 3.04 -31.71 22.25
C ASP D 210 3.48 -31.38 20.83
N LEU D 211 3.49 -30.09 20.50
CA LEU D 211 3.77 -29.61 19.14
C LEU D 211 5.22 -29.84 18.76
N GLU D 212 6.13 -29.67 19.72
CA GLU D 212 7.57 -29.89 19.50
C GLU D 212 7.82 -31.34 19.12
N LYS D 213 7.31 -32.28 19.93
CA LYS D 213 7.56 -33.71 19.79
C LYS D 213 6.60 -34.45 18.85
N ASP D 214 5.47 -33.81 18.51
CA ASP D 214 4.41 -34.43 17.71
C ASP D 214 4.03 -35.78 18.34
N GLN D 215 3.59 -35.71 19.59
CA GLN D 215 3.23 -36.87 20.40
C GLN D 215 2.31 -36.39 21.51
N ILE D 216 1.37 -37.24 21.91
CA ILE D 216 0.49 -36.97 23.04
C ILE D 216 1.32 -36.90 24.33
N ILE D 217 0.85 -36.13 25.31
CA ILE D 217 1.47 -36.03 26.62
C ILE D 217 0.87 -37.12 27.51
N PRO D 218 1.68 -38.11 27.97
CA PRO D 218 1.18 -39.16 28.86
C PRO D 218 0.57 -38.60 30.16
N GLY D 219 -0.56 -39.20 30.57
CA GLY D 219 -1.31 -38.76 31.73
C GLY D 219 -2.33 -37.66 31.50
N THR D 220 -2.46 -37.18 30.27
CA THR D 220 -3.40 -36.11 29.94
C THR D 220 -4.69 -36.64 29.31
N ASP D 221 -4.77 -37.97 29.16
CA ASP D 221 -5.92 -38.60 28.53
C ASP D 221 -7.12 -38.60 29.43
N LYS D 222 -8.30 -38.37 28.83
CA LYS D 222 -9.58 -38.38 29.51
C LYS D 222 -10.67 -38.76 28.56
N VAL D 223 -11.57 -39.64 29.00
CA VAL D 223 -12.78 -39.98 28.25
C VAL D 223 -13.77 -38.84 28.39
N ILE D 224 -14.12 -38.22 27.26
CA ILE D 224 -15.06 -37.08 27.23
C ILE D 224 -16.48 -37.45 26.74
N VAL D 225 -16.59 -38.55 25.99
CA VAL D 225 -17.88 -39.17 25.71
C VAL D 225 -17.78 -40.68 25.88
N ASN D 226 -18.74 -41.26 26.60
CA ASN D 226 -18.84 -42.70 26.74
C ASN D 226 -20.08 -43.27 26.06
N GLY D 227 -19.85 -44.00 24.95
CA GLY D 227 -20.92 -44.63 24.20
C GLY D 227 -21.52 -43.78 23.08
N GLY D 228 -22.08 -42.62 23.47
CA GLY D 228 -22.72 -41.69 22.56
C GLY D 228 -23.52 -40.61 23.26
N THR D 229 -24.50 -40.01 22.55
CA THR D 229 -25.37 -38.96 23.10
C THR D 229 -26.25 -39.45 24.25
N ASP D 230 -26.63 -40.75 24.23
CA ASP D 230 -27.38 -41.37 25.32
C ASP D 230 -27.03 -42.85 25.47
N ILE D 231 -26.22 -43.18 26.50
CA ILE D 231 -25.67 -44.53 26.69
C ILE D 231 -26.74 -45.62 26.90
N GLU D 232 -27.85 -45.25 27.55
CA GLU D 232 -29.01 -46.13 27.72
C GLU D 232 -29.51 -46.74 26.39
N LYS D 233 -29.34 -46.01 25.28
CA LYS D 233 -29.74 -46.46 23.94
C LYS D 233 -28.72 -47.38 23.26
N LYS D 234 -27.61 -47.68 23.93
CA LYS D 234 -26.53 -48.52 23.39
C LYS D 234 -26.01 -47.98 22.06
N PRO D 235 -25.60 -46.70 22.00
CA PRO D 235 -25.13 -46.09 20.75
C PRO D 235 -23.97 -46.86 20.13
N VAL D 236 -24.09 -47.17 18.84
CA VAL D 236 -23.10 -47.93 18.11
C VAL D 236 -21.94 -47.06 17.61
N TRP D 237 -20.70 -47.49 17.91
CA TRP D 237 -19.48 -46.95 17.34
C TRP D 237 -19.38 -45.42 17.17
N ILE D 238 -19.59 -44.69 18.26
CA ILE D 238 -19.32 -43.27 18.26
C ILE D 238 -17.86 -43.06 17.83
N GLU D 239 -17.67 -42.19 16.84
CA GLU D 239 -16.38 -42.02 16.19
C GLU D 239 -16.34 -40.68 15.42
N GLY D 240 -15.38 -40.56 14.51
CA GLY D 240 -15.12 -39.34 13.78
C GLY D 240 -15.14 -38.07 14.60
N PRO D 241 -14.54 -38.02 15.81
CA PRO D 241 -14.63 -36.83 16.65
C PRO D 241 -13.87 -35.63 16.05
N HIS D 242 -14.51 -34.45 16.03
CA HIS D 242 -13.84 -33.19 15.71
C HIS D 242 -14.17 -32.12 16.74
N ILE D 243 -13.13 -31.37 17.16
CA ILE D 243 -13.30 -30.23 18.04
C ILE D 243 -13.29 -28.95 17.22
N TYR D 244 -14.24 -28.05 17.52
CA TYR D 244 -14.26 -26.69 17.01
C TYR D 244 -14.51 -25.79 18.21
N LYS D 245 -14.04 -24.55 18.14
CA LYS D 245 -14.29 -23.56 19.17
C LYS D 245 -14.95 -22.37 18.53
N LYS D 246 -16.06 -21.90 19.13
CA LYS D 246 -16.81 -20.75 18.61
C LYS D 246 -17.44 -19.96 19.77
N ASN D 247 -17.16 -18.65 19.81
CA ASN D 247 -17.60 -17.75 20.87
C ASN D 247 -17.22 -18.25 22.26
N GLY D 248 -16.00 -18.75 22.38
CA GLY D 248 -15.47 -19.24 23.66
C GLY D 248 -15.96 -20.61 24.12
N THR D 249 -16.86 -21.23 23.36
CA THR D 249 -17.41 -22.54 23.67
C THR D 249 -16.73 -23.62 22.81
N TYR D 250 -16.49 -24.80 23.41
CA TYR D 250 -15.92 -25.95 22.71
C TYR D 250 -17.04 -26.84 22.18
N TYR D 251 -16.82 -27.40 20.99
CA TYR D 251 -17.79 -28.25 20.32
C TYR D 251 -17.13 -29.53 19.89
N LEU D 252 -17.76 -30.66 20.21
CA LEU D 252 -17.35 -31.97 19.77
C LEU D 252 -18.45 -32.51 18.84
N MSE D 253 -18.06 -32.77 17.60
CA MSE D 253 -18.96 -33.38 16.63
C MSE D 253 -18.46 -34.79 16.31
O MSE D 253 -17.29 -34.97 16.01
CB MSE D 253 -19.06 -32.53 15.35
CG MSE D 253 -20.22 -32.91 14.46
SE MSE D 253 -20.31 -31.79 12.86
CE MSE D 253 -21.25 -30.23 13.53
N CYS D 254 -19.37 -35.77 16.38
CA CYS D 254 -19.02 -37.16 16.16
C CYS D 254 -20.01 -37.83 15.25
N ALA D 255 -19.55 -38.86 14.52
CA ALA D 255 -20.42 -39.82 13.88
C ALA D 255 -20.89 -40.82 14.96
N GLU D 256 -22.14 -41.30 14.81
CA GLU D 256 -22.73 -42.28 15.73
C GLU D 256 -23.68 -43.21 14.96
N GLY D 257 -23.68 -44.49 15.35
CA GLY D 257 -24.53 -45.51 14.76
C GLY D 257 -23.90 -46.48 13.78
N GLY D 258 -22.62 -46.29 13.45
CA GLY D 258 -21.94 -47.15 12.49
C GLY D 258 -22.04 -46.57 11.08
N THR D 259 -21.09 -46.94 10.22
CA THR D 259 -21.04 -46.37 8.87
C THR D 259 -21.98 -47.06 7.88
N GLY D 260 -22.93 -47.84 8.42
CA GLY D 260 -24.02 -48.42 7.64
C GLY D 260 -25.37 -47.78 7.90
N ASP D 261 -26.40 -48.62 7.99
CA ASP D 261 -27.82 -48.23 8.09
C ASP D 261 -28.19 -47.20 9.16
N TRP D 262 -27.45 -47.17 10.26
CA TRP D 262 -27.79 -46.32 11.39
C TRP D 262 -26.87 -45.09 11.51
N HIS D 263 -26.16 -44.77 10.42
CA HIS D 263 -25.20 -43.68 10.42
C HIS D 263 -25.90 -42.35 10.72
N SER D 264 -25.18 -41.45 11.39
CA SER D 264 -25.68 -40.14 11.76
C SER D 264 -24.52 -39.31 12.26
N GLU D 265 -24.77 -38.02 12.50
CA GLU D 265 -23.82 -37.13 13.13
C GLU D 265 -24.51 -36.43 14.28
N VAL D 266 -23.80 -36.33 15.41
CA VAL D 266 -24.31 -35.78 16.64
C VAL D 266 -23.35 -34.68 17.09
N ILE D 267 -23.80 -33.86 18.03
CA ILE D 267 -23.05 -32.66 18.45
C ILE D 267 -23.16 -32.45 19.96
N PHE D 268 -22.01 -32.12 20.57
CA PHE D 268 -21.84 -31.90 22.00
C PHE D 268 -21.17 -30.55 22.17
N LYS D 269 -21.39 -29.90 23.32
CA LYS D 269 -20.65 -28.68 23.67
C LYS D 269 -20.12 -28.70 25.13
N ALA D 270 -19.09 -27.89 25.39
CA ALA D 270 -18.51 -27.74 26.72
C ALA D 270 -17.90 -26.36 26.91
N ASP D 271 -17.78 -25.94 28.17
CA ASP D 271 -17.17 -24.66 28.54
C ASP D 271 -15.66 -24.72 28.66
N ASN D 272 -15.11 -25.93 28.57
CA ASN D 272 -13.69 -26.23 28.75
C ASN D 272 -13.26 -27.41 27.88
N ILE D 273 -12.01 -27.39 27.41
CA ILE D 273 -11.52 -28.41 26.47
C ILE D 273 -11.72 -29.85 26.98
N TYR D 274 -11.48 -30.04 28.28
CA TYR D 274 -11.70 -31.32 28.98
C TYR D 274 -13.10 -31.38 29.58
N GLY D 275 -13.77 -30.21 29.60
CA GLY D 275 -14.91 -29.92 30.46
C GLY D 275 -15.97 -30.93 30.07
N PRO D 276 -17.02 -31.14 30.90
CA PRO D 276 -18.05 -32.13 30.57
C PRO D 276 -18.71 -31.70 29.24
N TYR D 277 -18.77 -32.62 28.29
CA TYR D 277 -19.40 -32.38 27.00
C TYR D 277 -20.83 -32.89 27.08
N GLU D 278 -21.81 -32.01 26.92
CA GLU D 278 -23.23 -32.37 26.92
C GLU D 278 -23.79 -32.36 25.50
N PRO D 279 -24.63 -33.36 25.14
CA PRO D 279 -25.26 -33.38 23.82
C PRO D 279 -26.40 -32.36 23.71
N TRP D 280 -26.49 -31.67 22.58
CA TRP D 280 -27.67 -30.87 22.25
C TRP D 280 -28.86 -31.81 22.35
N ASN D 281 -29.90 -31.37 23.07
CA ASN D 281 -31.15 -32.10 23.12
C ASN D 281 -31.58 -32.53 21.73
N ASN D 282 -31.36 -31.66 20.74
CA ASN D 282 -31.61 -31.94 19.33
C ASN D 282 -30.46 -32.76 18.79
N ASN D 283 -30.68 -34.07 18.68
CA ASN D 283 -29.70 -34.96 18.08
C ASN D 283 -30.41 -36.18 17.52
N PRO D 284 -29.96 -36.75 16.39
CA PRO D 284 -28.81 -36.24 15.63
C PRO D 284 -29.10 -34.98 14.80
N ILE D 285 -28.07 -34.39 14.18
CA ILE D 285 -28.17 -33.22 13.31
C ILE D 285 -27.99 -33.56 11.81
N LEU D 286 -27.70 -34.83 11.50
CA LEU D 286 -27.53 -35.32 10.14
C LEU D 286 -27.79 -36.82 10.12
N THR D 287 -28.78 -37.26 9.35
CA THR D 287 -29.02 -38.70 9.13
C THR D 287 -30.05 -38.92 8.04
N GLN D 288 -30.02 -40.13 7.47
CA GLN D 288 -31.05 -40.62 6.57
C GLN D 288 -31.70 -41.91 7.09
N ARG D 289 -31.34 -42.33 8.30
CA ARG D 289 -31.59 -43.69 8.77
C ARG D 289 -33.06 -44.07 8.98
N HIS D 290 -33.91 -43.07 9.23
CA HIS D 290 -35.34 -43.26 9.41
C HIS D 290 -36.19 -43.32 8.12
N PHE D 291 -35.54 -43.52 6.97
CA PHE D 291 -36.20 -43.66 5.66
C PHE D 291 -35.96 -45.07 5.09
N LEU D 292 -37.03 -45.72 4.59
CA LEU D 292 -36.93 -46.98 3.81
C LEU D 292 -37.94 -46.89 2.66
N HIS D 293 -37.50 -46.29 1.55
CA HIS D 293 -38.38 -45.78 0.51
C HIS D 293 -38.14 -46.39 -0.89
N ASN D 294 -37.54 -45.64 -1.81
CA ASN D 294 -37.43 -46.00 -3.25
C ASN D 294 -36.51 -47.20 -3.56
N LEU D 298 -32.72 -42.10 -2.66
CA LEU D 298 -31.51 -41.67 -3.37
C LEU D 298 -30.22 -42.04 -2.64
N ALA D 299 -30.11 -41.61 -1.38
CA ALA D 299 -28.88 -41.68 -0.58
C ALA D 299 -29.13 -42.26 0.81
N ASP D 300 -28.09 -42.85 1.39
CA ASP D 300 -28.18 -43.56 2.67
C ASP D 300 -26.84 -43.43 3.44
N TRP D 301 -26.82 -43.98 4.65
CA TRP D 301 -25.63 -44.10 5.51
C TRP D 301 -24.91 -42.76 5.73
N ALA D 302 -25.69 -41.71 6.00
CA ALA D 302 -25.16 -40.37 6.12
C ALA D 302 -24.56 -40.11 7.50
N GLY D 303 -23.27 -39.77 7.51
CA GLY D 303 -22.56 -39.36 8.71
C GLY D 303 -21.08 -39.13 8.43
N HIS D 304 -20.29 -39.08 9.51
CA HIS D 304 -18.85 -38.82 9.49
C HIS D 304 -18.54 -37.50 8.78
N ALA D 305 -19.02 -36.42 9.40
CA ALA D 305 -18.92 -35.09 8.83
C ALA D 305 -17.73 -34.32 9.37
N ASP D 306 -17.42 -33.21 8.70
CA ASP D 306 -16.47 -32.24 9.18
C ASP D 306 -16.90 -30.86 8.65
N LEU D 307 -16.79 -29.83 9.50
CA LEU D 307 -17.22 -28.48 9.18
C LEU D 307 -16.07 -27.56 8.77
N VAL D 308 -16.39 -26.57 7.92
CA VAL D 308 -15.46 -25.53 7.54
C VAL D 308 -16.19 -24.21 7.33
N GLU D 309 -15.59 -23.12 7.83
CA GLU D 309 -16.03 -21.76 7.54
C GLU D 309 -15.10 -21.19 6.46
N TYR D 315 -20.99 -21.47 6.93
CA TYR D 315 -20.39 -22.81 7.14
C TYR D 315 -20.93 -23.88 6.19
N TYR D 316 -20.04 -24.78 5.84
CA TYR D 316 -20.36 -25.92 4.97
C TYR D 316 -19.87 -27.19 5.66
N GLY D 317 -20.58 -28.29 5.47
CA GLY D 317 -20.20 -29.53 6.14
C GLY D 317 -20.09 -30.65 5.13
N VAL D 318 -19.00 -31.41 5.22
CA VAL D 318 -18.85 -32.58 4.31
C VAL D 318 -19.18 -33.83 5.13
N PHE D 319 -19.61 -34.87 4.45
CA PHE D 319 -19.96 -36.15 5.09
C PHE D 319 -19.99 -37.22 4.02
N LEU D 320 -20.14 -38.45 4.46
CA LEU D 320 -20.14 -39.62 3.60
C LEU D 320 -21.55 -40.17 3.52
N GLY D 321 -21.83 -40.82 2.39
CA GLY D 321 -23.09 -41.48 2.13
C GLY D 321 -22.89 -42.47 1.02
N ILE D 322 -23.91 -43.30 0.79
CA ILE D 322 -23.98 -44.21 -0.34
C ILE D 322 -25.22 -43.93 -1.20
N ARG D 323 -25.11 -44.13 -2.51
CA ARG D 323 -26.27 -44.13 -3.39
C ARG D 323 -26.54 -45.57 -3.80
N PRO D 324 -27.44 -46.32 -3.10
CA PRO D 324 -27.74 -47.70 -3.45
C PRO D 324 -28.54 -47.88 -4.73
N ASN D 325 -28.47 -49.08 -5.30
CA ASN D 325 -29.23 -49.45 -6.50
C ASN D 325 -30.63 -49.93 -6.08
N SER D 326 -31.41 -50.45 -7.04
CA SER D 326 -32.78 -50.89 -6.80
C SER D 326 -32.92 -52.00 -5.76
N LYS D 327 -31.85 -52.78 -5.54
CA LYS D 327 -31.82 -53.86 -4.58
C LYS D 327 -31.14 -53.49 -3.25
N GLY D 328 -30.79 -52.20 -3.09
CA GLY D 328 -30.13 -51.70 -1.90
C GLY D 328 -28.60 -51.88 -1.84
N ASN D 329 -28.03 -52.48 -2.88
CA ASN D 329 -26.59 -52.71 -2.95
C ASN D 329 -25.83 -51.47 -3.39
N VAL D 330 -24.56 -51.38 -3.00
CA VAL D 330 -23.67 -50.27 -3.29
C VAL D 330 -22.34 -50.79 -3.82
N ASN D 331 -22.09 -50.52 -5.10
CA ASN D 331 -20.84 -50.81 -5.77
C ASN D 331 -19.98 -49.57 -5.91
N THR D 332 -20.53 -48.43 -5.48
CA THR D 332 -19.88 -47.13 -5.64
C THR D 332 -19.15 -46.65 -4.39
N GLY D 333 -19.17 -47.46 -3.33
CA GLY D 333 -18.52 -47.12 -2.09
C GLY D 333 -19.23 -45.97 -1.41
N ARG D 334 -18.59 -45.43 -0.38
CA ARG D 334 -19.09 -44.29 0.36
C ARG D 334 -18.50 -43.02 -0.25
N GLU D 335 -19.36 -42.03 -0.54
CA GLU D 335 -18.98 -40.86 -1.32
C GLU D 335 -19.03 -39.61 -0.45
N THR D 336 -18.35 -38.57 -0.91
CA THR D 336 -18.28 -37.30 -0.15
C THR D 336 -19.45 -36.42 -0.54
N PHE D 337 -20.31 -36.11 0.41
CA PHE D 337 -21.50 -35.30 0.14
C PHE D 337 -21.33 -33.95 0.80
N MSE D 338 -21.97 -32.94 0.26
CA MSE D 338 -21.91 -31.63 0.92
C MSE D 338 -23.33 -31.07 1.00
O MSE D 338 -24.15 -31.39 0.16
CB MSE D 338 -20.96 -30.66 0.24
CG MSE D 338 -20.55 -29.54 1.15
SE MSE D 338 -19.36 -28.30 0.32
CE MSE D 338 -20.56 -27.11 -0.62
N LEU D 339 -23.55 -30.34 2.07
CA LEU D 339 -24.79 -29.61 2.40
C LEU D 339 -24.32 -28.38 3.13
N PRO D 340 -25.04 -27.07 3.13
CA PRO D 340 -24.83 -25.85 3.91
C PRO D 340 -25.10 -26.12 5.39
N VAL D 341 -24.40 -25.38 6.26
CA VAL D 341 -24.58 -25.48 7.69
C VAL D 341 -24.80 -24.09 8.24
N ASP D 342 -25.95 -23.88 8.89
CA ASP D 342 -26.24 -22.64 9.61
C ASP D 342 -25.68 -22.77 11.02
N TRP D 343 -24.77 -21.85 11.38
CA TRP D 343 -24.22 -21.77 12.72
C TRP D 343 -24.34 -20.37 13.30
N SER D 344 -25.48 -19.73 13.08
CA SER D 344 -25.80 -18.41 13.58
C SER D 344 -26.21 -18.42 15.06
N GLY D 345 -26.51 -19.62 15.58
CA GLY D 345 -26.89 -19.83 16.98
C GLY D 345 -25.87 -20.68 17.72
N THR D 346 -26.23 -21.11 18.93
CA THR D 346 -25.42 -22.02 19.75
C THR D 346 -24.90 -23.25 18.99
N TRP D 347 -25.77 -23.92 18.23
CA TRP D 347 -25.46 -25.20 17.59
C TRP D 347 -25.50 -25.19 16.07
N PRO D 348 -24.66 -26.03 15.40
CA PRO D 348 -24.69 -26.15 13.94
C PRO D 348 -25.87 -26.99 13.46
N VAL D 349 -26.57 -26.48 12.42
CA VAL D 349 -27.67 -27.15 11.76
C VAL D 349 -27.20 -27.44 10.34
N PHE D 350 -27.24 -28.72 9.95
CA PHE D 350 -27.04 -29.15 8.56
C PHE D 350 -28.35 -28.91 7.81
N GLU D 351 -28.36 -27.93 6.91
CA GLU D 351 -29.57 -27.52 6.22
C GLU D 351 -30.13 -28.66 5.36
N ASN D 352 -31.36 -29.07 5.70
CA ASN D 352 -32.01 -30.27 5.17
C ASN D 352 -31.22 -31.56 5.40
N GLY D 353 -30.43 -31.59 6.48
CA GLY D 353 -29.65 -32.76 6.87
C GLY D 353 -30.49 -33.89 7.47
N LEU D 354 -31.76 -33.61 7.79
CA LEU D 354 -32.69 -34.57 8.39
C LEU D 354 -33.96 -34.85 7.53
N VAL D 355 -34.00 -34.35 6.28
CA VAL D 355 -35.00 -34.76 5.30
C VAL D 355 -34.31 -35.52 4.17
N PRO D 356 -35.02 -36.32 3.34
CA PRO D 356 -34.37 -37.06 2.26
C PRO D 356 -33.52 -36.16 1.35
N LEU D 357 -32.25 -36.52 1.15
CA LEU D 357 -31.35 -35.72 0.34
C LEU D 357 -31.79 -35.72 -1.11
N SER D 358 -31.54 -34.62 -1.81
CA SER D 358 -31.71 -34.58 -3.24
C SER D 358 -30.36 -34.31 -3.86
N ILE D 359 -30.22 -34.76 -5.10
CA ILE D 359 -28.98 -34.71 -5.87
C ILE D 359 -28.51 -33.27 -6.18
N LYS D 360 -29.44 -32.31 -6.16
CA LYS D 360 -29.17 -30.92 -6.46
C LYS D 360 -29.19 -30.06 -5.22
N GLN D 361 -28.17 -29.22 -5.14
CA GLN D 361 -28.01 -28.21 -4.07
C GLN D 361 -27.71 -26.89 -4.78
N LYS D 362 -27.98 -25.78 -4.11
CA LYS D 362 -27.68 -24.48 -4.73
C LYS D 362 -26.25 -24.12 -4.36
N MSE D 363 -25.38 -23.89 -5.37
CA MSE D 363 -23.94 -23.53 -5.19
C MSE D 363 -23.93 -22.15 -4.57
O MSE D 363 -24.78 -21.37 -4.95
CB MSE D 363 -23.24 -23.32 -6.53
CG MSE D 363 -23.25 -24.50 -7.42
SE MSE D 363 -22.23 -23.97 -8.95
CE MSE D 363 -20.47 -23.48 -8.45
N PRO D 364 -22.88 -21.60 -3.65
CA PRO D 364 -22.77 -20.33 -2.94
C PRO D 364 -22.83 -19.17 -3.93
N LYS D 365 -23.35 -18.04 -3.48
CA LYS D 365 -23.53 -16.86 -4.35
C LYS D 365 -22.22 -16.47 -5.07
N GLY D 366 -22.25 -16.50 -6.40
CA GLY D 366 -21.10 -16.07 -7.22
C GLY D 366 -20.37 -17.20 -7.90
N VAL D 367 -20.58 -18.43 -7.44
CA VAL D 367 -19.78 -19.51 -8.05
C VAL D 367 -20.46 -20.06 -9.30
N GLU D 368 -19.65 -20.48 -10.26
CA GLU D 368 -20.14 -21.04 -11.55
C GLU D 368 -19.69 -22.51 -11.60
N ASN D 369 -20.57 -23.39 -12.04
CA ASN D 369 -20.26 -24.84 -12.07
C ASN D 369 -19.27 -25.16 -13.19
N LYS D 370 -18.01 -25.42 -12.82
CA LYS D 370 -16.94 -25.77 -13.77
C LYS D 370 -16.52 -27.23 -13.60
N THR D 371 -17.35 -28.03 -12.93
CA THR D 371 -17.04 -29.44 -12.70
C THR D 371 -16.84 -30.14 -14.05
N GLY D 372 -15.80 -30.96 -14.15
CA GLY D 372 -15.48 -31.67 -15.36
C GLY D 372 -14.81 -30.86 -16.43
N LYS D 373 -14.64 -29.55 -16.21
CA LYS D 373 -14.00 -28.65 -17.18
C LYS D 373 -12.69 -28.11 -16.62
N ASP D 374 -11.70 -27.93 -17.49
CA ASP D 374 -10.45 -27.20 -17.19
C ASP D 374 -9.68 -27.73 -15.98
N GLY D 375 -9.35 -29.03 -15.99
CA GLY D 375 -8.60 -29.61 -14.89
C GLY D 375 -9.37 -29.85 -13.61
N PHE D 376 -10.63 -29.42 -13.59
CA PHE D 376 -11.46 -29.63 -12.39
C PHE D 376 -12.00 -31.06 -12.38
N PHE D 377 -12.25 -31.57 -11.16
CA PHE D 377 -12.75 -32.91 -10.94
C PHE D 377 -14.17 -33.00 -11.49
N PRO D 378 -14.55 -34.12 -12.18
CA PRO D 378 -15.86 -34.22 -12.80
C PRO D 378 -16.98 -34.45 -11.80
N ASN D 379 -18.22 -34.37 -12.26
CA ASN D 379 -19.42 -34.79 -11.54
C ASN D 379 -20.54 -35.05 -12.55
N GLY D 380 -21.73 -35.41 -12.06
CA GLY D 380 -22.83 -35.81 -12.91
C GLY D 380 -22.44 -36.99 -13.79
N ASN D 381 -22.97 -37.02 -15.02
CA ASN D 381 -22.61 -38.00 -16.03
C ASN D 381 -21.60 -37.38 -16.98
N PHE D 382 -20.52 -38.13 -17.27
CA PHE D 382 -19.39 -37.64 -18.03
C PHE D 382 -18.60 -38.81 -18.60
N THR D 383 -17.61 -38.49 -19.43
CA THR D 383 -16.71 -39.47 -20.02
C THR D 383 -15.27 -39.02 -19.77
N TYR D 384 -14.47 -39.95 -19.25
CA TYR D 384 -13.03 -39.76 -19.06
C TYR D 384 -12.31 -40.74 -19.97
N SER D 385 -11.66 -40.19 -21.01
CA SER D 385 -10.82 -40.95 -21.92
C SER D 385 -9.39 -40.54 -21.66
N GLU D 386 -8.55 -41.52 -21.32
CA GLU D 386 -7.18 -41.20 -20.89
C GLU D 386 -5.99 -41.01 -21.89
N ASP D 387 -5.59 -42.07 -22.59
CA ASP D 387 -4.39 -42.12 -23.42
C ASP D 387 -3.28 -41.62 -22.48
N PHE D 388 -2.56 -42.57 -21.89
CA PHE D 388 -1.61 -42.22 -20.81
C PHE D 388 -0.60 -41.16 -21.23
N LYS D 389 -0.11 -41.21 -22.47
CA LYS D 389 0.84 -40.27 -23.15
C LYS D 389 1.38 -39.10 -22.31
N SER D 390 2.06 -39.39 -21.19
CA SER D 390 2.68 -38.50 -20.17
C SER D 390 3.02 -39.35 -18.96
N GLU D 391 4.14 -39.10 -18.28
CA GLU D 391 4.45 -39.97 -17.12
C GLU D 391 4.02 -39.29 -15.82
N ASN D 392 3.25 -38.21 -15.93
CA ASN D 392 2.65 -37.58 -14.73
C ASN D 392 1.21 -38.08 -14.74
N ILE D 393 1.03 -39.38 -14.55
CA ILE D 393 -0.30 -40.06 -14.59
C ILE D 393 -1.34 -39.35 -13.73
N ASP D 394 -2.57 -39.26 -14.22
CA ASP D 394 -3.63 -38.58 -13.49
C ASP D 394 -3.80 -39.22 -12.11
N TYR D 395 -3.98 -38.37 -11.07
CA TYR D 395 -4.06 -38.77 -9.68
C TYR D 395 -5.28 -39.61 -9.27
N ARG D 396 -6.17 -39.90 -10.23
CA ARG D 396 -7.33 -40.77 -10.00
C ARG D 396 -6.98 -42.25 -10.08
N TRP D 397 -5.84 -42.55 -10.70
CA TRP D 397 -5.40 -43.92 -10.92
C TRP D 397 -4.64 -44.45 -9.73
N VAL D 398 -5.11 -45.57 -9.19
CA VAL D 398 -4.50 -46.15 -7.96
C VAL D 398 -4.09 -47.58 -8.23
N ALA D 399 -3.20 -48.09 -7.39
CA ALA D 399 -2.77 -49.50 -7.47
C ALA D 399 -3.18 -50.19 -6.17
N MSE D 400 -3.39 -51.51 -6.22
CA MSE D 400 -3.75 -52.28 -5.00
C MSE D 400 -2.48 -52.71 -4.27
O MSE D 400 -1.65 -53.34 -4.89
CB MSE D 400 -4.57 -53.51 -5.36
CG MSE D 400 -6.04 -53.26 -5.65
SE MSE D 400 -7.03 -52.21 -4.39
CE MSE D 400 -6.46 -52.54 -2.60
N ARG D 401 -2.37 -52.36 -2.97
CA ARG D 401 -1.27 -52.70 -2.03
C ARG D 401 0.12 -52.62 -2.69
N GLY D 402 0.70 -51.44 -2.80
CA GLY D 402 2.01 -51.33 -3.46
C GLY D 402 1.89 -50.37 -4.62
N PRO D 403 3.05 -49.57 -5.17
CA PRO D 403 3.17 -48.52 -6.18
C PRO D 403 3.12 -49.06 -7.61
N LYS D 404 2.49 -48.28 -8.50
CA LYS D 404 2.41 -48.57 -9.93
C LYS D 404 3.79 -48.55 -10.60
N GLU D 405 4.70 -47.78 -10.01
CA GLU D 405 6.09 -47.65 -10.47
C GLU D 405 6.83 -48.99 -10.55
N ASN D 406 6.41 -49.96 -9.73
CA ASN D 406 6.97 -51.32 -9.76
C ASN D 406 6.56 -52.17 -10.96
N PHE D 407 5.60 -51.70 -11.77
CA PHE D 407 5.11 -52.45 -12.92
C PHE D 407 4.58 -51.66 -14.12
N ILE D 408 4.70 -50.33 -14.10
CA ILE D 408 4.27 -49.46 -15.19
C ILE D 408 5.42 -48.59 -15.69
N LYS D 409 5.49 -48.45 -17.01
CA LYS D 409 6.36 -47.48 -17.67
C LYS D 409 5.58 -46.89 -18.83
N ILE D 410 5.82 -45.62 -19.08
CA ILE D 410 5.14 -44.94 -20.22
C ILE D 410 5.97 -45.22 -21.46
N ALA D 411 5.31 -45.60 -22.55
CA ALA D 411 5.96 -45.90 -23.83
C ALA D 411 6.43 -44.60 -24.48
N LYS D 412 7.41 -44.72 -25.37
CA LYS D 412 7.95 -43.56 -26.09
C LYS D 412 6.84 -42.85 -26.87
N GLU D 413 5.91 -43.64 -27.44
CA GLU D 413 4.75 -43.14 -28.18
C GLU D 413 3.49 -43.03 -27.31
N GLY D 414 3.63 -43.35 -26.01
CA GLY D 414 2.54 -43.26 -25.05
C GLY D 414 1.83 -44.59 -24.84
N GLY D 415 1.16 -44.73 -23.68
CA GLY D 415 0.45 -45.94 -23.32
C GLY D 415 1.05 -46.60 -22.10
N LEU D 416 0.21 -47.33 -21.36
CA LEU D 416 0.61 -48.06 -20.15
C LEU D 416 1.27 -49.39 -20.48
N GLN D 417 2.61 -49.37 -20.58
CA GLN D 417 3.42 -50.57 -20.67
C GLN D 417 3.52 -51.15 -19.27
N MSE D 418 2.89 -52.31 -19.02
CA MSE D 418 2.93 -52.87 -17.68
C MSE D 418 3.36 -54.33 -17.71
O MSE D 418 2.94 -55.11 -18.57
CB MSE D 418 1.61 -52.58 -16.94
CG MSE D 418 0.39 -53.41 -17.31
SE MSE D 418 -1.09 -52.92 -16.10
CE MSE D 418 -1.85 -51.24 -16.76
N THR D 419 4.26 -54.64 -16.77
CA THR D 419 4.90 -55.94 -16.65
C THR D 419 4.28 -56.69 -15.49
N ALA D 420 4.11 -57.99 -15.68
CA ALA D 420 3.45 -58.78 -14.65
C ALA D 420 4.32 -58.93 -13.41
N LEU D 421 3.69 -58.71 -12.26
CA LEU D 421 4.23 -59.13 -10.97
C LEU D 421 3.90 -60.60 -10.74
N ASP D 422 4.48 -61.18 -9.68
CA ASP D 422 4.34 -62.59 -9.38
C ASP D 422 2.92 -62.98 -8.96
N ALA D 423 2.29 -62.10 -8.19
CA ALA D 423 0.99 -62.31 -7.54
C ALA D 423 -0.19 -62.43 -8.50
N ASN D 424 -1.05 -63.41 -8.24
CA ASN D 424 -2.32 -63.58 -9.01
C ASN D 424 -3.37 -62.67 -8.37
N ILE D 425 -4.47 -62.42 -9.06
CA ILE D 425 -5.49 -61.44 -8.58
C ILE D 425 -6.12 -61.81 -7.23
N THR D 426 -6.13 -63.08 -6.86
CA THR D 426 -6.83 -63.51 -5.66
C THR D 426 -6.01 -63.40 -4.38
N GLU D 427 -4.77 -62.90 -4.50
CA GLU D 427 -3.82 -62.86 -3.40
C GLU D 427 -3.80 -61.53 -2.68
N VAL D 428 -3.53 -61.58 -1.39
CA VAL D 428 -3.30 -60.40 -0.57
C VAL D 428 -1.83 -59.98 -0.76
N GLN D 429 -1.54 -59.52 -1.96
CA GLN D 429 -0.18 -59.08 -2.35
C GLN D 429 -0.32 -57.95 -3.38
N PRO D 430 0.75 -57.26 -3.80
CA PRO D 430 0.67 -56.26 -4.83
C PRO D 430 0.35 -56.94 -6.16
N ILE D 431 -0.55 -56.36 -6.96
CA ILE D 431 -0.84 -56.94 -8.30
C ILE D 431 -0.56 -55.86 -9.34
N SER D 432 -0.19 -56.27 -10.54
CA SER D 432 0.12 -55.37 -11.64
C SER D 432 -1.16 -55.00 -12.36
N ALA D 433 -1.88 -54.03 -11.78
CA ALA D 433 -3.13 -53.50 -12.34
C ALA D 433 -3.30 -52.04 -11.91
N LEU D 434 -3.83 -51.21 -12.82
CA LEU D 434 -4.12 -49.80 -12.54
C LEU D 434 -5.64 -49.61 -12.58
N PHE D 435 -6.16 -48.98 -11.53
CA PHE D 435 -7.63 -48.93 -11.35
C PHE D 435 -8.19 -47.52 -11.21
N HIS D 436 -9.46 -47.43 -11.57
CA HIS D 436 -10.26 -46.23 -11.53
C HIS D 436 -11.48 -46.62 -10.70
N ARG D 437 -11.86 -45.77 -9.74
CA ARG D 437 -13.02 -46.00 -8.91
C ARG D 437 -14.29 -46.04 -9.75
N GLN D 438 -15.21 -46.95 -9.40
CA GLN D 438 -16.55 -46.96 -9.95
C GLN D 438 -17.30 -45.78 -9.35
N GLN D 439 -17.55 -44.76 -10.18
CA GLN D 439 -18.16 -43.51 -9.71
C GLN D 439 -19.68 -43.48 -9.90
N HIS D 440 -20.23 -44.51 -10.55
CA HIS D 440 -21.64 -44.58 -10.91
C HIS D 440 -22.17 -46.00 -10.76
N ILE D 441 -23.49 -46.10 -10.55
CA ILE D 441 -24.20 -47.37 -10.49
C ILE D 441 -24.26 -47.96 -11.91
N LYS D 442 -24.57 -47.08 -12.87
CA LYS D 442 -24.61 -47.43 -14.29
C LYS D 442 -23.43 -46.82 -14.99
N TYR D 443 -22.55 -47.67 -15.54
CA TYR D 443 -21.40 -47.21 -16.30
C TYR D 443 -21.04 -48.16 -17.43
N THR D 444 -20.20 -47.64 -18.33
CA THR D 444 -19.71 -48.33 -19.49
C THR D 444 -18.27 -47.89 -19.60
N ALA D 445 -17.37 -48.87 -19.79
CA ALA D 445 -15.94 -48.60 -19.86
C ALA D 445 -15.32 -49.53 -20.88
N GLN D 446 -14.21 -49.09 -21.46
CA GLN D 446 -13.43 -49.92 -22.35
C GLN D 446 -11.95 -49.57 -22.30
N THR D 447 -11.11 -50.56 -22.64
CA THR D 447 -9.68 -50.37 -22.76
C THR D 447 -9.19 -50.99 -24.05
N THR D 448 -8.12 -50.41 -24.61
CA THR D 448 -7.52 -50.85 -25.85
C THR D 448 -6.06 -51.17 -25.56
N LEU D 449 -5.63 -52.37 -26.00
CA LEU D 449 -4.32 -52.88 -25.65
C LEU D 449 -3.66 -53.57 -26.82
N SER D 450 -2.33 -53.43 -26.89
CA SER D 450 -1.47 -54.15 -27.81
C SER D 450 -0.78 -55.23 -26.99
N TYR D 451 -1.11 -56.49 -27.30
CA TYR D 451 -0.89 -57.60 -26.34
C TYR D 451 0.45 -58.32 -25.95
N ASN D 452 1.59 -57.92 -26.50
CA ASN D 452 2.82 -58.68 -26.56
C ASN D 452 2.72 -60.21 -26.69
N THR D 453 2.82 -60.70 -27.94
CA THR D 453 2.71 -62.13 -28.29
C THR D 453 3.94 -62.92 -27.81
N LYS D 454 5.06 -62.23 -27.62
CA LYS D 454 6.30 -62.84 -27.20
C LYS D 454 6.26 -63.21 -25.72
N ALA D 455 5.81 -62.29 -24.86
CA ALA D 455 5.69 -62.55 -23.43
C ALA D 455 4.63 -63.60 -23.11
N ALA D 456 3.63 -63.75 -23.99
CA ALA D 456 2.58 -64.78 -23.87
C ALA D 456 1.76 -64.76 -22.57
N GLN D 457 1.93 -63.70 -21.77
CA GLN D 457 1.27 -63.57 -20.47
C GLN D 457 -0.23 -63.23 -20.61
N LYS D 458 -0.86 -62.82 -19.51
CA LYS D 458 -2.31 -62.48 -19.50
C LYS D 458 -2.48 -60.97 -19.32
N ALA D 459 -3.31 -60.35 -20.16
CA ALA D 459 -3.54 -58.90 -20.16
C ALA D 459 -5.01 -58.63 -20.45
N GLY D 460 -5.62 -57.76 -19.65
CA GLY D 460 -7.03 -57.50 -19.77
C GLY D 460 -7.65 -56.45 -18.88
N LEU D 461 -8.96 -56.62 -18.64
CA LEU D 461 -9.83 -55.63 -18.04
C LEU D 461 -10.43 -56.24 -16.79
N ILE D 462 -10.44 -55.47 -15.71
CA ILE D 462 -10.94 -56.01 -14.43
C ILE D 462 -11.92 -55.07 -13.74
N CYS D 463 -12.94 -55.70 -13.17
CA CYS D 463 -13.87 -55.11 -12.21
C CYS D 463 -13.59 -55.79 -10.85
N TYR D 464 -13.18 -54.97 -9.88
CA TYR D 464 -12.66 -55.49 -8.60
C TYR D 464 -13.27 -54.82 -7.38
N GLN D 465 -13.80 -55.64 -6.49
CA GLN D 465 -14.24 -55.22 -5.16
C GLN D 465 -13.16 -55.60 -4.15
N ASN D 466 -12.84 -56.90 -4.10
CA ASN D 466 -11.64 -57.39 -3.40
C ASN D 466 -11.03 -58.59 -4.11
N GLU D 467 -9.89 -59.07 -3.58
CA GLU D 467 -9.13 -60.15 -4.20
C GLU D 467 -9.94 -61.40 -4.53
N ALA D 468 -11.07 -61.60 -3.83
CA ALA D 468 -11.94 -62.76 -4.02
C ALA D 468 -13.35 -62.38 -4.47
N CYS D 469 -13.48 -61.11 -4.87
CA CYS D 469 -14.74 -60.55 -5.40
C CYS D 469 -14.38 -59.70 -6.60
N ASN D 470 -14.22 -60.35 -7.74
CA ASN D 470 -13.82 -59.67 -8.96
C ASN D 470 -14.21 -60.40 -10.22
N TYR D 471 -14.30 -59.64 -11.33
CA TYR D 471 -14.51 -60.15 -12.67
C TYR D 471 -13.33 -59.71 -13.53
N VAL D 472 -12.75 -60.68 -14.25
CA VAL D 472 -11.57 -60.40 -15.12
C VAL D 472 -11.77 -61.01 -16.50
N LEU D 473 -11.45 -60.22 -17.52
CA LEU D 473 -11.44 -60.62 -18.93
C LEU D 473 -10.03 -60.37 -19.45
N THR D 474 -9.37 -61.44 -19.88
CA THR D 474 -7.97 -61.40 -20.31
C THR D 474 -7.77 -62.09 -21.65
N VAL D 475 -6.91 -61.50 -22.49
CA VAL D 475 -6.31 -62.17 -23.63
C VAL D 475 -5.19 -63.03 -23.06
N GLN D 476 -5.12 -64.29 -23.53
CA GLN D 476 -4.08 -65.23 -23.14
C GLN D 476 -3.59 -65.94 -24.39
N THR D 477 -2.56 -66.80 -24.24
CA THR D 477 -2.00 -67.57 -25.34
C THR D 477 -2.12 -69.07 -25.06
N GLU D 478 -2.42 -69.85 -26.11
CA GLU D 478 -2.53 -71.30 -26.07
C GLU D 478 -2.11 -71.80 -27.45
N GLY D 479 -0.93 -72.45 -27.51
CA GLY D 479 -0.26 -72.76 -28.77
C GLY D 479 0.41 -71.49 -29.27
N LYS D 480 0.28 -71.23 -30.57
CA LYS D 480 0.73 -69.98 -31.18
C LYS D 480 -0.52 -69.21 -31.55
N GLU D 481 -1.45 -69.12 -30.58
CA GLU D 481 -2.76 -68.53 -30.78
C GLU D 481 -3.24 -67.87 -29.48
N GLN D 482 -3.94 -66.74 -29.62
CA GLN D 482 -4.51 -66.02 -28.49
C GLN D 482 -5.96 -66.41 -28.27
N VAL D 483 -6.39 -66.33 -27.01
CA VAL D 483 -7.74 -66.67 -26.56
C VAL D 483 -8.21 -65.58 -25.62
N LEU D 484 -9.52 -65.44 -25.46
CA LEU D 484 -10.09 -64.56 -24.46
C LEU D 484 -10.75 -65.39 -23.38
N VAL D 485 -10.45 -65.05 -22.12
CA VAL D 485 -10.95 -65.77 -20.96
C VAL D 485 -11.65 -64.78 -20.02
N LEU D 486 -12.89 -65.12 -19.64
CA LEU D 486 -13.65 -64.39 -18.66
C LEU D 486 -13.72 -65.25 -17.40
N GLU D 487 -13.25 -64.69 -16.28
CA GLU D 487 -13.21 -65.38 -14.99
C GLU D 487 -13.91 -64.55 -13.92
N LYS D 488 -14.57 -65.26 -13.00
CA LYS D 488 -15.08 -64.67 -11.76
C LYS D 488 -14.46 -65.36 -10.56
N THR D 489 -14.35 -64.59 -9.46
CA THR D 489 -14.07 -65.12 -8.14
C THR D 489 -15.06 -64.45 -7.21
N VAL D 490 -15.85 -65.28 -6.53
CA VAL D 490 -16.94 -64.79 -5.65
C VAL D 490 -16.72 -65.28 -4.21
N ARG D 491 -16.64 -64.34 -3.27
CA ARG D 491 -16.48 -64.70 -1.84
C ARG D 491 -17.31 -63.76 -0.96
N PRO D 492 -18.48 -64.19 -0.47
CA PRO D 492 -19.27 -63.38 0.45
C PRO D 492 -18.59 -63.21 1.82
N GLN D 493 -18.90 -62.12 2.52
CA GLN D 493 -18.35 -61.74 3.82
C GLN D 493 -17.84 -62.86 4.72
N ARG D 494 -18.75 -63.76 5.08
CA ARG D 494 -18.57 -64.71 6.17
C ARG D 494 -17.88 -66.02 5.76
N GLN D 495 -17.61 -66.18 4.45
CA GLN D 495 -17.11 -67.42 3.89
C GLN D 495 -15.60 -67.33 3.72
N LYS D 496 -14.90 -68.44 4.03
CA LYS D 496 -13.45 -68.50 3.99
C LYS D 496 -12.95 -68.92 2.61
N ASP D 497 -13.59 -69.97 2.08
CA ASP D 497 -13.19 -70.62 0.84
C ASP D 497 -13.70 -69.84 -0.38
N PHE D 498 -12.88 -69.86 -1.44
CA PHE D 498 -13.25 -69.31 -2.74
C PHE D 498 -12.49 -70.04 -3.83
N LYS D 499 -13.00 -69.97 -5.05
CA LYS D 499 -12.37 -70.60 -6.22
C LYS D 499 -12.70 -69.81 -7.49
N THR D 500 -11.65 -69.44 -8.23
CA THR D 500 -11.81 -68.75 -9.50
C THR D 500 -12.41 -69.73 -10.50
N GLU D 501 -13.47 -69.28 -11.19
CA GLU D 501 -14.17 -70.06 -12.21
C GLU D 501 -14.09 -69.35 -13.54
N ILE D 502 -13.97 -70.12 -14.62
CA ILE D 502 -14.04 -69.61 -15.98
C ILE D 502 -15.53 -69.51 -16.33
N VAL D 503 -15.99 -68.27 -16.53
CA VAL D 503 -17.37 -68.00 -16.93
C VAL D 503 -17.56 -68.29 -18.42
N ALA D 504 -16.60 -67.83 -19.24
CA ALA D 504 -16.63 -67.95 -20.68
C ALA D 504 -15.21 -67.95 -21.26
N LYS D 505 -15.09 -68.44 -22.50
CA LYS D 505 -13.81 -68.54 -23.20
C LYS D 505 -14.05 -68.66 -24.70
N GLU D 506 -13.34 -67.84 -25.50
CA GLU D 506 -13.44 -67.84 -26.97
C GLU D 506 -12.07 -67.63 -27.61
N PRO D 507 -11.72 -68.39 -28.67
CA PRO D 507 -10.50 -68.12 -29.42
C PRO D 507 -10.64 -66.89 -30.30
N ILE D 508 -9.53 -66.22 -30.62
CA ILE D 508 -9.53 -65.02 -31.46
C ILE D 508 -8.42 -65.06 -32.54
N GLY D 509 -7.90 -66.27 -32.82
CA GLY D 509 -6.80 -66.47 -33.72
C GLY D 509 -5.52 -65.80 -33.23
N LYS D 510 -4.67 -65.43 -34.19
CA LYS D 510 -3.38 -64.79 -33.93
C LYS D 510 -3.50 -63.28 -33.91
N LEU D 511 -3.65 -62.72 -32.71
CA LEU D 511 -3.74 -61.28 -32.53
C LEU D 511 -2.55 -60.55 -33.17
N LYS D 512 -2.79 -59.94 -34.33
CA LYS D 512 -1.80 -59.14 -35.05
C LYS D 512 -2.13 -57.63 -35.04
N THR D 513 -3.12 -57.23 -34.24
CA THR D 513 -3.57 -55.85 -34.14
C THR D 513 -3.95 -55.54 -32.70
N PRO D 514 -4.14 -54.26 -32.31
CA PRO D 514 -4.68 -53.95 -30.99
C PRO D 514 -6.07 -54.56 -30.82
N ILE D 515 -6.48 -54.78 -29.58
CA ILE D 515 -7.82 -55.28 -29.25
C ILE D 515 -8.42 -54.38 -28.17
N THR D 516 -9.74 -54.19 -28.24
CA THR D 516 -10.45 -53.40 -27.24
C THR D 516 -11.32 -54.35 -26.41
N LEU D 517 -11.26 -54.20 -25.09
CA LEU D 517 -12.12 -54.92 -24.17
C LEU D 517 -13.04 -53.92 -23.51
N GLY D 518 -14.29 -54.34 -23.26
CA GLY D 518 -15.32 -53.48 -22.72
C GLY D 518 -16.17 -54.18 -21.69
N VAL D 519 -16.70 -53.38 -20.75
CA VAL D 519 -17.68 -53.85 -19.77
C VAL D 519 -18.70 -52.75 -19.60
N THR D 520 -19.96 -53.15 -19.42
CA THR D 520 -21.05 -52.23 -19.12
C THR D 520 -21.90 -52.83 -18.02
N THR D 521 -22.38 -51.96 -17.11
CA THR D 521 -23.26 -52.37 -16.03
C THR D 521 -24.50 -51.46 -16.02
N ASP D 522 -25.68 -52.10 -15.96
CA ASP D 522 -26.97 -51.44 -15.87
C ASP D 522 -27.42 -51.28 -14.42
N GLY D 523 -26.50 -51.47 -13.47
CA GLY D 523 -26.81 -51.41 -12.04
C GLY D 523 -27.16 -52.75 -11.44
N LEU D 524 -27.64 -53.69 -12.26
CA LEU D 524 -28.04 -55.03 -11.83
C LEU D 524 -27.03 -56.13 -12.21
N ASN D 525 -26.46 -56.02 -13.42
CA ASN D 525 -25.46 -56.98 -13.92
C ASN D 525 -24.34 -56.29 -14.70
N TYR D 526 -23.21 -56.99 -14.82
CA TYR D 526 -22.08 -56.54 -15.63
C TYR D 526 -22.05 -57.46 -16.86
N GLN D 527 -21.85 -56.86 -18.04
CA GLN D 527 -21.74 -57.58 -19.30
C GLN D 527 -20.45 -57.18 -19.95
N PHE D 528 -19.59 -58.18 -20.19
CA PHE D 528 -18.30 -58.00 -20.82
C PHE D 528 -18.42 -58.20 -22.34
N SER D 529 -17.46 -57.62 -23.07
CA SER D 529 -17.41 -57.71 -24.51
C SER D 529 -16.00 -57.42 -24.98
N TYR D 530 -15.73 -57.79 -26.22
CA TYR D 530 -14.47 -57.51 -26.90
C TYR D 530 -14.78 -57.05 -28.32
N THR D 531 -13.91 -56.19 -28.86
CA THR D 531 -14.07 -55.64 -30.19
C THR D 531 -12.76 -55.80 -30.93
N LEU D 532 -12.77 -56.69 -31.93
CA LEU D 532 -11.59 -56.99 -32.74
C LEU D 532 -11.83 -56.32 -34.10
N ASN D 533 -11.13 -56.81 -35.14
CA ASN D 533 -11.14 -56.23 -36.49
C ASN D 533 -12.54 -55.76 -36.95
N GLY D 534 -12.99 -54.67 -36.32
CA GLY D 534 -14.25 -54.01 -36.63
C GLY D 534 -15.34 -54.26 -35.62
N GLU D 535 -15.67 -55.53 -35.42
CA GLU D 535 -16.94 -55.98 -34.82
C GLU D 535 -16.88 -56.24 -33.31
N LYS D 536 -17.99 -55.93 -32.63
CA LYS D 536 -18.12 -56.03 -31.18
C LYS D 536 -19.03 -57.20 -30.79
N LYS D 537 -18.53 -58.10 -29.94
CA LYS D 537 -19.26 -59.27 -29.49
C LYS D 537 -19.24 -59.36 -27.97
N ASN D 538 -20.41 -59.71 -27.39
CA ASN D 538 -20.51 -60.07 -25.99
C ASN D 538 -19.75 -61.36 -25.71
N ILE D 539 -19.05 -61.42 -24.58
CA ILE D 539 -18.45 -62.64 -24.07
C ILE D 539 -18.96 -62.86 -22.65
N GLY D 540 -19.51 -64.04 -22.40
CA GLY D 540 -20.22 -64.34 -21.18
C GLY D 540 -21.56 -63.62 -21.14
N GLY D 541 -22.40 -64.01 -20.18
CA GLY D 541 -23.72 -63.44 -20.01
C GLY D 541 -23.68 -62.33 -18.95
N PRO D 542 -24.86 -61.91 -18.43
CA PRO D 542 -24.89 -60.96 -17.32
C PRO D 542 -24.32 -61.56 -16.02
N LEU D 543 -23.37 -60.85 -15.41
CA LEU D 543 -22.73 -61.24 -14.16
C LEU D 543 -23.24 -60.38 -13.01
N ASP D 544 -23.86 -61.02 -12.01
CA ASP D 544 -24.52 -60.35 -10.89
C ASP D 544 -23.65 -59.22 -10.33
N ALA D 545 -24.23 -58.02 -10.27
CA ALA D 545 -23.56 -56.82 -9.79
C ALA D 545 -23.37 -56.84 -8.29
N ALA D 546 -24.18 -57.63 -7.59
CA ALA D 546 -24.11 -57.71 -6.12
C ALA D 546 -22.73 -58.20 -5.67
N VAL D 547 -22.11 -59.11 -6.41
CA VAL D 547 -20.79 -59.68 -6.04
C VAL D 547 -19.77 -58.58 -5.75
N LEU D 548 -19.88 -57.41 -6.39
CA LEU D 548 -18.92 -56.32 -6.20
C LEU D 548 -19.39 -55.23 -5.24
N SER D 549 -20.47 -55.51 -4.54
CA SER D 549 -21.00 -54.50 -3.59
C SER D 549 -20.32 -54.63 -2.24
N THR D 550 -20.53 -53.65 -1.37
CA THR D 550 -20.01 -53.68 0.01
C THR D 550 -20.96 -54.58 0.81
N ASN D 551 -22.22 -54.71 0.38
CA ASN D 551 -23.23 -55.54 1.06
C ASN D 551 -22.86 -57.02 0.96
N PHE D 552 -22.30 -57.44 -0.16
CA PHE D 552 -21.87 -58.84 -0.35
C PHE D 552 -20.40 -58.81 -0.71
N ALA D 553 -19.52 -59.01 0.29
CA ALA D 553 -18.04 -59.10 0.36
C ALA D 553 -17.63 -58.44 1.66
N GLY D 554 -18.36 -57.39 2.04
CA GLY D 554 -18.08 -56.61 3.25
C GLY D 554 -16.97 -55.62 3.02
N GLY D 555 -16.58 -54.90 4.06
CA GLY D 555 -15.46 -54.01 3.90
C GLY D 555 -15.89 -52.56 3.94
N PHE D 556 -14.96 -51.69 3.50
CA PHE D 556 -15.09 -50.26 3.57
C PHE D 556 -14.81 -49.58 2.23
N THR D 557 -14.86 -50.33 1.11
CA THR D 557 -14.47 -49.79 -0.19
C THR D 557 -15.47 -50.03 -1.32
N GLY D 558 -15.42 -49.16 -2.34
CA GLY D 558 -16.21 -49.30 -3.55
C GLY D 558 -15.48 -50.10 -4.62
N ALA D 559 -16.24 -50.58 -5.61
CA ALA D 559 -15.68 -51.33 -6.72
C ALA D 559 -14.75 -50.45 -7.54
N LEU D 560 -13.91 -51.12 -8.30
CA LEU D 560 -12.93 -50.43 -9.17
C LEU D 560 -12.99 -51.08 -10.54
N VAL D 561 -12.56 -50.33 -11.54
CA VAL D 561 -12.45 -50.81 -12.89
C VAL D 561 -11.09 -50.38 -13.40
N GLY D 562 -10.40 -51.28 -14.11
CA GLY D 562 -9.07 -51.00 -14.56
C GLY D 562 -8.50 -52.08 -15.48
N MSE D 563 -7.22 -51.91 -15.81
CA MSE D 563 -6.52 -52.85 -16.66
C MSE D 563 -5.39 -53.48 -15.84
O MSE D 563 -4.85 -52.86 -14.92
CB MSE D 563 -6.04 -52.15 -17.93
CG MSE D 563 -5.14 -50.93 -17.73
SE MSE D 563 -5.67 -49.35 -18.80
CE MSE D 563 -5.91 -47.97 -17.44
N GLY D 564 -5.10 -54.75 -16.11
CA GLY D 564 -4.05 -55.42 -15.33
C GLY D 564 -3.35 -56.50 -16.10
N VAL D 565 -2.19 -56.95 -15.62
CA VAL D 565 -1.42 -57.99 -16.36
C VAL D 565 -1.03 -59.12 -15.40
N PHE D 566 -1.15 -60.36 -15.85
CA PHE D 566 -0.84 -61.55 -15.00
C PHE D 566 0.02 -62.55 -15.81
N VAL E 25 -35.34 10.41 -22.08
CA VAL E 25 -34.07 9.99 -21.41
C VAL E 25 -33.46 11.16 -20.63
N PRO E 26 -33.38 11.09 -19.28
CA PRO E 26 -32.87 12.19 -18.46
C PRO E 26 -31.39 12.52 -18.72
N ALA E 27 -31.01 13.76 -18.42
CA ALA E 27 -29.65 14.25 -18.63
C ALA E 27 -28.72 13.84 -17.50
N ALA E 28 -29.28 13.67 -16.29
CA ALA E 28 -28.51 13.30 -15.10
C ALA E 28 -29.41 12.90 -13.94
N THR E 29 -28.80 12.23 -12.95
CA THR E 29 -29.42 11.91 -11.68
C THR E 29 -28.55 12.50 -10.55
N PHE E 30 -29.10 13.50 -9.84
CA PHE E 30 -28.41 14.14 -8.74
C PHE E 30 -28.72 13.36 -7.47
N THR E 31 -27.69 12.73 -6.90
CA THR E 31 -27.84 11.83 -5.76
C THR E 31 -27.75 12.55 -4.42
N ASN E 32 -27.19 13.78 -4.43
CA ASN E 32 -27.03 14.61 -3.24
C ASN E 32 -27.03 16.10 -3.53
N PHE E 33 -27.58 16.88 -2.60
CA PHE E 33 -27.27 18.30 -2.47
C PHE E 33 -26.99 18.63 -1.01
N THR E 34 -25.90 19.35 -0.76
CA THR E 34 -25.52 19.81 0.57
C THR E 34 -25.36 21.31 0.55
N TYR E 35 -25.99 21.99 1.53
CA TYR E 35 -25.88 23.43 1.72
C TYR E 35 -25.45 23.70 3.15
N THR E 36 -24.35 24.47 3.31
CA THR E 36 -23.80 24.84 4.60
C THR E 36 -23.64 26.36 4.71
N GLY E 37 -24.37 26.97 5.65
CA GLY E 37 -24.26 28.38 5.98
C GLY E 37 -23.10 28.60 6.93
N GLU E 38 -22.35 29.70 6.72
CA GLU E 38 -21.09 29.99 7.42
C GLU E 38 -20.91 31.49 7.65
N ASP E 39 -21.96 32.13 8.17
CA ASP E 39 -21.92 33.57 8.43
C ASP E 39 -21.18 33.92 9.71
N ASP E 40 -20.39 35.01 9.63
CA ASP E 40 -19.62 35.56 10.73
C ASP E 40 -20.49 35.90 11.93
N ILE E 41 -21.63 36.55 11.67
CA ILE E 41 -22.48 37.11 12.72
C ILE E 41 -22.95 36.07 13.76
N TYR E 42 -23.24 34.86 13.28
CA TYR E 42 -23.74 33.79 14.12
C TYR E 42 -22.60 33.15 14.91
N ALA E 43 -21.46 32.99 14.25
CA ALA E 43 -20.25 32.43 14.86
C ALA E 43 -19.70 33.32 15.97
N LYS E 44 -19.81 34.64 15.79
CA LYS E 44 -19.36 35.63 16.75
C LYS E 44 -20.36 35.94 17.88
N ASN E 45 -21.60 35.48 17.74
CA ASN E 45 -22.64 35.71 18.73
C ASN E 45 -23.36 34.39 19.04
N PRO E 46 -22.71 33.42 19.74
CA PRO E 46 -23.39 32.19 20.14
C PRO E 46 -24.58 32.46 21.07
N LEU E 47 -25.62 31.62 20.95
CA LEU E 47 -26.86 31.78 21.70
C LEU E 47 -26.73 31.32 23.16
N LYS E 48 -27.30 32.12 24.07
CA LYS E 48 -27.59 31.68 25.43
C LYS E 48 -28.87 30.85 25.38
N PRO E 49 -29.14 30.01 26.40
CA PRO E 49 -30.30 29.10 26.37
C PRO E 49 -31.66 29.75 26.07
N ASN E 50 -31.82 31.04 26.37
CA ASN E 50 -33.10 31.76 26.23
C ASN E 50 -33.19 32.71 25.03
N GLU E 51 -32.21 32.62 24.13
CA GLU E 51 -32.08 33.54 23.01
C GLU E 51 -32.41 32.85 21.68
N PHE E 52 -32.67 33.66 20.65
CA PHE E 52 -32.82 33.18 19.28
C PHE E 52 -32.31 34.22 18.30
N TYR E 53 -32.03 33.78 17.08
CA TYR E 53 -31.58 34.63 16.00
C TYR E 53 -32.79 35.18 15.22
N SER E 54 -32.60 36.48 14.93
CA SER E 54 -33.41 37.43 14.13
C SER E 54 -32.52 37.97 13.01
N PRO E 55 -32.98 37.62 11.63
CA PRO E 55 -34.23 37.08 11.07
C PRO E 55 -34.55 35.61 11.35
N ILE E 56 -35.82 35.34 11.66
CA ILE E 56 -36.27 33.94 11.94
C ILE E 56 -36.25 33.15 10.63
N LEU E 57 -36.53 33.80 9.50
CA LEU E 57 -36.44 33.14 8.19
C LEU E 57 -35.33 33.80 7.40
N GLN E 58 -34.24 33.05 7.21
CA GLN E 58 -33.08 33.51 6.49
C GLN E 58 -33.30 33.28 5.02
N GLY E 59 -32.72 34.14 4.18
CA GLY E 59 -32.88 34.08 2.73
C GLY E 59 -34.17 34.75 2.28
N CYS E 60 -34.44 34.67 0.97
CA CYS E 60 -35.58 35.36 0.37
C CYS E 60 -36.91 34.88 0.94
N TYR E 61 -37.40 35.65 1.92
CA TYR E 61 -38.71 35.48 2.52
C TYR E 61 -39.26 36.87 2.81
N PRO E 62 -39.61 37.65 1.77
CA PRO E 62 -40.04 39.03 1.94
C PRO E 62 -41.52 39.18 2.30
N ASP E 63 -41.91 40.42 2.59
CA ASP E 63 -43.29 40.82 2.81
C ASP E 63 -43.99 39.81 3.74
N PRO E 64 -43.52 39.65 5.00
CA PRO E 64 -44.08 38.64 5.89
C PRO E 64 -45.45 39.05 6.40
N SER E 65 -46.37 38.09 6.39
CA SER E 65 -47.71 38.27 6.92
C SER E 65 -47.99 37.13 7.89
N ILE E 66 -48.65 37.47 8.99
CA ILE E 66 -48.93 36.45 10.03
C ILE E 66 -50.36 36.62 10.55
N CYS E 67 -50.95 35.51 10.97
CA CYS E 67 -52.25 35.45 11.60
C CYS E 67 -52.25 34.36 12.69
N ARG E 68 -53.27 34.38 13.54
CA ARG E 68 -53.42 33.43 14.64
C ARG E 68 -54.83 32.85 14.70
N LYS E 69 -54.90 31.53 14.89
CA LYS E 69 -56.11 30.81 15.26
C LYS E 69 -55.79 29.94 16.49
N GLY E 70 -56.42 30.28 17.62
CA GLY E 70 -56.18 29.60 18.89
C GLY E 70 -54.72 29.62 19.31
N ASP E 71 -54.15 28.43 19.52
CA ASP E 71 -52.74 28.26 19.86
C ASP E 71 -51.81 28.28 18.66
N ASP E 72 -52.36 28.32 17.44
CA ASP E 72 -51.61 28.17 16.19
C ASP E 72 -51.37 29.47 15.43
N TYR E 73 -50.11 29.71 15.04
CA TYR E 73 -49.69 30.84 14.23
C TYR E 73 -49.36 30.34 12.83
N TYR E 74 -49.66 31.17 11.83
CA TYR E 74 -49.33 30.90 10.43
C TYR E 74 -48.67 32.14 9.82
N LEU E 75 -47.60 31.90 9.06
CA LEU E 75 -46.76 32.97 8.52
C LEU E 75 -46.47 32.67 7.07
N VAL E 76 -46.60 33.69 6.21
CA VAL E 76 -46.41 33.53 4.77
C VAL E 76 -45.59 34.68 4.18
N ASN E 77 -45.06 34.44 2.97
CA ASN E 77 -44.12 35.34 2.28
C ASN E 77 -44.39 35.41 0.77
N SER E 78 -43.96 36.53 0.15
CA SER E 78 -43.97 36.67 -1.30
C SER E 78 -42.91 35.78 -1.92
N SER E 79 -43.06 35.47 -3.21
CA SER E 79 -42.19 34.55 -3.92
C SER E 79 -41.93 34.82 -5.41
N PHE E 80 -42.56 35.86 -5.97
CA PHE E 80 -42.33 36.36 -7.35
C PHE E 80 -41.89 35.34 -8.43
N ALA E 81 -42.82 34.57 -8.99
CA ALA E 81 -42.60 33.58 -10.08
C ALA E 81 -41.78 32.35 -9.68
N MSE E 82 -41.56 32.11 -8.39
CA MSE E 82 -40.87 30.85 -7.98
C MSE E 82 -41.97 29.78 -7.90
O MSE E 82 -43.09 30.13 -7.55
CB MSE E 82 -40.17 31.03 -6.63
CG MSE E 82 -38.67 31.11 -6.72
SE MSE E 82 -37.91 31.69 -5.03
CE MSE E 82 -39.16 32.53 -3.83
N PHE E 83 -41.65 28.51 -8.20
CA PHE E 83 -42.73 27.49 -8.16
C PHE E 83 -42.38 26.23 -7.34
N PRO E 84 -43.37 25.96 -6.25
CA PRO E 84 -44.60 26.61 -5.80
C PRO E 84 -44.33 27.96 -5.13
N GLY E 85 -45.38 28.77 -4.98
CA GLY E 85 -45.28 30.12 -4.45
C GLY E 85 -45.88 30.25 -3.09
N VAL E 86 -45.49 31.31 -2.37
CA VAL E 86 -46.01 31.66 -1.04
C VAL E 86 -45.85 30.51 -0.03
N PRO E 87 -44.65 30.36 0.56
CA PRO E 87 -44.41 29.31 1.54
C PRO E 87 -45.19 29.64 2.80
N PHE E 89 -45.56 28.79 7.01
CA PHE E 89 -44.94 28.25 8.21
C PHE E 89 -45.93 28.24 9.37
N HIS E 90 -45.87 27.17 10.18
CA HIS E 90 -46.71 27.02 11.37
C HIS E 90 -45.86 26.96 12.64
N SER E 91 -46.35 27.58 13.72
CA SER E 91 -45.69 27.65 15.01
C SER E 91 -46.67 27.90 16.16
N THR E 92 -46.41 27.31 17.32
CA THR E 92 -47.20 27.55 18.52
C THR E 92 -46.54 28.54 19.49
N ASP E 93 -45.31 28.96 19.18
CA ASP E 93 -44.50 29.79 20.08
C ASP E 93 -43.77 30.99 19.43
N LEU E 94 -43.93 31.17 18.12
CA LEU E 94 -43.34 32.26 17.27
C LEU E 94 -41.82 32.15 17.05
N ILE E 95 -41.13 31.19 17.68
CA ILE E 95 -39.69 30.97 17.49
C ILE E 95 -39.45 29.74 16.61
N ASN E 96 -40.10 28.63 16.95
CA ASN E 96 -39.90 27.35 16.30
C ASN E 96 -40.95 27.13 15.21
N TRP E 97 -40.54 27.26 13.94
CA TRP E 97 -41.50 27.11 12.83
C TRP E 97 -41.23 25.86 12.01
N VAL E 98 -42.32 25.30 11.50
CA VAL E 98 -42.36 24.18 10.55
C VAL E 98 -43.04 24.68 9.27
N GLN E 99 -42.37 24.51 8.13
CA GLN E 99 -42.97 24.77 6.81
C GLN E 99 -43.96 23.65 6.54
N ILE E 100 -45.25 24.00 6.44
CA ILE E 100 -46.34 23.05 6.21
C ILE E 100 -46.68 22.92 4.73
N GLY E 101 -46.09 23.80 3.90
CA GLY E 101 -46.22 23.73 2.46
C GLY E 101 -46.01 25.06 1.80
N ASN E 102 -46.63 25.20 0.63
CA ASN E 102 -46.67 26.46 -0.12
C ASN E 102 -48.12 26.63 -0.57
N VAL E 103 -48.71 27.79 -0.25
CA VAL E 103 -50.16 27.97 -0.42
C VAL E 103 -50.59 27.88 -1.88
N LEU E 104 -49.80 28.46 -2.79
CA LEU E 104 -50.04 28.35 -4.23
C LEU E 104 -49.14 27.27 -4.82
N ASP E 105 -49.63 26.03 -4.82
CA ASP E 105 -48.88 24.86 -5.27
C ASP E 105 -49.49 24.09 -6.45
N ARG E 106 -50.62 24.56 -6.98
CA ARG E 106 -51.21 24.02 -8.20
C ARG E 106 -51.07 25.06 -9.33
N THR E 107 -50.94 24.55 -10.56
CA THR E 107 -50.87 25.38 -11.76
C THR E 107 -52.14 26.20 -11.97
N SER E 108 -53.28 25.69 -11.47
CA SER E 108 -54.56 26.40 -11.49
C SER E 108 -54.60 27.63 -10.57
N GLN E 109 -53.66 27.71 -9.63
CA GLN E 109 -53.51 28.86 -8.74
C GLN E 109 -52.44 29.83 -9.24
N LEU E 110 -51.43 29.29 -9.96
CA LEU E 110 -50.23 30.02 -10.34
C LEU E 110 -49.48 29.27 -11.46
N ASP E 111 -49.30 29.95 -12.60
CA ASP E 111 -48.68 29.40 -13.80
C ASP E 111 -47.68 30.43 -14.34
N PRO E 112 -46.38 30.55 -13.74
CA PRO E 112 -45.03 31.52 -13.93
C PRO E 112 -44.39 31.24 -15.29
N THR E 113 -45.01 30.49 -16.26
CA THR E 113 -44.27 30.18 -17.49
C THR E 113 -43.42 31.33 -18.04
N THR E 114 -44.05 32.49 -18.25
CA THR E 114 -43.38 33.68 -18.83
C THR E 114 -43.35 34.90 -17.90
N CYS E 115 -43.42 34.63 -16.60
CA CYS E 115 -43.41 35.65 -15.56
C CYS E 115 -42.06 36.38 -15.48
N GLY E 116 -42.10 37.70 -15.37
CA GLY E 116 -40.93 38.49 -15.09
C GLY E 116 -40.38 38.22 -13.70
N ILE E 117 -39.04 38.24 -13.57
CA ILE E 117 -38.35 37.96 -12.28
C ILE E 117 -38.84 38.96 -11.23
N ALA E 119 -41.94 40.13 -11.06
CA ALA E 119 -43.40 40.13 -11.17
C ALA E 119 -43.94 38.97 -10.34
N GLY E 120 -44.99 38.29 -10.83
CA GLY E 120 -45.54 37.12 -10.15
C GLY E 120 -46.21 37.47 -8.84
N ILE E 121 -45.89 36.71 -7.78
CA ILE E 121 -46.58 36.84 -6.50
C ILE E 121 -45.95 37.93 -5.62
N TYR E 122 -46.68 39.04 -5.46
CA TYR E 122 -46.24 40.13 -4.61
C TYR E 122 -46.63 39.90 -3.13
N ALA E 123 -46.51 40.94 -2.29
CA ALA E 123 -46.79 40.85 -0.86
C ALA E 123 -48.05 40.04 -0.55
N PRO E 124 -47.92 38.96 0.24
CA PRO E 124 -49.08 38.22 0.74
C PRO E 124 -49.65 38.83 2.01
N ALA E 125 -50.96 38.65 2.24
CA ALA E 125 -51.59 38.90 3.53
C ALA E 125 -52.50 37.72 3.93
N ILE E 126 -52.12 37.01 4.98
CA ILE E 126 -52.88 35.87 5.49
C ILE E 126 -53.86 36.23 6.60
N HIS E 127 -53.78 37.44 7.17
CA HIS E 127 -54.77 37.90 8.14
C HIS E 127 -56.19 37.38 7.82
N LYS E 130 -62.33 34.90 12.24
CA LYS E 130 -62.81 34.27 13.47
C LYS E 130 -64.33 34.08 13.46
N TYR E 131 -65.04 34.88 12.63
CA TYR E 131 -66.49 34.81 12.54
C TYR E 131 -66.99 33.62 11.74
N ASN E 132 -66.21 33.18 10.75
CA ASN E 132 -66.48 31.96 9.98
C ASN E 132 -65.33 30.94 10.04
N ASP E 133 -64.45 31.09 11.03
CA ASP E 133 -63.35 30.16 11.28
C ASP E 133 -62.63 29.71 10.00
N THR E 134 -62.24 30.69 9.19
CA THR E 134 -61.67 30.45 7.84
C THR E 134 -60.25 31.03 7.61
N PHE E 135 -60.10 32.27 7.11
CA PHE E 135 -58.84 32.85 6.67
C PHE E 135 -58.42 32.45 5.24
N MSE E 137 -55.90 33.74 2.14
CA MSE E 137 -54.59 34.22 1.64
C MSE E 137 -54.86 35.12 0.43
O MSE E 137 -55.29 34.65 -0.61
CB MSE E 137 -53.71 33.01 1.27
CG MSE E 137 -52.23 33.33 1.22
SE MSE E 137 -51.79 34.48 -0.30
CE MSE E 137 -51.39 36.13 0.62
N ILE E 138 -54.61 36.42 0.61
CA ILE E 138 -54.88 37.41 -0.42
C ILE E 138 -53.59 38.12 -0.90
N THR E 139 -53.43 38.23 -2.23
CA THR E 139 -52.23 38.77 -2.84
C THR E 139 -52.49 39.30 -4.27
N THR E 140 -51.44 39.83 -4.90
CA THR E 140 -51.45 40.22 -6.31
C THR E 140 -50.56 39.26 -7.08
N GLU E 141 -51.13 38.67 -8.14
CA GLU E 141 -50.45 37.73 -8.99
C GLU E 141 -50.28 38.34 -10.38
N PHE E 142 -49.13 38.99 -10.61
CA PHE E 142 -48.76 39.60 -11.88
C PHE E 142 -48.17 38.59 -12.83
N CYS E 143 -48.93 37.61 -13.31
CA CYS E 143 -48.30 36.63 -14.23
C CYS E 143 -49.37 35.73 -14.87
N GLY E 147 -53.41 36.95 -12.87
CA GLY E 147 -53.16 38.19 -13.58
C GLY E 147 -53.86 39.34 -12.89
N GLY E 148 -53.59 39.50 -11.59
CA GLY E 148 -54.14 40.57 -10.77
C GLY E 148 -54.34 40.17 -9.32
N ASN E 149 -55.02 41.06 -8.58
CA ASN E 149 -55.41 40.85 -7.19
C ASN E 149 -56.38 39.69 -7.03
N MSE E 150 -56.11 38.81 -6.06
CA MSE E 150 -56.82 37.55 -5.93
C MSE E 150 -56.71 37.04 -4.50
O MSE E 150 -55.76 37.37 -3.79
CB MSE E 150 -56.26 36.52 -6.91
CG MSE E 150 -54.82 36.13 -6.65
SE MSE E 150 -54.67 34.61 -5.42
CE MSE E 150 -53.55 33.29 -6.37
N VAL E 151 -57.66 36.19 -4.12
CA VAL E 151 -57.67 35.57 -2.80
C VAL E 151 -57.97 34.08 -2.91
N VAL E 152 -57.33 33.30 -2.03
CA VAL E 152 -57.59 31.86 -1.88
C VAL E 152 -57.97 31.55 -0.43
N LYS E 153 -58.74 30.47 -0.25
CA LYS E 153 -59.36 30.14 1.03
C LYS E 153 -59.14 28.68 1.42
N THR E 154 -59.30 28.40 2.72
CA THR E 154 -59.25 27.04 3.26
C THR E 154 -59.82 26.96 4.66
N LYS E 155 -60.31 25.77 5.04
CA LYS E 155 -60.68 25.47 6.43
C LYS E 155 -59.50 24.99 7.29
N ASP E 156 -58.40 24.57 6.65
CA ASP E 156 -57.27 23.90 7.28
C ASP E 156 -56.07 23.96 6.33
N PRO E 157 -55.08 24.84 6.60
CA PRO E 157 -53.90 24.96 5.75
C PRO E 157 -53.17 23.65 5.40
N ARG E 158 -53.26 22.65 6.28
CA ARG E 158 -52.64 21.34 6.02
C ARG E 158 -53.25 20.59 4.83
N GLN E 159 -54.49 20.95 4.46
CA GLN E 159 -55.18 20.33 3.32
C GLN E 159 -55.03 21.11 2.00
N GLY E 160 -54.36 22.26 2.05
CA GLY E 160 -54.19 23.14 0.90
C GLY E 160 -55.31 24.17 0.78
N TRP E 161 -55.25 24.97 -0.30
CA TRP E 161 -56.15 26.08 -0.52
C TRP E 161 -56.95 25.95 -1.83
N SER E 162 -58.04 26.72 -1.91
CA SER E 162 -58.89 26.77 -3.08
C SER E 162 -58.18 27.37 -4.29
N ASP E 163 -58.84 27.31 -5.45
CA ASP E 163 -58.43 28.07 -6.62
C ASP E 163 -58.72 29.55 -6.37
N PRO E 164 -58.05 30.48 -7.10
CA PRO E 164 -58.20 31.91 -6.83
C PRO E 164 -59.61 32.45 -7.07
N PHE E 165 -59.98 33.48 -6.31
CA PHE E 165 -61.13 34.32 -6.58
C PHE E 165 -60.50 35.62 -7.10
N ASN E 166 -60.79 35.99 -8.36
CA ASN E 166 -60.28 37.21 -8.97
C ASN E 166 -60.99 38.41 -8.37
N LEU E 167 -60.21 39.38 -7.87
CA LEU E 167 -60.75 40.58 -7.24
C LEU E 167 -60.58 41.81 -8.15
N HIS E 168 -61.61 42.66 -8.19
CA HIS E 168 -61.76 43.72 -9.19
C HIS E 168 -61.26 45.10 -8.73
N PHE E 169 -59.95 45.19 -8.47
CA PHE E 169 -59.28 46.46 -8.20
C PHE E 169 -57.82 46.33 -8.58
N GLY E 170 -57.18 47.47 -8.89
CA GLY E 170 -55.78 47.51 -9.26
C GLY E 170 -54.86 47.74 -8.08
N GLY E 171 -53.59 48.00 -8.36
CA GLY E 171 -52.58 48.21 -7.32
C GLY E 171 -52.17 46.90 -6.66
N ILE E 172 -51.44 47.01 -5.55
CA ILE E 172 -50.87 45.88 -4.83
C ILE E 172 -51.12 45.91 -3.33
N ASP E 173 -50.66 44.85 -2.66
CA ASP E 173 -50.69 44.71 -1.20
C ASP E 173 -52.11 44.71 -0.65
N PRO E 174 -53.00 43.85 -1.20
CA PRO E 174 -54.33 43.67 -0.62
C PRO E 174 -54.26 43.08 0.79
N SER E 175 -55.27 43.39 1.62
CA SER E 175 -55.34 42.91 2.99
C SER E 175 -56.77 43.10 3.50
N LEU E 176 -57.34 42.00 4.01
CA LEU E 176 -58.71 41.98 4.51
C LEU E 176 -58.73 42.25 6.01
N PHE E 177 -59.86 42.80 6.47
CA PHE E 177 -60.14 43.01 7.89
C PHE E 177 -61.62 42.71 8.14
N PHE E 178 -61.88 41.96 9.21
CA PHE E 178 -63.24 41.53 9.56
C PHE E 178 -63.70 42.19 10.84
N ASP E 179 -64.60 43.17 10.70
CA ASP E 179 -65.13 43.98 11.81
C ASP E 179 -66.11 43.16 12.67
N ASP E 180 -66.79 43.83 13.61
CA ASP E 180 -67.83 43.22 14.47
C ASP E 180 -69.28 43.29 13.91
N ASN E 181 -69.41 42.66 12.74
CA ASN E 181 -70.65 42.52 11.97
C ASN E 181 -71.00 41.03 11.90
N ALA E 184 -67.10 43.19 6.41
CA ALA E 184 -65.74 42.90 6.04
C ALA E 184 -65.22 43.99 5.11
N TYR E 185 -63.92 44.25 5.19
CA TYR E 185 -63.29 45.29 4.41
C TYR E 185 -62.00 44.80 3.77
N LEU E 186 -61.52 45.57 2.79
CA LEU E 186 -60.32 45.24 2.07
C LEU E 186 -59.59 46.53 1.81
N VAL E 187 -58.32 46.56 2.20
CA VAL E 187 -57.47 47.71 1.99
C VAL E 187 -56.35 47.32 1.04
N HIS E 188 -55.91 48.27 0.21
CA HIS E 188 -54.81 48.03 -0.70
C HIS E 188 -54.15 49.33 -1.10
N ASN E 189 -52.95 49.21 -1.68
CA ASN E 189 -52.22 50.30 -2.31
C ASN E 189 -52.80 50.49 -3.71
N ASP E 190 -52.80 51.74 -4.19
CA ASP E 190 -53.27 52.06 -5.54
C ASP E 190 -52.52 53.28 -6.05
N ALA E 191 -52.71 53.60 -7.33
CA ALA E 191 -52.16 54.82 -7.92
C ALA E 191 -53.21 55.91 -7.77
N PRO E 192 -52.80 57.19 -7.57
CA PRO E 192 -53.75 58.29 -7.47
C PRO E 192 -54.24 58.69 -8.84
N LYS E 194 -54.64 61.78 -9.83
CA LYS E 194 -53.80 62.95 -10.10
C LYS E 194 -52.45 62.90 -9.38
N PRO E 195 -51.45 62.18 -9.93
CA PRO E 195 -50.09 62.19 -9.38
C PRO E 195 -49.51 63.59 -9.14
N LEU E 196 -49.04 63.84 -7.91
CA LEU E 196 -48.51 65.12 -7.50
C LEU E 196 -46.97 65.20 -7.55
N TYR E 197 -46.31 64.04 -7.60
CA TYR E 197 -44.84 63.97 -7.64
C TYR E 197 -44.30 62.67 -8.27
N GLY E 198 -44.94 62.23 -9.35
CA GLY E 198 -44.47 61.14 -10.16
C GLY E 198 -45.02 59.79 -9.71
N PRO E 199 -44.51 58.67 -10.26
CA PRO E 199 -44.95 57.33 -9.86
C PRO E 199 -44.83 56.95 -8.37
N ASN E 200 -43.95 57.64 -7.61
CA ASN E 200 -43.78 57.33 -6.19
C ASN E 200 -44.99 57.72 -5.35
N HIS E 201 -45.77 58.69 -5.86
CA HIS E 201 -47.03 59.06 -5.22
C HIS E 201 -48.01 57.90 -5.33
N ARG E 202 -48.41 57.36 -4.17
CA ARG E 202 -49.34 56.25 -4.09
C ARG E 202 -50.40 56.55 -3.02
N CYS E 203 -51.40 55.66 -2.94
CA CYS E 203 -52.57 55.82 -2.11
C CYS E 203 -52.91 54.53 -1.40
N ILE E 204 -53.54 54.67 -0.23
CA ILE E 204 -54.21 53.55 0.43
C ILE E 204 -55.71 53.71 0.22
N LYS E 205 -56.34 52.65 -0.28
CA LYS E 205 -57.74 52.62 -0.63
C LYS E 205 -58.40 51.49 0.15
N ILE E 206 -59.62 51.73 0.62
CA ILE E 206 -60.41 50.72 1.32
C ILE E 206 -61.71 50.43 0.58
N TRP E 207 -62.17 49.18 0.67
CA TRP E 207 -63.41 48.69 0.08
C TRP E 207 -64.14 47.87 1.12
N GLU E 208 -65.48 47.92 1.09
CA GLU E 208 -66.31 46.96 1.77
C GLU E 208 -66.20 45.65 0.97
N TYR E 209 -66.23 44.52 1.67
CA TYR E 209 -66.00 43.20 1.07
C TYR E 209 -67.23 42.33 1.31
N ASP E 210 -67.63 41.59 0.27
CA ASP E 210 -68.77 40.70 0.30
C ASP E 210 -68.27 39.28 0.56
N LEU E 211 -68.60 38.75 1.74
CA LEU E 211 -68.10 37.45 2.19
C LEU E 211 -68.71 36.30 1.37
N GLU E 212 -69.98 36.44 1.01
CA GLU E 212 -70.66 35.44 0.19
C GLU E 212 -70.00 35.31 -1.18
N LYS E 213 -69.81 36.43 -1.86
CA LYS E 213 -69.28 36.48 -3.23
C LYS E 213 -67.76 36.52 -3.34
N ASP E 214 -67.07 36.83 -2.24
CA ASP E 214 -65.63 37.03 -2.22
C ASP E 214 -65.22 38.02 -3.30
N GLN E 215 -65.77 39.23 -3.19
CA GLN E 215 -65.56 40.32 -4.13
C GLN E 215 -65.88 41.63 -3.41
N ILE E 216 -65.18 42.70 -3.77
CA ILE E 216 -65.46 44.04 -3.27
C ILE E 216 -66.84 44.48 -3.73
N ILE E 217 -67.50 45.35 -2.93
CA ILE E 217 -68.77 45.94 -3.29
C ILE E 217 -68.50 47.23 -4.06
N PRO E 218 -68.90 47.33 -5.34
CA PRO E 218 -68.74 48.56 -6.12
C PRO E 218 -69.38 49.79 -5.47
N ASP E 221 -64.89 51.68 -1.37
CA ASP E 221 -64.19 52.49 -2.36
C ASP E 221 -63.98 53.93 -1.88
N LYS E 222 -62.91 54.15 -1.11
CA LYS E 222 -62.52 55.45 -0.62
C LYS E 222 -61.02 55.48 -0.35
N VAL E 223 -60.37 56.57 -0.75
CA VAL E 223 -58.97 56.81 -0.43
C VAL E 223 -58.90 57.27 1.03
N ILE E 224 -58.20 56.49 1.86
CA ILE E 224 -58.05 56.79 3.30
C ILE E 224 -56.67 57.36 3.68
N VAL E 225 -55.66 57.10 2.86
CA VAL E 225 -54.39 57.81 2.94
C VAL E 225 -53.92 58.20 1.54
N ASN E 226 -53.50 59.46 1.40
CA ASN E 226 -52.94 59.95 0.15
C ASN E 226 -51.46 60.31 0.29
N GLY E 227 -50.59 59.49 -0.32
CA GLY E 227 -49.15 59.70 -0.33
C GLY E 227 -48.43 59.02 0.82
N GLY E 228 -48.78 59.40 2.06
CA GLY E 228 -48.16 58.89 3.27
C GLY E 228 -48.56 59.67 4.51
N THR E 229 -47.71 59.61 5.56
CA THR E 229 -47.94 60.33 6.82
C THR E 229 -47.92 61.86 6.66
N ASP E 230 -47.14 62.36 5.69
CA ASP E 230 -47.06 63.78 5.37
C ASP E 230 -46.75 63.99 3.89
N ILE E 231 -47.79 64.37 3.12
CA ILE E 231 -47.72 64.45 1.66
C ILE E 231 -46.71 65.49 1.16
N GLU E 232 -46.55 66.60 1.92
CA GLU E 232 -45.57 67.63 1.61
C GLU E 232 -44.14 67.07 1.46
N LYS E 233 -43.84 65.98 2.18
CA LYS E 233 -42.53 65.30 2.11
C LYS E 233 -42.36 64.35 0.91
N LYS E 234 -43.39 64.25 0.06
CA LYS E 234 -43.39 63.36 -1.11
C LYS E 234 -43.09 61.91 -0.72
N PRO E 235 -43.85 61.33 0.25
CA PRO E 235 -43.62 59.96 0.70
C PRO E 235 -43.65 58.94 -0.43
N VAL E 236 -42.62 58.10 -0.52
CA VAL E 236 -42.48 57.11 -1.58
C VAL E 236 -43.27 55.84 -1.27
N TRP E 237 -44.09 55.41 -2.24
CA TRP E 237 -44.74 54.10 -2.27
C TRP E 237 -45.33 53.58 -0.95
N ILE E 238 -46.20 54.38 -0.32
CA ILE E 238 -46.96 53.91 0.82
C ILE E 238 -47.71 52.65 0.38
N GLU E 239 -47.57 51.57 1.18
CA GLU E 239 -48.07 50.26 0.81
C GLU E 239 -48.16 49.36 2.04
N GLY E 240 -48.27 48.05 1.80
CA GLY E 240 -48.48 47.05 2.83
C GLY E 240 -49.51 47.42 3.89
N PRO E 241 -50.69 47.97 3.51
CA PRO E 241 -51.67 48.41 4.52
C PRO E 241 -52.27 47.23 5.30
N HIS E 242 -52.34 47.35 6.63
CA HIS E 242 -53.09 46.42 7.48
C HIS E 242 -53.98 47.16 8.46
N ILE E 243 -55.22 46.69 8.60
CA ILE E 243 -56.17 47.22 9.58
C ILE E 243 -56.19 46.31 10.80
N TYR E 244 -56.14 46.92 11.98
CA TYR E 244 -56.37 46.26 13.25
C TYR E 244 -57.32 47.12 14.06
N LYS E 245 -58.03 46.47 14.99
CA LYS E 245 -58.80 47.12 16.04
C LYS E 245 -58.29 46.61 17.40
N ASN E 247 -59.77 49.11 21.94
CA ASN E 247 -60.75 49.97 22.59
C ASN E 247 -61.64 50.70 21.59
N GLY E 248 -62.12 49.95 20.58
CA GLY E 248 -63.00 50.49 19.55
C GLY E 248 -62.37 51.43 18.51
N THR E 249 -61.05 51.53 18.54
CA THR E 249 -60.29 52.35 17.59
C THR E 249 -59.73 51.51 16.44
N TYR E 250 -59.79 52.07 15.22
CA TYR E 250 -59.23 51.43 14.02
C TYR E 250 -57.80 51.92 13.80
N TYR E 251 -56.95 51.00 13.35
CA TYR E 251 -55.53 51.26 13.13
C TYR E 251 -55.15 50.81 11.74
N LEU E 252 -54.48 51.69 11.00
CA LEU E 252 -53.91 51.39 9.70
C LEU E 252 -52.39 51.47 9.82
N MSE E 253 -51.73 50.35 9.56
CA MSE E 253 -50.28 50.29 9.53
C MSE E 253 -49.80 50.03 8.11
O MSE E 253 -50.30 49.13 7.45
CB MSE E 253 -49.77 49.19 10.48
CG MSE E 253 -48.28 49.29 10.77
SE MSE E 253 -47.68 47.85 11.98
CE MSE E 253 -48.13 48.61 13.73
N CYS E 254 -48.85 50.86 7.66
CA CYS E 254 -48.36 50.79 6.28
C CYS E 254 -46.85 50.85 6.25
N ALA E 255 -46.27 50.24 5.21
CA ALA E 255 -44.89 50.48 4.83
C ALA E 255 -44.84 51.80 4.05
N GLU E 256 -43.75 52.55 4.21
CA GLU E 256 -43.54 53.84 3.53
C GLU E 256 -42.05 54.05 3.24
N GLY E 257 -41.76 54.64 2.07
CA GLY E 257 -40.40 54.70 1.52
C GLY E 257 -40.43 53.66 0.41
N GLY E 258 -39.27 53.22 -0.09
CA GLY E 258 -39.24 52.03 -0.93
C GLY E 258 -39.04 50.80 -0.05
N THR E 259 -39.03 49.62 -0.68
CA THR E 259 -38.48 48.43 -0.04
C THR E 259 -36.92 48.37 -0.05
N GLY E 260 -36.32 49.52 -0.39
CA GLY E 260 -34.90 49.75 -0.32
C GLY E 260 -34.48 50.65 0.84
N ASP E 261 -33.53 51.55 0.55
CA ASP E 261 -32.86 52.40 1.54
C ASP E 261 -33.73 53.23 2.47
N TRP E 262 -34.92 53.60 2.01
CA TRP E 262 -35.79 54.48 2.77
C TRP E 262 -36.97 53.75 3.42
N HIS E 263 -36.86 52.41 3.52
CA HIS E 263 -37.96 51.58 4.05
C HIS E 263 -38.26 51.97 5.49
N SER E 264 -39.53 51.84 5.87
CA SER E 264 -40.00 52.14 7.21
C SER E 264 -41.42 51.63 7.36
N GLU E 265 -41.94 51.68 8.59
CA GLU E 265 -43.33 51.40 8.84
C GLU E 265 -43.91 52.54 9.66
N VAL E 266 -45.13 52.95 9.28
CA VAL E 266 -45.82 54.06 9.86
C VAL E 266 -47.18 53.58 10.34
N ILE E 267 -47.84 54.41 11.17
CA ILE E 267 -49.08 54.01 11.83
C ILE E 267 -50.07 55.18 11.91
N PHE E 268 -51.34 54.87 11.60
CA PHE E 268 -52.45 55.81 11.56
C PHE E 268 -53.56 55.23 12.44
N LYS E 269 -54.42 56.10 12.99
CA LYS E 269 -55.64 55.66 13.67
C LYS E 269 -56.89 56.46 13.27
N ALA E 270 -58.06 55.85 13.46
CA ALA E 270 -59.37 56.47 13.18
C ALA E 270 -60.44 55.93 14.09
N ASP E 271 -61.52 56.71 14.25
CA ASP E 271 -62.67 56.34 15.08
C ASP E 271 -63.72 55.52 14.30
N ASN E 272 -63.50 55.39 12.99
CA ASN E 272 -64.41 54.70 12.07
C ASN E 272 -63.63 54.03 10.93
N ILE E 273 -64.14 52.90 10.43
CA ILE E 273 -63.43 52.11 9.42
C ILE E 273 -63.04 52.94 8.19
N TYR E 274 -63.94 53.83 7.75
CA TYR E 274 -63.71 54.77 6.66
C TYR E 274 -63.17 56.10 7.19
N GLY E 275 -63.24 56.27 8.51
CA GLY E 275 -63.15 57.55 9.19
C GLY E 275 -61.79 58.14 8.82
N PRO E 276 -61.56 59.45 9.01
CA PRO E 276 -60.27 60.05 8.68
C PRO E 276 -59.19 59.36 9.51
N TYR E 277 -58.14 58.88 8.83
CA TYR E 277 -57.01 58.23 9.47
C TYR E 277 -55.92 59.26 9.66
N GLU E 278 -55.55 59.55 10.91
CA GLU E 278 -54.48 60.50 11.25
C GLU E 278 -53.22 59.76 11.68
N PRO E 279 -52.03 60.22 11.22
CA PRO E 279 -50.76 59.62 11.63
C PRO E 279 -50.37 60.01 13.07
N TRP E 280 -49.88 59.04 13.84
CA TRP E 280 -49.22 59.34 15.10
C TRP E 280 -48.11 60.34 14.82
N ASN E 281 -48.09 61.43 15.59
CA ASN E 281 -47.00 62.39 15.50
C ASN E 281 -45.65 61.68 15.49
N ASN E 282 -45.53 60.61 16.28
CA ASN E 282 -44.36 59.74 16.30
C ASN E 282 -44.43 58.80 15.13
N ASN E 283 -43.68 59.12 14.08
CA ASN E 283 -43.56 58.27 12.92
C ASN E 283 -42.23 58.54 12.25
N PRO E 284 -41.55 57.52 11.67
CA PRO E 284 -42.04 56.13 11.66
C PRO E 284 -41.85 55.39 13.02
N ILE E 285 -42.40 54.17 13.11
CA ILE E 285 -42.26 53.31 14.28
C ILE E 285 -41.30 52.12 14.09
N LEU E 286 -40.76 51.99 12.86
CA LEU E 286 -39.79 50.95 12.52
C LEU E 286 -38.98 51.41 11.31
N THR E 287 -37.67 51.53 11.46
CA THR E 287 -36.78 51.81 10.34
C THR E 287 -35.32 51.64 10.70
N GLN E 288 -34.47 51.47 9.69
CA GLN E 288 -33.02 51.54 9.84
C GLN E 288 -32.40 52.65 8.96
N ARG E 289 -33.25 53.44 8.29
CA ARG E 289 -32.83 54.28 7.17
C ARG E 289 -31.89 55.44 7.54
N HIS E 290 -31.95 55.89 8.79
CA HIS E 290 -31.07 56.95 9.28
C HIS E 290 -29.68 56.50 9.78
N PHE E 291 -29.24 55.31 9.37
CA PHE E 291 -27.90 54.80 9.70
C PHE E 291 -26.70 54.89 8.72
N LEU E 292 -26.54 53.94 7.79
CA LEU E 292 -25.44 53.92 6.80
C LEU E 292 -24.29 52.98 7.17
N ASP E 300 -30.70 46.25 7.26
CA ASP E 300 -31.17 47.42 6.50
C ASP E 300 -32.57 47.18 5.90
N TRP E 301 -33.12 48.21 5.26
CA TRP E 301 -34.36 48.18 4.48
C TRP E 301 -35.55 47.64 5.29
N ALA E 302 -35.66 48.09 6.54
CA ALA E 302 -36.66 47.57 7.47
C ALA E 302 -38.03 48.20 7.24
N GLY E 303 -39.02 47.34 6.94
CA GLY E 303 -40.41 47.72 6.84
C GLY E 303 -41.27 46.57 6.39
N HIS E 304 -42.50 46.89 5.94
CA HIS E 304 -43.53 45.95 5.54
C HIS E 304 -43.82 44.94 6.65
N ALA E 305 -44.35 45.46 7.75
CA ALA E 305 -44.61 44.69 8.94
C ALA E 305 -46.05 44.19 9.00
N ASP E 306 -46.29 43.22 9.87
CA ASP E 306 -47.64 42.87 10.29
C ASP E 306 -47.59 42.36 11.74
N LEU E 307 -48.64 42.71 12.50
CA LEU E 307 -48.72 42.44 13.93
C LEU E 307 -49.60 41.23 14.25
N VAL E 308 -49.28 40.55 15.36
CA VAL E 308 -50.09 39.48 15.90
C VAL E 308 -50.02 39.49 17.43
N TYR E 315 -47.83 41.53 22.07
CA TYR E 315 -47.78 41.60 20.62
C TYR E 315 -46.37 41.42 20.04
N TYR E 316 -46.30 40.77 18.88
CA TYR E 316 -45.01 40.60 18.16
C TYR E 316 -45.26 40.98 16.70
N GLY E 317 -44.36 41.76 16.12
CA GLY E 317 -44.54 42.21 14.73
C GLY E 317 -43.54 41.57 13.80
N VAL E 318 -43.94 41.32 12.56
CA VAL E 318 -43.01 40.75 11.55
C VAL E 318 -42.71 41.82 10.51
N PHE E 319 -41.49 41.81 9.99
CA PHE E 319 -41.09 42.80 8.97
C PHE E 319 -39.91 42.22 8.20
N LEU E 320 -39.65 42.81 7.03
CA LEU E 320 -38.59 42.41 6.11
C LEU E 320 -37.40 43.31 6.29
N GLY E 321 -36.23 42.77 5.99
CA GLY E 321 -34.98 43.49 6.04
C GLY E 321 -33.96 42.70 5.24
N ILE E 322 -32.71 43.19 5.25
CA ILE E 322 -31.77 42.88 4.13
C ILE E 322 -30.45 42.18 4.43
N ARG E 323 -29.85 42.50 5.58
CA ARG E 323 -28.46 42.15 5.99
C ARG E 323 -27.36 42.18 4.94
N PRO E 324 -26.85 43.39 4.60
CA PRO E 324 -25.92 43.53 3.47
C PRO E 324 -24.49 43.04 3.77
N ASN E 325 -23.71 42.83 2.71
CA ASN E 325 -22.29 42.49 2.81
C ASN E 325 -21.47 43.78 2.92
N SER E 326 -20.13 43.67 2.88
CA SER E 326 -19.24 44.79 3.19
C SER E 326 -19.35 45.99 2.23
N LYS E 327 -19.85 45.73 1.01
CA LYS E 327 -20.07 46.76 0.01
C LYS E 327 -21.52 47.21 -0.11
N GLY E 328 -22.36 46.75 0.81
CA GLY E 328 -23.79 47.09 0.82
C GLY E 328 -24.68 46.22 -0.06
N ASN E 329 -24.11 45.20 -0.70
CA ASN E 329 -24.85 44.30 -1.58
C ASN E 329 -25.62 43.24 -0.82
N VAL E 330 -26.70 42.75 -1.43
CA VAL E 330 -27.58 41.73 -0.87
C VAL E 330 -27.82 40.60 -1.86
N ASN E 331 -27.25 39.43 -1.57
CA ASN E 331 -27.47 38.20 -2.32
C ASN E 331 -28.46 37.28 -1.63
N THR E 332 -28.87 37.68 -0.42
CA THR E 332 -29.73 36.87 0.42
C THR E 332 -31.22 37.27 0.36
N GLY E 333 -31.52 38.28 -0.45
CA GLY E 333 -32.87 38.77 -0.60
C GLY E 333 -33.32 39.45 0.66
N ARG E 334 -34.62 39.73 0.74
CA ARG E 334 -35.24 40.33 1.91
C ARG E 334 -35.78 39.22 2.80
N GLU E 335 -35.46 39.30 4.10
CA GLU E 335 -35.68 38.22 5.05
C GLU E 335 -36.74 38.63 6.06
N THR E 336 -37.36 37.61 6.66
CA THR E 336 -38.43 37.76 7.67
C THR E 336 -37.80 37.95 9.04
N PHE E 337 -37.84 39.18 9.52
CA PHE E 337 -37.28 39.55 10.84
C PHE E 337 -38.43 39.66 11.83
N MSE E 338 -38.11 39.45 13.10
CA MSE E 338 -39.12 39.63 14.17
C MSE E 338 -38.51 40.52 15.25
O MSE E 338 -37.29 40.69 15.27
CB MSE E 338 -39.64 38.29 14.71
CG MSE E 338 -41.08 38.37 15.13
SE MSE E 338 -41.66 36.87 16.21
CE MSE E 338 -42.79 35.69 15.14
N LEU E 339 -39.37 41.07 16.10
CA LEU E 339 -38.99 42.01 17.18
C LEU E 339 -40.29 42.21 17.95
N PRO E 340 -40.42 42.28 19.45
CA PRO E 340 -41.56 42.47 20.34
C PRO E 340 -42.22 43.82 20.05
N VAL E 341 -43.53 43.90 20.27
CA VAL E 341 -44.29 45.13 20.10
C VAL E 341 -45.07 45.39 21.37
N ASP E 342 -44.83 46.54 22.01
CA ASP E 342 -45.60 47.00 23.15
C ASP E 342 -46.82 47.76 22.61
N TRP E 343 -48.01 47.30 22.96
CA TRP E 343 -49.26 47.98 22.62
C TRP E 343 -50.15 48.18 23.83
N SER E 344 -49.53 48.56 24.95
CA SER E 344 -50.21 48.83 26.21
C SER E 344 -50.87 50.21 26.23
N GLY E 345 -50.52 51.06 25.26
CA GLY E 345 -51.07 52.40 25.10
C GLY E 345 -51.80 52.55 23.78
N THR E 346 -52.09 53.81 23.42
CA THR E 346 -52.79 54.14 22.17
C THR E 346 -52.15 53.51 20.93
N TRP E 347 -50.81 53.61 20.83
CA TRP E 347 -50.06 53.21 19.63
C TRP E 347 -49.09 52.05 19.82
N PRO E 348 -48.86 51.23 18.78
CA PRO E 348 -47.87 50.15 18.84
C PRO E 348 -46.44 50.66 18.72
N VAL E 349 -45.56 50.18 19.59
CA VAL E 349 -44.14 50.49 19.60
C VAL E 349 -43.42 49.18 19.29
N PHE E 350 -42.61 49.19 18.23
CA PHE E 350 -41.68 48.10 17.91
C PHE E 350 -40.46 48.27 18.80
N GLU E 351 -40.29 47.35 19.76
CA GLU E 351 -39.25 47.47 20.77
C GLU E 351 -37.86 47.40 20.12
N ASN E 352 -37.10 48.48 20.28
CA ASN E 352 -35.84 48.73 19.58
C ASN E 352 -35.97 48.72 18.05
N GLY E 353 -37.16 49.09 17.55
CA GLY E 353 -37.41 49.17 16.12
C GLY E 353 -36.77 50.37 15.43
N LEU E 354 -36.25 51.32 16.23
CA LEU E 354 -35.62 52.55 15.74
C LEU E 354 -34.12 52.71 16.13
N VAL E 355 -33.53 51.66 16.70
CA VAL E 355 -32.08 51.59 16.93
C VAL E 355 -31.51 50.45 16.06
N PRO E 356 -30.18 50.42 15.77
CA PRO E 356 -29.62 49.35 14.94
C PRO E 356 -29.99 47.95 15.45
N LEU E 357 -30.55 47.11 14.58
CA LEU E 357 -30.97 45.77 14.96
C LEU E 357 -29.77 44.91 15.32
N SER E 358 -29.98 43.98 16.26
CA SER E 358 -28.97 43.00 16.59
C SER E 358 -29.54 41.62 16.29
N ILE E 359 -28.62 40.69 16.02
CA ILE E 359 -28.95 39.34 15.59
C ILE E 359 -29.66 38.52 16.68
N LYS E 360 -29.47 38.90 17.95
CA LYS E 360 -30.03 38.19 19.11
C LYS E 360 -31.18 38.94 19.72
N GLN E 361 -32.17 38.14 20.08
CA GLN E 361 -33.39 38.57 20.78
C GLN E 361 -33.69 37.50 21.83
N LYS E 362 -34.35 37.90 22.90
CA LYS E 362 -34.79 36.94 23.91
C LYS E 362 -36.11 36.31 23.48
N MSE E 363 -36.23 35.00 23.66
CA MSE E 363 -37.47 34.29 23.29
C MSE E 363 -38.53 34.57 24.36
O MSE E 363 -38.17 34.98 25.46
CB MSE E 363 -37.23 32.79 23.18
CG MSE E 363 -35.81 32.42 22.84
SE MSE E 363 -35.90 30.57 22.26
CE MSE E 363 -37.79 30.13 22.26
N PRO E 364 -39.83 34.47 24.03
CA PRO E 364 -40.89 34.67 25.02
C PRO E 364 -40.74 33.74 26.19
N PHE E 377 -37.74 24.45 11.09
CA PHE E 377 -37.00 25.25 10.12
C PHE E 377 -35.69 25.71 10.77
N PRO E 378 -34.55 25.66 10.05
CA PRO E 378 -33.25 26.00 10.64
C PRO E 378 -33.07 27.50 10.85
N ASN E 379 -32.00 27.86 11.57
CA ASN E 379 -31.51 29.23 11.66
C ASN E 379 -30.03 29.18 12.07
N GLY E 380 -29.42 30.35 12.27
CA GLY E 380 -27.99 30.44 12.52
C GLY E 380 -27.19 29.80 11.38
N ASN E 381 -26.06 29.19 11.71
CA ASN E 381 -25.24 28.42 10.78
C ASN E 381 -25.55 26.94 10.93
N PHE E 382 -25.76 26.26 9.80
CA PHE E 382 -26.21 24.88 9.78
C PHE E 382 -25.89 24.24 8.42
N THR E 383 -26.14 22.93 8.31
CA THR E 383 -25.93 22.18 7.10
C THR E 383 -27.19 21.41 6.76
N TYR E 384 -27.65 21.52 5.51
CA TYR E 384 -28.75 20.76 4.98
C TYR E 384 -28.23 19.86 3.86
N SER E 385 -28.23 18.54 4.14
CA SER E 385 -27.89 17.52 3.15
C SER E 385 -29.15 16.78 2.78
N GLU E 386 -29.48 16.79 1.48
CA GLU E 386 -30.69 16.21 0.94
C GLU E 386 -30.25 15.16 -0.07
N ASP E 387 -30.79 13.95 0.06
CA ASP E 387 -30.52 12.83 -0.84
C ASP E 387 -31.65 12.48 -1.79
N PHE E 388 -32.78 13.20 -1.66
CA PHE E 388 -33.96 13.02 -2.52
C PHE E 388 -34.42 11.56 -2.67
N LYS E 389 -34.43 10.85 -1.54
CA LYS E 389 -34.90 9.46 -1.46
C LYS E 389 -36.41 9.33 -1.22
N SER E 390 -37.17 10.41 -1.45
CA SER E 390 -38.59 10.45 -1.17
C SER E 390 -39.33 11.37 -2.14
N GLU E 391 -40.45 10.88 -2.68
CA GLU E 391 -41.26 11.57 -3.68
C GLU E 391 -41.83 12.88 -3.15
N ASN E 392 -42.02 12.95 -1.83
CA ASN E 392 -42.39 14.17 -1.13
C ASN E 392 -41.15 15.03 -0.87
N ILE E 393 -40.78 15.83 -1.86
CA ILE E 393 -39.59 16.65 -1.79
C ILE E 393 -39.82 17.78 -0.79
N ASP E 394 -38.78 18.11 -0.03
CA ASP E 394 -38.82 19.13 1.01
C ASP E 394 -39.33 20.44 0.42
N TYR E 395 -40.21 21.13 1.16
CA TYR E 395 -40.88 22.36 0.74
C TYR E 395 -39.98 23.60 0.54
N ARG E 396 -38.67 23.46 0.77
CA ARG E 396 -37.69 24.53 0.53
C ARG E 396 -37.25 24.62 -0.92
N TRP E 397 -37.48 23.54 -1.67
CA TRP E 397 -37.05 23.43 -3.06
C TRP E 397 -38.06 24.04 -4.00
N VAL E 398 -37.59 25.02 -4.78
CA VAL E 398 -38.41 25.82 -5.73
C VAL E 398 -37.86 25.62 -7.15
N ALA E 399 -38.76 25.73 -8.12
CA ALA E 399 -38.43 25.71 -9.57
C ALA E 399 -38.80 27.09 -10.12
N MSE E 400 -38.18 27.52 -11.22
CA MSE E 400 -38.52 28.88 -11.73
C MSE E 400 -39.49 28.82 -12.90
O MSE E 400 -39.25 28.03 -13.82
CB MSE E 400 -37.25 29.65 -12.09
CG MSE E 400 -36.35 29.92 -10.91
SE MSE E 400 -36.87 31.59 -10.10
CE MSE E 400 -37.53 32.59 -11.63
N ARG E 401 -40.56 29.64 -12.84
CA ARG E 401 -41.62 29.81 -13.87
C ARG E 401 -42.20 28.48 -14.35
N GLY E 402 -42.88 27.73 -13.47
CA GLY E 402 -43.44 26.42 -13.85
C GLY E 402 -43.01 25.38 -12.84
N PRO E 403 -43.72 24.07 -12.62
CA PRO E 403 -43.58 22.96 -11.68
C PRO E 403 -42.40 22.05 -12.01
N LYS E 404 -41.76 21.54 -10.95
CA LYS E 404 -40.67 20.56 -11.03
C LYS E 404 -41.14 19.24 -11.61
N GLU E 405 -42.44 18.95 -11.43
CA GLU E 405 -43.09 17.75 -11.96
C GLU E 405 -42.95 17.58 -13.47
N ASN E 406 -42.78 18.70 -14.19
CA ASN E 406 -42.55 18.68 -15.63
C ASN E 406 -41.16 18.19 -16.06
N PHE E 407 -40.22 18.04 -15.11
CA PHE E 407 -38.85 17.62 -15.43
C PHE E 407 -38.09 16.82 -14.37
N ILE E 408 -38.76 16.44 -13.26
CA ILE E 408 -38.14 15.67 -12.18
C ILE E 408 -38.94 14.40 -11.92
N LYS E 409 -38.23 13.30 -11.68
CA LYS E 409 -38.78 12.05 -11.19
C LYS E 409 -37.79 11.47 -10.20
N ILE E 410 -38.28 10.64 -9.28
CA ILE E 410 -37.41 9.88 -8.38
C ILE E 410 -36.86 8.62 -9.06
N GLY E 414 -33.82 6.36 -5.69
CA GLY E 414 -33.71 7.69 -5.11
C GLY E 414 -32.69 8.54 -5.83
N GLY E 415 -32.84 9.87 -5.69
CA GLY E 415 -32.07 10.86 -6.45
C GLY E 415 -32.95 11.62 -7.42
N LEU E 416 -32.53 12.84 -7.75
CA LEU E 416 -33.23 13.70 -8.71
C LEU E 416 -32.89 13.37 -10.15
N GLN E 417 -33.70 12.50 -10.75
CA GLN E 417 -33.67 12.22 -12.19
C GLN E 417 -34.36 13.37 -12.89
N MSE E 418 -33.62 14.21 -13.62
CA MSE E 418 -34.25 15.35 -14.26
C MSE E 418 -33.89 15.42 -15.75
O MSE E 418 -32.75 15.19 -16.14
CB MSE E 418 -34.00 16.64 -13.47
CG MSE E 418 -32.60 17.26 -13.55
SE MSE E 418 -32.59 18.97 -12.57
CE MSE E 418 -32.48 18.54 -10.66
N THR E 419 -34.93 15.68 -16.55
CA THR E 419 -34.86 15.72 -17.99
C THR E 419 -34.84 17.19 -18.43
N ALA E 420 -34.05 17.49 -19.46
CA ALA E 420 -33.87 18.87 -19.93
C ALA E 420 -35.10 19.35 -20.69
N LEU E 421 -35.65 20.48 -20.25
CA LEU E 421 -36.65 21.24 -21.00
C LEU E 421 -35.96 21.95 -22.16
N ASP E 422 -36.76 22.55 -23.03
CA ASP E 422 -36.28 23.23 -24.24
C ASP E 422 -35.47 24.49 -23.94
N ALA E 423 -35.85 25.20 -22.87
CA ALA E 423 -35.31 26.54 -22.60
C ALA E 423 -33.88 26.47 -22.05
N ASN E 424 -33.02 27.35 -22.55
CA ASN E 424 -31.71 27.56 -21.96
C ASN E 424 -31.84 28.50 -20.75
N ILE E 425 -30.73 28.64 -20.00
CA ILE E 425 -30.70 29.41 -18.82
C ILE E 425 -30.37 30.63 -19.68
N THR E 426 -31.18 31.62 -19.49
CA THR E 426 -31.14 32.98 -20.09
C THR E 426 -32.51 33.43 -20.53
N GLU E 427 -33.45 32.48 -20.68
CA GLU E 427 -34.78 32.73 -21.23
C GLU E 427 -35.81 32.95 -20.15
N VAL E 428 -36.80 33.79 -20.46
CA VAL E 428 -37.98 34.00 -19.61
C VAL E 428 -38.97 32.87 -19.90
N GLN E 429 -38.50 31.65 -19.62
CA GLN E 429 -39.28 30.39 -19.80
C GLN E 429 -38.94 29.44 -18.65
N PRO E 430 -39.74 28.28 -18.33
CA PRO E 430 -39.68 26.99 -17.24
C PRO E 430 -38.31 26.37 -17.52
N ILE E 431 -37.36 26.47 -16.59
CA ILE E 431 -36.02 25.83 -16.80
C ILE E 431 -35.93 24.60 -15.90
N SER E 432 -35.30 23.54 -16.41
CA SER E 432 -35.21 22.28 -15.68
C SER E 432 -34.10 22.39 -14.65
N ALA E 433 -34.42 23.01 -13.51
CA ALA E 433 -33.45 23.20 -12.40
C ALA E 433 -34.19 23.39 -11.09
N LEU E 434 -33.73 22.72 -10.02
CA LEU E 434 -34.33 22.80 -8.68
C LEU E 434 -33.40 23.61 -7.79
N PHE E 435 -33.97 24.62 -7.13
CA PHE E 435 -33.09 25.53 -6.36
C PHE E 435 -33.43 25.53 -4.88
N HIS E 436 -32.50 26.14 -4.16
CA HIS E 436 -32.52 26.39 -2.74
C HIS E 436 -32.10 27.83 -2.57
N ARG E 437 -32.84 28.58 -1.75
CA ARG E 437 -32.54 29.97 -1.49
C ARG E 437 -31.16 30.11 -0.83
N GLN E 438 -30.43 31.15 -1.23
CA GLN E 438 -29.21 31.55 -0.55
C GLN E 438 -29.63 32.19 0.78
N GLN E 439 -29.39 31.47 1.88
CA GLN E 439 -29.80 31.89 3.22
C GLN E 439 -28.72 32.65 3.99
N HIS E 440 -27.53 32.72 3.41
CA HIS E 440 -26.35 33.31 4.05
C HIS E 440 -25.52 34.09 3.06
N ILE E 441 -24.77 35.07 3.57
CA ILE E 441 -23.81 35.84 2.78
C ILE E 441 -22.61 34.93 2.46
N LYS E 442 -22.17 34.18 3.47
CA LYS E 442 -21.10 33.20 3.32
C LYS E 442 -21.67 31.80 3.35
N TYR E 443 -21.51 31.06 2.26
CA TYR E 443 -21.97 29.67 2.20
C TYR E 443 -21.08 28.81 1.31
N THR E 444 -21.27 27.50 1.46
CA THR E 444 -20.55 26.48 0.73
C THR E 444 -21.59 25.43 0.43
N ALA E 445 -21.63 24.97 -0.82
CA ALA E 445 -22.62 24.01 -1.27
C ALA E 445 -21.98 23.07 -2.27
N GLN E 446 -22.52 21.87 -2.36
CA GLN E 446 -22.09 20.92 -3.37
C GLN E 446 -23.20 19.96 -3.76
N THR E 447 -23.09 19.42 -4.99
CA THR E 447 -24.02 18.43 -5.50
C THR E 447 -23.23 17.29 -6.13
N THR E 448 -23.82 16.09 -6.08
CA THR E 448 -23.22 14.88 -6.63
C THR E 448 -24.20 14.30 -7.64
N LEU E 449 -23.68 13.99 -8.83
CA LEU E 449 -24.52 13.61 -9.96
C LEU E 449 -23.89 12.49 -10.78
N SER E 450 -24.77 11.63 -11.31
CA SER E 450 -24.40 10.61 -12.28
C SER E 450 -24.90 11.11 -13.62
N TYR E 451 -23.95 11.40 -14.52
CA TYR E 451 -24.19 12.10 -15.75
C TYR E 451 -24.39 11.08 -16.85
N ASN E 452 -25.66 10.86 -17.20
CA ASN E 452 -26.05 10.12 -18.42
C ASN E 452 -25.26 10.46 -19.70
N THR E 453 -24.32 9.58 -20.06
CA THR E 453 -23.42 9.73 -21.21
C THR E 453 -24.16 9.55 -22.53
N LYS E 454 -25.30 8.84 -22.49
CA LYS E 454 -26.10 8.57 -23.67
C LYS E 454 -26.86 9.82 -24.12
N ALA E 455 -27.51 10.52 -23.19
CA ALA E 455 -28.23 11.74 -23.50
C ALA E 455 -27.29 12.88 -23.94
N ALA E 456 -26.04 12.84 -23.48
CA ALA E 456 -25.00 13.80 -23.88
C ALA E 456 -25.30 15.28 -23.60
N GLN E 457 -26.37 15.54 -22.85
CA GLN E 457 -26.83 16.90 -22.54
C GLN E 457 -25.93 17.60 -21.51
N LYS E 458 -26.40 18.72 -20.94
CA LYS E 458 -25.66 19.46 -19.92
C LYS E 458 -26.31 19.26 -18.57
N ALA E 459 -25.49 19.01 -17.54
CA ALA E 459 -25.96 18.81 -16.18
C ALA E 459 -24.94 19.40 -15.20
N GLY E 460 -25.43 20.16 -14.22
CA GLY E 460 -24.55 20.84 -13.31
C GLY E 460 -25.18 21.64 -12.19
N LEU E 461 -24.42 22.64 -11.74
CA LEU E 461 -24.68 23.40 -10.51
C LEU E 461 -24.84 24.86 -10.90
N ILE E 462 -25.84 25.51 -10.31
CA ILE E 462 -26.23 26.87 -10.66
C ILE E 462 -26.34 27.80 -9.44
N CYS E 463 -25.76 29.01 -9.59
CA CYS E 463 -26.04 30.15 -8.73
C CYS E 463 -26.80 31.20 -9.59
N TYR E 464 -28.05 31.45 -9.20
CA TYR E 464 -28.99 32.23 -10.04
C TYR E 464 -29.66 33.38 -9.30
N GLN E 465 -29.51 34.59 -9.81
CA GLN E 465 -30.26 35.77 -9.36
C GLN E 465 -31.43 36.01 -10.33
N ASN E 466 -31.10 36.18 -11.62
CA ASN E 466 -32.10 36.12 -12.69
C ASN E 466 -31.51 35.50 -13.96
N GLU E 467 -32.39 35.34 -14.97
CA GLU E 467 -32.02 34.66 -16.22
C GLU E 467 -30.75 35.20 -16.88
N ALA E 468 -30.39 36.46 -16.59
CA ALA E 468 -29.20 37.12 -17.16
C ALA E 468 -28.17 37.51 -16.08
N CYS E 469 -28.36 36.97 -14.87
CA CYS E 469 -27.47 37.20 -13.74
C CYS E 469 -27.30 35.87 -13.01
N ASN E 470 -26.42 35.03 -13.56
CA ASN E 470 -26.20 33.69 -13.04
C ASN E 470 -24.81 33.14 -13.36
N TYR E 471 -24.39 32.17 -12.55
CA TYR E 471 -23.18 31.39 -12.74
C TYR E 471 -23.57 29.92 -12.85
N VAL E 472 -23.02 29.24 -13.85
CA VAL E 472 -23.35 27.85 -14.15
C VAL E 472 -22.09 27.04 -14.43
N LEU E 473 -22.01 25.87 -13.79
CA LEU E 473 -20.93 24.89 -14.00
C LEU E 473 -21.61 23.60 -14.40
N THR E 474 -21.31 23.12 -15.62
CA THR E 474 -21.95 21.95 -16.19
C THR E 474 -20.93 20.97 -16.76
N VAL E 475 -21.20 19.67 -16.59
CA VAL E 475 -20.55 18.61 -17.36
C VAL E 475 -21.27 18.59 -18.70
N GLN E 476 -20.48 18.51 -19.78
CA GLN E 476 -20.98 18.43 -21.14
C GLN E 476 -20.18 17.36 -21.88
N THR E 477 -20.56 17.09 -23.14
CA THR E 477 -19.89 16.07 -23.95
C THR E 477 -19.27 16.68 -25.21
N GLU E 478 -18.09 16.16 -25.57
CA GLU E 478 -17.45 16.38 -26.87
C GLU E 478 -16.69 15.11 -27.22
N GLY E 479 -17.23 14.34 -28.18
CA GLY E 479 -16.79 12.97 -28.47
C GLY E 479 -16.10 12.07 -27.43
N LYS E 480 -16.87 11.17 -26.80
CA LYS E 480 -16.44 10.43 -25.62
C LYS E 480 -15.02 10.75 -25.16
N GLN E 482 -16.24 13.78 -21.89
CA GLN E 482 -16.91 14.81 -21.09
C GLN E 482 -15.97 15.95 -20.74
N VAL E 483 -16.55 17.14 -20.59
CA VAL E 483 -15.83 18.36 -20.27
C VAL E 483 -16.61 19.07 -19.17
N LEU E 484 -15.94 19.95 -18.43
CA LEU E 484 -16.61 20.85 -17.52
C LEU E 484 -16.52 22.26 -18.06
N VAL E 485 -17.67 22.95 -18.03
CA VAL E 485 -17.79 24.31 -18.53
C VAL E 485 -18.35 25.20 -17.42
N LEU E 486 -17.64 26.30 -17.15
CA LEU E 486 -18.08 27.34 -16.24
C LEU E 486 -18.46 28.55 -17.09
N GLU E 487 -19.73 28.99 -16.94
CA GLU E 487 -20.26 30.12 -17.68
C GLU E 487 -20.85 31.15 -16.72
N LYS E 488 -20.71 32.42 -17.10
CA LYS E 488 -21.43 33.52 -16.47
C LYS E 488 -22.32 34.23 -17.50
N THR E 489 -23.41 34.82 -17.01
CA THR E 489 -24.20 35.79 -17.74
C THR E 489 -24.43 36.94 -16.77
N VAL E 490 -24.05 38.14 -17.19
CA VAL E 490 -24.10 39.34 -16.36
C VAL E 490 -24.93 40.43 -17.05
N ARG E 491 -26.01 40.89 -16.38
CA ARG E 491 -26.83 42.02 -16.84
C ARG E 491 -27.24 42.93 -15.70
N PRO E 492 -26.60 44.12 -15.55
CA PRO E 492 -27.07 45.11 -14.56
C PRO E 492 -28.47 45.65 -14.87
N GLN E 493 -29.17 46.07 -13.81
CA GLN E 493 -30.53 46.62 -13.88
C GLN E 493 -30.97 47.27 -15.19
N ARG E 494 -30.26 48.33 -15.58
CA ARG E 494 -30.72 49.27 -16.59
C ARG E 494 -30.32 48.89 -18.03
N GLN E 495 -29.57 47.80 -18.14
CA GLN E 495 -28.97 47.32 -19.42
C GLN E 495 -29.90 46.30 -20.09
N LYS E 496 -30.06 46.41 -21.41
CA LYS E 496 -30.91 45.51 -22.18
C LYS E 496 -30.13 44.30 -22.67
N ASP E 497 -28.94 44.56 -23.20
CA ASP E 497 -28.09 43.56 -23.85
C ASP E 497 -27.32 42.72 -22.82
N PHE E 498 -27.14 41.43 -23.11
CA PHE E 498 -26.31 40.53 -22.34
C PHE E 498 -25.77 39.43 -23.22
N LYS E 499 -24.70 38.77 -22.76
CA LYS E 499 -24.10 37.65 -23.48
C LYS E 499 -23.45 36.65 -22.52
N THR E 500 -23.83 35.37 -22.64
CA THR E 500 -23.21 34.31 -21.85
C THR E 500 -21.76 34.15 -22.30
N GLU E 501 -20.84 34.13 -21.32
CA GLU E 501 -19.41 33.96 -21.56
C GLU E 501 -18.92 32.71 -20.85
N ILE E 502 -17.98 32.01 -21.48
CA ILE E 502 -17.30 30.88 -20.87
C ILE E 502 -16.15 31.45 -20.04
N VAL E 503 -16.25 31.28 -18.72
CA VAL E 503 -15.22 31.73 -17.78
C VAL E 503 -14.04 30.77 -17.80
N ALA E 504 -14.30 29.46 -17.78
CA ALA E 504 -13.16 28.51 -17.66
C ALA E 504 -12.82 27.31 -18.56
N LYS E 505 -13.59 26.21 -18.48
CA LYS E 505 -13.43 25.01 -19.29
C LYS E 505 -12.20 24.08 -19.09
N GLU E 506 -12.48 22.84 -18.67
CA GLU E 506 -11.46 21.80 -18.47
C GLU E 506 -12.01 20.44 -18.90
N PRO E 507 -11.21 19.61 -19.63
CA PRO E 507 -11.63 18.24 -19.93
C PRO E 507 -11.46 17.34 -18.70
N ILE E 508 -12.24 16.25 -18.64
CA ILE E 508 -12.18 15.31 -17.52
C ILE E 508 -12.18 13.85 -18.00
N GLY E 509 -11.83 13.62 -19.27
CA GLY E 509 -11.90 12.32 -19.91
C GLY E 509 -13.30 11.76 -19.95
N LYS E 510 -13.39 10.43 -19.95
CA LYS E 510 -14.66 9.72 -20.06
C LYS E 510 -15.24 9.41 -18.69
N LEU E 511 -16.16 10.28 -18.25
CA LEU E 511 -16.81 10.11 -16.96
C LEU E 511 -17.48 8.72 -16.83
N LYS E 512 -16.83 7.84 -16.06
CA LYS E 512 -17.35 6.50 -15.77
C LYS E 512 -17.82 6.35 -14.31
N THR E 513 -17.86 7.46 -13.57
CA THR E 513 -18.25 7.45 -12.15
C THR E 513 -19.07 8.70 -11.85
N PRO E 514 -19.77 8.77 -10.69
CA PRO E 514 -20.40 10.02 -10.27
C PRO E 514 -19.36 11.13 -10.11
N ILE E 515 -19.81 12.39 -10.21
CA ILE E 515 -18.96 13.55 -10.02
C ILE E 515 -19.64 14.51 -9.05
N THR E 516 -18.85 15.21 -8.25
CA THR E 516 -19.37 16.21 -7.32
C THR E 516 -18.93 17.59 -7.81
N LEU E 517 -19.89 18.52 -7.86
CA LEU E 517 -19.61 19.91 -8.17
C LEU E 517 -19.87 20.73 -6.92
N GLY E 518 -19.05 21.78 -6.72
CA GLY E 518 -19.12 22.60 -5.53
C GLY E 518 -18.92 24.06 -5.84
N VAL E 519 -19.50 24.91 -4.98
CA VAL E 519 -19.32 26.35 -5.03
C VAL E 519 -19.25 26.84 -3.59
N THR E 520 -18.40 27.84 -3.36
CA THR E 520 -18.27 28.50 -2.07
C THR E 520 -18.18 29.99 -2.30
N THR E 521 -18.82 30.77 -1.42
CA THR E 521 -18.75 32.22 -1.44
C THR E 521 -18.35 32.75 -0.07
N ASP E 522 -17.35 33.65 -0.07
CA ASP E 522 -16.87 34.32 1.12
C ASP E 522 -17.55 35.68 1.33
N GLY E 523 -18.68 35.91 0.62
CA GLY E 523 -19.41 37.15 0.68
C GLY E 523 -18.99 38.15 -0.39
N LEU E 524 -17.76 38.02 -0.90
CA LEU E 524 -17.20 38.91 -1.91
C LEU E 524 -17.14 38.29 -3.30
N ASN E 525 -16.78 36.99 -3.37
CA ASN E 525 -16.68 36.24 -4.63
C ASN E 525 -17.23 34.81 -4.49
N TYR E 526 -17.57 34.20 -5.63
CA TYR E 526 -17.96 32.80 -5.71
C TYR E 526 -16.82 32.07 -6.39
N GLN E 527 -16.47 30.90 -5.84
CA GLN E 527 -15.42 30.05 -6.37
C GLN E 527 -16.00 28.67 -6.58
N PHE E 528 -15.96 28.22 -7.83
CA PHE E 528 -16.46 26.92 -8.23
C PHE E 528 -15.34 25.88 -8.18
N SER E 529 -15.74 24.61 -8.07
CA SER E 529 -14.81 23.49 -8.01
C SER E 529 -15.54 22.23 -8.39
N TYR E 530 -14.75 21.20 -8.72
CA TYR E 530 -15.24 19.87 -9.00
C TYR E 530 -14.33 18.86 -8.30
N THR E 531 -14.93 17.72 -7.91
CA THR E 531 -14.24 16.68 -7.17
C THR E 531 -14.51 15.36 -7.86
N LEU E 532 -13.47 14.79 -8.47
CA LEU E 532 -13.53 13.52 -9.17
C LEU E 532 -12.83 12.49 -8.28
N ASN E 533 -12.34 11.41 -8.89
CA ASN E 533 -11.79 10.24 -8.18
C ASN E 533 -10.89 10.61 -6.97
N GLY E 534 -11.53 11.15 -5.92
CA GLY E 534 -10.88 11.54 -4.69
C GLY E 534 -10.69 13.04 -4.52
N GLU E 535 -10.00 13.65 -5.51
CA GLU E 535 -9.39 14.97 -5.37
C GLU E 535 -10.25 16.15 -5.86
N LYS E 536 -10.13 17.29 -5.16
CA LYS E 536 -10.90 18.50 -5.41
C LYS E 536 -10.04 19.58 -6.03
N LYS E 537 -10.48 20.12 -7.17
CA LYS E 537 -9.79 21.19 -7.88
C LYS E 537 -10.73 22.36 -8.15
N ASN E 538 -10.21 23.57 -7.97
CA ASN E 538 -10.87 24.80 -8.39
C ASN E 538 -10.97 24.84 -9.91
N ILE E 539 -12.12 25.30 -10.43
CA ILE E 539 -12.30 25.62 -11.85
C ILE E 539 -12.77 27.07 -11.94
N GLY E 540 -12.06 27.87 -12.72
CA GLY E 540 -12.27 29.31 -12.76
C GLY E 540 -11.73 29.96 -11.50
N GLY E 541 -11.60 31.29 -11.55
CA GLY E 541 -11.15 32.09 -10.43
C GLY E 541 -12.32 32.62 -9.62
N PRO E 542 -12.08 33.61 -8.73
CA PRO E 542 -13.18 34.27 -8.01
C PRO E 542 -14.12 35.05 -8.95
N LEU E 543 -15.43 34.77 -8.85
CA LEU E 543 -16.46 35.44 -9.61
C LEU E 543 -17.25 36.42 -8.74
N ASP E 544 -17.21 37.71 -9.11
CA ASP E 544 -17.78 38.79 -8.31
C ASP E 544 -19.17 38.43 -7.81
N ALA E 545 -19.35 38.53 -6.50
CA ALA E 545 -20.61 38.20 -5.82
C ALA E 545 -21.69 39.25 -6.10
N ALA E 546 -21.26 40.48 -6.40
CA ALA E 546 -22.15 41.60 -6.67
C ALA E 546 -23.15 41.30 -7.78
N VAL E 547 -22.71 40.54 -8.79
CA VAL E 547 -23.51 40.13 -9.95
C VAL E 547 -24.86 39.48 -9.58
N LEU E 548 -24.90 38.77 -8.45
CA LEU E 548 -26.11 38.07 -7.97
C LEU E 548 -26.88 38.85 -6.90
N PHE E 552 -27.21 45.10 -7.84
CA PHE E 552 -26.67 45.09 -9.20
C PHE E 552 -27.72 44.76 -10.27
N ALA E 553 -28.54 43.75 -10.01
CA ALA E 553 -29.62 43.31 -10.88
C ALA E 553 -30.93 43.89 -10.32
N GLY E 554 -31.93 44.09 -11.17
CA GLY E 554 -33.20 44.61 -10.73
C GLY E 554 -33.90 43.51 -9.92
N GLY E 555 -35.11 43.83 -9.46
CA GLY E 555 -36.03 42.83 -9.00
C GLY E 555 -36.24 42.86 -7.50
N PHE E 556 -36.89 41.82 -7.01
CA PHE E 556 -37.39 41.69 -5.66
C PHE E 556 -37.00 40.37 -5.01
N THR E 557 -35.94 39.72 -5.51
CA THR E 557 -35.57 38.37 -5.06
C THR E 557 -34.11 38.19 -4.67
N GLY E 558 -33.86 37.18 -3.82
CA GLY E 558 -32.52 36.77 -3.45
C GLY E 558 -31.97 35.70 -4.36
N ALA E 559 -30.65 35.53 -4.33
CA ALA E 559 -29.98 34.51 -5.12
C ALA E 559 -30.41 33.12 -4.71
N LEU E 560 -30.22 32.20 -5.66
CA LEU E 560 -30.60 30.77 -5.56
C LEU E 560 -29.39 29.90 -5.88
N VAL E 561 -29.31 28.73 -5.24
CA VAL E 561 -28.31 27.75 -5.58
C VAL E 561 -29.05 26.44 -5.80
N GLY E 562 -28.67 25.70 -6.84
CA GLY E 562 -29.34 24.48 -7.18
C GLY E 562 -28.68 23.69 -8.30
N MSE E 563 -29.35 22.61 -8.71
CA MSE E 563 -28.86 21.78 -9.79
C MSE E 563 -29.84 21.88 -10.97
O MSE E 563 -31.04 22.12 -10.77
CB MSE E 563 -28.64 20.35 -9.28
CG MSE E 563 -29.88 19.66 -8.68
SE MSE E 563 -29.54 18.80 -6.92
CE MSE E 563 -30.85 19.69 -5.76
N GLY E 564 -29.30 21.76 -12.18
CA GLY E 564 -30.11 21.90 -13.38
C GLY E 564 -29.54 21.18 -14.59
N VAL E 565 -30.33 21.15 -15.65
CA VAL E 565 -30.00 20.43 -16.90
C VAL E 565 -30.49 21.26 -18.09
N PHE E 566 -29.69 21.25 -19.17
CA PHE E 566 -29.89 22.09 -20.35
C PHE E 566 -29.50 21.38 -21.63
N LYS E 567 -29.77 22.07 -22.75
CA LYS E 567 -29.61 21.61 -24.13
C LYS E 567 -30.78 20.70 -24.42
N THR F 29 -29.88 -0.50 -21.20
CA THR F 29 -28.50 -0.78 -21.62
C THR F 29 -28.22 -2.27 -21.45
N PHE F 30 -28.05 -2.95 -22.58
CA PHE F 30 -27.77 -4.40 -22.60
C PHE F 30 -26.26 -4.58 -22.46
N THR F 31 -25.85 -5.17 -21.35
CA THR F 31 -24.44 -5.31 -21.02
C THR F 31 -23.83 -6.61 -21.55
N ASN F 32 -24.69 -7.59 -21.89
CA ASN F 32 -24.28 -8.88 -22.44
C ASN F 32 -25.33 -9.51 -23.35
N PHE F 33 -24.85 -10.23 -24.36
CA PHE F 33 -25.64 -11.24 -25.04
C PHE F 33 -24.79 -12.51 -25.21
N THR F 34 -25.37 -13.66 -24.86
CA THR F 34 -24.72 -14.95 -25.02
C THR F 34 -25.63 -15.86 -25.84
N TYR F 35 -25.04 -16.49 -26.87
CA TYR F 35 -25.72 -17.47 -27.71
C TYR F 35 -24.92 -18.77 -27.72
N THR F 36 -25.59 -19.87 -27.38
CA THR F 36 -24.99 -21.21 -27.35
C THR F 36 -25.80 -22.19 -28.21
N GLY F 37 -25.16 -22.72 -29.26
CA GLY F 37 -25.73 -23.77 -30.09
C GLY F 37 -25.51 -25.12 -29.44
N GLU F 38 -26.51 -26.00 -29.54
CA GLU F 38 -26.55 -27.29 -28.84
C GLU F 38 -27.27 -28.35 -29.68
N ASP F 39 -26.89 -28.47 -30.95
CA ASP F 39 -27.49 -29.44 -31.85
C ASP F 39 -26.93 -30.85 -31.65
N ASP F 40 -27.86 -31.82 -31.72
CA ASP F 40 -27.58 -33.24 -31.61
C ASP F 40 -26.55 -33.72 -32.64
N ILE F 41 -26.73 -33.28 -33.89
CA ILE F 41 -25.96 -33.80 -35.03
C ILE F 41 -24.44 -33.60 -34.84
N TYR F 42 -24.03 -32.48 -34.25
CA TYR F 42 -22.63 -32.15 -34.06
C TYR F 42 -22.05 -32.93 -32.89
N ALA F 43 -22.85 -33.05 -31.82
CA ALA F 43 -22.48 -33.79 -30.61
C ALA F 43 -22.29 -35.28 -30.88
N LYS F 44 -23.13 -35.83 -31.78
CA LYS F 44 -23.09 -37.23 -32.18
C LYS F 44 -22.05 -37.56 -33.28
N ASN F 45 -21.49 -36.54 -33.92
CA ASN F 45 -20.51 -36.72 -34.98
C ASN F 45 -19.31 -35.79 -34.73
N PRO F 46 -18.46 -36.05 -33.71
CA PRO F 46 -17.26 -35.25 -33.51
C PRO F 46 -16.29 -35.32 -34.67
N LEU F 47 -15.56 -34.23 -34.93
CA LEU F 47 -14.66 -34.11 -36.06
C LEU F 47 -13.34 -34.86 -35.85
N LYS F 48 -12.89 -35.56 -36.89
CA LYS F 48 -11.53 -36.05 -37.00
C LYS F 48 -10.67 -34.88 -37.48
N PRO F 49 -9.33 -34.93 -37.27
CA PRO F 49 -8.46 -33.81 -37.62
C PRO F 49 -8.58 -33.29 -39.07
N GLU F 51 -11.48 -32.95 -41.56
CA GLU F 51 -12.93 -33.16 -41.34
C GLU F 51 -13.56 -31.83 -40.90
N PHE F 52 -14.58 -31.37 -41.62
CA PHE F 52 -15.30 -30.12 -41.27
C PHE F 52 -16.80 -30.32 -41.45
N TYR F 53 -17.59 -29.49 -40.75
CA TYR F 53 -19.04 -29.52 -40.85
C TYR F 53 -19.52 -28.66 -42.02
N SER F 54 -20.53 -29.29 -42.65
CA SER F 54 -21.40 -28.87 -43.78
C SER F 54 -22.85 -28.93 -43.31
N PRO F 55 -23.55 -27.61 -43.28
CA PRO F 55 -23.26 -26.28 -43.81
C PRO F 55 -22.12 -25.48 -43.17
N ILE F 56 -21.32 -24.82 -44.02
CA ILE F 56 -20.19 -23.99 -43.54
C ILE F 56 -20.76 -22.74 -42.86
N LEU F 57 -21.90 -22.24 -43.33
CA LEU F 57 -22.55 -21.10 -42.68
C LEU F 57 -23.89 -21.57 -42.15
N GLN F 58 -24.00 -21.63 -40.83
CA GLN F 58 -25.20 -22.07 -40.14
C GLN F 58 -26.13 -20.88 -39.99
N GLY F 59 -27.44 -21.16 -40.00
CA GLY F 59 -28.46 -20.12 -39.91
C GLY F 59 -28.74 -19.50 -41.28
N CYS F 60 -29.61 -18.48 -41.28
CA CYS F 60 -30.06 -17.84 -42.51
C CYS F 60 -28.91 -17.22 -43.30
N TYR F 61 -28.42 -17.99 -44.28
CA TYR F 61 -27.43 -17.54 -45.25
C TYR F 61 -27.78 -18.19 -46.57
N PRO F 62 -28.89 -17.77 -47.22
CA PRO F 62 -29.37 -18.40 -48.44
C PRO F 62 -28.69 -17.90 -49.71
N ASP F 63 -29.01 -18.55 -50.82
CA ASP F 63 -28.58 -18.15 -52.16
C ASP F 63 -27.09 -17.80 -52.16
N PRO F 64 -26.21 -18.76 -51.85
CA PRO F 64 -24.78 -18.46 -51.75
C PRO F 64 -24.15 -18.27 -53.11
N SER F 65 -23.32 -17.22 -53.22
CA SER F 65 -22.57 -16.93 -54.42
C SER F 65 -21.12 -16.75 -54.03
N ILE F 66 -20.22 -17.21 -54.91
CA ILE F 66 -18.80 -17.26 -54.62
C ILE F 66 -17.96 -16.91 -55.85
N CYS F 67 -16.87 -16.17 -55.62
CA CYS F 67 -15.91 -15.84 -56.64
C CYS F 67 -14.49 -15.94 -56.10
N ARG F 68 -13.50 -15.95 -57.00
CA ARG F 68 -12.10 -16.04 -56.65
C ARG F 68 -11.27 -14.99 -57.38
N LYS F 69 -10.36 -14.36 -56.63
CA LYS F 69 -9.26 -13.56 -57.17
C LYS F 69 -7.96 -14.06 -56.53
N GLY F 70 -7.07 -14.64 -57.34
CA GLY F 70 -5.81 -15.20 -56.89
C GLY F 70 -5.99 -16.26 -55.81
N ASP F 71 -5.37 -16.03 -54.65
CA ASP F 71 -5.49 -16.91 -53.49
C ASP F 71 -6.73 -16.66 -52.65
N ASP F 72 -7.49 -15.60 -52.97
CA ASP F 72 -8.60 -15.12 -52.14
C ASP F 72 -9.99 -15.47 -52.68
N TYR F 73 -10.83 -16.03 -51.79
CA TYR F 73 -12.21 -16.37 -52.09
C TYR F 73 -13.13 -15.40 -51.36
N TYR F 74 -14.26 -15.06 -51.99
CA TYR F 74 -15.28 -14.22 -51.39
C TYR F 74 -16.65 -14.86 -51.60
N LEU F 75 -17.47 -14.83 -50.55
CA LEU F 75 -18.74 -15.54 -50.53
C LEU F 75 -19.80 -14.61 -49.93
N VAL F 76 -20.97 -14.56 -50.58
CA VAL F 76 -22.05 -13.69 -50.16
C VAL F 76 -23.42 -14.38 -50.21
N ASN F 77 -24.39 -13.79 -49.51
CA ASN F 77 -25.71 -14.35 -49.28
C ASN F 77 -26.83 -13.29 -49.35
N SER F 78 -28.05 -13.75 -49.65
CA SER F 78 -29.25 -12.91 -49.60
C SER F 78 -29.59 -12.61 -48.14
N SER F 79 -30.36 -11.54 -47.91
CA SER F 79 -30.68 -11.06 -46.57
C SER F 79 -32.04 -10.42 -46.38
N PHE F 80 -32.75 -10.15 -47.49
CA PHE F 80 -34.13 -9.70 -47.46
C PHE F 80 -34.25 -8.34 -46.73
N ALA F 81 -35.01 -8.24 -45.65
CA ALA F 81 -35.21 -6.91 -45.04
C ALA F 81 -34.29 -6.64 -43.84
N MSE F 82 -33.25 -7.45 -43.65
CA MSE F 82 -32.27 -7.20 -42.61
C MSE F 82 -31.30 -6.11 -43.08
O MSE F 82 -31.04 -6.00 -44.27
CB MSE F 82 -31.52 -8.50 -42.26
CG MSE F 82 -32.42 -9.61 -41.75
SE MSE F 82 -31.41 -11.24 -41.35
CE MSE F 82 -30.43 -11.86 -42.92
N PHE F 83 -30.80 -5.32 -42.13
CA PHE F 83 -29.81 -4.30 -42.42
C PHE F 83 -28.70 -4.31 -41.37
N PRO F 84 -27.40 -4.27 -41.78
CA PRO F 84 -27.00 -4.24 -43.19
C PRO F 84 -27.30 -5.53 -43.91
N GLY F 85 -27.28 -5.51 -45.24
CA GLY F 85 -27.64 -6.63 -46.09
C GLY F 85 -26.44 -7.22 -46.80
N VAL F 86 -26.60 -8.47 -47.26
CA VAL F 86 -25.59 -9.22 -48.01
C VAL F 86 -24.28 -9.33 -47.25
N PRO F 87 -24.15 -10.29 -46.30
CA PRO F 87 -22.90 -10.46 -45.57
C PRO F 87 -21.87 -11.04 -46.52
N ILE F 88 -20.61 -10.64 -46.34
CA ILE F 88 -19.52 -11.09 -47.21
C ILE F 88 -18.38 -11.73 -46.40
N PHE F 89 -18.04 -12.96 -46.78
CA PHE F 89 -17.02 -13.76 -46.09
C PHE F 89 -15.80 -13.94 -46.99
N HIS F 90 -14.61 -13.92 -46.36
CA HIS F 90 -13.33 -14.11 -47.04
C HIS F 90 -12.60 -15.35 -46.51
N SER F 91 -11.94 -16.08 -47.42
CA SER F 91 -11.21 -17.32 -47.08
C SER F 91 -10.14 -17.64 -48.15
N THR F 92 -9.02 -18.19 -47.70
CA THR F 92 -7.96 -18.66 -48.60
C THR F 92 -7.98 -20.16 -48.84
N ASP F 93 -8.86 -20.87 -48.11
CA ASP F 93 -8.90 -22.34 -48.12
C ASP F 93 -10.29 -22.98 -48.25
N LEU F 94 -11.34 -22.16 -48.32
CA LEU F 94 -12.78 -22.55 -48.46
C LEU F 94 -13.39 -23.24 -47.24
N ILE F 95 -12.63 -23.43 -46.15
CA ILE F 95 -13.15 -23.98 -44.89
C ILE F 95 -13.24 -22.89 -43.82
N ASN F 96 -12.14 -22.15 -43.66
CA ASN F 96 -12.01 -21.13 -42.62
C ASN F 96 -12.37 -19.75 -43.16
N TRP F 97 -13.52 -19.24 -42.75
CA TRP F 97 -13.98 -17.93 -43.27
C TRP F 97 -14.00 -16.88 -42.18
N VAL F 98 -13.74 -15.65 -42.61
CA VAL F 98 -13.85 -14.42 -41.82
C VAL F 98 -14.89 -13.52 -42.51
N GLN F 99 -15.89 -13.08 -41.76
CA GLN F 99 -16.83 -12.06 -42.23
C GLN F 99 -16.09 -10.72 -42.24
N ILE F 100 -15.93 -10.16 -43.45
CA ILE F 100 -15.21 -8.90 -43.65
C ILE F 100 -16.17 -7.70 -43.67
N GLY F 101 -17.48 -7.98 -43.69
CA GLY F 101 -18.50 -6.97 -43.58
C GLY F 101 -19.81 -7.41 -44.19
N ASN F 102 -20.57 -6.41 -44.65
CA ASN F 102 -21.81 -6.59 -45.37
C ASN F 102 -21.77 -5.64 -46.55
N VAL F 103 -21.99 -6.15 -47.76
CA VAL F 103 -21.76 -5.38 -49.00
C VAL F 103 -22.67 -4.15 -49.08
N LEU F 104 -23.95 -4.31 -48.69
CA LEU F 104 -24.89 -3.21 -48.65
C LEU F 104 -25.05 -2.74 -47.21
N ASP F 105 -24.19 -1.80 -46.80
CA ASP F 105 -24.15 -1.29 -45.43
C ASP F 105 -24.42 0.22 -45.27
N ARG F 106 -24.71 0.91 -46.37
CA ARG F 106 -25.15 2.30 -46.34
C ARG F 106 -26.62 2.37 -46.74
N THR F 107 -27.34 3.36 -46.18
CA THR F 107 -28.73 3.62 -46.50
C THR F 107 -28.91 4.01 -47.97
N SER F 108 -27.87 4.60 -48.58
CA SER F 108 -27.85 4.93 -50.01
C SER F 108 -27.80 3.69 -50.93
N GLN F 109 -27.44 2.53 -50.36
CA GLN F 109 -27.45 1.25 -51.08
C GLN F 109 -28.73 0.47 -50.81
N LEU F 110 -29.31 0.66 -49.62
CA LEU F 110 -30.42 -0.15 -49.11
C LEU F 110 -31.12 0.56 -47.94
N ASP F 111 -32.43 0.81 -48.10
CA ASP F 111 -33.25 1.52 -47.13
C ASP F 111 -34.57 0.77 -46.95
N PRO F 112 -34.62 -0.45 -46.17
CA PRO F 112 -35.76 -1.63 -45.75
C PRO F 112 -36.94 -1.10 -44.93
N THR F 113 -36.98 0.20 -44.63
CA THR F 113 -38.01 0.88 -43.79
C THR F 113 -39.42 0.26 -43.85
N THR F 114 -39.96 0.06 -45.05
CA THR F 114 -41.33 -0.51 -45.20
C THR F 114 -41.25 -1.78 -46.05
N CYS F 115 -40.17 -2.53 -45.91
CA CYS F 115 -40.00 -3.77 -46.73
C CYS F 115 -40.85 -4.91 -46.20
N GLY F 116 -41.13 -5.87 -47.08
CA GLY F 116 -41.86 -7.06 -46.67
C GLY F 116 -40.87 -8.12 -46.23
N ILE F 117 -41.18 -8.81 -45.14
CA ILE F 117 -40.33 -9.91 -44.58
C ILE F 117 -39.93 -10.84 -45.72
N ALA F 119 -39.57 -9.53 -49.11
CA ALA F 119 -39.04 -8.64 -50.16
C ALA F 119 -37.60 -8.26 -49.82
N GLY F 120 -37.11 -7.14 -50.35
CA GLY F 120 -35.74 -6.71 -50.04
C GLY F 120 -34.70 -7.36 -50.94
N ILE F 121 -33.59 -7.76 -50.33
CA ILE F 121 -32.46 -8.28 -51.09
C ILE F 121 -32.60 -9.78 -51.39
N TYR F 122 -32.84 -10.10 -52.66
CA TYR F 122 -32.93 -11.47 -53.12
C TYR F 122 -31.54 -12.06 -53.44
N ALA F 123 -31.51 -13.22 -54.11
CA ALA F 123 -30.26 -13.92 -54.44
C ALA F 123 -29.16 -12.99 -54.93
N PRO F 124 -28.00 -12.96 -54.23
CA PRO F 124 -26.83 -12.23 -54.71
C PRO F 124 -25.99 -13.06 -55.68
N ALA F 125 -25.29 -12.39 -56.59
CA ALA F 125 -24.22 -12.99 -57.39
C ALA F 125 -22.99 -12.09 -57.38
N ILE F 126 -21.91 -12.57 -56.74
CA ILE F 126 -20.63 -11.85 -56.69
C ILE F 126 -19.70 -12.39 -57.80
N HIS F 127 -18.82 -11.53 -58.31
CA HIS F 127 -17.99 -11.88 -59.47
C HIS F 127 -16.71 -11.07 -59.42
N TYR F 128 -15.64 -11.64 -59.97
CA TYR F 128 -14.41 -10.91 -60.20
C TYR F 128 -14.10 -10.91 -61.68
N ASN F 129 -14.00 -9.70 -62.25
CA ASN F 129 -13.61 -9.50 -63.63
C ASN F 129 -12.11 -9.27 -63.70
N LYS F 130 -11.39 -10.31 -64.16
CA LYS F 130 -9.93 -10.27 -64.25
C LYS F 130 -9.45 -9.35 -65.37
N TYR F 131 -10.34 -9.05 -66.33
CA TYR F 131 -10.00 -8.20 -67.47
C TYR F 131 -9.94 -6.72 -67.11
N ASN F 132 -10.74 -6.29 -66.12
CA ASN F 132 -10.68 -4.92 -65.57
C ASN F 132 -10.46 -4.90 -64.06
N ASP F 133 -9.94 -6.01 -63.51
CA ASP F 133 -9.57 -6.13 -62.10
C ASP F 133 -10.61 -5.48 -61.17
N PHE F 135 -14.42 -5.97 -58.89
CA PHE F 135 -15.45 -6.81 -58.29
C PHE F 135 -16.86 -6.25 -58.55
N TYR F 136 -17.84 -7.15 -58.55
CA TYR F 136 -19.24 -6.86 -58.87
C TYR F 136 -20.13 -7.64 -57.92
N MSE F 137 -21.05 -6.95 -57.25
CA MSE F 137 -22.12 -7.58 -56.51
C MSE F 137 -23.45 -7.18 -57.14
O MSE F 137 -23.85 -6.02 -57.06
CB MSE F 137 -22.05 -7.19 -55.03
CG MSE F 137 -22.77 -8.10 -54.07
SE MSE F 137 -24.71 -8.03 -54.31
CE MSE F 137 -25.03 -9.74 -55.15
N ILE F 138 -24.11 -8.14 -57.80
CA ILE F 138 -25.35 -7.88 -58.51
C ILE F 138 -26.54 -8.68 -57.92
N THR F 139 -27.66 -7.99 -57.71
CA THR F 139 -28.83 -8.55 -57.06
C THR F 139 -30.13 -7.80 -57.43
N THR F 140 -31.26 -8.28 -56.89
CA THR F 140 -32.55 -7.60 -56.97
C THR F 140 -32.90 -7.08 -55.59
N GLU F 141 -33.20 -5.77 -55.54
CA GLU F 141 -33.57 -5.08 -54.32
C GLU F 141 -35.04 -4.64 -54.41
N PHE F 142 -35.94 -5.53 -54.03
CA PHE F 142 -37.40 -5.23 -54.08
C PHE F 142 -37.75 -4.37 -52.87
N CYS F 143 -37.09 -3.22 -52.75
CA CYS F 143 -37.35 -2.37 -51.56
C CYS F 143 -36.80 -0.95 -51.70
N ALA F 144 -35.73 -0.75 -52.49
CA ALA F 144 -35.07 0.56 -52.72
C ALA F 144 -34.47 1.11 -51.44
N GLY F 147 -35.18 -0.60 -55.65
CA GLY F 147 -36.49 -1.00 -56.15
C GLY F 147 -36.35 -1.68 -57.49
N GLY F 148 -35.51 -2.72 -57.53
CA GLY F 148 -35.27 -3.52 -58.73
C GLY F 148 -33.87 -4.11 -58.81
N ASN F 149 -33.57 -4.68 -59.97
CA ASN F 149 -32.25 -5.20 -60.31
C ASN F 149 -31.17 -4.13 -60.31
N MSE F 150 -30.03 -4.42 -59.67
CA MSE F 150 -29.00 -3.42 -59.44
C MSE F 150 -27.66 -4.10 -59.19
O MSE F 150 -27.61 -5.26 -58.78
CB MSE F 150 -29.37 -2.55 -58.23
CG MSE F 150 -29.43 -3.29 -56.92
SE MSE F 150 -27.69 -3.32 -56.00
CE MSE F 150 -28.04 -2.64 -54.18
N VAL F 151 -26.58 -3.35 -59.44
CA VAL F 151 -25.23 -3.85 -59.23
C VAL F 151 -24.38 -2.79 -58.49
N VAL F 152 -23.49 -3.27 -57.61
CA VAL F 152 -22.50 -2.43 -56.93
C VAL F 152 -21.10 -2.98 -57.21
N LYS F 153 -20.10 -2.08 -57.14
CA LYS F 153 -18.73 -2.39 -57.56
C LYS F 153 -17.71 -1.97 -56.53
N THR F 154 -16.51 -2.58 -56.64
CA THR F 154 -15.37 -2.23 -55.82
C THR F 154 -14.08 -2.81 -56.39
N LYS F 155 -12.97 -2.10 -56.14
CA LYS F 155 -11.64 -2.65 -56.27
C LYS F 155 -11.68 -2.69 -54.75
N ASP F 156 -11.56 -3.90 -54.23
CA ASP F 156 -11.23 -4.26 -52.83
C ASP F 156 -12.39 -4.30 -51.83
N PRO F 157 -13.04 -5.47 -51.63
CA PRO F 157 -14.14 -5.58 -50.68
C PRO F 157 -13.89 -5.04 -49.26
N ARG F 158 -12.63 -5.03 -48.82
CA ARG F 158 -12.28 -4.51 -47.50
C ARG F 158 -12.50 -2.99 -47.37
N GLN F 159 -12.56 -2.27 -48.51
CA GLN F 159 -12.80 -0.83 -48.53
C GLN F 159 -14.28 -0.46 -48.74
N GLY F 160 -15.15 -1.46 -48.92
CA GLY F 160 -16.57 -1.25 -49.18
C GLY F 160 -16.89 -1.14 -50.67
N TRP F 161 -18.17 -0.93 -50.97
CA TRP F 161 -18.69 -0.94 -52.34
C TRP F 161 -19.40 0.36 -52.70
N SER F 162 -19.51 0.61 -54.01
CA SER F 162 -20.16 1.80 -54.56
C SER F 162 -21.65 1.83 -54.24
N ASP F 163 -22.28 2.95 -54.57
CA ASP F 163 -23.74 3.04 -54.58
C ASP F 163 -24.26 2.24 -55.77
N PRO F 164 -25.56 1.84 -55.76
CA PRO F 164 -26.09 0.98 -56.83
C PRO F 164 -26.10 1.64 -58.21
N PHE F 165 -25.98 0.80 -59.26
CA PHE F 165 -26.20 1.26 -60.62
C PHE F 165 -27.58 1.30 -61.33
N ASN F 166 -28.59 0.63 -60.78
CA ASN F 166 -29.88 0.47 -61.44
C ASN F 166 -29.93 -0.08 -62.88
N LEU F 167 -30.35 -1.35 -62.98
CA LEU F 167 -30.37 -2.11 -64.23
C LEU F 167 -31.79 -2.27 -64.75
N HIS F 168 -31.94 -2.16 -66.08
CA HIS F 168 -33.24 -2.03 -66.73
C HIS F 168 -33.80 -3.33 -67.28
N PHE F 169 -34.09 -4.28 -66.37
CA PHE F 169 -34.76 -5.52 -66.70
C PHE F 169 -35.48 -6.04 -65.47
N GLY F 170 -36.53 -6.83 -65.68
CA GLY F 170 -37.33 -7.39 -64.60
C GLY F 170 -36.84 -8.75 -64.15
N GLY F 171 -37.63 -9.41 -63.28
CA GLY F 171 -37.29 -10.72 -62.77
C GLY F 171 -36.20 -10.66 -61.71
N ILE F 172 -35.67 -11.83 -61.35
CA ILE F 172 -34.69 -11.97 -60.26
C ILE F 172 -33.47 -12.80 -60.65
N ASP F 173 -32.53 -12.90 -59.71
CA ASP F 173 -31.33 -13.72 -59.81
C ASP F 173 -30.43 -13.28 -60.96
N PRO F 174 -30.09 -11.98 -61.05
CA PRO F 174 -29.10 -11.50 -62.03
C PRO F 174 -27.72 -12.10 -61.77
N SER F 175 -26.93 -12.24 -62.83
CA SER F 175 -25.58 -12.79 -62.74
C SER F 175 -24.82 -12.44 -64.00
N LEU F 176 -23.64 -11.83 -63.81
CA LEU F 176 -22.79 -11.39 -64.91
C LEU F 176 -21.76 -12.44 -65.26
N PHE F 177 -21.34 -12.44 -66.53
CA PHE F 177 -20.28 -13.29 -67.03
C PHE F 177 -19.43 -12.49 -68.01
N PHE F 178 -18.11 -12.60 -67.88
CA PHE F 178 -17.16 -11.84 -68.68
C PHE F 178 -16.37 -12.76 -69.59
N ASP F 179 -16.71 -12.72 -70.90
CA ASP F 179 -16.12 -13.59 -71.92
C ASP F 179 -14.70 -13.12 -72.26
N ASP F 180 -14.08 -13.74 -73.28
CA ASP F 180 -12.69 -13.46 -73.68
C ASP F 180 -12.56 -12.40 -74.80
N ASN F 181 -13.68 -11.77 -75.18
CA ASN F 181 -13.69 -10.48 -75.90
C ASN F 181 -14.03 -9.28 -74.99
N GLY F 182 -15.29 -9.15 -74.59
CA GLY F 182 -15.70 -8.11 -73.67
C GLY F 182 -15.81 -6.72 -74.28
N ALA F 184 -19.18 -8.67 -72.34
CA ALA F 184 -19.78 -9.02 -71.06
C ALA F 184 -21.25 -9.31 -71.25
N TYR F 185 -21.77 -10.22 -70.43
CA TYR F 185 -23.15 -10.65 -70.51
C TYR F 185 -23.81 -10.69 -69.15
N LEU F 186 -25.13 -10.75 -69.15
CA LEU F 186 -25.90 -10.77 -67.93
C LEU F 186 -27.06 -11.72 -68.14
N VAL F 187 -27.19 -12.68 -67.23
CA VAL F 187 -28.27 -13.65 -67.30
C VAL F 187 -29.15 -13.47 -66.07
N HIS F 188 -30.45 -13.72 -66.24
CA HIS F 188 -31.38 -13.61 -65.14
C HIS F 188 -32.64 -14.42 -65.40
N ASN F 189 -33.41 -14.64 -64.34
CA ASN F 189 -34.74 -15.24 -64.40
C ASN F 189 -35.72 -14.14 -64.81
N ASP F 190 -36.77 -14.52 -65.54
CA ASP F 190 -37.83 -13.59 -65.93
C ASP F 190 -39.14 -14.36 -66.06
N ALA F 191 -40.25 -13.62 -66.25
CA ALA F 191 -41.54 -14.21 -66.54
C ALA F 191 -41.69 -14.32 -68.06
N PRO F 192 -42.36 -15.37 -68.57
CA PRO F 192 -42.57 -15.51 -70.01
C PRO F 192 -43.71 -14.60 -70.45
N GLU F 193 -43.67 -14.16 -71.72
CA GLU F 193 -44.77 -13.39 -72.32
C GLU F 193 -46.07 -14.19 -72.25
N LYS F 194 -45.97 -15.47 -72.63
CA LYS F 194 -47.12 -16.41 -72.70
C LYS F 194 -46.99 -17.56 -71.70
N PRO F 195 -47.35 -17.38 -70.41
CA PRO F 195 -47.39 -18.47 -69.45
C PRO F 195 -48.17 -19.70 -69.91
N LEU F 196 -47.52 -20.87 -69.86
CA LEU F 196 -48.09 -22.14 -70.32
C LEU F 196 -48.69 -22.99 -69.18
N TYR F 197 -48.32 -22.68 -67.92
CA TYR F 197 -48.80 -23.42 -66.76
C TYR F 197 -48.74 -22.61 -65.45
N GLY F 198 -49.12 -21.33 -65.54
CA GLY F 198 -49.31 -20.49 -64.38
C GLY F 198 -48.03 -19.73 -64.02
N PRO F 199 -48.02 -19.04 -62.85
CA PRO F 199 -46.83 -18.31 -62.39
C PRO F 199 -45.52 -19.12 -62.22
N ASN F 200 -45.61 -20.45 -62.07
CA ASN F 200 -44.40 -21.27 -61.91
C ASN F 200 -43.57 -21.35 -63.19
N HIS F 201 -44.23 -21.14 -64.33
CA HIS F 201 -43.51 -21.05 -65.60
C HIS F 201 -42.63 -19.82 -65.61
N ARG F 202 -41.32 -20.04 -65.71
CA ARG F 202 -40.32 -18.98 -65.75
C ARG F 202 -39.32 -19.22 -66.84
N CYS F 203 -38.44 -18.24 -67.06
CA CYS F 203 -37.49 -18.21 -68.17
C CYS F 203 -36.13 -17.77 -67.70
N ILE F 204 -35.10 -18.23 -68.40
CA ILE F 204 -33.75 -17.67 -68.30
C ILE F 204 -33.50 -16.80 -69.52
N LYS F 205 -33.09 -15.56 -69.27
CA LYS F 205 -32.87 -14.55 -70.28
C LYS F 205 -31.44 -14.06 -70.16
N ILE F 206 -30.81 -13.82 -71.31
CA ILE F 206 -29.46 -13.28 -71.36
C ILE F 206 -29.43 -11.93 -72.10
N TRP F 207 -28.52 -11.05 -71.67
CA TRP F 207 -28.30 -9.73 -72.25
C TRP F 207 -26.81 -9.52 -72.40
N GLU F 208 -26.41 -8.81 -73.46
CA GLU F 208 -25.07 -8.25 -73.55
C GLU F 208 -25.02 -7.09 -72.56
N TYR F 209 -23.85 -6.88 -71.94
CA TYR F 209 -23.66 -5.90 -70.87
C TYR F 209 -22.60 -4.91 -71.29
N ASP F 210 -22.86 -3.63 -71.01
CA ASP F 210 -21.96 -2.54 -71.33
C ASP F 210 -21.15 -2.19 -70.09
N LEU F 211 -19.85 -2.46 -70.15
CA LEU F 211 -18.94 -2.30 -69.01
C LEU F 211 -18.75 -0.84 -68.65
N GLU F 212 -18.68 0.04 -69.67
CA GLU F 212 -18.54 1.47 -69.46
C GLU F 212 -19.73 2.03 -68.71
N LYS F 213 -20.95 1.74 -69.20
CA LYS F 213 -22.19 2.29 -68.66
C LYS F 213 -22.81 1.49 -67.51
N ASP F 214 -22.36 0.26 -67.31
CA ASP F 214 -22.93 -0.65 -66.31
C ASP F 214 -24.44 -0.73 -66.50
N GLN F 215 -24.84 -1.18 -67.71
CA GLN F 215 -26.22 -1.30 -68.12
C GLN F 215 -26.28 -2.29 -69.27
N ILE F 216 -27.40 -3.04 -69.36
CA ILE F 216 -27.64 -3.95 -70.47
C ILE F 216 -27.78 -3.14 -71.76
N ILE F 217 -27.42 -3.76 -72.91
CA ILE F 217 -27.60 -3.16 -74.22
C ILE F 217 -28.98 -3.55 -74.73
N PRO F 218 -29.90 -2.58 -74.94
CA PRO F 218 -31.23 -2.86 -75.50
C PRO F 218 -31.18 -3.59 -76.85
N LYS F 222 -32.33 -12.29 -75.17
CA LYS F 222 -32.81 -13.53 -75.75
C LYS F 222 -33.12 -14.52 -74.64
N VAL F 223 -34.25 -15.24 -74.79
CA VAL F 223 -34.59 -16.33 -73.89
C VAL F 223 -33.75 -17.54 -74.30
N ILE F 224 -32.92 -18.02 -73.37
CA ILE F 224 -32.03 -19.17 -73.60
C ILE F 224 -32.51 -20.47 -72.95
N VAL F 225 -33.36 -20.36 -71.91
CA VAL F 225 -34.10 -21.50 -71.40
C VAL F 225 -35.54 -21.08 -71.13
N ASN F 226 -36.49 -21.90 -71.59
CA ASN F 226 -37.90 -21.69 -71.33
C ASN F 226 -38.49 -22.79 -70.43
N GLY F 227 -38.80 -22.42 -69.19
CA GLY F 227 -39.39 -23.33 -68.22
C GLY F 227 -38.39 -24.08 -67.36
N GLY F 228 -37.53 -24.87 -68.01
CA GLY F 228 -36.53 -25.70 -67.36
C GLY F 228 -35.89 -26.72 -68.31
N THR F 229 -35.33 -27.80 -67.73
CA THR F 229 -34.68 -28.87 -68.51
C THR F 229 -35.65 -29.62 -69.44
N ASP F 230 -36.93 -29.70 -69.04
CA ASP F 230 -37.97 -30.31 -69.86
C ASP F 230 -39.33 -29.65 -69.58
N ILE F 231 -39.78 -28.81 -70.51
CA ILE F 231 -40.96 -27.97 -70.35
C ILE F 231 -42.25 -28.78 -70.17
N GLU F 232 -42.34 -29.94 -70.83
CA GLU F 232 -43.47 -30.85 -70.69
C GLU F 232 -43.75 -31.24 -69.23
N LYS F 233 -42.71 -31.25 -68.39
CA LYS F 233 -42.82 -31.57 -66.96
C LYS F 233 -43.28 -30.38 -66.09
N LYS F 234 -43.52 -29.22 -66.70
CA LYS F 234 -43.92 -27.99 -66.00
C LYS F 234 -42.93 -27.61 -64.91
N PRO F 235 -41.62 -27.48 -65.24
CA PRO F 235 -40.61 -27.14 -64.25
C PRO F 235 -40.90 -25.84 -63.51
N VAL F 236 -40.85 -25.90 -62.18
CA VAL F 236 -41.18 -24.77 -61.32
C VAL F 236 -39.97 -23.83 -61.17
N TRP F 237 -40.21 -22.53 -61.40
CA TRP F 237 -39.29 -21.44 -61.08
C TRP F 237 -37.80 -21.67 -61.35
N ILE F 238 -37.46 -22.04 -62.58
CA ILE F 238 -36.07 -22.06 -62.99
C ILE F 238 -35.47 -20.69 -62.74
N GLU F 239 -34.32 -20.68 -62.04
CA GLU F 239 -33.71 -19.46 -61.55
C GLU F 239 -32.24 -19.68 -61.20
N GLY F 240 -31.67 -18.76 -60.41
CA GLY F 240 -30.26 -18.76 -60.07
C GLY F 240 -29.31 -19.06 -61.22
N PRO F 241 -29.51 -18.47 -62.42
CA PRO F 241 -28.66 -18.82 -63.56
C PRO F 241 -27.21 -18.33 -63.38
N HIS F 242 -26.22 -19.19 -63.66
CA HIS F 242 -24.81 -18.82 -63.73
C HIS F 242 -24.17 -19.35 -65.01
N ILE F 243 -23.39 -18.49 -65.68
CA ILE F 243 -22.61 -18.88 -66.84
C ILE F 243 -21.17 -19.14 -66.42
N TYR F 244 -20.62 -20.26 -66.92
CA TYR F 244 -19.21 -20.56 -66.82
C TYR F 244 -18.74 -21.02 -68.19
N LYS F 245 -17.44 -20.84 -68.43
CA LYS F 245 -16.73 -21.47 -69.53
C LYS F 245 -15.60 -22.34 -69.00
N ASN F 247 -12.99 -25.36 -72.11
CA ASN F 247 -12.65 -25.90 -73.42
C ASN F 247 -13.47 -25.26 -74.55
N GLY F 248 -13.71 -23.95 -74.45
CA GLY F 248 -14.52 -23.22 -75.42
C GLY F 248 -16.03 -23.43 -75.35
N THR F 249 -16.49 -24.23 -74.37
CA THR F 249 -17.92 -24.51 -74.19
C THR F 249 -18.52 -23.63 -73.09
N TYR F 250 -19.75 -23.13 -73.34
CA TYR F 250 -20.50 -22.33 -72.38
C TYR F 250 -21.41 -23.23 -71.57
N TYR F 251 -21.54 -22.91 -70.27
CA TYR F 251 -22.33 -23.69 -69.34
C TYR F 251 -23.28 -22.77 -68.60
N LEU F 252 -24.55 -23.17 -68.55
CA LEU F 252 -25.57 -22.49 -67.78
C LEU F 252 -26.02 -23.44 -66.68
N MSE F 253 -25.83 -23.01 -65.43
CA MSE F 253 -26.30 -23.77 -64.28
C MSE F 253 -27.42 -22.99 -63.60
O MSE F 253 -27.27 -21.80 -63.33
CB MSE F 253 -25.16 -24.05 -63.30
CG MSE F 253 -25.48 -25.09 -62.26
SE MSE F 253 -23.97 -25.36 -61.04
CE MSE F 253 -22.91 -26.67 -62.05
N CYS F 254 -28.55 -23.66 -63.34
CA CYS F 254 -29.71 -23.04 -62.75
C CYS F 254 -30.29 -23.87 -61.63
N ALA F 255 -30.93 -23.20 -60.67
CA ALA F 255 -31.82 -23.85 -59.72
C ALA F 255 -33.15 -24.10 -60.42
N GLU F 256 -33.81 -25.22 -60.08
CA GLU F 256 -35.12 -25.61 -60.66
C GLU F 256 -35.94 -26.35 -59.62
N GLY F 257 -37.26 -26.11 -59.63
CA GLY F 257 -38.17 -26.52 -58.57
C GLY F 257 -38.43 -25.24 -57.80
N GLY F 258 -38.96 -25.32 -56.58
CA GLY F 258 -38.97 -24.15 -55.70
C GLY F 258 -37.68 -24.13 -54.88
N THR F 259 -37.52 -23.09 -54.07
CA THR F 259 -36.56 -23.14 -52.96
C THR F 259 -37.08 -23.94 -51.74
N GLY F 260 -38.16 -24.69 -51.96
CA GLY F 260 -38.72 -25.64 -51.02
C GLY F 260 -38.45 -27.09 -51.41
N ASP F 261 -39.50 -27.91 -51.23
CA ASP F 261 -39.46 -29.36 -51.37
C ASP F 261 -38.89 -29.94 -52.64
N TRP F 262 -39.02 -29.21 -53.74
CA TRP F 262 -38.62 -29.72 -55.05
C TRP F 262 -37.33 -29.07 -55.56
N HIS F 263 -36.56 -28.46 -54.64
CA HIS F 263 -35.34 -27.74 -55.01
C HIS F 263 -34.34 -28.69 -55.65
N SER F 264 -33.55 -28.17 -56.59
CA SER F 264 -32.53 -28.93 -57.29
C SER F 264 -31.66 -27.97 -58.08
N GLU F 265 -30.59 -28.48 -58.66
CA GLU F 265 -29.75 -27.74 -59.58
C GLU F 265 -29.58 -28.56 -60.84
N VAL F 266 -29.69 -27.88 -61.98
CA VAL F 266 -29.63 -28.49 -63.29
C VAL F 266 -28.54 -27.79 -64.09
N ILE F 267 -28.13 -28.40 -65.19
CA ILE F 267 -26.99 -27.93 -65.98
C ILE F 267 -27.25 -28.07 -67.48
N PHE F 268 -26.88 -27.01 -68.22
CA PHE F 268 -27.04 -26.89 -69.67
C PHE F 268 -25.69 -26.52 -70.25
N LYS F 269 -25.46 -26.87 -71.52
CA LYS F 269 -24.29 -26.39 -72.26
C LYS F 269 -24.61 -25.89 -73.67
N ALA F 270 -23.73 -25.05 -74.21
CA ALA F 270 -23.85 -24.49 -75.57
C ALA F 270 -22.49 -24.18 -76.17
N ASP F 271 -22.44 -24.13 -77.51
CA ASP F 271 -21.21 -23.80 -78.24
C ASP F 271 -20.99 -22.29 -78.42
N ASN F 272 -22.02 -21.51 -78.03
CA ASN F 272 -22.04 -20.06 -78.17
C ASN F 272 -22.81 -19.38 -77.03
N ILE F 273 -22.40 -18.16 -76.64
CA ILE F 273 -22.98 -17.48 -75.49
C ILE F 273 -24.51 -17.39 -75.56
N TYR F 274 -25.03 -17.10 -76.76
CA TYR F 274 -26.47 -17.05 -77.05
C TYR F 274 -26.97 -18.40 -77.53
N GLY F 275 -26.02 -19.29 -77.85
CA GLY F 275 -26.24 -20.47 -78.67
C GLY F 275 -27.29 -21.31 -77.97
N PRO F 276 -27.95 -22.27 -78.65
CA PRO F 276 -28.95 -23.10 -78.00
C PRO F 276 -28.31 -23.84 -76.82
N TYR F 277 -28.91 -23.73 -75.64
CA TYR F 277 -28.44 -24.40 -74.45
C TYR F 277 -29.24 -25.68 -74.29
N GLU F 278 -28.55 -26.83 -74.33
CA GLU F 278 -29.19 -28.14 -74.15
C GLU F 278 -28.89 -28.71 -72.77
N PRO F 279 -29.87 -29.33 -72.09
CA PRO F 279 -29.65 -29.95 -70.79
C PRO F 279 -28.90 -31.27 -70.90
N TRP F 280 -27.95 -31.51 -69.99
CA TRP F 280 -27.35 -32.83 -69.82
C TRP F 280 -28.50 -33.81 -69.59
N ASN F 281 -28.51 -34.91 -70.35
CA ASN F 281 -29.48 -35.97 -70.11
C ASN F 281 -29.54 -36.31 -68.62
N ASN F 282 -28.39 -36.29 -67.94
CA ASN F 282 -28.30 -36.47 -66.50
C ASN F 282 -28.66 -35.16 -65.82
N ASN F 283 -29.89 -35.10 -65.33
CA ASN F 283 -30.35 -33.96 -64.56
C ASN F 283 -31.46 -34.39 -63.63
N PRO F 284 -31.58 -33.84 -62.40
CA PRO F 284 -30.65 -32.82 -61.91
C PRO F 284 -29.28 -33.37 -61.44
N ILE F 285 -28.36 -32.47 -61.11
CA ILE F 285 -27.02 -32.82 -60.60
C ILE F 285 -26.84 -32.56 -59.09
N LEU F 286 -27.87 -32.01 -58.44
CA LEU F 286 -27.87 -31.75 -57.01
C LEU F 286 -29.32 -31.67 -56.53
N THR F 287 -29.70 -32.56 -55.61
CA THR F 287 -31.01 -32.48 -54.97
C THR F 287 -31.11 -33.42 -53.78
N GLN F 288 -32.08 -33.15 -52.90
CA GLN F 288 -32.48 -34.07 -51.84
C GLN F 288 -33.98 -34.44 -51.95
N ARG F 289 -34.64 -34.00 -53.02
CA ARG F 289 -36.11 -33.96 -53.10
C ARG F 289 -36.79 -35.34 -53.10
N HIS F 290 -36.08 -36.37 -53.56
CA HIS F 290 -36.62 -37.73 -53.59
C HIS F 290 -36.46 -38.53 -52.28
N PHE F 291 -36.21 -37.84 -51.16
CA PHE F 291 -36.12 -38.45 -49.82
C PHE F 291 -37.26 -37.91 -48.93
N LEU F 292 -37.94 -38.81 -48.20
CA LEU F 292 -39.10 -38.43 -47.34
C LEU F 292 -38.74 -38.34 -45.86
N ALA F 299 -31.04 -32.55 -44.06
CA ALA F 299 -31.12 -31.55 -45.13
C ALA F 299 -32.07 -31.97 -46.24
N ASP F 300 -32.62 -30.98 -46.97
CA ASP F 300 -33.83 -31.19 -47.79
C ASP F 300 -33.85 -30.40 -49.11
N TRP F 301 -33.99 -29.08 -49.02
CA TRP F 301 -34.33 -28.14 -50.11
C TRP F 301 -33.04 -27.68 -50.82
N ALA F 302 -32.29 -28.65 -51.34
CA ALA F 302 -30.96 -28.41 -51.87
C ALA F 302 -31.02 -27.86 -53.29
N GLY F 303 -30.44 -26.67 -53.48
CA GLY F 303 -30.27 -26.06 -54.78
C GLY F 303 -29.67 -24.66 -54.67
N HIS F 304 -29.79 -23.90 -55.76
CA HIS F 304 -29.24 -22.55 -55.90
C HIS F 304 -27.73 -22.52 -55.62
N ALA F 305 -27.00 -23.23 -56.49
CA ALA F 305 -25.58 -23.43 -56.34
C ALA F 305 -24.77 -22.41 -57.14
N ASP F 306 -23.48 -22.35 -56.83
CA ASP F 306 -22.52 -21.58 -57.59
C ASP F 306 -21.15 -22.27 -57.45
N LEU F 307 -20.43 -22.38 -58.56
CA LEU F 307 -19.16 -23.10 -58.63
C LEU F 307 -17.95 -22.16 -58.58
N VAL F 308 -16.83 -22.66 -58.04
CA VAL F 308 -15.56 -21.97 -58.05
C VAL F 308 -14.42 -22.96 -58.17
N TYR F 315 -12.69 -28.20 -58.35
CA TYR F 315 -13.86 -27.35 -58.17
C TYR F 315 -14.67 -27.66 -56.91
N TYR F 316 -15.20 -26.62 -56.27
CA TYR F 316 -16.07 -26.83 -55.07
C TYR F 316 -17.34 -26.02 -55.28
N GLY F 317 -18.49 -26.70 -55.30
CA GLY F 317 -19.78 -26.03 -55.50
C GLY F 317 -20.42 -25.63 -54.19
N VAL F 318 -21.19 -24.55 -54.18
CA VAL F 318 -21.86 -24.09 -52.94
C VAL F 318 -23.37 -24.02 -53.20
N PHE F 319 -24.20 -24.36 -52.21
CA PHE F 319 -25.66 -24.35 -52.41
C PHE F 319 -26.37 -24.15 -51.06
N LEU F 320 -27.67 -23.90 -51.11
CA LEU F 320 -28.51 -23.67 -49.95
C LEU F 320 -29.26 -24.93 -49.63
N GLY F 321 -29.60 -25.08 -48.36
CA GLY F 321 -30.37 -26.20 -47.85
C GLY F 321 -30.89 -25.82 -46.48
N ILE F 322 -31.55 -26.76 -45.81
CA ILE F 322 -32.56 -26.44 -44.81
C ILE F 322 -32.42 -26.96 -43.39
N ARG F 323 -31.91 -28.19 -43.27
CA ARG F 323 -31.85 -29.01 -42.02
C ARG F 323 -33.06 -28.97 -41.07
N PRO F 324 -34.14 -29.71 -41.40
CA PRO F 324 -35.39 -29.61 -40.62
C PRO F 324 -35.33 -30.33 -39.26
N ASN F 325 -36.28 -30.00 -38.37
CA ASN F 325 -36.44 -30.68 -37.10
C ASN F 325 -37.29 -31.95 -37.28
N SER F 326 -37.63 -32.62 -36.18
CA SER F 326 -38.35 -33.91 -36.22
C SER F 326 -39.74 -33.83 -36.87
N LYS F 327 -40.33 -32.63 -36.92
CA LYS F 327 -41.63 -32.39 -37.54
C LYS F 327 -41.54 -31.79 -38.95
N GLY F 328 -40.32 -31.68 -39.48
CA GLY F 328 -40.07 -31.13 -40.80
C GLY F 328 -39.95 -29.60 -40.87
N ASN F 329 -40.09 -28.92 -39.72
CA ASN F 329 -40.02 -27.47 -39.66
C ASN F 329 -38.59 -26.95 -39.67
N VAL F 330 -38.42 -25.70 -40.13
CA VAL F 330 -37.13 -25.02 -40.22
C VAL F 330 -37.23 -23.63 -39.60
N ASN F 331 -36.56 -23.45 -38.46
CA ASN F 331 -36.42 -22.16 -37.79
C ASN F 331 -35.05 -21.54 -38.05
N THR F 332 -34.19 -22.29 -38.74
CA THR F 332 -32.81 -21.91 -38.99
C THR F 332 -32.58 -21.28 -40.37
N GLY F 333 -33.67 -21.16 -41.16
CA GLY F 333 -33.59 -20.59 -42.48
C GLY F 333 -32.84 -21.50 -43.40
N ARG F 334 -32.50 -20.98 -44.58
CA ARG F 334 -31.73 -21.71 -45.58
C ARG F 334 -30.24 -21.37 -45.39
N GLU F 335 -29.41 -22.42 -45.35
CA GLU F 335 -28.00 -22.30 -44.95
C GLU F 335 -27.10 -22.59 -46.14
N THR F 336 -25.83 -22.20 -45.98
CA THR F 336 -24.77 -22.38 -47.00
C THR F 336 -24.06 -23.71 -46.82
N PHE F 337 -24.39 -24.67 -47.69
CA PHE F 337 -23.78 -26.01 -47.73
C PHE F 337 -22.68 -26.00 -48.80
N MSE F 338 -21.75 -26.95 -48.75
CA MSE F 338 -20.66 -26.98 -49.75
C MSE F 338 -20.13 -28.40 -49.93
O MSE F 338 -19.51 -28.91 -49.02
CB MSE F 338 -19.52 -26.07 -49.31
CG MSE F 338 -18.69 -25.56 -50.45
SE MSE F 338 -16.79 -25.36 -50.06
CE MSE F 338 -16.43 -23.46 -49.93
N LEU F 339 -20.41 -29.01 -51.08
CA LEU F 339 -19.89 -30.35 -51.47
C LEU F 339 -18.82 -30.12 -52.55
N PRO F 340 -17.73 -31.10 -52.90
CA PRO F 340 -16.69 -31.12 -53.91
C PRO F 340 -17.36 -31.33 -55.27
N VAL F 341 -16.79 -30.73 -56.31
CA VAL F 341 -17.35 -30.88 -57.64
C VAL F 341 -16.25 -31.39 -58.56
N ASP F 342 -16.49 -32.56 -59.17
CA ASP F 342 -15.63 -33.11 -60.19
C ASP F 342 -16.06 -32.53 -61.54
N TRP F 343 -15.14 -31.85 -62.22
CA TRP F 343 -15.37 -31.32 -63.55
C TRP F 343 -14.24 -31.70 -64.50
N SER F 344 -13.79 -32.96 -64.40
CA SER F 344 -12.75 -33.51 -65.24
C SER F 344 -13.26 -33.93 -66.62
N GLY F 345 -14.60 -33.99 -66.77
CA GLY F 345 -15.26 -34.32 -68.02
C GLY F 345 -16.13 -33.16 -68.52
N THR F 346 -16.99 -33.46 -69.49
CA THR F 346 -17.90 -32.49 -70.09
C THR F 346 -18.72 -31.71 -69.05
N TRP F 347 -19.30 -32.43 -68.08
CA TRP F 347 -20.24 -31.88 -67.12
C TRP F 347 -19.79 -31.89 -65.66
N PRO F 348 -20.22 -30.90 -64.84
CA PRO F 348 -19.91 -30.89 -63.41
C PRO F 348 -20.77 -31.88 -62.63
N VAL F 349 -20.12 -32.64 -61.73
CA VAL F 349 -20.82 -33.64 -60.92
C VAL F 349 -21.59 -33.27 -59.60
N PHE F 350 -20.93 -32.71 -58.59
CA PHE F 350 -21.43 -32.57 -57.25
C PHE F 350 -21.30 -33.90 -56.54
N GLU F 351 -20.13 -34.09 -55.93
CA GLU F 351 -19.78 -35.37 -55.31
C GLU F 351 -20.72 -35.68 -54.15
N ASN F 352 -21.45 -36.79 -54.28
CA ASN F 352 -22.55 -37.16 -53.41
C ASN F 352 -23.68 -36.12 -53.33
N GLY F 353 -23.85 -35.36 -54.41
CA GLY F 353 -24.90 -34.35 -54.53
C GLY F 353 -26.32 -34.92 -54.68
N LEU F 354 -26.40 -36.22 -54.97
CA LEU F 354 -27.67 -36.93 -55.19
C LEU F 354 -27.97 -38.06 -54.16
N VAL F 355 -27.15 -38.19 -53.12
CA VAL F 355 -27.43 -39.09 -52.00
C VAL F 355 -27.65 -38.25 -50.74
N PRO F 356 -28.30 -38.77 -49.67
CA PRO F 356 -28.54 -37.96 -48.46
C PRO F 356 -27.26 -37.33 -47.90
N LEU F 357 -27.29 -36.01 -47.70
CA LEU F 357 -26.12 -35.30 -47.19
C LEU F 357 -25.85 -35.71 -45.76
N SER F 358 -24.58 -35.67 -45.35
CA SER F 358 -24.17 -36.17 -44.01
C SER F 358 -23.57 -35.39 -42.84
N ILE F 359 -23.46 -34.07 -42.90
CA ILE F 359 -22.85 -33.20 -41.95
C ILE F 359 -21.32 -33.12 -42.01
N LYS F 360 -20.60 -34.21 -42.31
CA LYS F 360 -19.11 -34.15 -42.32
C LYS F 360 -18.62 -34.38 -43.74
N GLN F 361 -17.50 -33.77 -44.13
CA GLN F 361 -17.08 -33.90 -45.54
C GLN F 361 -15.59 -34.15 -45.75
N LYS F 362 -14.73 -33.72 -44.81
CA LYS F 362 -13.23 -33.81 -44.85
C LYS F 362 -12.61 -32.74 -45.78
N MSE F 363 -11.59 -32.03 -45.31
CA MSE F 363 -10.91 -30.93 -46.05
C MSE F 363 -10.00 -31.45 -47.18
O MSE F 363 -9.83 -32.66 -47.35
CB MSE F 363 -10.04 -30.12 -45.09
CG MSE F 363 -10.74 -28.94 -44.43
SE MSE F 363 -10.60 -29.01 -42.49
CE MSE F 363 -9.81 -27.43 -41.68
N PRO F 364 -9.39 -30.56 -47.99
CA PRO F 364 -8.52 -30.97 -49.08
C PRO F 364 -7.16 -31.45 -48.55
N LYS F 373 -12.72 -18.66 -32.77
CA LYS F 373 -11.92 -19.53 -33.63
C LYS F 373 -10.80 -18.73 -34.29
N ASP F 374 -10.11 -17.89 -33.49
CA ASP F 374 -9.11 -16.93 -33.98
C ASP F 374 -9.64 -16.01 -35.10
N GLY F 375 -10.73 -15.28 -34.81
CA GLY F 375 -11.33 -14.42 -35.79
C GLY F 375 -12.15 -15.10 -36.87
N PHE F 376 -12.05 -16.42 -36.99
CA PHE F 376 -12.81 -17.18 -37.99
C PHE F 376 -14.24 -17.41 -37.56
N PHE F 377 -15.15 -17.46 -38.54
CA PHE F 377 -16.56 -17.70 -38.36
C PHE F 377 -16.75 -19.08 -37.73
N PRO F 378 -17.66 -19.23 -36.73
CA PRO F 378 -17.82 -20.49 -36.03
C PRO F 378 -18.56 -21.54 -36.86
N ASN F 379 -18.56 -22.78 -36.35
CA ASN F 379 -19.40 -23.86 -36.86
C ASN F 379 -19.56 -24.90 -35.74
N GLY F 380 -20.27 -26.00 -36.03
CA GLY F 380 -20.61 -26.98 -35.03
C GLY F 380 -21.39 -26.35 -33.88
N ASN F 381 -21.17 -26.85 -32.66
CA ASN F 381 -21.74 -26.28 -31.44
C ASN F 381 -20.71 -25.40 -30.75
N PHE F 382 -21.13 -24.20 -30.35
CA PHE F 382 -20.24 -23.18 -29.82
C PHE F 382 -21.04 -22.15 -29.02
N THR F 383 -20.32 -21.23 -28.38
CA THR F 383 -20.91 -20.15 -27.60
C THR F 383 -20.31 -18.84 -28.04
N TYR F 384 -21.18 -17.86 -28.31
CA TYR F 384 -20.80 -16.49 -28.61
C TYR F 384 -21.33 -15.58 -27.51
N SER F 385 -20.40 -15.04 -26.71
CA SER F 385 -20.70 -14.05 -25.69
C SER F 385 -20.15 -12.70 -26.14
N GLU F 386 -21.04 -11.72 -26.25
CA GLU F 386 -20.72 -10.40 -26.73
C GLU F 386 -21.08 -9.42 -25.62
N ASP F 387 -20.13 -8.54 -25.29
CA ASP F 387 -20.30 -7.50 -24.27
C ASP F 387 -20.46 -6.09 -24.81
N PHE F 388 -20.37 -5.94 -26.14
CA PHE F 388 -20.54 -4.66 -26.84
C PHE F 388 -19.71 -3.52 -26.25
N LYS F 389 -18.45 -3.83 -25.94
CA LYS F 389 -17.48 -2.86 -25.42
C LYS F 389 -16.71 -2.08 -26.51
N SER F 390 -17.24 -2.09 -27.75
CA SER F 390 -16.57 -1.51 -28.90
C SER F 390 -17.56 -1.01 -29.93
N GLU F 391 -17.33 0.21 -30.42
CA GLU F 391 -18.23 0.89 -31.36
C GLU F 391 -18.34 0.16 -32.69
N ASN F 392 -17.30 -0.61 -33.02
CA ASN F 392 -17.30 -1.53 -34.16
C ASN F 392 -17.97 -2.84 -33.76
N ILE F 393 -19.30 -2.87 -33.88
CA ILE F 393 -20.09 -4.02 -33.49
C ILE F 393 -19.86 -5.14 -34.51
N ASP F 394 -19.80 -6.38 -34.01
CA ASP F 394 -19.56 -7.56 -34.82
C ASP F 394 -20.58 -7.63 -35.96
N TYR F 395 -20.09 -7.99 -37.16
CA TYR F 395 -20.87 -8.02 -38.40
C TYR F 395 -22.00 -9.07 -38.47
N ARG F 396 -22.18 -9.86 -37.41
CA ARG F 396 -23.28 -10.83 -37.29
C ARG F 396 -24.60 -10.18 -36.86
N TRP F 397 -24.50 -8.98 -36.27
CA TRP F 397 -25.65 -8.30 -35.69
C TRP F 397 -26.37 -7.47 -36.74
N VAL F 398 -27.68 -7.73 -36.87
CA VAL F 398 -28.54 -7.07 -37.83
C VAL F 398 -29.72 -6.40 -37.13
N ALA F 399 -30.27 -5.38 -37.80
CA ALA F 399 -31.52 -4.74 -37.41
C ALA F 399 -32.54 -5.03 -38.52
N MSE F 400 -33.82 -4.96 -38.16
CA MSE F 400 -34.90 -5.16 -39.11
C MSE F 400 -35.33 -3.80 -39.68
O MSE F 400 -35.67 -2.90 -38.91
CB MSE F 400 -36.10 -5.85 -38.46
CG MSE F 400 -35.86 -7.29 -38.07
SE MSE F 400 -35.56 -8.41 -39.65
CE MSE F 400 -36.93 -7.92 -40.95
N ARG F 401 -35.36 -3.69 -41.01
CA ARG F 401 -35.92 -2.52 -41.74
C ARG F 401 -35.23 -1.16 -41.45
N GLY F 402 -33.96 -1.16 -41.06
CA GLY F 402 -33.23 0.09 -40.90
C GLY F 402 -31.90 -0.08 -40.19
N PRO F 403 -31.07 0.99 -40.10
CA PRO F 403 -29.80 0.92 -39.41
C PRO F 403 -29.94 0.99 -37.87
N LYS F 404 -29.08 0.26 -37.17
CA LYS F 404 -28.97 0.26 -35.72
C LYS F 404 -28.52 1.62 -35.17
N GLU F 405 -27.81 2.37 -36.01
CA GLU F 405 -27.33 3.72 -35.71
C GLU F 405 -28.46 4.69 -35.33
N ASN F 406 -29.68 4.44 -35.81
CA ASN F 406 -30.85 5.23 -35.48
C ASN F 406 -31.39 5.03 -34.06
N PHE F 407 -30.89 4.01 -33.35
CA PHE F 407 -31.37 3.69 -32.00
C PHE F 407 -30.39 3.08 -31.00
N GLY F 415 -22.12 -3.09 -23.94
CA GLY F 415 -23.02 -2.04 -23.55
C GLY F 415 -23.88 -1.38 -24.62
N LEU F 416 -24.93 -2.08 -25.06
CA LEU F 416 -25.89 -1.59 -26.03
C LEU F 416 -26.92 -0.66 -25.40
N GLN F 417 -26.63 0.64 -25.54
CA GLN F 417 -27.55 1.74 -25.36
C GLN F 417 -28.56 1.75 -26.50
N MSE F 418 -29.82 1.41 -26.22
CA MSE F 418 -30.81 1.53 -27.28
C MSE F 418 -32.04 2.27 -26.77
O MSE F 418 -32.57 2.01 -25.70
CB MSE F 418 -31.10 0.19 -28.00
CG MSE F 418 -31.87 -0.83 -27.25
SE MSE F 418 -31.95 -2.38 -28.44
CE MSE F 418 -30.28 -3.41 -28.28
N THR F 419 -32.48 3.23 -27.59
CA THR F 419 -33.62 4.10 -27.33
C THR F 419 -34.76 3.61 -28.23
N ALA F 420 -35.97 3.63 -27.67
CA ALA F 420 -37.08 3.08 -28.45
C ALA F 420 -37.49 4.01 -29.58
N LEU F 421 -37.67 3.41 -30.75
CA LEU F 421 -38.34 4.01 -31.90
C LEU F 421 -39.85 3.97 -31.69
N ASP F 422 -40.58 4.63 -32.58
CA ASP F 422 -42.03 4.77 -32.47
C ASP F 422 -42.77 3.44 -32.68
N ALA F 423 -42.27 2.66 -33.64
CA ALA F 423 -42.91 1.40 -34.11
C ALA F 423 -42.90 0.29 -33.05
N ASN F 424 -43.96 -0.53 -33.06
CA ASN F 424 -44.02 -1.72 -32.17
C ASN F 424 -43.59 -2.94 -32.99
N ILE F 425 -43.43 -4.08 -32.34
CA ILE F 425 -42.88 -5.29 -33.02
C ILE F 425 -43.76 -5.74 -34.19
N THR F 426 -45.06 -5.43 -34.17
CA THR F 426 -45.94 -6.04 -35.15
C THR F 426 -46.04 -5.26 -36.46
N GLU F 427 -45.31 -4.14 -36.56
CA GLU F 427 -45.43 -3.20 -37.66
C GLU F 427 -44.38 -3.44 -38.73
N VAL F 428 -44.74 -3.14 -39.99
CA VAL F 428 -43.79 -3.21 -41.13
C VAL F 428 -43.07 -1.86 -41.13
N GLN F 429 -42.17 -1.65 -40.17
CA GLN F 429 -41.48 -0.39 -39.89
C GLN F 429 -40.15 -0.78 -39.25
N PRO F 430 -39.15 0.14 -39.17
CA PRO F 430 -37.94 -0.14 -38.40
C PRO F 430 -38.28 -0.22 -36.91
N ILE F 431 -37.71 -1.23 -36.25
CA ILE F 431 -37.89 -1.43 -34.78
C ILE F 431 -36.52 -1.30 -34.12
N SER F 432 -36.52 -0.89 -32.86
CA SER F 432 -35.30 -0.72 -32.08
C SER F 432 -34.95 -2.04 -31.41
N ALA F 433 -34.32 -2.93 -32.19
CA ALA F 433 -33.89 -4.24 -31.75
C ALA F 433 -32.66 -4.69 -32.55
N LEU F 434 -31.71 -5.37 -31.89
CA LEU F 434 -30.53 -5.91 -32.54
C LEU F 434 -30.60 -7.44 -32.46
N PHE F 435 -30.34 -8.09 -33.60
CA PHE F 435 -30.67 -9.50 -33.79
C PHE F 435 -29.48 -10.35 -34.23
N HIS F 436 -29.50 -11.61 -33.80
CA HIS F 436 -28.54 -12.64 -34.14
C HIS F 436 -29.36 -13.76 -34.75
N ARG F 437 -28.89 -14.28 -35.89
CA ARG F 437 -29.56 -15.38 -36.57
C ARG F 437 -29.58 -16.62 -35.68
N GLN F 438 -30.71 -17.35 -35.71
CA GLN F 438 -30.81 -18.66 -35.12
C GLN F 438 -30.01 -19.63 -35.99
N GLN F 439 -28.85 -20.06 -35.48
CA GLN F 439 -27.92 -20.91 -36.23
C GLN F 439 -28.10 -22.39 -35.97
N HIS F 440 -28.99 -22.73 -35.03
CA HIS F 440 -29.20 -24.10 -34.58
C HIS F 440 -30.68 -24.36 -34.30
N ILE F 441 -31.08 -25.63 -34.41
CA ILE F 441 -32.42 -26.08 -34.07
C ILE F 441 -32.57 -26.03 -32.55
N LYS F 442 -31.54 -26.50 -31.85
CA LYS F 442 -31.47 -26.45 -30.39
C LYS F 442 -30.48 -25.39 -29.95
N TYR F 443 -30.97 -24.37 -29.24
CA TYR F 443 -30.10 -23.33 -28.71
C TYR F 443 -30.60 -22.79 -27.38
N THR F 444 -29.71 -22.05 -26.71
CA THR F 444 -29.94 -21.43 -25.44
C THR F 444 -29.24 -20.10 -25.53
N ALA F 445 -29.94 -19.04 -25.13
CA ALA F 445 -29.41 -17.68 -25.22
C ALA F 445 -29.88 -16.90 -24.02
N GLN F 446 -29.10 -15.88 -23.66
CA GLN F 446 -29.48 -14.97 -22.59
C GLN F 446 -28.90 -13.58 -22.80
N THR F 447 -29.57 -12.58 -22.23
CA THR F 447 -29.12 -11.20 -22.26
C THR F 447 -29.24 -10.60 -20.87
N THR F 448 -28.34 -9.65 -20.57
CA THR F 448 -28.29 -8.98 -19.28
C THR F 448 -28.42 -7.49 -19.54
N LEU F 449 -29.37 -6.85 -18.88
CA LEU F 449 -29.57 -5.41 -19.21
C LEU F 449 -29.98 -4.59 -17.98
N SER F 450 -29.96 -3.27 -18.14
CA SER F 450 -30.29 -2.32 -17.03
C SER F 450 -31.58 -1.58 -17.38
N TYR F 451 -32.68 -1.89 -16.71
CA TYR F 451 -33.96 -1.20 -16.97
C TYR F 451 -33.80 0.29 -16.65
N ASN F 452 -34.36 1.17 -17.49
CA ASN F 452 -34.17 2.64 -17.36
C ASN F 452 -34.95 3.24 -16.19
N THR F 453 -36.18 2.79 -15.94
CA THR F 453 -37.06 3.33 -14.87
C THR F 453 -37.42 4.79 -15.15
N LYS F 454 -36.57 5.53 -15.87
CA LYS F 454 -36.87 6.89 -16.23
C LYS F 454 -37.87 6.98 -17.38
N ALA F 455 -37.57 6.30 -18.47
CA ALA F 455 -38.44 6.30 -19.65
C ALA F 455 -39.70 5.47 -19.37
N ALA F 456 -39.51 4.52 -18.44
CA ALA F 456 -40.55 3.56 -18.01
C ALA F 456 -41.10 2.79 -19.22
N GLN F 457 -40.27 2.53 -20.23
CA GLN F 457 -40.70 1.84 -21.47
C GLN F 457 -40.56 0.31 -21.36
N LYS F 458 -40.42 -0.36 -22.49
CA LYS F 458 -40.26 -1.83 -22.49
C LYS F 458 -38.89 -2.19 -23.02
N ALA F 459 -38.21 -3.10 -22.33
CA ALA F 459 -36.87 -3.60 -22.72
C ALA F 459 -36.87 -5.11 -22.50
N GLY F 460 -36.29 -5.86 -23.43
CA GLY F 460 -36.26 -7.30 -23.28
C GLY F 460 -35.63 -8.11 -24.40
N LEU F 461 -36.09 -9.36 -24.49
CA LEU F 461 -35.48 -10.39 -25.31
C LEU F 461 -36.51 -10.89 -26.30
N ILE F 462 -36.08 -11.08 -27.54
CA ILE F 462 -37.05 -11.39 -28.62
C ILE F 462 -36.58 -12.51 -29.55
N CYS F 463 -37.48 -13.46 -29.79
CA CYS F 463 -37.37 -14.47 -30.83
C CYS F 463 -38.35 -14.09 -31.98
N TYR F 464 -37.80 -13.84 -33.17
CA TYR F 464 -38.47 -13.17 -34.27
C TYR F 464 -38.34 -13.93 -35.58
N GLN F 465 -39.47 -14.32 -36.17
CA GLN F 465 -39.54 -14.84 -37.54
C GLN F 465 -40.01 -13.71 -38.46
N ASN F 466 -41.20 -13.16 -38.17
CA ASN F 466 -41.65 -11.90 -38.76
C ASN F 466 -42.48 -11.09 -37.77
N GLU F 467 -42.88 -9.89 -38.20
CA GLU F 467 -43.58 -8.92 -37.36
C GLU F 467 -44.82 -9.49 -36.65
N ALA F 468 -45.40 -10.56 -37.20
CA ALA F 468 -46.60 -11.22 -36.64
C ALA F 468 -46.34 -12.68 -36.24
N CYS F 469 -45.06 -13.05 -36.18
CA CYS F 469 -44.61 -14.37 -35.78
C CYS F 469 -43.38 -14.19 -34.90
N ASN F 470 -43.63 -13.87 -33.62
CA ASN F 470 -42.57 -13.60 -32.67
C ASN F 470 -42.98 -13.85 -31.22
N TYR F 471 -41.96 -14.07 -30.39
CA TYR F 471 -42.07 -14.18 -28.94
C TYR F 471 -41.22 -13.09 -28.31
N VAL F 472 -41.81 -12.40 -27.34
CA VAL F 472 -41.10 -11.26 -26.68
C VAL F 472 -41.33 -11.28 -25.17
N LEU F 473 -40.23 -11.16 -24.43
CA LEU F 473 -40.22 -11.06 -22.98
C LEU F 473 -39.58 -9.73 -22.62
N THR F 474 -40.36 -8.88 -21.95
CA THR F 474 -39.95 -7.51 -21.64
C THR F 474 -40.20 -7.17 -20.17
N VAL F 475 -39.28 -6.35 -19.65
CA VAL F 475 -39.45 -5.75 -18.30
C VAL F 475 -40.23 -4.46 -18.55
N GLN F 476 -41.43 -4.34 -17.98
CA GLN F 476 -42.24 -3.11 -18.19
C GLN F 476 -42.48 -2.41 -16.85
N THR F 477 -43.23 -1.32 -16.85
CA THR F 477 -43.48 -0.61 -15.57
C THR F 477 -44.98 -0.50 -15.30
N GLU F 478 -45.35 -0.56 -14.02
CA GLU F 478 -46.73 -0.34 -13.60
C GLU F 478 -46.68 0.22 -12.18
N GLY F 479 -47.00 1.51 -12.04
CA GLY F 479 -46.88 2.23 -10.80
C GLY F 479 -45.42 2.60 -10.54
N GLN F 482 -41.87 -2.50 -11.41
CA GLN F 482 -41.51 -3.17 -12.68
C GLN F 482 -42.16 -4.55 -12.75
N VAL F 483 -42.50 -4.98 -13.97
CA VAL F 483 -43.15 -6.24 -14.22
C VAL F 483 -42.44 -6.91 -15.38
N LEU F 484 -42.58 -8.24 -15.48
CA LEU F 484 -42.14 -8.96 -16.67
C LEU F 484 -43.35 -9.45 -17.42
N VAL F 485 -43.33 -9.24 -18.74
CA VAL F 485 -44.41 -9.62 -19.62
C VAL F 485 -43.87 -10.50 -20.76
N LEU F 486 -44.51 -11.65 -20.95
CA LEU F 486 -44.24 -12.54 -22.07
C LEU F 486 -45.42 -12.47 -23.03
N GLU F 487 -45.13 -12.11 -24.28
CA GLU F 487 -46.13 -11.96 -25.33
C GLU F 487 -45.77 -12.80 -26.53
N LYS F 488 -46.81 -13.33 -27.19
CA LYS F 488 -46.70 -13.93 -28.51
C LYS F 488 -47.59 -13.19 -29.51
N THR F 489 -47.16 -13.22 -30.77
CA THR F 489 -47.99 -12.87 -31.91
C THR F 489 -47.81 -13.97 -32.93
N VAL F 490 -48.90 -14.65 -33.26
CA VAL F 490 -48.85 -15.80 -34.21
C VAL F 490 -49.64 -15.49 -35.48
N ARG F 491 -49.10 -15.86 -36.64
CA ARG F 491 -49.79 -15.61 -37.93
C ARG F 491 -49.17 -16.48 -39.03
N PRO F 492 -49.85 -17.56 -39.48
CA PRO F 492 -49.37 -18.37 -40.61
C PRO F 492 -49.49 -17.61 -41.94
N GLN F 493 -48.76 -18.07 -42.97
CA GLN F 493 -48.69 -17.40 -44.31
C GLN F 493 -50.06 -16.92 -44.82
N ARG F 494 -51.06 -17.81 -44.78
CA ARG F 494 -52.44 -17.60 -45.29
C ARG F 494 -53.21 -16.53 -44.50
N GLN F 495 -53.14 -16.56 -43.16
CA GLN F 495 -53.89 -15.64 -42.27
C GLN F 495 -53.58 -14.17 -42.55
N LYS F 496 -54.60 -13.31 -42.35
CA LYS F 496 -54.51 -11.84 -42.58
C LYS F 496 -54.76 -11.13 -41.26
N ASP F 497 -55.38 -11.83 -40.30
CA ASP F 497 -55.72 -11.24 -38.98
C ASP F 497 -54.83 -11.80 -37.87
N PHE F 498 -54.23 -10.93 -37.07
CA PHE F 498 -53.43 -11.38 -35.96
C PHE F 498 -53.67 -10.52 -34.74
N LYS F 499 -53.31 -11.04 -33.56
CA LYS F 499 -53.45 -10.30 -32.31
C LYS F 499 -52.39 -10.72 -31.29
N THR F 500 -51.64 -9.75 -30.77
CA THR F 500 -50.66 -10.00 -29.72
C THR F 500 -51.38 -10.42 -28.45
N GLU F 501 -50.94 -11.53 -27.85
CA GLU F 501 -51.50 -12.07 -26.62
C GLU F 501 -50.43 -12.12 -25.55
N ILE F 502 -50.83 -11.83 -24.31
CA ILE F 502 -49.98 -11.99 -23.14
C ILE F 502 -50.04 -13.45 -22.74
N VAL F 503 -48.90 -14.15 -22.86
CA VAL F 503 -48.78 -15.55 -22.48
C VAL F 503 -48.65 -15.67 -20.96
N ALA F 504 -47.81 -14.82 -20.37
CA ALA F 504 -47.51 -14.82 -18.94
C ALA F 504 -47.11 -13.42 -18.48
N LYS F 505 -47.17 -13.21 -17.16
CA LYS F 505 -46.84 -11.95 -16.52
C LYS F 505 -46.52 -12.20 -15.04
N GLU F 506 -45.42 -11.61 -14.56
CA GLU F 506 -45.00 -11.68 -13.15
C GLU F 506 -44.46 -10.33 -12.67
N PRO F 507 -44.89 -9.86 -11.48
CA PRO F 507 -44.27 -8.66 -10.90
C PRO F 507 -42.90 -8.99 -10.31
N ILE F 508 -42.03 -7.98 -10.20
CA ILE F 508 -40.70 -8.15 -9.62
C ILE F 508 -40.36 -7.01 -8.62
N GLY F 509 -41.38 -6.27 -8.17
CA GLY F 509 -41.22 -5.07 -7.37
C GLY F 509 -40.41 -4.00 -8.09
N LYS F 510 -39.72 -3.19 -7.30
CA LYS F 510 -38.93 -2.06 -7.79
C LYS F 510 -37.49 -2.48 -8.09
N LEU F 511 -37.25 -2.89 -9.35
CA LEU F 511 -35.99 -3.49 -9.91
C LEU F 511 -34.70 -3.11 -9.16
N LYS F 512 -34.01 -2.04 -9.58
CA LYS F 512 -32.85 -1.46 -8.92
C LYS F 512 -31.51 -2.19 -9.08
N THR F 513 -31.50 -3.30 -9.83
CA THR F 513 -30.28 -4.01 -10.18
C THR F 513 -30.36 -4.51 -11.61
N PRO F 514 -29.25 -4.93 -12.25
CA PRO F 514 -29.32 -5.59 -13.56
C PRO F 514 -30.19 -6.84 -13.50
N ILE F 515 -30.76 -7.22 -14.64
CA ILE F 515 -31.57 -8.43 -14.76
C ILE F 515 -31.12 -9.19 -16.00
N THR F 516 -31.18 -10.52 -15.94
CA THR F 516 -30.84 -11.37 -17.06
C THR F 516 -32.11 -12.05 -17.55
N LEU F 517 -32.34 -12.02 -18.87
CA LEU F 517 -33.44 -12.75 -19.50
C LEU F 517 -32.84 -13.85 -20.36
N GLY F 518 -33.53 -14.99 -20.41
CA GLY F 518 -33.06 -16.16 -21.12
C GLY F 518 -34.16 -16.87 -21.87
N VAL F 519 -33.79 -17.54 -22.96
CA VAL F 519 -34.69 -18.41 -23.72
C VAL F 519 -33.88 -19.61 -24.14
N THR F 520 -34.54 -20.78 -24.15
CA THR F 520 -33.95 -22.02 -24.63
C THR F 520 -34.98 -22.74 -25.48
N THR F 521 -34.52 -23.37 -26.56
CA THR F 521 -35.36 -24.19 -27.43
C THR F 521 -34.73 -25.56 -27.61
N ASP F 522 -35.56 -26.60 -27.41
CA ASP F 522 -35.18 -27.99 -27.59
C ASP F 522 -35.53 -28.49 -29.01
N GLY F 523 -35.83 -27.56 -29.93
CA GLY F 523 -36.23 -27.89 -31.28
C GLY F 523 -37.73 -28.00 -31.47
N LEU F 524 -38.46 -28.26 -30.37
CA LEU F 524 -39.92 -28.43 -30.38
C LEU F 524 -40.65 -27.24 -29.77
N ASN F 525 -40.10 -26.65 -28.72
CA ASN F 525 -40.70 -25.52 -27.99
C ASN F 525 -39.63 -24.52 -27.52
N TYR F 526 -40.04 -23.28 -27.27
CA TYR F 526 -39.21 -22.24 -26.68
C TYR F 526 -39.70 -22.05 -25.26
N GLN F 527 -38.76 -21.94 -24.31
CA GLN F 527 -39.05 -21.71 -22.91
C GLN F 527 -38.26 -20.51 -22.46
N PHE F 528 -38.98 -19.49 -22.00
CA PHE F 528 -38.40 -18.25 -21.50
C PHE F 528 -38.17 -18.33 -19.99
N SER F 529 -37.25 -17.50 -19.51
CA SER F 529 -36.91 -17.42 -18.11
C SER F 529 -36.26 -16.09 -17.82
N TYR F 530 -36.20 -15.76 -16.53
CA TYR F 530 -35.51 -14.58 -16.03
C TYR F 530 -34.72 -14.98 -14.79
N THR F 531 -33.59 -14.29 -14.57
CA THR F 531 -32.71 -14.56 -13.45
C THR F 531 -32.45 -13.23 -12.75
N LEU F 532 -32.96 -13.11 -11.52
CA LEU F 532 -33.00 -11.85 -10.79
C LEU F 532 -31.67 -11.35 -10.17
N ASN F 533 -31.49 -11.38 -8.83
CA ASN F 533 -30.17 -11.30 -8.22
C ASN F 533 -29.37 -12.61 -8.28
N GLY F 534 -29.92 -13.72 -7.74
CA GLY F 534 -29.28 -15.01 -7.77
C GLY F 534 -29.98 -16.00 -8.68
N GLU F 535 -31.30 -16.19 -8.46
CA GLU F 535 -32.06 -17.37 -8.87
C GLU F 535 -32.78 -17.25 -10.22
N LYS F 536 -32.87 -18.39 -10.94
CA LYS F 536 -33.47 -18.49 -12.25
C LYS F 536 -34.84 -19.17 -12.21
N LYS F 537 -35.86 -18.51 -12.77
CA LYS F 537 -37.23 -19.02 -12.81
C LYS F 537 -37.77 -18.96 -14.24
N ASN F 538 -38.47 -20.02 -14.64
CA ASN F 538 -39.24 -20.05 -15.87
C ASN F 538 -40.40 -19.07 -15.80
N ILE F 539 -40.65 -18.36 -16.90
CA ILE F 539 -41.86 -17.54 -17.07
C ILE F 539 -42.55 -18.00 -18.34
N GLY F 540 -43.84 -18.34 -18.21
CA GLY F 540 -44.60 -18.99 -19.27
C GLY F 540 -44.17 -20.43 -19.43
N GLY F 541 -44.97 -21.19 -20.17
CA GLY F 541 -44.71 -22.59 -20.44
C GLY F 541 -43.98 -22.76 -21.77
N PRO F 542 -43.94 -24.00 -22.32
CA PRO F 542 -43.38 -24.22 -23.65
C PRO F 542 -44.21 -23.55 -24.76
N LEU F 543 -43.54 -22.74 -25.60
CA LEU F 543 -44.15 -22.05 -26.73
C LEU F 543 -43.76 -22.73 -28.05
N ASP F 544 -44.77 -23.21 -28.79
CA ASP F 544 -44.57 -24.00 -30.01
C ASP F 544 -43.52 -23.35 -30.91
N ALA F 545 -42.50 -24.14 -31.26
CA ALA F 545 -41.39 -23.70 -32.10
C ALA F 545 -41.81 -23.50 -33.56
N ALA F 546 -42.87 -24.21 -33.97
CA ALA F 546 -43.39 -24.17 -35.33
C ALA F 546 -43.75 -22.74 -35.77
N VAL F 547 -44.25 -21.94 -34.83
CA VAL F 547 -44.65 -20.54 -35.05
C VAL F 547 -43.55 -19.68 -35.71
N LEU F 548 -42.28 -19.98 -35.42
CA LEU F 548 -41.14 -19.24 -35.96
C LEU F 548 -40.47 -19.91 -37.17
N SER F 549 -41.13 -20.94 -37.71
CA SER F 549 -40.69 -21.62 -38.90
C SER F 549 -41.15 -20.93 -40.18
N THR F 550 -40.29 -21.00 -41.20
CA THR F 550 -40.63 -20.75 -42.58
C THR F 550 -41.90 -21.51 -42.98
N ASN F 551 -41.98 -22.78 -42.55
CA ASN F 551 -43.10 -23.66 -42.89
C ASN F 551 -44.44 -23.08 -42.47
N PHE F 552 -44.47 -22.44 -41.29
CA PHE F 552 -45.70 -21.91 -40.71
C PHE F 552 -46.04 -20.49 -41.18
N ALA F 553 -45.03 -19.61 -41.20
CA ALA F 553 -45.19 -18.19 -41.48
C ALA F 553 -44.90 -17.82 -42.93
N GLY F 554 -44.38 -18.76 -43.72
CA GLY F 554 -43.95 -18.49 -45.07
C GLY F 554 -42.73 -17.61 -45.04
N GLY F 555 -42.30 -17.18 -46.24
CA GLY F 555 -41.21 -16.25 -46.40
C GLY F 555 -39.93 -16.93 -46.84
N PHE F 556 -38.83 -16.17 -46.73
CA PHE F 556 -37.52 -16.56 -47.20
C PHE F 556 -36.44 -16.41 -46.13
N THR F 557 -36.83 -16.31 -44.85
CA THR F 557 -35.88 -16.05 -43.76
C THR F 557 -35.98 -17.00 -42.57
N GLY F 558 -34.86 -17.13 -41.85
CA GLY F 558 -34.79 -17.88 -40.61
C GLY F 558 -35.09 -17.02 -39.40
N ALA F 559 -35.41 -17.67 -38.28
CA ALA F 559 -35.69 -16.98 -37.03
C ALA F 559 -34.45 -16.23 -36.55
N LEU F 560 -34.71 -15.24 -35.68
CA LEU F 560 -33.69 -14.38 -35.10
C LEU F 560 -33.90 -14.37 -33.60
N VAL F 561 -32.82 -14.11 -32.87
CA VAL F 561 -32.88 -13.90 -31.44
C VAL F 561 -32.08 -12.63 -31.16
N GLY F 562 -32.61 -11.79 -30.28
CA GLY F 562 -31.96 -10.53 -29.98
C GLY F 562 -32.62 -9.77 -28.83
N MSE F 563 -32.13 -8.55 -28.63
CA MSE F 563 -32.65 -7.67 -27.60
C MSE F 563 -33.28 -6.45 -28.27
O MSE F 563 -32.88 -6.06 -29.36
CB MSE F 563 -31.55 -7.33 -26.60
CG MSE F 563 -30.31 -6.66 -27.18
SE MSE F 563 -28.59 -7.47 -26.59
CE MSE F 563 -27.74 -7.98 -28.29
N GLY F 564 -34.31 -5.88 -27.63
CA GLY F 564 -35.01 -4.73 -28.23
C GLY F 564 -35.74 -3.86 -27.22
N VAL F 565 -36.09 -2.64 -27.62
CA VAL F 565 -36.82 -1.67 -26.75
C VAL F 565 -38.08 -1.18 -27.47
N PHE F 566 -39.17 -0.97 -26.71
CA PHE F 566 -40.46 -0.51 -27.30
C PHE F 566 -41.09 0.57 -26.42
C1 GOL G . 17.97 21.37 -22.20
O1 GOL G . 18.06 21.00 -23.58
C2 GOL G . 18.45 22.78 -21.96
O2 GOL G . 18.31 23.09 -20.58
C3 GOL G . 19.89 23.01 -22.40
O3 GOL G . 20.80 22.48 -21.45
C1 GOL H . 43.88 39.16 -30.28
O1 GOL H . 44.93 39.87 -29.62
C2 GOL H . 42.53 39.62 -29.79
O2 GOL H . 42.24 39.01 -28.54
C3 GOL H . 41.41 39.35 -30.77
O3 GOL H . 41.65 38.17 -31.55
C1 GOL I . 15.70 27.06 -18.27
O1 GOL I . 15.84 26.34 -17.05
C2 GOL I . 16.21 26.26 -19.45
O2 GOL I . 15.64 26.76 -20.66
C3 GOL I . 15.92 24.78 -19.32
O3 GOL I . 16.01 24.11 -20.57
C1 GOL J . 45.22 -3.76 29.19
O1 GOL J . 45.78 -4.76 28.34
C2 GOL J . 44.99 -4.26 30.61
O2 GOL J . 44.22 -5.45 30.59
C3 GOL J . 44.30 -3.25 31.50
O3 GOL J . 44.79 -1.92 31.32
C1 GOL K . 21.94 -21.75 38.48
O1 GOL K . 23.13 -22.44 38.87
C2 GOL K . 21.01 -21.50 39.66
O2 GOL K . 21.16 -22.52 40.64
C3 GOL K . 21.21 -20.15 40.30
O3 GOL K . 21.02 -19.09 39.37
C1 GOL L . 13.39 9.59 25.24
O1 GOL L . 13.31 11.02 25.38
C2 GOL L . 14.11 9.23 23.95
O2 GOL L . 15.31 9.98 23.89
C3 GOL L . 14.40 7.75 23.82
O3 GOL L . 13.76 6.99 24.83
C1 GOL M . 22.55 -5.70 28.85
O1 GOL M . 22.25 -4.51 29.58
C2 GOL M . 24.04 -5.96 28.75
O2 GOL M . 24.71 -5.50 29.91
C3 GOL M . 24.38 -7.42 28.53
O3 GOL M . 24.22 -7.81 27.18
C1 GOL N . -13.50 -44.93 10.54
O1 GOL N . -12.11 -44.71 10.35
C2 GOL N . -14.16 -45.50 9.30
O2 GOL N . -15.11 -46.50 9.67
C3 GOL N . -13.17 -46.11 8.32
O3 GOL N . -13.87 -46.70 7.22
C1 GOL O . -5.04 -46.29 24.84
O1 GOL O . -5.38 -45.27 23.90
C2 GOL O . -5.27 -45.86 26.27
O2 GOL O . -6.55 -46.32 26.70
C3 GOL O . -5.18 -44.37 26.48
O3 GOL O . -5.85 -43.93 27.66
C1 GOL P . -41.29 -33.97 -51.37
O1 GOL P . -39.93 -33.59 -51.54
C2 GOL P . -41.42 -35.19 -50.47
O2 GOL P . -41.14 -36.37 -51.21
C3 GOL P . -42.79 -35.31 -49.83
O3 GOL P . -43.05 -34.23 -48.94
#